data_9JUS
#
_entry.id   9JUS
#
_cell.length_a   98.137
_cell.length_b   102.432
_cell.length_c   147.128
_cell.angle_alpha   77.950
_cell.angle_beta   72.590
_cell.angle_gamma   65.960
#
_symmetry.space_group_name_H-M   'P 1'
#
loop_
_entity.id
_entity.type
_entity.pdbx_description
1 polymer 'Actin, alpha skeletal muscle'
2 polymer villin
3 non-polymer "ADENOSINE-5'-DIPHOSPHATE"
4 non-polymer 'MAGNESIUM ION'
5 non-polymer 'CALCIUM ION'
6 non-polymer 'CHLORIDE ION'
7 non-polymer 'THIOCYANATE ION'
8 water water
#
loop_
_entity_poly.entity_id
_entity_poly.type
_entity_poly.pdbx_seq_one_letter_code
_entity_poly.pdbx_strand_id
1 'polypeptide(L)'
;MCDEDETTALVCDNGSGLVKAGFAGDDAPRAVFPSIVGRPRHQGVMVGMGQKDSYVGDEAQSKRGILTLKYPIE(HIC)G
IITNWDDMEKIWHHTFYNELRVAPEEHPTLLTEAPLNPKANREKMTQIMFETFNVPAMYVAIQAVLSLYASGRTTGIVLD
SGDGVTHNVPIYEGYALPHAIMRLDLAGRDLTDYLMKILTERGYSFVTTAEREIVRDIKEKLCYVALDFENEMATAASSS
SLEKSYELPDGQVITIGNERFRCPETLFQPSFIGMESAGIHETTYNSIMKCDIDIRKDLYANNVMSGGTTMYPGIADRMQ
KEITALAPSTMKIKIIAPPERKYSVWIGGSILASLSTFQQMWITKQEYDEAGPSIVHRKCF
;
p,f,g,P,F,G
2 'polypeptide(L)'
;TDPAFRSVPKGTPCFLIWRIENFQPVPVPKDQYGNFFEGDAYIILSQKDNKGILEQNLHFWLGKNSSQDEQGTAALKTVE
LDDYLGGTPVQHRECQNNESKLFLSYFKNKSLKYLQGGVASGFNHVEHIVRRRLLSVKGKHTPRMEEKPEISWSQMNKGD
VFILDLGEIIYVWNGELCSRTERIKAMEIARGMRDDRGTGNIIVVEDGEETPDDMGEEEFEVFNEYLPVADKEASIKSAE
EGGADENFEKKKVAQLKLWKVAEEDGNLKITEEATAPLDKKMLDSNDCFIVDNGEDGIWVWTGKKASPKERKESMNNAMA
FLKQRNYSSQTRVTKVPEGGESSEFKSLFKTWEKTKLPGSVKPYSVNKIAQTVQTKFDAMTLHNNPEVAKETGMVDDGSG
KKKIYRIENMDLVELEKRYYGELYGGDSYVIHYTYAVNGKEEHIIYYWLGRHSTSDERGVAAAKTIEIDDSLGGTAKQVR
VVQSKEPNHFMAMFDGKLIIFQGGKAGWGGHNSTDGPGDTYLLHVRGTSQYNTKAEQVPCRAESLNSNDVFVLFSKGGTY
VWAGKGCTGDEREMAKKIASKSPKGYIMIVEGQEKEEFWDLLGGKTEYASDFSLKQAENEHRPSRLFQCSNASGVFKAEE
IVDFVQEDLVPEDVFILDADHTIYVWLGNEARNDEKQMAMDTAIEYLESDPSGRDPDTPIMTVKQGYEPPDFVGHFGVWD
RQLWSHGMSYAELKKELGEKNMSMEQVRQRSKQNGEMSFSDVSKYPYSVLVQKEGLPDGIDLQNKEKHLTEEEFEKIFGM
TYATFITKPAWKQTQLKKDKGLF
;
v,V
#
# COMPACT_ATOMS: atom_id res chain seq x y z
N GLU A 6 -32.47 -11.92 -24.22
CA GLU A 6 -31.64 -11.31 -23.19
C GLU A 6 -30.55 -12.28 -22.73
N THR A 7 -30.19 -13.20 -23.61
CA THR A 7 -29.16 -14.18 -23.28
C THR A 7 -27.80 -13.49 -23.18
N THR A 8 -27.20 -13.50 -21.99
CA THR A 8 -25.93 -12.82 -21.76
C THR A 8 -24.78 -13.68 -22.25
N ALA A 9 -23.76 -13.04 -22.80
CA ALA A 9 -22.61 -13.72 -23.35
C ALA A 9 -21.43 -13.62 -22.40
N LEU A 10 -20.63 -14.68 -22.35
CA LEU A 10 -19.44 -14.73 -21.52
C LEU A 10 -18.21 -14.40 -22.34
N VAL A 11 -17.25 -13.70 -21.72
CA VAL A 11 -15.99 -13.34 -22.36
C VAL A 11 -14.86 -13.81 -21.44
N CYS A 12 -14.02 -14.71 -21.96
CA CYS A 12 -12.94 -15.31 -21.19
C CYS A 12 -11.61 -15.12 -21.93
N ASP A 13 -10.68 -14.41 -21.29
CA ASP A 13 -9.34 -14.20 -21.82
C ASP A 13 -8.41 -15.25 -21.23
N ASN A 14 -7.97 -16.20 -22.05
CA ASN A 14 -7.10 -17.28 -21.61
C ASN A 14 -5.66 -16.78 -21.58
N GLY A 15 -5.29 -16.14 -20.46
CA GLY A 15 -3.99 -15.55 -20.34
C GLY A 15 -2.91 -16.53 -19.89
N SER A 16 -1.66 -16.14 -20.14
CA SER A 16 -0.53 -17.01 -19.82
C SER A 16 -0.32 -17.14 -18.32
N GLY A 17 -0.72 -16.13 -17.55
CA GLY A 17 -0.55 -16.16 -16.11
C GLY A 17 -1.81 -15.76 -15.35
N LEU A 18 -2.72 -15.06 -16.02
CA LEU A 18 -3.97 -14.62 -15.42
C LEU A 18 -5.11 -14.88 -16.37
N VAL A 19 -6.18 -15.51 -15.87
CA VAL A 19 -7.41 -15.68 -16.61
C VAL A 19 -8.33 -14.52 -16.28
N LYS A 20 -8.77 -13.79 -17.29
CA LYS A 20 -9.72 -12.69 -17.12
C LYS A 20 -11.05 -13.12 -17.74
N ALA A 21 -12.06 -13.31 -16.91
CA ALA A 21 -13.37 -13.76 -17.37
C ALA A 21 -14.45 -12.85 -16.81
N GLY A 22 -15.59 -12.82 -17.49
CA GLY A 22 -16.68 -11.97 -17.07
C GLY A 22 -17.82 -12.03 -18.05
N PHE A 23 -18.74 -11.08 -17.91
CA PHE A 23 -19.94 -11.02 -18.73
C PHE A 23 -19.82 -9.90 -19.76
N ALA A 24 -20.31 -10.16 -20.97
CA ALA A 24 -20.25 -9.18 -22.03
C ALA A 24 -21.09 -7.96 -21.66
N GLY A 25 -20.70 -6.81 -22.21
CA GLY A 25 -21.37 -5.56 -21.89
C GLY A 25 -20.98 -4.94 -20.57
N ASP A 26 -19.93 -5.43 -19.94
CA ASP A 26 -19.49 -4.93 -18.64
C ASP A 26 -18.18 -4.15 -18.78
N ASP A 27 -17.97 -3.24 -17.83
CA ASP A 27 -16.84 -2.33 -17.91
C ASP A 27 -15.51 -3.03 -17.63
N ALA A 28 -15.52 -4.12 -16.87
CA ALA A 28 -14.30 -4.77 -16.43
C ALA A 28 -14.60 -6.25 -16.21
N PRO A 29 -13.57 -7.09 -16.15
CA PRO A 29 -13.81 -8.51 -15.88
C PRO A 29 -14.23 -8.73 -14.43
N ARG A 30 -15.24 -9.59 -14.26
CA ARG A 30 -15.72 -9.90 -12.92
C ARG A 30 -14.73 -10.74 -12.13
N ALA A 31 -14.02 -11.65 -12.81
CA ALA A 31 -13.09 -12.56 -12.14
C ALA A 31 -11.74 -12.52 -12.85
N VAL A 32 -10.67 -12.43 -12.07
CA VAL A 32 -9.30 -12.53 -12.59
C VAL A 32 -8.50 -13.36 -11.60
N PHE A 33 -8.08 -14.55 -12.03
CA PHE A 33 -7.41 -15.50 -11.18
C PHE A 33 -6.22 -16.09 -11.92
N PRO A 34 -5.22 -16.60 -11.19
CA PRO A 34 -4.02 -17.12 -11.86
C PRO A 34 -4.34 -18.34 -12.72
N SER A 35 -3.63 -18.45 -13.85
CA SER A 35 -3.77 -19.58 -14.76
C SER A 35 -2.86 -20.72 -14.28
N ILE A 36 -3.23 -21.28 -13.13
CA ILE A 36 -2.45 -22.33 -12.48
C ILE A 36 -3.39 -23.42 -12.01
N VAL A 37 -3.05 -24.67 -12.32
CA VAL A 37 -3.80 -25.84 -11.85
C VAL A 37 -2.92 -26.61 -10.88
N GLY A 38 -3.49 -26.98 -9.74
CA GLY A 38 -2.76 -27.67 -8.68
C GLY A 38 -3.23 -29.11 -8.54
N ARG A 39 -2.27 -30.02 -8.57
CA ARG A 39 -2.49 -31.45 -8.40
C ARG A 39 -1.74 -31.95 -7.17
N PRO A 40 -2.29 -32.94 -6.45
CA PRO A 40 -1.68 -33.35 -5.18
C PRO A 40 -0.26 -33.89 -5.36
N ARG A 41 0.61 -33.52 -4.43
CA ARG A 41 1.96 -34.08 -4.41
C ARG A 41 1.94 -35.52 -3.90
N HIS A 42 1.30 -35.74 -2.75
CA HIS A 42 1.21 -37.06 -2.13
C HIS A 42 -0.24 -37.51 -2.20
N GLN A 43 -0.53 -38.36 -3.18
CA GLN A 43 -1.91 -38.73 -3.47
C GLN A 43 -2.46 -39.67 -2.40
N GLY A 44 -3.60 -39.31 -1.82
CA GLY A 44 -4.34 -40.17 -0.92
C GLY A 44 -4.06 -39.94 0.55
N VAL A 45 -3.07 -39.13 0.90
CA VAL A 45 -2.75 -38.94 2.32
C VAL A 45 -3.84 -38.14 3.01
N MET A 46 -4.31 -37.07 2.39
CA MET A 46 -5.31 -36.20 2.98
C MET A 46 -6.60 -36.23 2.15
N VAL A 47 -7.70 -35.83 2.80
CA VAL A 47 -8.97 -35.76 2.10
C VAL A 47 -8.93 -34.60 1.12
N GLY A 48 -9.52 -34.82 -0.06
CA GLY A 48 -9.43 -33.82 -1.11
C GLY A 48 -8.09 -33.79 -1.81
N MET A 49 -7.32 -34.87 -1.70
CA MET A 49 -5.98 -34.96 -2.24
C MET A 49 -5.80 -36.29 -2.99
N GLY A 50 -6.87 -36.74 -3.64
CA GLY A 50 -6.83 -37.93 -4.45
C GLY A 50 -6.24 -37.67 -5.83
N GLN A 51 -6.20 -38.73 -6.63
CA GLN A 51 -5.64 -38.62 -7.98
C GLN A 51 -6.45 -37.67 -8.83
N LYS A 52 -7.77 -37.79 -8.80
CA LYS A 52 -8.65 -36.96 -9.61
C LYS A 52 -9.01 -35.64 -8.97
N ASP A 53 -8.46 -35.33 -7.80
CA ASP A 53 -8.69 -34.04 -7.17
C ASP A 53 -7.74 -33.00 -7.77
N SER A 54 -8.30 -31.85 -8.13
CA SER A 54 -7.50 -30.76 -8.71
C SER A 54 -7.98 -29.44 -8.12
N TYR A 55 -7.05 -28.50 -8.02
CA TYR A 55 -7.34 -27.16 -7.51
C TYR A 55 -6.78 -26.13 -8.48
N VAL A 56 -7.54 -25.05 -8.69
CA VAL A 56 -7.21 -24.06 -9.70
C VAL A 56 -7.39 -22.67 -9.11
N GLY A 57 -6.45 -21.78 -9.40
CA GLY A 57 -6.56 -20.39 -9.01
C GLY A 57 -5.87 -20.07 -7.70
N ASP A 58 -6.48 -19.21 -6.91
CA ASP A 58 -5.86 -18.76 -5.66
C ASP A 58 -5.85 -19.87 -4.61
N GLU A 59 -6.85 -20.77 -4.64
CA GLU A 59 -6.87 -21.88 -3.70
C GLU A 59 -5.68 -22.82 -3.93
N ALA A 60 -5.23 -22.94 -5.17
CA ALA A 60 -4.04 -23.72 -5.44
C ALA A 60 -2.79 -23.03 -4.93
N GLN A 61 -2.82 -21.70 -4.80
CA GLN A 61 -1.70 -20.98 -4.21
C GLN A 61 -1.69 -21.11 -2.69
N SER A 62 -2.87 -21.21 -2.07
CA SER A 62 -2.94 -21.42 -0.63
C SER A 62 -2.44 -22.83 -0.27
N LYS A 63 -2.92 -23.84 -0.99
CA LYS A 63 -2.47 -25.21 -0.81
C LYS A 63 -1.24 -25.53 -1.65
N ARG A 64 -0.35 -24.55 -1.84
CA ARG A 64 0.82 -24.75 -2.68
C ARG A 64 1.78 -25.77 -2.09
N GLY A 65 1.85 -25.85 -0.75
CA GLY A 65 2.78 -26.77 -0.11
C GLY A 65 2.45 -28.23 -0.35
N ILE A 66 1.18 -28.54 -0.58
CA ILE A 66 0.74 -29.91 -0.82
C ILE A 66 0.39 -30.16 -2.28
N LEU A 67 0.43 -29.13 -3.13
CA LEU A 67 0.10 -29.25 -4.54
C LEU A 67 1.35 -29.10 -5.39
N THR A 68 1.24 -29.53 -6.65
CA THR A 68 2.35 -29.47 -7.60
C THR A 68 2.38 -28.15 -8.37
N LEU A 69 1.24 -27.70 -8.88
CA LEU A 69 1.09 -26.43 -9.60
C LEU A 69 1.81 -26.44 -10.94
N LYS A 70 1.06 -26.19 -12.02
CA LYS A 70 1.63 -26.12 -13.36
C LYS A 70 0.90 -25.06 -14.17
N TYR A 71 1.61 -24.50 -15.16
CA TYR A 71 1.04 -23.51 -16.05
C TYR A 71 0.50 -24.19 -17.30
N PRO A 72 -0.80 -24.10 -17.59
CA PRO A 72 -1.32 -24.69 -18.83
C PRO A 72 -1.01 -23.87 -20.07
N ILE A 73 -1.18 -22.55 -19.99
CA ILE A 73 -0.96 -21.68 -21.14
C ILE A 73 0.37 -20.95 -21.00
N GLU A 74 1.43 -21.68 -20.69
CA GLU A 74 2.71 -21.09 -20.27
C GLU A 74 3.25 -20.01 -21.21
N GLY A 76 1.44 -18.52 -23.98
CA GLY A 76 0.35 -18.02 -24.81
C GLY A 76 -0.43 -19.13 -25.51
N ILE A 77 0.22 -20.27 -25.72
CA ILE A 77 -0.37 -21.41 -26.40
C ILE A 77 -0.76 -22.45 -25.36
N ILE A 78 -1.99 -22.96 -25.48
CA ILE A 78 -2.44 -24.03 -24.59
C ILE A 78 -1.68 -25.30 -24.91
N THR A 79 -1.09 -25.92 -23.88
CA THR A 79 -0.33 -27.16 -24.03
C THR A 79 -0.95 -28.33 -23.29
N ASN A 80 -1.46 -28.12 -22.09
CA ASN A 80 -2.10 -29.15 -21.29
C ASN A 80 -3.61 -28.94 -21.33
N TRP A 81 -4.30 -29.80 -22.08
CA TRP A 81 -5.74 -29.62 -22.24
C TRP A 81 -6.53 -30.18 -21.06
N ASP A 82 -6.03 -31.24 -20.42
CA ASP A 82 -6.73 -31.78 -19.26
C ASP A 82 -6.75 -30.78 -18.12
N ASP A 83 -5.65 -30.05 -17.91
CA ASP A 83 -5.65 -28.97 -16.94
C ASP A 83 -6.38 -27.73 -17.45
N MET A 84 -6.53 -27.59 -18.77
CA MET A 84 -7.27 -26.45 -19.30
C MET A 84 -8.76 -26.59 -19.02
N GLU A 85 -9.30 -27.81 -19.15
CA GLU A 85 -10.70 -28.03 -18.84
C GLU A 85 -11.01 -27.74 -17.38
N LYS A 86 -10.02 -27.92 -16.49
CA LYS A 86 -10.23 -27.57 -15.09
C LYS A 86 -10.33 -26.06 -14.91
N ILE A 87 -9.54 -25.30 -15.68
CA ILE A 87 -9.58 -23.84 -15.58
C ILE A 87 -10.94 -23.32 -16.03
N TRP A 88 -11.40 -23.78 -17.20
CA TRP A 88 -12.70 -23.34 -17.69
C TRP A 88 -13.84 -23.82 -16.80
N HIS A 89 -13.68 -24.98 -16.15
CA HIS A 89 -14.69 -25.42 -15.20
C HIS A 89 -14.72 -24.52 -13.98
N HIS A 90 -13.53 -24.11 -13.50
CA HIS A 90 -13.46 -23.15 -12.40
C HIS A 90 -14.05 -21.80 -12.81
N THR A 91 -13.93 -21.44 -14.08
CA THR A 91 -14.43 -20.16 -14.56
C THR A 91 -15.96 -20.14 -14.56
N PHE A 92 -16.58 -21.19 -15.11
CA PHE A 92 -18.03 -21.20 -15.26
C PHE A 92 -18.72 -21.39 -13.92
N TYR A 93 -18.34 -22.42 -13.17
CA TYR A 93 -19.09 -22.84 -12.00
C TYR A 93 -18.63 -22.20 -10.70
N ASN A 94 -17.36 -21.81 -10.60
CA ASN A 94 -16.81 -21.29 -9.35
C ASN A 94 -16.65 -19.77 -9.35
N GLU A 95 -16.08 -19.20 -10.41
CA GLU A 95 -15.83 -17.77 -10.46
C GLU A 95 -17.05 -16.99 -10.96
N LEU A 96 -17.49 -17.28 -12.18
CA LEU A 96 -18.66 -16.60 -12.72
C LEU A 96 -19.96 -17.13 -12.12
N ARG A 97 -19.95 -18.37 -11.65
CA ARG A 97 -21.13 -19.04 -11.11
C ARG A 97 -22.29 -18.97 -12.11
N VAL A 98 -22.13 -19.74 -13.18
CA VAL A 98 -23.08 -19.74 -14.28
C VAL A 98 -23.00 -21.09 -14.98
N ALA A 99 -24.08 -21.44 -15.69
CA ALA A 99 -24.12 -22.68 -16.45
C ALA A 99 -23.62 -22.42 -17.86
N PRO A 100 -22.60 -23.14 -18.34
CA PRO A 100 -22.05 -22.85 -19.67
C PRO A 100 -22.99 -23.17 -20.81
N GLU A 101 -23.98 -24.05 -20.59
CA GLU A 101 -24.93 -24.42 -21.64
C GLU A 101 -26.00 -23.37 -21.87
N GLU A 102 -25.96 -22.26 -21.15
CA GLU A 102 -26.97 -21.22 -21.25
C GLU A 102 -26.42 -19.91 -21.80
N HIS A 103 -25.11 -19.81 -22.03
CA HIS A 103 -24.49 -18.56 -22.43
C HIS A 103 -23.49 -18.78 -23.57
N PRO A 104 -23.62 -18.06 -24.68
CA PRO A 104 -22.56 -18.10 -25.69
C PRO A 104 -21.27 -17.52 -25.15
N THR A 105 -20.15 -18.12 -25.55
CA THR A 105 -18.85 -17.83 -24.96
C THR A 105 -17.92 -17.27 -26.01
N LEU A 106 -17.31 -16.13 -25.71
CA LEU A 106 -16.26 -15.53 -26.54
C LEU A 106 -14.91 -15.79 -25.87
N LEU A 107 -14.05 -16.53 -26.55
CA LEU A 107 -12.72 -16.86 -26.05
C LEU A 107 -11.67 -16.13 -26.88
N THR A 108 -10.48 -16.00 -26.29
CA THR A 108 -9.38 -15.30 -26.93
C THR A 108 -8.22 -16.26 -27.16
N GLU A 109 -7.56 -16.12 -28.31
CA GLU A 109 -6.39 -16.91 -28.65
C GLU A 109 -5.18 -16.01 -28.80
N ALA A 110 -4.01 -16.59 -28.62
CA ALA A 110 -2.76 -15.85 -28.81
C ALA A 110 -2.52 -15.61 -30.29
N PRO A 111 -1.74 -14.59 -30.64
CA PRO A 111 -1.36 -14.40 -32.04
C PRO A 111 -0.65 -15.62 -32.60
N LEU A 112 -1.00 -15.99 -33.82
CA LEU A 112 -0.44 -17.16 -34.50
C LEU A 112 -0.73 -18.44 -33.73
N ASN A 113 -1.95 -18.57 -33.24
CA ASN A 113 -2.38 -19.80 -32.58
C ASN A 113 -2.64 -20.86 -33.63
N PRO A 114 -2.00 -22.03 -33.55
CA PRO A 114 -2.18 -23.05 -34.60
C PRO A 114 -3.64 -23.45 -34.77
N LYS A 115 -3.96 -23.85 -36.01
CA LYS A 115 -5.31 -24.28 -36.34
C LYS A 115 -5.76 -25.46 -35.48
N ALA A 116 -4.83 -26.36 -35.14
CA ALA A 116 -5.19 -27.51 -34.32
C ALA A 116 -5.64 -27.10 -32.93
N ASN A 117 -4.95 -26.13 -32.31
CA ASN A 117 -5.37 -25.65 -31.01
C ASN A 117 -6.74 -24.99 -31.08
N ARG A 118 -7.00 -24.22 -32.15
CA ARG A 118 -8.31 -23.60 -32.31
C ARG A 118 -9.41 -24.64 -32.46
N GLU A 119 -9.08 -25.80 -33.03
CA GLU A 119 -10.08 -26.86 -33.20
C GLU A 119 -10.30 -27.67 -31.93
N LYS A 120 -9.26 -27.80 -31.09
CA LYS A 120 -9.46 -28.50 -29.83
C LYS A 120 -10.12 -27.62 -28.78
N MET A 121 -9.91 -26.30 -28.87
CA MET A 121 -10.65 -25.38 -28.02
C MET A 121 -12.15 -25.45 -28.32
N THR A 122 -12.51 -25.38 -29.60
CA THR A 122 -13.92 -25.39 -29.97
C THR A 122 -14.57 -26.74 -29.73
N GLN A 123 -13.78 -27.82 -29.67
CA GLN A 123 -14.35 -29.13 -29.36
C GLN A 123 -14.65 -29.27 -27.87
N ILE A 124 -13.75 -28.76 -27.02
CA ILE A 124 -13.94 -28.90 -25.58
C ILE A 124 -15.14 -28.07 -25.11
N MET A 125 -15.33 -26.88 -25.70
CA MET A 125 -16.45 -26.04 -25.30
C MET A 125 -17.79 -26.66 -25.69
N PHE A 126 -17.84 -27.34 -26.85
CA PHE A 126 -19.10 -27.87 -27.35
C PHE A 126 -19.43 -29.25 -26.77
N GLU A 127 -18.42 -30.06 -26.49
CA GLU A 127 -18.65 -31.42 -26.01
C GLU A 127 -18.52 -31.54 -24.49
N THR A 128 -17.46 -30.95 -23.92
CA THR A 128 -17.28 -31.04 -22.48
C THR A 128 -18.17 -30.06 -21.73
N PHE A 129 -18.45 -28.89 -22.31
CA PHE A 129 -19.26 -27.87 -21.65
C PHE A 129 -20.59 -27.59 -22.33
N ASN A 130 -20.77 -28.01 -23.58
CA ASN A 130 -22.05 -27.91 -24.28
C ASN A 130 -22.53 -26.46 -24.37
N VAL A 131 -21.65 -25.57 -24.81
CA VAL A 131 -21.99 -24.16 -24.97
C VAL A 131 -22.92 -24.02 -26.18
N PRO A 132 -23.85 -23.07 -26.17
CA PRO A 132 -24.74 -22.92 -27.33
C PRO A 132 -24.03 -22.41 -28.56
N ALA A 133 -23.19 -21.39 -28.40
CA ALA A 133 -22.41 -20.84 -29.50
C ALA A 133 -21.10 -20.30 -28.93
N MET A 134 -20.08 -20.26 -29.78
CA MET A 134 -18.77 -19.80 -29.33
C MET A 134 -18.06 -19.11 -30.48
N TYR A 135 -16.99 -18.40 -30.13
CA TYR A 135 -16.16 -17.69 -31.10
C TYR A 135 -14.81 -17.39 -30.45
N VAL A 136 -13.76 -17.49 -31.25
CA VAL A 136 -12.41 -17.17 -30.79
C VAL A 136 -11.96 -15.90 -31.47
N ALA A 137 -11.15 -15.11 -30.77
CA ALA A 137 -10.70 -13.82 -31.29
C ALA A 137 -9.24 -13.61 -30.93
N ILE A 138 -8.55 -12.85 -31.77
CA ILE A 138 -7.15 -12.53 -31.54
C ILE A 138 -7.04 -11.47 -30.46
N GLN A 139 -6.17 -11.70 -29.48
CA GLN A 139 -6.10 -10.81 -28.33
C GLN A 139 -5.70 -9.38 -28.72
N ALA A 140 -4.88 -9.24 -29.77
CA ALA A 140 -4.40 -7.92 -30.15
C ALA A 140 -5.50 -7.09 -30.81
N VAL A 141 -6.37 -7.74 -31.59
CA VAL A 141 -7.44 -7.00 -32.26
C VAL A 141 -8.43 -6.45 -31.23
N LEU A 142 -8.70 -7.21 -30.18
CA LEU A 142 -9.60 -6.74 -29.14
C LEU A 142 -9.00 -5.54 -28.41
N SER A 143 -7.70 -5.58 -28.12
CA SER A 143 -7.04 -4.45 -27.49
C SER A 143 -7.15 -3.21 -28.36
N LEU A 144 -7.02 -3.37 -29.67
CA LEU A 144 -7.13 -2.23 -30.58
C LEU A 144 -8.54 -1.67 -30.58
N TYR A 145 -9.55 -2.53 -30.54
CA TYR A 145 -10.94 -2.06 -30.48
C TYR A 145 -11.21 -1.29 -29.20
N ALA A 146 -10.54 -1.66 -28.11
CA ALA A 146 -10.72 -0.96 -26.85
C ALA A 146 -10.18 0.46 -26.88
N SER A 147 -9.22 0.74 -27.76
CA SER A 147 -8.66 2.08 -27.90
C SER A 147 -9.38 2.92 -28.95
N GLY A 148 -10.53 2.44 -29.45
CA GLY A 148 -11.25 3.17 -30.47
C GLY A 148 -10.52 3.30 -31.80
N ARG A 149 -9.72 2.31 -32.15
CA ARG A 149 -8.90 2.35 -33.35
C ARG A 149 -9.16 1.11 -34.21
N THR A 150 -9.07 1.28 -35.52
CA THR A 150 -9.13 0.16 -36.45
C THR A 150 -7.77 -0.18 -37.04
N THR A 151 -6.75 0.64 -36.80
CA THR A 151 -5.43 0.42 -37.37
C THR A 151 -4.37 0.75 -36.33
N GLY A 152 -3.39 -0.12 -36.19
CA GLY A 152 -2.29 0.13 -35.29
C GLY A 152 -1.44 -1.12 -35.11
N ILE A 153 -0.26 -0.89 -34.54
CA ILE A 153 0.67 -1.97 -34.20
C ILE A 153 0.60 -2.15 -32.68
N VAL A 154 0.02 -3.26 -32.24
CA VAL A 154 -0.20 -3.51 -30.82
C VAL A 154 1.02 -4.20 -30.24
N LEU A 155 1.44 -3.74 -29.06
CA LEU A 155 2.48 -4.40 -28.27
C LEU A 155 1.82 -4.98 -27.04
N ASP A 156 1.54 -6.28 -27.07
CA ASP A 156 0.90 -6.98 -25.96
C ASP A 156 1.97 -7.74 -25.19
N SER A 157 2.23 -7.30 -23.96
CA SER A 157 3.22 -7.92 -23.09
C SER A 157 2.52 -8.37 -21.82
N GLY A 158 2.47 -9.68 -21.60
CA GLY A 158 1.76 -10.23 -20.45
C GLY A 158 2.67 -10.91 -19.44
N ASP A 159 2.35 -12.16 -19.13
CA ASP A 159 3.11 -12.91 -18.14
C ASP A 159 4.15 -13.83 -18.77
N GLY A 160 3.80 -14.51 -19.85
CA GLY A 160 4.72 -15.44 -20.47
C GLY A 160 5.21 -15.08 -21.85
N VAL A 161 4.48 -14.21 -22.56
CA VAL A 161 4.80 -13.89 -23.94
C VAL A 161 4.57 -12.41 -24.22
N THR A 162 5.38 -11.88 -25.13
CA THR A 162 5.20 -10.54 -25.69
C THR A 162 5.02 -10.66 -27.19
N HIS A 163 3.99 -10.03 -27.72
CA HIS A 163 3.66 -10.10 -29.14
C HIS A 163 3.58 -8.70 -29.74
N ASN A 164 4.10 -8.56 -30.96
CA ASN A 164 3.87 -7.39 -31.79
C ASN A 164 2.90 -7.80 -32.90
N VAL A 165 1.77 -7.11 -32.97
CA VAL A 165 0.76 -7.45 -33.98
C VAL A 165 0.34 -6.19 -34.73
N PRO A 166 0.75 -6.03 -35.97
CA PRO A 166 0.26 -4.89 -36.77
C PRO A 166 -1.11 -5.18 -37.37
N ILE A 167 -1.98 -4.18 -37.31
CA ILE A 167 -3.35 -4.30 -37.80
C ILE A 167 -3.65 -3.10 -38.67
N TYR A 168 -4.36 -3.32 -39.77
CA TYR A 168 -4.77 -2.25 -40.68
C TYR A 168 -6.22 -2.43 -41.04
N GLU A 169 -7.04 -1.44 -40.69
CA GLU A 169 -8.46 -1.39 -41.02
C GLU A 169 -9.17 -2.69 -40.60
N GLY A 170 -8.90 -3.10 -39.36
CA GLY A 170 -9.62 -4.18 -38.72
C GLY A 170 -8.97 -5.55 -38.79
N TYR A 171 -8.11 -5.79 -39.78
CA TYR A 171 -7.52 -7.10 -39.98
C TYR A 171 -6.02 -7.04 -39.79
N ALA A 172 -5.48 -8.05 -39.11
CA ALA A 172 -4.07 -8.10 -38.78
C ALA A 172 -3.26 -8.72 -39.92
N LEU A 173 -1.96 -8.47 -39.90
CA LEU A 173 -1.02 -8.92 -40.93
C LEU A 173 -0.17 -10.04 -40.36
N PRO A 174 -0.54 -11.31 -40.55
CA PRO A 174 0.11 -12.39 -39.79
C PRO A 174 1.60 -12.53 -40.06
N HIS A 175 2.05 -12.17 -41.25
CA HIS A 175 3.44 -12.31 -41.68
CA HIS A 175 3.46 -12.40 -41.56
C HIS A 175 4.38 -11.32 -41.00
N ALA A 176 3.84 -10.33 -40.29
CA ALA A 176 4.65 -9.35 -39.60
C ALA A 176 4.56 -9.48 -38.09
N ILE A 177 3.87 -10.50 -37.58
CA ILE A 177 3.72 -10.69 -36.15
C ILE A 177 5.03 -11.21 -35.56
N MET A 178 5.52 -10.51 -34.54
CA MET A 178 6.70 -10.93 -33.82
C MET A 178 6.31 -11.55 -32.48
N ARG A 179 7.21 -12.38 -31.95
CA ARG A 179 6.98 -13.07 -30.68
C ARG A 179 8.25 -13.06 -29.86
N LEU A 180 8.12 -12.75 -28.58
CA LEU A 180 9.25 -12.68 -27.67
C LEU A 180 8.90 -13.45 -26.40
N ASP A 181 9.61 -14.54 -26.14
CA ASP A 181 9.38 -15.37 -24.95
C ASP A 181 9.99 -14.71 -23.71
N LEU A 182 9.51 -13.49 -23.44
CA LEU A 182 9.99 -12.70 -22.32
C LEU A 182 8.85 -11.79 -21.89
N ALA A 183 8.48 -11.86 -20.62
CA ALA A 183 7.38 -11.03 -20.13
C ALA A 183 7.54 -10.83 -18.62
N GLY A 184 6.43 -10.58 -17.92
CA GLY A 184 6.51 -10.22 -16.52
C GLY A 184 7.04 -11.32 -15.64
N ARG A 185 6.62 -12.57 -15.89
CA ARG A 185 7.13 -13.69 -15.09
C ARG A 185 8.64 -13.78 -15.16
N ASP A 186 9.21 -13.50 -16.33
CA ASP A 186 10.67 -13.48 -16.45
C ASP A 186 11.26 -12.27 -15.74
N LEU A 187 10.57 -11.13 -15.80
CA LEU A 187 11.03 -9.95 -15.08
C LEU A 187 10.92 -10.16 -13.56
N THR A 188 9.86 -10.83 -13.12
CA THR A 188 9.74 -11.17 -11.70
C THR A 188 10.88 -12.08 -11.27
N ASP A 189 11.23 -13.06 -12.11
CA ASP A 189 12.36 -13.93 -11.80
C ASP A 189 13.69 -13.17 -11.84
N TYR A 190 13.81 -12.20 -12.74
CA TYR A 190 15.06 -11.43 -12.83
C TYR A 190 15.21 -10.50 -11.63
N LEU A 191 14.11 -10.00 -11.08
CA LEU A 191 14.20 -9.15 -9.90
C LEU A 191 14.64 -9.94 -8.68
N MET A 192 14.17 -11.18 -8.54
CA MET A 192 14.63 -12.03 -7.44
C MET A 192 16.13 -12.26 -7.52
N LYS A 193 16.65 -12.44 -8.74
CA LYS A 193 18.08 -12.71 -8.91
C LYS A 193 18.93 -11.52 -8.47
N ILE A 194 18.63 -10.34 -9.03
CA ILE A 194 19.43 -9.17 -8.71
C ILE A 194 19.18 -8.68 -7.28
N LEU A 195 18.07 -9.11 -6.66
CA LEU A 195 17.85 -8.79 -5.25
C LEU A 195 18.74 -9.65 -4.35
N THR A 196 18.88 -10.94 -4.68
CA THR A 196 19.79 -11.81 -3.93
C THR A 196 21.24 -11.41 -4.14
N GLU A 197 21.57 -10.74 -5.25
CA GLU A 197 22.91 -10.21 -5.45
C GLU A 197 23.26 -9.16 -4.40
N ARG A 198 22.25 -8.50 -3.82
CA ARG A 198 22.48 -7.62 -2.67
C ARG A 198 22.48 -8.39 -1.36
N GLY A 199 21.96 -9.61 -1.34
CA GLY A 199 21.92 -10.41 -0.13
C GLY A 199 20.59 -10.44 0.58
N TYR A 200 19.49 -10.13 -0.11
CA TYR A 200 18.18 -10.14 0.51
C TYR A 200 17.52 -11.51 0.50
N SER A 201 18.04 -12.45 -0.29
CA SER A 201 17.58 -13.84 -0.26
C SER A 201 16.09 -13.98 -0.57
N PHE A 202 15.70 -13.85 -1.83
CA PHE A 202 14.33 -14.18 -2.24
C PHE A 202 14.41 -15.39 -3.16
N VAL A 203 13.93 -16.54 -2.69
CA VAL A 203 14.05 -17.77 -3.47
C VAL A 203 12.76 -18.57 -3.43
N THR A 204 12.06 -18.51 -2.30
CA THR A 204 10.86 -19.31 -2.13
C THR A 204 9.70 -18.71 -2.94
N THR A 205 8.64 -19.52 -3.10
CA THR A 205 7.49 -19.07 -3.87
C THR A 205 6.74 -17.94 -3.17
N ALA A 206 6.52 -18.08 -1.87
CA ALA A 206 5.89 -17.00 -1.12
C ALA A 206 6.71 -15.72 -1.18
N GLU A 207 8.03 -15.84 -1.32
CA GLU A 207 8.86 -14.67 -1.51
C GLU A 207 8.71 -14.10 -2.92
N ARG A 208 8.50 -14.96 -3.92
CA ARG A 208 8.23 -14.47 -5.26
C ARG A 208 6.92 -13.70 -5.34
N GLU A 209 5.99 -13.96 -4.42
CA GLU A 209 4.76 -13.18 -4.37
C GLU A 209 5.05 -11.73 -3.99
N ILE A 210 5.91 -11.52 -2.99
CA ILE A 210 6.24 -10.15 -2.59
C ILE A 210 7.17 -9.51 -3.61
N VAL A 211 8.02 -10.29 -4.27
CA VAL A 211 8.88 -9.72 -5.30
C VAL A 211 8.04 -9.20 -6.47
N ARG A 212 7.00 -9.96 -6.84
CA ARG A 212 6.09 -9.48 -7.87
C ARG A 212 5.43 -8.17 -7.48
N ASP A 213 5.17 -7.97 -6.18
CA ASP A 213 4.56 -6.74 -5.72
C ASP A 213 5.58 -5.59 -5.74
N ILE A 214 6.83 -5.88 -5.38
CA ILE A 214 7.89 -4.89 -5.51
C ILE A 214 8.02 -4.44 -6.96
N LYS A 215 7.86 -5.38 -7.90
CA LYS A 215 8.00 -5.07 -9.31
C LYS A 215 6.90 -4.12 -9.77
N GLU A 216 5.67 -4.38 -9.37
CA GLU A 216 4.53 -3.59 -9.83
C GLU A 216 4.38 -2.27 -9.11
N LYS A 217 5.18 -2.00 -8.07
CA LYS A 217 5.04 -0.79 -7.28
C LYS A 217 6.26 0.12 -7.29
N LEU A 218 7.45 -0.41 -7.54
CA LEU A 218 8.67 0.38 -7.44
C LEU A 218 9.54 0.36 -8.69
N CYS A 219 9.23 -0.45 -9.69
CA CYS A 219 10.03 -0.52 -10.90
C CYS A 219 9.55 0.51 -11.92
N TYR A 220 10.49 0.99 -12.74
CA TYR A 220 10.18 1.92 -13.80
C TYR A 220 11.18 1.71 -14.93
N VAL A 221 10.85 2.26 -16.10
CA VAL A 221 11.71 2.18 -17.27
C VAL A 221 12.48 3.49 -17.39
N ALA A 222 13.80 3.41 -17.31
CA ALA A 222 14.63 4.59 -17.43
C ALA A 222 14.64 5.11 -18.86
N LEU A 223 14.59 6.43 -19.01
CA LEU A 223 14.64 7.01 -20.35
C LEU A 223 16.01 6.83 -20.99
N ASP A 224 17.08 7.00 -20.21
CA ASP A 224 18.44 6.73 -20.65
C ASP A 224 19.08 5.81 -19.61
N PHE A 225 19.16 4.53 -19.95
CA PHE A 225 19.62 3.52 -18.98
C PHE A 225 21.02 3.84 -18.47
N GLU A 226 21.90 4.31 -19.35
CA GLU A 226 23.28 4.55 -18.94
C GLU A 226 23.37 5.73 -17.97
N ASN A 227 22.54 6.76 -18.16
CA ASN A 227 22.57 7.90 -17.26
C ASN A 227 21.99 7.56 -15.90
N GLU A 228 20.90 6.79 -15.87
CA GLU A 228 20.29 6.42 -14.60
C GLU A 228 21.16 5.43 -13.83
N MET A 229 21.88 4.55 -14.53
CA MET A 229 22.85 3.69 -13.86
C MET A 229 23.95 4.51 -13.20
N ALA A 230 24.36 5.59 -13.84
CA ALA A 230 25.37 6.47 -13.25
C ALA A 230 24.79 7.27 -12.10
N THR A 231 23.52 7.66 -12.20
CA THR A 231 22.89 8.39 -11.11
C THR A 231 22.71 7.49 -9.89
N ALA A 232 22.38 6.21 -10.10
CA ALA A 232 22.20 5.29 -8.99
C ALA A 232 23.51 4.93 -8.31
N ALA A 233 24.64 5.15 -8.97
CA ALA A 233 25.94 4.88 -8.38
C ALA A 233 26.53 6.11 -7.69
N SER A 234 25.96 7.29 -7.93
CA SER A 234 26.47 8.53 -7.37
C SER A 234 25.72 8.98 -6.13
N SER A 235 24.42 8.69 -6.04
CA SER A 235 23.62 9.10 -4.89
C SER A 235 22.48 8.12 -4.70
N SER A 236 21.87 8.18 -3.52
CA SER A 236 20.72 7.35 -3.18
C SER A 236 19.40 7.99 -3.61
N SER A 237 19.45 8.96 -4.53
CA SER A 237 18.25 9.69 -4.91
C SER A 237 17.22 8.80 -5.60
N LEU A 238 17.62 7.65 -6.13
CA LEU A 238 16.68 6.73 -6.77
C LEU A 238 16.32 5.55 -5.89
N GLU A 239 16.94 5.40 -4.73
CA GLU A 239 16.66 4.27 -3.86
C GLU A 239 15.32 4.46 -3.17
N LYS A 240 14.57 3.36 -3.04
CA LYS A 240 13.30 3.37 -2.34
C LYS A 240 13.22 2.16 -1.42
N SER A 241 12.45 2.29 -0.35
CA SER A 241 12.32 1.25 0.65
C SER A 241 11.01 0.48 0.47
N TYR A 242 11.04 -0.78 0.91
CA TYR A 242 9.90 -1.66 0.83
C TYR A 242 9.84 -2.48 2.12
N GLU A 243 8.64 -2.62 2.68
CA GLU A 243 8.45 -3.32 3.94
C GLU A 243 7.90 -4.71 3.66
N LEU A 244 8.68 -5.72 4.01
CA LEU A 244 8.23 -7.10 3.87
C LEU A 244 7.16 -7.42 4.92
N PRO A 245 6.36 -8.46 4.70
CA PRO A 245 5.37 -8.85 5.72
C PRO A 245 5.98 -9.10 7.09
N ASP A 246 7.24 -9.53 7.15
CA ASP A 246 7.91 -9.81 8.41
C ASP A 246 8.29 -8.55 9.17
N GLY A 247 8.01 -7.36 8.63
CA GLY A 247 8.43 -6.12 9.23
C GLY A 247 9.81 -5.65 8.81
N GLN A 248 10.65 -6.55 8.29
CA GLN A 248 11.93 -6.15 7.76
C GLN A 248 11.74 -5.25 6.54
N VAL A 249 12.55 -4.21 6.46
CA VAL A 249 12.48 -3.23 5.37
C VAL A 249 13.75 -3.35 4.54
N ILE A 250 13.58 -3.48 3.22
CA ILE A 250 14.70 -3.58 2.29
C ILE A 250 14.71 -2.32 1.43
N THR A 251 15.84 -2.11 0.76
CA THR A 251 16.03 -0.97 -0.13
C THR A 251 16.48 -1.47 -1.50
N ILE A 252 15.89 -0.91 -2.54
CA ILE A 252 16.26 -1.24 -3.92
C ILE A 252 16.71 0.03 -4.62
N GLY A 253 17.78 -0.08 -5.42
CA GLY A 253 18.31 1.05 -6.13
C GLY A 253 18.17 0.91 -7.63
N ASN A 254 19.27 0.56 -8.31
CA ASN A 254 19.22 0.41 -9.76
C ASN A 254 18.35 -0.77 -10.19
N GLU A 255 18.05 -1.71 -9.28
CA GLU A 255 17.17 -2.82 -9.60
C GLU A 255 15.78 -2.35 -10.01
N ARG A 256 15.41 -1.11 -9.66
CA ARG A 256 14.10 -0.60 -10.05
C ARG A 256 13.97 -0.51 -11.58
N PHE A 257 15.01 -0.02 -12.26
CA PHE A 257 14.97 0.13 -13.70
C PHE A 257 15.81 -0.89 -14.44
N ARG A 258 16.69 -1.63 -13.75
CA ARG A 258 17.39 -2.73 -14.40
C ARG A 258 16.42 -3.85 -14.76
N CYS A 259 15.41 -4.09 -13.92
CA CYS A 259 14.49 -5.18 -14.18
C CYS A 259 13.66 -4.97 -15.44
N PRO A 260 12.98 -3.83 -15.65
CA PRO A 260 12.24 -3.65 -16.90
C PRO A 260 13.14 -3.43 -18.11
N GLU A 261 14.41 -3.09 -17.91
CA GLU A 261 15.33 -2.91 -19.03
C GLU A 261 15.53 -4.21 -19.81
N THR A 262 15.26 -5.36 -19.19
CA THR A 262 15.34 -6.63 -19.90
C THR A 262 14.39 -6.67 -21.09
N LEU A 263 13.30 -5.89 -21.03
CA LEU A 263 12.40 -5.79 -22.17
C LEU A 263 13.10 -5.17 -23.38
N PHE A 264 14.07 -4.28 -23.14
CA PHE A 264 14.83 -3.66 -24.22
C PHE A 264 16.19 -4.29 -24.43
N GLN A 265 16.73 -4.96 -23.42
CA GLN A 265 17.99 -5.69 -23.51
C GLN A 265 17.77 -7.10 -22.97
N PRO A 266 17.19 -8.00 -23.78
CA PRO A 266 16.93 -9.37 -23.31
C PRO A 266 18.17 -10.15 -22.95
N SER A 267 19.37 -9.63 -23.26
CA SER A 267 20.60 -10.32 -22.89
C SER A 267 20.84 -10.34 -21.38
N PHE A 268 20.07 -9.56 -20.61
CA PHE A 268 20.26 -9.55 -19.16
C PHE A 268 19.93 -10.90 -18.53
N ILE A 269 18.97 -11.63 -19.09
CA ILE A 269 18.61 -12.95 -18.59
C ILE A 269 19.15 -14.06 -19.47
N GLY A 270 20.06 -13.74 -20.38
CA GLY A 270 20.67 -14.75 -21.23
C GLY A 270 19.92 -15.09 -22.50
N MET A 271 19.13 -14.16 -23.03
CA MET A 271 18.40 -14.37 -24.27
C MET A 271 19.06 -13.64 -25.42
N GLU A 272 19.13 -14.29 -26.57
CA GLU A 272 19.72 -13.72 -27.77
C GLU A 272 18.75 -12.85 -28.56
N SER A 273 17.47 -12.86 -28.19
CA SER A 273 16.47 -12.14 -28.96
C SER A 273 16.65 -10.62 -28.82
N ALA A 274 15.85 -9.89 -29.59
CA ALA A 274 15.92 -8.44 -29.60
C ALA A 274 14.90 -7.83 -28.63
N GLY A 275 15.14 -6.58 -28.27
CA GLY A 275 14.25 -5.87 -27.38
C GLY A 275 12.89 -5.60 -28.02
N ILE A 276 11.95 -5.18 -27.17
CA ILE A 276 10.60 -4.90 -27.64
C ILE A 276 10.57 -3.76 -28.64
N HIS A 277 11.58 -2.89 -28.63
CA HIS A 277 11.65 -1.80 -29.59
C HIS A 277 12.08 -2.31 -30.97
N GLU A 278 13.01 -3.28 -31.01
CA GLU A 278 13.45 -3.81 -32.30
C GLU A 278 12.38 -4.68 -32.94
N THR A 279 11.68 -5.49 -32.14
CA THR A 279 10.63 -6.33 -32.69
C THR A 279 9.46 -5.48 -33.19
N THR A 280 9.22 -4.33 -32.58
CA THR A 280 8.21 -3.41 -33.09
C THR A 280 8.68 -2.75 -34.37
N TYR A 281 9.94 -2.31 -34.41
CA TYR A 281 10.49 -1.74 -35.63
C TYR A 281 10.48 -2.78 -36.76
N ASN A 282 10.96 -3.99 -36.46
CA ASN A 282 10.98 -5.04 -37.48
C ASN A 282 9.58 -5.44 -37.90
N SER A 283 8.60 -5.34 -37.00
CA SER A 283 7.24 -5.71 -37.37
C SER A 283 6.63 -4.70 -38.33
N ILE A 284 6.90 -3.40 -38.12
CA ILE A 284 6.41 -2.39 -39.04
C ILE A 284 7.15 -2.48 -40.37
N MET A 285 8.45 -2.79 -40.33
CA MET A 285 9.24 -2.84 -41.56
C MET A 285 8.90 -4.05 -42.42
N LYS A 286 8.26 -5.07 -41.86
CA LYS A 286 7.78 -6.19 -42.66
C LYS A 286 6.37 -5.96 -43.20
N CYS A 287 5.84 -4.76 -43.06
CA CYS A 287 4.54 -4.39 -43.61
C CYS A 287 4.73 -3.58 -44.88
N ASP A 288 3.62 -3.34 -45.57
CA ASP A 288 3.64 -2.48 -46.75
C ASP A 288 3.98 -1.05 -46.35
N ILE A 289 4.77 -0.38 -47.20
CA ILE A 289 5.25 0.95 -46.85
C ILE A 289 4.11 1.95 -46.77
N ASP A 290 3.02 1.71 -47.51
CA ASP A 290 1.91 2.67 -47.51
C ASP A 290 1.28 2.79 -46.13
N ILE A 291 1.21 1.69 -45.38
CA ILE A 291 0.56 1.70 -44.08
C ILE A 291 1.53 1.94 -42.93
N ARG A 292 2.83 2.08 -43.21
CA ARG A 292 3.79 2.28 -42.13
C ARG A 292 3.59 3.63 -41.44
N LYS A 293 3.11 4.63 -42.17
CA LYS A 293 2.88 5.94 -41.57
C LYS A 293 1.80 5.87 -40.48
N ASP A 294 0.74 5.11 -40.74
CA ASP A 294 -0.33 5.00 -39.76
C ASP A 294 0.04 4.09 -38.60
N LEU A 295 0.96 3.15 -38.82
CA LEU A 295 1.37 2.26 -37.74
C LEU A 295 2.27 2.97 -36.73
N TYR A 296 3.20 3.80 -37.22
CA TYR A 296 4.05 4.57 -36.31
C TYR A 296 3.24 5.56 -35.48
N ALA A 297 2.08 5.98 -35.97
CA ALA A 297 1.23 6.93 -35.25
C ALA A 297 0.23 6.26 -34.34
N ASN A 298 0.17 4.91 -34.31
CA ASN A 298 -0.76 4.18 -33.48
C ASN A 298 -0.06 2.94 -32.91
N ASN A 299 0.92 3.17 -32.03
CA ASN A 299 1.54 2.10 -31.26
C ASN A 299 0.73 1.94 -29.98
N VAL A 300 -0.25 1.05 -30.00
CA VAL A 300 -1.13 0.80 -28.86
C VAL A 300 -0.49 -0.25 -27.97
N MET A 301 -0.28 0.09 -26.71
CA MET A 301 0.28 -0.84 -25.74
C MET A 301 -0.81 -1.59 -25.00
N SER A 302 -0.53 -2.85 -24.68
CA SER A 302 -1.52 -3.71 -24.05
C SER A 302 -0.80 -4.71 -23.14
N GLY A 303 -1.47 -5.09 -22.07
CA GLY A 303 -0.94 -6.09 -21.16
C GLY A 303 -0.33 -5.49 -19.91
N GLY A 304 -0.30 -6.31 -18.85
CA GLY A 304 0.16 -5.83 -17.56
C GLY A 304 1.61 -5.40 -17.54
N THR A 305 2.44 -5.99 -18.41
CA THR A 305 3.86 -5.66 -18.42
C THR A 305 4.15 -4.35 -19.13
N THR A 306 3.16 -3.73 -19.76
CA THR A 306 3.30 -2.39 -20.32
C THR A 306 2.90 -1.30 -19.34
N MET A 307 2.82 -1.63 -18.05
CA MET A 307 2.36 -0.70 -17.03
C MET A 307 3.51 0.03 -16.33
N TYR A 308 4.76 -0.36 -16.57
CA TYR A 308 5.88 0.32 -15.94
C TYR A 308 5.87 1.79 -16.35
N PRO A 309 5.96 2.72 -15.40
CA PRO A 309 6.09 4.13 -15.78
C PRO A 309 7.36 4.36 -16.59
N GLY A 310 7.25 5.22 -17.59
CA GLY A 310 8.37 5.54 -18.45
C GLY A 310 8.56 4.63 -19.65
N ILE A 311 7.72 3.60 -19.80
CA ILE A 311 7.92 2.67 -20.92
C ILE A 311 7.44 3.30 -22.23
N ALA A 312 6.48 4.22 -22.18
CA ALA A 312 6.02 4.88 -23.40
C ALA A 312 7.08 5.84 -23.93
N ASP A 313 7.64 6.68 -23.05
CA ASP A 313 8.71 7.58 -23.46
C ASP A 313 9.89 6.81 -24.03
N ARG A 314 10.24 5.69 -23.41
CA ARG A 314 11.40 4.92 -23.86
C ARG A 314 11.12 4.26 -25.20
N MET A 315 9.94 3.67 -25.37
CA MET A 315 9.57 3.09 -26.66
C MET A 315 9.63 4.13 -27.77
N GLN A 316 9.24 5.37 -27.47
CA GLN A 316 9.34 6.43 -28.46
C GLN A 316 10.80 6.79 -28.74
N LYS A 317 11.61 6.91 -27.68
CA LYS A 317 13.03 7.22 -27.86
C LYS A 317 13.73 6.17 -28.72
N GLU A 318 13.38 4.90 -28.51
CA GLU A 318 14.07 3.83 -29.24
C GLU A 318 13.56 3.68 -30.66
N ILE A 319 12.25 3.81 -30.87
CA ILE A 319 11.70 3.66 -32.22
C ILE A 319 12.06 4.86 -33.08
N THR A 320 12.04 6.07 -32.51
CA THR A 320 12.38 7.26 -33.29
C THR A 320 13.82 7.23 -33.78
N ALA A 321 14.70 6.46 -33.12
CA ALA A 321 16.07 6.35 -33.57
C ALA A 321 16.23 5.37 -34.72
N LEU A 322 15.29 4.43 -34.88
CA LEU A 322 15.34 3.46 -35.97
C LEU A 322 14.47 3.85 -37.15
N ALA A 323 13.39 4.59 -36.92
CA ALA A 323 12.51 5.03 -37.98
C ALA A 323 13.13 6.20 -38.72
N PRO A 324 12.60 6.55 -39.90
CA PRO A 324 13.07 7.76 -40.57
C PRO A 324 12.85 8.99 -39.69
N SER A 325 13.74 9.98 -39.86
CA SER A 325 13.71 11.17 -39.01
C SER A 325 12.43 11.98 -39.19
N THR A 326 11.76 11.85 -40.34
CA THR A 326 10.56 12.62 -40.63
C THR A 326 9.28 11.93 -40.18
N MET A 327 9.39 10.83 -39.43
CA MET A 327 8.21 10.09 -38.99
C MET A 327 7.65 10.67 -37.69
N LYS A 328 6.32 10.72 -37.61
CA LYS A 328 5.62 11.04 -36.37
C LYS A 328 5.38 9.75 -35.61
N ILE A 329 6.05 9.59 -34.47
CA ILE A 329 5.94 8.40 -33.65
C ILE A 329 5.05 8.72 -32.46
N LYS A 330 3.95 7.98 -32.31
CA LYS A 330 3.00 8.17 -31.23
C LYS A 330 2.74 6.84 -30.54
N ILE A 331 2.93 6.80 -29.23
CA ILE A 331 2.68 5.61 -28.43
C ILE A 331 1.42 5.83 -27.62
N ILE A 332 0.48 4.90 -27.72
CA ILE A 332 -0.78 4.96 -27.00
C ILE A 332 -0.69 4.05 -25.78
N ALA A 333 -1.01 4.60 -24.61
CA ALA A 333 -0.96 3.87 -23.34
C ALA A 333 -2.31 4.01 -22.66
N PRO A 334 -3.28 3.19 -23.01
CA PRO A 334 -4.61 3.27 -22.40
C PRO A 334 -4.53 3.02 -20.90
N PRO A 335 -5.28 3.78 -20.09
CA PRO A 335 -5.19 3.61 -18.64
C PRO A 335 -5.64 2.25 -18.15
N GLU A 336 -6.50 1.55 -18.90
CA GLU A 336 -7.00 0.25 -18.52
C GLU A 336 -6.40 -0.87 -19.36
N ARG A 337 -5.15 -0.71 -19.79
CA ARG A 337 -4.55 -1.66 -20.73
C ARG A 337 -4.22 -3.00 -20.10
N LYS A 338 -4.34 -3.14 -18.78
CA LYS A 338 -4.22 -4.47 -18.17
C LYS A 338 -5.38 -5.37 -18.56
N TYR A 339 -6.49 -4.80 -19.03
CA TYR A 339 -7.67 -5.58 -19.39
C TYR A 339 -8.21 -5.19 -20.77
N SER A 340 -7.35 -4.64 -21.62
CA SER A 340 -7.80 -4.18 -22.94
C SER A 340 -8.34 -5.34 -23.77
N VAL A 341 -7.72 -6.52 -23.66
CA VAL A 341 -8.19 -7.69 -24.40
C VAL A 341 -9.62 -8.03 -23.99
N TRP A 342 -9.86 -8.13 -22.68
CA TRP A 342 -11.20 -8.50 -22.22
C TRP A 342 -12.21 -7.42 -22.53
N ILE A 343 -11.85 -6.14 -22.34
CA ILE A 343 -12.77 -5.05 -22.61
C ILE A 343 -13.18 -5.06 -24.08
N GLY A 344 -12.20 -5.24 -24.97
CA GLY A 344 -12.53 -5.38 -26.38
C GLY A 344 -13.44 -6.56 -26.66
N GLY A 345 -13.24 -7.65 -25.94
CA GLY A 345 -14.13 -8.80 -26.09
C GLY A 345 -15.54 -8.50 -25.61
N SER A 346 -15.66 -7.76 -24.51
CA SER A 346 -16.98 -7.38 -24.01
C SER A 346 -17.70 -6.44 -24.98
N ILE A 347 -16.95 -5.61 -25.70
CA ILE A 347 -17.57 -4.76 -26.70
C ILE A 347 -18.03 -5.59 -27.89
N LEU A 348 -17.16 -6.46 -28.40
CA LEU A 348 -17.50 -7.28 -29.56
C LEU A 348 -18.66 -8.23 -29.26
N ALA A 349 -18.63 -8.89 -28.10
CA ALA A 349 -19.70 -9.80 -27.73
C ALA A 349 -21.02 -9.09 -27.50
N SER A 350 -21.02 -7.76 -27.38
CA SER A 350 -22.25 -6.99 -27.21
C SER A 350 -22.78 -6.46 -28.53
N LEU A 351 -22.00 -6.52 -29.61
CA LEU A 351 -22.49 -6.14 -30.92
C LEU A 351 -23.59 -7.10 -31.36
N SER A 352 -24.74 -6.54 -31.76
CA SER A 352 -25.84 -7.36 -32.22
C SER A 352 -25.50 -8.14 -33.48
N THR A 353 -24.52 -7.67 -34.25
CA THR A 353 -24.07 -8.38 -35.45
C THR A 353 -23.22 -9.60 -35.13
N PHE A 354 -23.02 -9.91 -33.85
CA PHE A 354 -22.30 -11.12 -33.47
C PHE A 354 -23.14 -12.38 -33.65
N GLN A 355 -24.47 -12.25 -33.66
CA GLN A 355 -25.34 -13.40 -33.83
C GLN A 355 -25.11 -14.12 -35.15
N GLN A 356 -24.48 -13.46 -36.13
CA GLN A 356 -24.12 -14.09 -37.38
C GLN A 356 -22.68 -14.59 -37.41
N MET A 357 -21.82 -14.08 -36.52
CA MET A 357 -20.45 -14.54 -36.42
C MET A 357 -20.28 -15.71 -35.45
N TRP A 358 -21.28 -15.95 -34.60
CA TRP A 358 -21.24 -17.10 -33.69
C TRP A 358 -21.13 -18.40 -34.48
N ILE A 359 -20.59 -19.42 -33.83
CA ILE A 359 -20.58 -20.78 -34.36
C ILE A 359 -21.54 -21.57 -33.50
N THR A 360 -22.74 -21.82 -34.01
CA THR A 360 -23.74 -22.55 -33.24
C THR A 360 -23.32 -24.00 -33.08
N LYS A 361 -23.93 -24.67 -32.10
CA LYS A 361 -23.64 -26.09 -31.89
C LYS A 361 -24.14 -26.94 -33.04
N GLN A 362 -25.28 -26.57 -33.63
CA GLN A 362 -25.80 -27.31 -34.78
C GLN A 362 -24.81 -27.31 -35.93
N GLU A 363 -24.17 -26.18 -36.20
CA GLU A 363 -23.16 -26.12 -37.25
C GLU A 363 -21.96 -26.99 -36.93
N TYR A 364 -21.67 -27.19 -35.65
CA TYR A 364 -20.54 -28.02 -35.25
C TYR A 364 -20.85 -29.50 -35.34
N ASP A 365 -22.12 -29.90 -35.20
CA ASP A 365 -22.48 -31.31 -35.27
C ASP A 365 -22.37 -31.89 -36.68
N GLU A 366 -22.03 -31.08 -37.66
CA GLU A 366 -21.84 -31.56 -39.03
C GLU A 366 -20.72 -32.60 -39.10
N GLU B 6 53.95 -16.24 -64.33
CA GLU B 6 54.13 -17.07 -63.14
C GLU B 6 53.13 -16.67 -62.05
N THR B 7 52.45 -15.55 -62.25
CA THR B 7 51.48 -15.06 -61.27
C THR B 7 50.19 -15.87 -61.40
N THR B 8 49.88 -16.66 -60.38
CA THR B 8 48.66 -17.44 -60.33
C THR B 8 47.52 -16.58 -59.78
N ALA B 9 46.39 -16.61 -60.46
CA ALA B 9 45.26 -15.75 -60.11
C ALA B 9 44.30 -16.46 -59.16
N LEU B 10 43.69 -15.68 -58.28
CA LEU B 10 42.70 -16.18 -57.33
C LEU B 10 41.29 -15.90 -57.83
N VAL B 11 40.38 -16.83 -57.53
CA VAL B 11 38.97 -16.71 -57.88
C VAL B 11 38.16 -16.83 -56.61
N CYS B 12 37.30 -15.85 -56.36
CA CYS B 12 36.57 -15.76 -55.09
C CYS B 12 35.12 -15.42 -55.37
N ASP B 13 34.23 -16.36 -55.12
CA ASP B 13 32.78 -16.15 -55.26
C ASP B 13 32.22 -15.92 -53.86
N ASN B 14 32.09 -14.63 -53.49
CA ASN B 14 31.53 -14.25 -52.20
C ASN B 14 30.02 -14.34 -52.27
N GLY B 15 29.45 -15.39 -51.68
CA GLY B 15 28.02 -15.53 -51.60
C GLY B 15 27.47 -15.02 -50.28
N SER B 16 26.13 -14.93 -50.22
CA SER B 16 25.47 -14.47 -49.02
C SER B 16 25.51 -15.49 -47.90
N GLY B 17 25.69 -16.77 -48.23
CA GLY B 17 25.75 -17.81 -47.22
C GLY B 17 27.10 -18.50 -47.17
N LEU B 18 27.62 -18.86 -48.34
CA LEU B 18 28.92 -19.52 -48.45
C LEU B 18 29.84 -18.72 -49.35
N VAL B 19 31.13 -18.76 -49.04
CA VAL B 19 32.17 -18.18 -49.90
C VAL B 19 32.96 -19.33 -50.51
N LYS B 20 33.04 -19.34 -51.84
CA LYS B 20 33.76 -20.35 -52.61
C LYS B 20 34.99 -19.67 -53.20
N ALA B 21 36.17 -20.03 -52.71
CA ALA B 21 37.41 -19.43 -53.16
C ALA B 21 38.37 -20.53 -53.61
N GLY B 22 39.40 -20.12 -54.34
CA GLY B 22 40.37 -21.06 -54.84
C GLY B 22 41.29 -20.39 -55.84
N PHE B 23 41.94 -21.22 -56.65
CA PHE B 23 42.93 -20.77 -57.62
C PHE B 23 42.44 -20.98 -59.04
N ALA B 24 42.73 -20.01 -59.91
CA ALA B 24 42.38 -20.14 -61.31
C ALA B 24 43.13 -21.32 -61.94
N GLY B 25 42.41 -22.15 -62.67
CA GLY B 25 42.97 -23.35 -63.25
C GLY B 25 42.62 -24.61 -62.51
N ASP B 26 42.10 -24.51 -61.30
CA ASP B 26 41.64 -25.67 -60.54
C ASP B 26 40.21 -26.00 -60.94
N ASP B 27 39.88 -27.29 -60.85
CA ASP B 27 38.57 -27.77 -61.29
C ASP B 27 37.49 -27.60 -60.23
N ALA B 28 37.83 -27.06 -59.06
CA ALA B 28 36.87 -26.86 -57.99
C ALA B 28 37.47 -25.89 -56.99
N PRO B 29 36.64 -25.19 -56.22
CA PRO B 29 37.17 -24.30 -55.17
C PRO B 29 37.82 -25.11 -54.06
N ARG B 30 39.02 -24.71 -53.67
CA ARG B 30 39.73 -25.38 -52.59
C ARG B 30 39.22 -24.97 -51.22
N ALA B 31 38.57 -23.80 -51.12
CA ALA B 31 38.09 -23.27 -49.84
C ALA B 31 36.62 -22.94 -49.95
N VAL B 32 35.78 -23.70 -49.22
CA VAL B 32 34.36 -23.42 -49.11
C VAL B 32 34.01 -23.38 -47.63
N PHE B 33 33.54 -22.22 -47.17
CA PHE B 33 33.23 -22.03 -45.76
C PHE B 33 32.10 -21.00 -45.66
N PRO B 34 31.33 -21.04 -44.58
CA PRO B 34 30.22 -20.09 -44.44
C PRO B 34 30.72 -18.68 -44.18
N SER B 35 30.06 -17.70 -44.81
CA SER B 35 30.42 -16.30 -44.63
C SER B 35 29.67 -15.74 -43.42
N ILE B 36 30.16 -16.16 -42.24
CA ILE B 36 29.59 -15.74 -40.97
C ILE B 36 30.70 -15.17 -40.10
N VAL B 37 30.33 -14.20 -39.28
CA VAL B 37 31.21 -13.69 -38.23
C VAL B 37 30.51 -13.94 -36.90
N GLY B 38 31.21 -14.59 -35.97
CA GLY B 38 30.61 -14.90 -34.68
C GLY B 38 31.26 -14.18 -33.51
N ARG B 39 30.45 -13.61 -32.63
CA ARG B 39 30.98 -12.94 -31.46
C ARG B 39 30.42 -13.58 -30.18
N PRO B 40 31.21 -13.68 -29.11
CA PRO B 40 30.77 -14.43 -27.94
C PRO B 40 29.64 -13.75 -27.20
N ARG B 41 28.71 -14.56 -26.70
CA ARG B 41 27.60 -14.09 -25.88
C ARG B 41 27.94 -14.05 -24.39
N HIS B 42 29.13 -14.50 -24.00
CA HIS B 42 29.47 -14.56 -22.59
C HIS B 42 30.83 -13.92 -22.33
N GLN B 43 31.30 -14.02 -21.09
CA GLN B 43 32.60 -13.49 -20.71
C GLN B 43 33.59 -14.63 -20.56
N GLY B 44 34.82 -14.40 -20.99
CA GLY B 44 35.87 -15.38 -20.78
C GLY B 44 36.27 -15.43 -19.31
N VAL B 45 36.44 -16.64 -18.79
CA VAL B 45 36.88 -16.82 -17.42
C VAL B 45 38.30 -17.38 -17.35
N MET B 46 38.74 -18.13 -18.33
CA MET B 46 40.09 -18.70 -18.34
C MET B 46 41.01 -17.71 -19.03
N VAL B 47 41.95 -17.14 -18.27
CA VAL B 47 42.83 -16.10 -18.78
C VAL B 47 43.96 -16.74 -19.58
N GLY B 48 44.21 -16.20 -20.76
CA GLY B 48 45.33 -16.65 -21.57
C GLY B 48 45.14 -17.96 -22.28
N MET B 49 43.90 -18.30 -22.63
CA MET B 49 43.60 -19.55 -23.32
C MET B 49 43.16 -19.32 -24.76
N GLY B 50 43.67 -18.27 -25.38
CA GLY B 50 43.47 -18.06 -26.80
C GLY B 50 42.06 -17.66 -27.22
N GLN B 51 41.31 -17.00 -26.33
CA GLN B 51 40.01 -16.49 -26.72
C GLN B 51 40.18 -15.37 -27.74
N LYS B 52 39.16 -15.18 -28.57
CA LYS B 52 39.15 -14.14 -29.58
C LYS B 52 37.90 -13.29 -29.45
N ASP B 53 37.98 -12.06 -29.95
CA ASP B 53 36.85 -11.15 -29.94
C ASP B 53 35.82 -11.49 -31.01
N SER B 54 36.24 -12.14 -32.09
CA SER B 54 35.32 -12.54 -33.15
C SER B 54 35.85 -13.82 -33.78
N TYR B 55 34.93 -14.62 -34.33
CA TYR B 55 35.27 -15.86 -35.00
C TYR B 55 34.68 -15.85 -36.41
N VAL B 56 35.43 -16.33 -37.39
CA VAL B 56 35.05 -16.26 -38.80
C VAL B 56 35.03 -17.65 -39.40
N GLY B 57 34.03 -17.91 -40.24
CA GLY B 57 33.93 -19.15 -41.00
C GLY B 57 33.68 -20.43 -40.23
N ASP B 58 34.48 -21.46 -40.52
CA ASP B 58 34.26 -22.77 -39.91
C ASP B 58 34.49 -22.72 -38.40
N GLU B 59 35.46 -21.95 -37.93
CA GLU B 59 35.68 -21.83 -36.50
C GLU B 59 34.45 -21.26 -35.81
N ALA B 60 33.84 -20.23 -36.40
CA ALA B 60 32.59 -19.70 -35.86
C ALA B 60 31.50 -20.76 -35.84
N GLN B 61 31.41 -21.55 -36.91
CA GLN B 61 30.44 -22.64 -36.97
C GLN B 61 30.73 -23.71 -35.93
N SER B 62 32.01 -23.97 -35.65
CA SER B 62 32.36 -25.03 -34.70
C SER B 62 32.06 -24.62 -33.26
N LYS B 63 32.31 -23.35 -32.92
CA LYS B 63 32.08 -22.84 -31.58
C LYS B 63 30.78 -22.05 -31.47
N ARG B 64 29.80 -22.35 -32.33
CA ARG B 64 28.61 -21.51 -32.42
C ARG B 64 27.74 -21.57 -31.18
N GLY B 65 28.00 -22.51 -30.26
CA GLY B 65 27.17 -22.60 -29.07
C GLY B 65 27.29 -21.41 -28.14
N ILE B 66 28.46 -20.77 -28.12
CA ILE B 66 28.66 -19.58 -27.29
C ILE B 66 28.81 -18.35 -28.17
N LEU B 67 28.19 -18.38 -29.35
CA LEU B 67 28.35 -17.30 -30.32
C LEU B 67 26.98 -16.85 -30.83
N THR B 68 26.93 -15.58 -31.23
CA THR B 68 25.85 -15.07 -32.07
C THR B 68 26.39 -14.94 -33.48
N LEU B 69 25.79 -15.66 -34.42
CA LEU B 69 26.26 -15.68 -35.80
C LEU B 69 25.52 -14.62 -36.62
N LYS B 70 26.26 -13.74 -37.27
CA LYS B 70 25.69 -12.73 -38.14
C LYS B 70 26.27 -12.88 -39.54
N TYR B 71 25.41 -12.80 -40.55
CA TYR B 71 25.83 -12.80 -41.94
C TYR B 71 26.06 -11.38 -42.40
N PRO B 72 27.27 -11.03 -42.87
CA PRO B 72 27.48 -9.67 -43.39
C PRO B 72 26.67 -9.35 -44.63
N ILE B 73 26.21 -10.36 -45.37
CA ILE B 73 25.44 -10.18 -46.59
C ILE B 73 24.03 -10.70 -46.33
N GLU B 74 23.07 -9.78 -46.28
CA GLU B 74 21.68 -10.14 -46.02
C GLU B 74 20.81 -9.77 -47.21
N GLY B 76 21.38 -10.47 -50.29
CA GLY B 76 22.22 -10.14 -51.43
C GLY B 76 22.90 -8.78 -51.37
N ILE B 77 22.60 -8.00 -50.35
CA ILE B 77 23.19 -6.67 -50.15
C ILE B 77 24.08 -6.71 -48.92
N ILE B 78 25.28 -6.16 -49.05
CA ILE B 78 26.24 -6.13 -47.94
C ILE B 78 25.78 -5.10 -46.92
N THR B 79 25.70 -5.52 -45.65
CA THR B 79 25.24 -4.67 -44.57
C THR B 79 26.32 -4.35 -43.53
N ASN B 80 27.42 -5.09 -43.51
CA ASN B 80 28.51 -4.86 -42.56
C ASN B 80 29.82 -5.00 -43.33
N TRP B 81 30.32 -3.88 -43.84
CA TRP B 81 31.58 -3.90 -44.58
C TRP B 81 32.77 -4.19 -43.68
N ASP B 82 32.66 -3.91 -42.38
CA ASP B 82 33.72 -4.29 -41.45
C ASP B 82 33.82 -5.80 -41.33
N ASP B 83 32.67 -6.48 -41.19
CA ASP B 83 32.68 -7.93 -41.14
C ASP B 83 32.99 -8.53 -42.50
N MET B 84 32.69 -7.81 -43.58
CA MET B 84 33.04 -8.29 -44.91
C MET B 84 34.55 -8.33 -45.10
N GLU B 85 35.27 -7.37 -44.51
CA GLU B 85 36.74 -7.43 -44.55
C GLU B 85 37.26 -8.63 -43.77
N LYS B 86 36.60 -8.98 -42.66
CA LYS B 86 37.01 -10.15 -41.90
C LYS B 86 36.85 -11.42 -42.71
N ILE B 87 35.75 -11.52 -43.48
CA ILE B 87 35.57 -12.68 -44.35
C ILE B 87 36.68 -12.75 -45.39
N TRP B 88 36.98 -11.60 -46.01
CA TRP B 88 38.04 -11.56 -47.02
C TRP B 88 39.41 -11.82 -46.40
N HIS B 89 39.66 -11.28 -45.21
CA HIS B 89 40.91 -11.56 -44.52
C HIS B 89 41.02 -13.04 -44.17
N HIS B 90 39.90 -13.66 -43.81
CA HIS B 90 39.90 -15.09 -43.52
C HIS B 90 40.16 -15.90 -44.79
N THR B 91 39.63 -15.45 -45.93
CA THR B 91 39.81 -16.17 -47.18
C THR B 91 41.27 -16.19 -47.60
N PHE B 92 41.90 -15.02 -47.64
CA PHE B 92 43.28 -14.92 -48.10
C PHE B 92 44.25 -15.56 -47.13
N TYR B 93 44.13 -15.22 -45.84
CA TYR B 93 45.17 -15.57 -44.87
C TYR B 93 44.93 -16.89 -44.16
N ASN B 94 43.69 -17.31 -44.00
CA ASN B 94 43.41 -18.51 -43.22
C ASN B 94 43.06 -19.72 -44.09
N GLU B 95 42.18 -19.54 -45.08
CA GLU B 95 41.74 -20.68 -45.88
C GLU B 95 42.71 -20.95 -47.03
N LEU B 96 42.90 -19.95 -47.91
CA LEU B 96 43.85 -20.12 -49.01
C LEU B 96 45.29 -19.98 -48.55
N ARG B 97 45.53 -19.21 -47.50
CA ARG B 97 46.87 -19.03 -46.92
C ARG B 97 47.86 -18.51 -47.97
N VAL B 98 47.49 -17.37 -48.57
CA VAL B 98 48.31 -16.71 -49.57
C VAL B 98 48.45 -15.25 -49.19
N ALA B 99 49.44 -14.60 -49.80
CA ALA B 99 49.59 -13.15 -49.66
C ALA B 99 48.75 -12.48 -50.74
N PRO B 100 47.74 -11.68 -50.39
CA PRO B 100 46.87 -11.08 -51.41
C PRO B 100 47.60 -10.09 -52.31
N GLU B 101 48.75 -9.57 -51.89
CA GLU B 101 49.52 -8.65 -52.72
C GLU B 101 50.30 -9.36 -53.82
N GLU B 102 50.21 -10.69 -53.91
CA GLU B 102 50.93 -11.45 -54.91
C GLU B 102 50.04 -12.02 -56.01
N HIS B 103 48.73 -12.04 -55.80
CA HIS B 103 47.83 -12.75 -56.71
C HIS B 103 46.73 -11.82 -57.21
N PRO B 104 46.54 -11.73 -58.53
CA PRO B 104 45.32 -11.09 -59.05
C PRO B 104 44.09 -11.85 -58.58
N THR B 105 43.03 -11.11 -58.32
CA THR B 105 41.81 -11.68 -57.73
C THR B 105 40.63 -11.41 -58.65
N LEU B 106 39.92 -12.48 -59.02
CA LEU B 106 38.67 -12.38 -59.76
C LEU B 106 37.51 -12.53 -58.78
N LEU B 107 36.71 -11.48 -58.66
CA LEU B 107 35.54 -11.48 -57.81
C LEU B 107 34.27 -11.57 -58.65
N THR B 108 33.17 -11.92 -57.99
CA THR B 108 31.89 -12.08 -58.65
C THR B 108 30.86 -11.15 -58.02
N GLU B 109 29.86 -10.79 -58.80
CA GLU B 109 28.79 -9.92 -58.33
C GLU B 109 27.47 -10.36 -58.92
N ALA B 110 26.39 -10.04 -58.23
CA ALA B 110 25.05 -10.35 -58.70
C ALA B 110 24.67 -9.41 -59.86
N PRO B 111 23.78 -9.86 -60.74
CA PRO B 111 23.36 -9.00 -61.84
C PRO B 111 22.70 -7.71 -61.35
N LEU B 112 22.89 -6.64 -62.12
CA LEU B 112 22.33 -5.33 -61.81
C LEU B 112 22.77 -4.86 -60.42
N ASN B 113 24.00 -5.17 -60.07
CA ASN B 113 24.54 -4.77 -58.77
C ASN B 113 24.72 -3.26 -58.73
N PRO B 114 24.33 -2.60 -57.63
CA PRO B 114 24.59 -1.16 -57.51
C PRO B 114 26.08 -0.86 -57.55
N LYS B 115 26.42 0.22 -58.26
CA LYS B 115 27.82 0.55 -58.47
C LYS B 115 28.51 1.00 -57.18
N ALA B 116 27.75 1.37 -56.16
CA ALA B 116 28.36 1.70 -54.87
C ALA B 116 28.93 0.47 -54.20
N ASN B 117 28.27 -0.68 -54.34
CA ASN B 117 28.82 -1.91 -53.75
C ASN B 117 30.06 -2.38 -54.48
N ARG B 118 30.16 -2.11 -55.78
CA ARG B 118 31.34 -2.54 -56.54
C ARG B 118 32.52 -1.60 -56.34
N GLU B 119 32.26 -0.30 -56.19
CA GLU B 119 33.35 0.64 -56.01
C GLU B 119 33.98 0.49 -54.63
N LYS B 120 33.20 0.08 -53.63
CA LYS B 120 33.77 -0.16 -52.31
C LYS B 120 34.49 -1.49 -52.25
N MET B 121 33.97 -2.49 -52.96
CA MET B 121 34.67 -3.77 -53.07
C MET B 121 36.02 -3.58 -53.75
N THR B 122 36.07 -2.72 -54.78
CA THR B 122 37.33 -2.44 -55.46
C THR B 122 38.30 -1.70 -54.55
N GLN B 123 37.79 -0.71 -53.80
CA GLN B 123 38.65 0.05 -52.91
C GLN B 123 39.24 -0.83 -51.82
N ILE B 124 38.44 -1.75 -51.27
CA ILE B 124 38.94 -2.63 -50.23
C ILE B 124 40.03 -3.55 -50.76
N MET B 125 39.84 -4.09 -51.97
CA MET B 125 40.83 -4.99 -52.53
C MET B 125 42.15 -4.29 -52.83
N PHE B 126 42.11 -3.01 -53.20
CA PHE B 126 43.32 -2.29 -53.56
C PHE B 126 43.98 -1.58 -52.39
N GLU B 127 43.19 -1.08 -51.43
CA GLU B 127 43.75 -0.29 -50.33
C GLU B 127 43.94 -1.10 -49.06
N THR B 128 43.12 -2.11 -48.81
CA THR B 128 43.25 -2.91 -47.60
C THR B 128 44.13 -4.13 -47.80
N PHE B 129 43.98 -4.83 -48.93
CA PHE B 129 44.76 -6.03 -49.20
C PHE B 129 45.87 -5.81 -50.21
N ASN B 130 45.81 -4.73 -50.99
CA ASN B 130 46.87 -4.35 -51.93
C ASN B 130 47.09 -5.44 -52.99
N VAL B 131 45.99 -5.89 -53.58
CA VAL B 131 46.05 -6.89 -54.64
C VAL B 131 46.73 -6.26 -55.87
N PRO B 132 47.47 -7.03 -56.67
CA PRO B 132 48.08 -6.45 -57.87
C PRO B 132 47.05 -5.98 -58.87
N ALA B 133 45.98 -6.75 -59.05
CA ALA B 133 44.90 -6.39 -59.97
C ALA B 133 43.64 -7.13 -59.54
N MET B 134 42.51 -6.75 -60.13
CA MET B 134 41.24 -7.37 -59.79
C MET B 134 40.28 -7.22 -60.96
N TYR B 135 39.19 -7.98 -60.89
CA TYR B 135 38.16 -7.97 -61.92
C TYR B 135 36.88 -8.55 -61.31
N VAL B 136 35.74 -7.98 -61.71
CA VAL B 136 34.44 -8.42 -61.22
C VAL B 136 33.66 -9.01 -62.39
N ALA B 137 33.11 -10.20 -62.19
CA ALA B 137 32.34 -10.89 -63.22
C ALA B 137 30.93 -11.18 -62.73
N ILE B 138 29.98 -11.14 -63.66
CA ILE B 138 28.60 -11.46 -63.33
C ILE B 138 28.48 -12.94 -63.01
N GLN B 139 27.81 -13.26 -61.91
CA GLN B 139 27.75 -14.64 -61.44
C GLN B 139 27.00 -15.53 -62.42
N ALA B 140 25.81 -15.10 -62.85
CA ALA B 140 24.98 -15.93 -63.71
C ALA B 140 25.67 -16.24 -65.03
N VAL B 141 26.41 -15.27 -65.57
CA VAL B 141 27.09 -15.48 -66.85
C VAL B 141 28.18 -16.54 -66.71
N LEU B 142 28.88 -16.56 -65.58
CA LEU B 142 29.90 -17.58 -65.36
C LEU B 142 29.29 -18.97 -65.28
N SER B 143 28.07 -19.09 -64.76
CA SER B 143 27.44 -20.40 -64.67
C SER B 143 27.06 -20.95 -66.03
N LEU B 144 26.66 -20.07 -66.96
CA LEU B 144 26.30 -20.54 -68.30
C LEU B 144 27.53 -21.03 -69.05
N TYR B 145 28.62 -20.26 -69.00
CA TYR B 145 29.87 -20.70 -69.62
C TYR B 145 30.35 -22.02 -69.03
N ALA B 146 30.16 -22.20 -67.71
CA ALA B 146 30.59 -23.44 -67.06
C ALA B 146 29.87 -24.65 -67.64
N SER B 147 28.62 -24.49 -68.07
CA SER B 147 27.87 -25.58 -68.69
C SER B 147 28.14 -25.70 -70.19
N GLY B 148 29.14 -25.01 -70.71
CA GLY B 148 29.41 -25.04 -72.13
C GLY B 148 28.32 -24.45 -72.99
N ARG B 149 27.76 -23.31 -72.57
CA ARG B 149 26.69 -22.65 -73.29
C ARG B 149 26.99 -21.16 -73.43
N THR B 150 26.45 -20.57 -74.50
CA THR B 150 26.48 -19.13 -74.70
C THR B 150 25.09 -18.52 -74.68
N THR B 151 24.04 -19.33 -74.75
CA THR B 151 22.67 -18.86 -74.76
C THR B 151 21.85 -19.72 -73.82
N GLY B 152 21.07 -19.08 -72.96
CA GLY B 152 20.22 -19.78 -72.01
C GLY B 152 19.75 -18.81 -70.95
N ILE B 153 18.85 -19.32 -70.10
CA ILE B 153 18.32 -18.56 -68.98
C ILE B 153 18.75 -19.25 -67.69
N VAL B 154 19.57 -18.56 -66.91
CA VAL B 154 20.13 -19.11 -65.68
C VAL B 154 19.18 -18.80 -64.53
N LEU B 155 18.92 -19.81 -63.70
CA LEU B 155 18.19 -19.66 -62.45
C LEU B 155 19.20 -19.80 -61.32
N ASP B 156 19.69 -18.66 -60.83
CA ASP B 156 20.68 -18.62 -59.75
C ASP B 156 19.93 -18.39 -58.45
N SER B 157 19.80 -19.44 -57.64
CA SER B 157 19.14 -19.37 -56.35
C SER B 157 20.13 -19.82 -55.29
N GLY B 158 20.68 -18.87 -54.54
CA GLY B 158 21.63 -19.19 -53.49
C GLY B 158 21.02 -19.08 -52.11
N ASP B 159 21.70 -18.38 -51.20
CA ASP B 159 21.19 -18.18 -49.86
C ASP B 159 20.47 -16.85 -49.68
N GLY B 160 20.81 -15.84 -50.47
CA GLY B 160 20.25 -14.52 -50.27
C GLY B 160 19.16 -14.14 -51.25
N VAL B 161 19.40 -14.37 -52.55
CA VAL B 161 18.49 -13.91 -53.60
C VAL B 161 18.37 -14.99 -54.66
N THR B 162 17.35 -14.83 -55.51
CA THR B 162 17.10 -15.71 -56.64
C THR B 162 16.94 -14.86 -57.89
N HIS B 163 17.81 -15.09 -58.87
CA HIS B 163 17.81 -14.32 -60.10
C HIS B 163 17.45 -15.21 -61.28
N ASN B 164 16.81 -14.59 -62.28
CA ASN B 164 16.56 -15.20 -63.58
C ASN B 164 17.24 -14.33 -64.63
N VAL B 165 18.35 -14.81 -65.16
CA VAL B 165 19.19 -14.04 -66.08
C VAL B 165 19.19 -14.74 -67.43
N PRO B 166 18.38 -14.28 -68.38
CA PRO B 166 18.49 -14.78 -69.75
C PRO B 166 19.72 -14.20 -70.43
N ILE B 167 20.43 -15.07 -71.15
CA ILE B 167 21.68 -14.71 -71.82
C ILE B 167 21.59 -15.20 -73.26
N TYR B 168 22.03 -14.36 -74.21
CA TYR B 168 22.02 -14.69 -75.62
C TYR B 168 23.37 -14.38 -76.23
N GLU B 169 24.04 -15.40 -76.73
CA GLU B 169 25.37 -15.28 -77.34
C GLU B 169 26.34 -14.54 -76.40
N GLY B 170 26.36 -14.95 -75.14
CA GLY B 170 27.33 -14.48 -74.18
C GLY B 170 27.00 -13.16 -73.52
N TYR B 171 25.88 -12.53 -73.86
CA TYR B 171 25.49 -11.26 -73.28
C TYR B 171 24.11 -11.40 -72.63
N ALA B 172 24.00 -10.94 -71.40
CA ALA B 172 22.72 -10.97 -70.70
C ALA B 172 21.79 -9.89 -71.25
N LEU B 173 20.49 -10.17 -71.20
CA LEU B 173 19.48 -9.19 -71.57
C LEU B 173 18.97 -8.51 -70.30
N PRO B 174 19.44 -7.30 -69.98
CA PRO B 174 19.06 -6.71 -68.67
C PRO B 174 17.58 -6.47 -68.53
N HIS B 175 16.89 -6.08 -69.60
CA HIS B 175 15.47 -5.78 -69.55
C HIS B 175 14.62 -7.00 -69.19
N ALA B 176 15.20 -8.19 -69.11
CA ALA B 176 14.46 -9.39 -68.77
C ALA B 176 14.96 -10.07 -67.50
N ILE B 177 15.96 -9.50 -66.82
CA ILE B 177 16.46 -10.11 -65.60
C ILE B 177 15.43 -9.95 -64.49
N MET B 178 14.92 -11.07 -63.99
CA MET B 178 13.95 -11.08 -62.92
C MET B 178 14.63 -11.38 -61.59
N ARG B 179 14.10 -10.78 -60.52
CA ARG B 179 14.68 -10.92 -59.19
C ARG B 179 13.59 -11.29 -58.21
N LEU B 180 13.83 -12.35 -57.43
CA LEU B 180 12.91 -12.80 -56.39
C LEU B 180 13.66 -12.77 -55.06
N ASP B 181 13.11 -12.04 -54.08
CA ASP B 181 13.72 -11.91 -52.76
C ASP B 181 13.45 -13.12 -51.87
N LEU B 182 13.54 -14.33 -52.43
CA LEU B 182 13.28 -15.56 -51.70
C LEU B 182 14.38 -16.55 -52.05
N ALA B 183 15.04 -17.09 -51.03
CA ALA B 183 16.16 -17.99 -51.28
C ALA B 183 16.32 -19.00 -50.16
N GLY B 184 17.57 -19.41 -49.90
CA GLY B 184 17.81 -20.44 -48.90
C GLY B 184 17.53 -19.98 -47.48
N ARG B 185 18.00 -18.78 -47.14
CA ARG B 185 17.81 -18.28 -45.78
C ARG B 185 16.33 -18.13 -45.45
N ASP B 186 15.53 -17.69 -46.43
CA ASP B 186 14.09 -17.64 -46.21
C ASP B 186 13.49 -19.03 -46.05
N LEU B 187 14.03 -20.01 -46.77
CA LEU B 187 13.55 -21.39 -46.62
C LEU B 187 13.94 -21.97 -45.26
N THR B 188 15.14 -21.62 -44.77
CA THR B 188 15.56 -22.08 -43.45
C THR B 188 14.65 -21.53 -42.37
N ASP B 189 14.41 -20.21 -42.39
CA ASP B 189 13.56 -19.59 -41.39
C ASP B 189 12.13 -20.12 -41.45
N TYR B 190 11.66 -20.47 -42.64
CA TYR B 190 10.32 -21.07 -42.74
C TYR B 190 10.30 -22.47 -42.17
N LEU B 191 11.39 -23.22 -42.30
CA LEU B 191 11.47 -24.54 -41.68
C LEU B 191 11.51 -24.43 -40.16
N MET B 192 12.21 -23.41 -39.63
CA MET B 192 12.17 -23.16 -38.20
C MET B 192 10.75 -22.87 -37.74
N LYS B 193 10.00 -22.09 -38.52
CA LYS B 193 8.64 -21.74 -38.15
C LYS B 193 7.75 -22.98 -38.10
N ILE B 194 7.73 -23.75 -39.20
CA ILE B 194 6.83 -24.90 -39.27
C ILE B 194 7.28 -26.07 -38.41
N LEU B 195 8.51 -26.04 -37.88
CA LEU B 195 8.93 -27.08 -36.95
C LEU B 195 8.41 -26.84 -35.54
N THR B 196 7.87 -25.64 -35.25
CA THR B 196 7.27 -25.41 -33.94
C THR B 196 5.91 -26.07 -33.82
N GLU B 197 5.16 -26.17 -34.93
CA GLU B 197 3.89 -26.86 -34.91
C GLU B 197 4.04 -28.35 -34.60
N ARG B 198 5.27 -28.87 -34.62
CA ARG B 198 5.55 -30.24 -34.25
C ARG B 198 6.11 -30.35 -32.83
N GLY B 199 6.31 -29.22 -32.15
CA GLY B 199 6.78 -29.21 -30.78
C GLY B 199 8.21 -28.73 -30.61
N TYR B 200 8.98 -28.68 -31.69
CA TYR B 200 10.39 -28.31 -31.59
C TYR B 200 10.55 -26.80 -31.54
N SER B 201 11.69 -26.37 -31.00
CA SER B 201 11.94 -24.95 -30.78
C SER B 201 13.37 -24.63 -31.22
N PHE B 202 13.50 -23.94 -32.35
CA PHE B 202 14.78 -23.45 -32.85
C PHE B 202 14.68 -21.93 -32.96
N VAL B 203 15.42 -21.22 -32.11
CA VAL B 203 15.33 -19.78 -31.99
C VAL B 203 16.66 -19.09 -32.28
N THR B 204 17.72 -19.52 -31.60
CA THR B 204 18.99 -18.83 -31.66
C THR B 204 19.61 -18.94 -33.05
N THR B 205 20.58 -18.05 -33.32
CA THR B 205 21.27 -18.09 -34.61
C THR B 205 22.08 -19.37 -34.78
N ALA B 206 22.51 -19.98 -33.67
CA ALA B 206 23.17 -21.27 -33.76
C ALA B 206 22.18 -22.37 -34.12
N GLU B 207 20.98 -22.34 -33.52
CA GLU B 207 19.97 -23.33 -33.84
C GLU B 207 19.48 -23.21 -35.28
N ARG B 208 19.56 -22.01 -35.85
CA ARG B 208 19.20 -21.83 -37.26
C ARG B 208 20.11 -22.64 -38.17
N GLU B 209 21.40 -22.72 -37.82
CA GLU B 209 22.33 -23.53 -38.61
C GLU B 209 21.99 -25.01 -38.53
N ILE B 210 21.44 -25.47 -37.39
CA ILE B 210 20.98 -26.84 -37.27
C ILE B 210 19.81 -27.09 -38.22
N VAL B 211 18.86 -26.16 -38.26
CA VAL B 211 17.72 -26.30 -39.17
C VAL B 211 18.19 -26.30 -40.62
N ARG B 212 19.18 -25.47 -40.93
CA ARG B 212 19.70 -25.43 -42.29
C ARG B 212 20.26 -26.79 -42.71
N ASP B 213 20.94 -27.48 -41.79
CA ASP B 213 21.45 -28.81 -42.11
C ASP B 213 20.30 -29.80 -42.30
N ILE B 214 19.25 -29.69 -41.47
CA ILE B 214 18.07 -30.52 -41.67
C ILE B 214 17.47 -30.26 -43.04
N LYS B 215 17.43 -28.98 -43.45
CA LYS B 215 16.90 -28.64 -44.77
C LYS B 215 17.73 -29.27 -45.88
N GLU B 216 19.06 -29.19 -45.77
CA GLU B 216 19.94 -29.76 -46.79
C GLU B 216 19.89 -31.27 -46.84
N LYS B 217 19.55 -31.93 -45.72
CA LYS B 217 19.60 -33.39 -45.66
C LYS B 217 18.28 -34.05 -46.04
N LEU B 218 17.14 -33.51 -45.60
CA LEU B 218 15.88 -34.23 -45.68
C LEU B 218 14.80 -33.53 -46.49
N CYS B 219 15.03 -32.32 -46.99
CA CYS B 219 14.02 -31.62 -47.76
C CYS B 219 14.11 -31.99 -49.23
N TYR B 220 12.96 -31.97 -49.89
CA TYR B 220 12.85 -32.33 -51.31
C TYR B 220 11.61 -31.67 -51.88
N VAL B 221 11.61 -31.47 -53.18
CA VAL B 221 10.48 -30.85 -53.88
C VAL B 221 9.58 -31.96 -54.41
N ALA B 222 8.30 -31.87 -54.09
CA ALA B 222 7.32 -32.83 -54.59
C ALA B 222 6.85 -32.43 -55.99
N LEU B 223 6.59 -33.46 -56.82
CA LEU B 223 6.08 -33.19 -58.15
C LEU B 223 4.67 -32.63 -58.09
N ASP B 224 3.81 -33.20 -57.25
CA ASP B 224 2.46 -32.70 -57.01
C ASP B 224 2.32 -32.47 -55.51
N PHE B 225 2.16 -31.21 -55.11
CA PHE B 225 2.19 -30.87 -53.69
C PHE B 225 0.95 -31.36 -52.96
N GLU B 226 -0.24 -31.08 -53.53
CA GLU B 226 -1.48 -31.46 -52.86
C GLU B 226 -1.61 -32.97 -52.72
N ASN B 227 -1.01 -33.73 -53.64
CA ASN B 227 -1.05 -35.18 -53.52
C ASN B 227 -0.16 -35.67 -52.39
N GLU B 228 1.05 -35.13 -52.25
CA GLU B 228 1.93 -35.56 -51.19
C GLU B 228 1.44 -35.12 -49.82
N MET B 229 0.69 -34.02 -49.76
CA MET B 229 0.05 -33.63 -48.50
C MET B 229 -0.98 -34.67 -48.07
N ALA B 230 -1.61 -35.35 -49.03
CA ALA B 230 -2.57 -36.39 -48.72
C ALA B 230 -1.86 -37.70 -48.34
N THR B 231 -0.79 -38.05 -49.06
CA THR B 231 -0.05 -39.25 -48.71
C THR B 231 0.68 -39.11 -47.38
N ALA B 232 0.91 -37.88 -46.92
CA ALA B 232 1.60 -37.67 -45.65
C ALA B 232 0.74 -38.16 -44.48
N ALA B 233 -0.55 -37.81 -44.48
CA ALA B 233 -1.47 -38.25 -43.44
C ALA B 233 -1.93 -39.69 -43.63
N SER B 234 -1.88 -40.21 -44.87
CA SER B 234 -2.36 -41.56 -45.14
C SER B 234 -1.44 -42.64 -44.59
N SER B 235 -0.22 -42.29 -44.19
CA SER B 235 0.75 -43.27 -43.73
C SER B 235 1.85 -42.54 -42.96
N SER B 236 3.01 -43.18 -42.84
CA SER B 236 4.21 -42.56 -42.29
C SER B 236 5.42 -42.81 -43.18
N SER B 237 5.18 -43.12 -44.46
CA SER B 237 6.26 -43.49 -45.38
C SER B 237 7.16 -42.33 -45.76
N LEU B 238 6.74 -41.08 -45.48
CA LEU B 238 7.53 -39.91 -45.82
C LEU B 238 8.17 -39.25 -44.61
N GLU B 239 8.13 -39.91 -43.44
CA GLU B 239 8.73 -39.36 -42.24
C GLU B 239 10.18 -39.82 -42.11
N LYS B 240 11.04 -38.89 -41.72
CA LYS B 240 12.45 -39.16 -41.51
C LYS B 240 12.87 -38.68 -40.13
N SER B 241 14.01 -39.18 -39.66
CA SER B 241 14.55 -38.83 -38.36
C SER B 241 15.88 -38.12 -38.52
N TYR B 242 16.14 -37.18 -37.61
CA TYR B 242 17.37 -36.40 -37.63
C TYR B 242 17.91 -36.30 -36.21
N GLU B 243 19.20 -36.55 -36.06
CA GLU B 243 19.86 -36.52 -34.75
C GLU B 243 20.48 -35.14 -34.52
N LEU B 244 19.97 -34.44 -33.51
CA LEU B 244 20.53 -33.15 -33.12
C LEU B 244 21.93 -33.34 -32.55
N PRO B 245 22.70 -32.25 -32.44
CA PRO B 245 24.08 -32.39 -31.95
C PRO B 245 24.17 -33.03 -30.57
N ASP B 246 23.20 -32.80 -29.70
CA ASP B 246 23.24 -33.33 -28.34
C ASP B 246 22.71 -34.75 -28.24
N GLY B 247 22.33 -35.37 -29.35
CA GLY B 247 21.85 -36.73 -29.36
C GLY B 247 20.34 -36.87 -29.45
N GLN B 248 19.59 -35.78 -29.31
CA GLN B 248 18.14 -35.85 -29.44
C GLN B 248 17.76 -36.18 -30.88
N VAL B 249 16.73 -36.99 -31.03
CA VAL B 249 16.23 -37.40 -32.35
C VAL B 249 14.87 -36.75 -32.56
N ILE B 250 14.78 -35.91 -33.58
CA ILE B 250 13.52 -35.30 -33.99
C ILE B 250 13.07 -35.97 -35.28
N THR B 251 11.75 -35.98 -35.51
CA THR B 251 11.17 -36.56 -36.70
C THR B 251 10.37 -35.50 -37.45
N ILE B 252 10.54 -35.47 -38.77
CA ILE B 252 9.83 -34.54 -39.63
C ILE B 252 9.09 -35.33 -40.71
N GLY B 253 7.97 -34.78 -41.16
CA GLY B 253 7.16 -35.44 -42.17
C GLY B 253 6.84 -34.54 -43.35
N ASN B 254 5.65 -33.94 -43.34
CA ASN B 254 5.22 -33.07 -44.42
C ASN B 254 6.10 -31.83 -44.55
N GLU B 255 6.83 -31.46 -43.49
CA GLU B 255 7.74 -30.32 -43.54
C GLU B 255 8.89 -30.55 -44.51
N ARG B 256 9.13 -31.77 -44.95
CA ARG B 256 10.23 -32.04 -45.87
C ARG B 256 10.00 -31.35 -47.22
N PHE B 257 8.77 -31.38 -47.72
CA PHE B 257 8.47 -30.75 -49.01
C PHE B 257 7.69 -29.44 -48.90
N ARG B 258 7.09 -29.15 -47.74
CA ARG B 258 6.44 -27.86 -47.56
C ARG B 258 7.44 -26.73 -47.50
N CYS B 259 8.66 -27.00 -47.02
CA CYS B 259 9.68 -25.95 -46.94
C CYS B 259 10.12 -25.47 -48.32
N PRO B 260 10.58 -26.32 -49.24
CA PRO B 260 10.97 -25.82 -50.56
C PRO B 260 9.78 -25.46 -51.45
N GLU B 261 8.57 -25.88 -51.09
CA GLU B 261 7.38 -25.46 -51.84
C GLU B 261 7.24 -23.94 -51.87
N THR B 262 7.81 -23.24 -50.90
CA THR B 262 7.75 -21.78 -50.89
C THR B 262 8.38 -21.19 -52.15
N LEU B 263 9.35 -21.90 -52.75
CA LEU B 263 9.94 -21.45 -54.00
C LEU B 263 8.90 -21.34 -55.10
N PHE B 264 7.88 -22.20 -55.08
CA PHE B 264 6.82 -22.16 -56.08
C PHE B 264 5.55 -21.49 -55.57
N GLN B 265 5.40 -21.35 -54.25
CA GLN B 265 4.27 -20.65 -53.65
C GLN B 265 4.83 -19.68 -52.61
N PRO B 266 5.30 -18.50 -53.04
CA PRO B 266 5.88 -17.55 -52.09
C PRO B 266 4.90 -17.05 -51.04
N SER B 267 3.60 -17.32 -51.18
CA SER B 267 2.63 -16.91 -50.18
C SER B 267 2.79 -17.64 -48.85
N PHE B 268 3.57 -18.73 -48.82
CA PHE B 268 3.78 -19.44 -47.57
C PHE B 268 4.50 -18.57 -46.54
N ILE B 269 5.37 -17.67 -46.99
CA ILE B 269 6.08 -16.77 -46.11
C ILE B 269 5.56 -15.33 -46.23
N GLY B 270 4.38 -15.15 -46.80
CA GLY B 270 3.79 -13.84 -46.87
C GLY B 270 4.20 -12.98 -48.06
N MET B 271 5.01 -13.51 -48.96
CA MET B 271 5.37 -12.77 -50.17
C MET B 271 4.27 -12.93 -51.21
N GLU B 272 3.87 -11.80 -51.80
CA GLU B 272 2.87 -11.81 -52.86
C GLU B 272 3.50 -11.91 -54.25
N SER B 273 4.78 -12.27 -54.33
CA SER B 273 5.46 -12.42 -55.60
C SER B 273 5.16 -13.78 -56.22
N ALA B 274 5.57 -13.94 -57.47
CA ALA B 274 5.35 -15.18 -58.19
C ALA B 274 6.44 -16.19 -57.84
N GLY B 275 6.14 -17.47 -58.11
CA GLY B 275 7.10 -18.53 -57.87
C GLY B 275 8.21 -18.57 -58.90
N ILE B 276 9.23 -19.38 -58.62
CA ILE B 276 10.37 -19.48 -59.51
C ILE B 276 9.96 -19.97 -60.89
N HIS B 277 8.89 -20.77 -60.97
CA HIS B 277 8.41 -21.23 -62.26
C HIS B 277 7.80 -20.09 -63.07
N GLU B 278 7.08 -19.19 -62.41
CA GLU B 278 6.48 -18.05 -63.12
C GLU B 278 7.51 -16.97 -63.44
N THR B 279 8.51 -16.77 -62.57
CA THR B 279 9.49 -15.73 -62.83
C THR B 279 10.37 -16.07 -64.03
N THR B 280 10.63 -17.36 -64.27
CA THR B 280 11.38 -17.76 -65.46
C THR B 280 10.55 -17.55 -66.72
N TYR B 281 9.29 -18.00 -66.69
CA TYR B 281 8.38 -17.79 -67.82
C TYR B 281 8.26 -16.30 -68.15
N ASN B 282 8.02 -15.47 -67.13
CA ASN B 282 7.95 -14.03 -67.36
C ASN B 282 9.28 -13.48 -67.86
N SER B 283 10.40 -14.08 -67.44
CA SER B 283 11.69 -13.64 -67.94
C SER B 283 11.89 -14.05 -69.40
N ILE B 284 11.45 -15.26 -69.76
CA ILE B 284 11.57 -15.70 -71.15
C ILE B 284 10.62 -14.90 -72.03
N MET B 285 9.45 -14.56 -71.53
CA MET B 285 8.45 -13.81 -72.29
C MET B 285 8.78 -12.33 -72.44
N LYS B 286 9.87 -11.86 -71.84
CA LYS B 286 10.32 -10.49 -72.02
C LYS B 286 11.45 -10.36 -73.02
N CYS B 287 11.83 -11.45 -73.67
CA CYS B 287 12.87 -11.44 -74.70
C CYS B 287 12.23 -11.49 -76.09
N ASP B 288 13.08 -11.47 -77.10
CA ASP B 288 12.60 -11.60 -78.47
C ASP B 288 11.99 -12.99 -78.68
N ILE B 289 10.88 -13.03 -79.42
CA ILE B 289 10.21 -14.30 -79.70
C ILE B 289 11.15 -15.25 -80.45
N ASP B 290 12.10 -14.70 -81.20
CA ASP B 290 13.00 -15.52 -82.00
C ASP B 290 14.03 -16.27 -81.16
N ILE B 291 14.29 -15.82 -79.93
CA ILE B 291 15.27 -16.46 -79.07
C ILE B 291 14.63 -17.23 -77.93
N ARG B 292 13.31 -17.18 -77.78
CA ARG B 292 12.66 -17.83 -76.64
C ARG B 292 12.78 -19.35 -76.73
N LYS B 293 12.76 -19.91 -77.93
CA LYS B 293 12.86 -21.36 -78.06
C LYS B 293 14.21 -21.87 -77.57
N ASP B 294 15.28 -21.09 -77.77
CA ASP B 294 16.58 -21.46 -77.24
C ASP B 294 16.60 -21.38 -75.72
N LEU B 295 15.92 -20.39 -75.15
CA LEU B 295 15.86 -20.25 -73.70
C LEU B 295 15.09 -21.41 -73.07
N TYR B 296 13.86 -21.67 -73.57
CA TYR B 296 13.06 -22.77 -73.06
C TYR B 296 13.83 -24.09 -73.07
N ALA B 297 14.75 -24.26 -74.02
CA ALA B 297 15.52 -25.48 -74.15
C ALA B 297 16.84 -25.44 -73.41
N ASN B 298 17.13 -24.35 -72.69
CA ASN B 298 18.40 -24.23 -71.97
C ASN B 298 18.16 -23.46 -70.67
N ASN B 299 17.45 -24.10 -69.74
CA ASN B 299 17.29 -23.57 -68.39
C ASN B 299 18.38 -24.17 -67.51
N VAL B 300 19.37 -23.36 -67.16
CA VAL B 300 20.51 -23.80 -66.37
C VAL B 300 20.29 -23.37 -64.94
N MET B 301 20.35 -24.32 -64.01
CA MET B 301 20.13 -24.04 -62.60
C MET B 301 21.46 -23.85 -61.90
N SER B 302 21.50 -22.90 -60.97
CA SER B 302 22.71 -22.56 -60.24
C SER B 302 22.38 -22.31 -58.78
N GLY B 303 23.34 -22.62 -57.91
CA GLY B 303 23.21 -22.33 -56.50
C GLY B 303 22.74 -23.53 -55.70
N GLY B 304 22.95 -23.44 -54.38
CA GLY B 304 22.60 -24.54 -53.51
C GLY B 304 21.12 -24.76 -53.37
N THR B 305 20.31 -23.70 -53.45
CA THR B 305 18.87 -23.83 -53.35
C THR B 305 18.26 -24.58 -54.53
N THR B 306 19.01 -24.82 -55.60
CA THR B 306 18.54 -25.65 -56.70
C THR B 306 18.96 -27.11 -56.54
N MET B 307 19.39 -27.51 -55.35
CA MET B 307 19.88 -28.86 -55.10
C MET B 307 18.83 -29.78 -54.48
N TYR B 308 17.60 -29.31 -54.31
CA TYR B 308 16.56 -30.16 -53.74
C TYR B 308 16.27 -31.33 -54.68
N PRO B 309 16.13 -32.54 -54.16
CA PRO B 309 15.66 -33.65 -55.00
C PRO B 309 14.27 -33.35 -55.54
N GLY B 310 14.13 -33.46 -56.86
CA GLY B 310 12.86 -33.26 -57.51
C GLY B 310 12.55 -31.85 -57.94
N ILE B 311 13.50 -30.92 -57.78
CA ILE B 311 13.22 -29.55 -58.21
C ILE B 311 13.30 -29.42 -59.72
N ALA B 312 14.16 -30.21 -60.38
CA ALA B 312 14.25 -30.13 -61.84
C ALA B 312 13.02 -30.73 -62.50
N ASP B 313 12.55 -31.87 -62.01
CA ASP B 313 11.34 -32.47 -62.57
C ASP B 313 10.14 -31.55 -62.36
N ARG B 314 10.02 -30.97 -61.16
CA ARG B 314 8.91 -30.07 -60.88
C ARG B 314 9.02 -28.80 -61.71
N MET B 315 10.25 -28.30 -61.91
CA MET B 315 10.44 -27.10 -62.72
C MET B 315 9.96 -27.33 -64.15
N GLN B 316 10.38 -28.45 -64.75
CA GLN B 316 9.95 -28.76 -66.12
C GLN B 316 8.44 -28.93 -66.19
N LYS B 317 7.84 -29.51 -65.14
CA LYS B 317 6.39 -29.71 -65.14
C LYS B 317 5.66 -28.37 -65.15
N GLU B 318 6.11 -27.41 -64.31
CA GLU B 318 5.39 -26.15 -64.19
C GLU B 318 5.59 -25.27 -65.42
N ILE B 319 6.80 -25.24 -65.98
CA ILE B 319 7.04 -24.42 -67.16
C ILE B 319 6.26 -24.95 -68.36
N THR B 320 6.17 -26.27 -68.50
CA THR B 320 5.37 -26.85 -69.59
C THR B 320 3.92 -26.40 -69.53
N ALA B 321 3.40 -26.20 -68.32
CA ALA B 321 2.02 -25.72 -68.17
C ALA B 321 1.87 -24.25 -68.51
N LEU B 322 2.94 -23.47 -68.44
CA LEU B 322 2.89 -22.05 -68.76
C LEU B 322 3.24 -21.76 -70.21
N ALA B 323 4.12 -22.57 -70.81
CA ALA B 323 4.63 -22.40 -72.17
C ALA B 323 3.69 -23.05 -73.17
N PRO B 324 3.81 -22.69 -74.45
CA PRO B 324 2.99 -23.35 -75.48
C PRO B 324 3.20 -24.86 -75.49
N SER B 325 2.13 -25.60 -75.80
CA SER B 325 2.18 -27.04 -75.73
C SER B 325 3.21 -27.63 -76.70
N THR B 326 3.48 -26.92 -77.80
CA THR B 326 4.43 -27.37 -78.82
C THR B 326 5.85 -26.90 -78.54
N MET B 327 6.15 -26.54 -77.30
CA MET B 327 7.46 -26.01 -76.94
C MET B 327 8.25 -27.09 -76.19
N LYS B 328 9.49 -27.32 -76.61
CA LYS B 328 10.37 -28.29 -75.98
C LYS B 328 11.07 -27.61 -74.80
N ILE B 329 10.81 -28.10 -73.59
CA ILE B 329 11.39 -27.56 -72.36
C ILE B 329 12.49 -28.50 -71.89
N LYS B 330 13.58 -27.92 -71.40
CA LYS B 330 14.70 -28.71 -70.90
C LYS B 330 15.34 -27.96 -69.74
N ILE B 331 15.33 -28.59 -68.57
CA ILE B 331 15.95 -28.04 -67.37
C ILE B 331 17.32 -28.69 -67.21
N ILE B 332 18.37 -27.89 -67.22
CA ILE B 332 19.74 -28.36 -67.09
C ILE B 332 20.14 -28.24 -65.63
N ALA B 333 20.53 -29.36 -65.02
CA ALA B 333 20.90 -29.41 -63.60
C ALA B 333 22.28 -30.05 -63.46
N PRO B 334 23.34 -29.28 -63.69
CA PRO B 334 24.70 -29.81 -63.55
C PRO B 334 24.94 -30.38 -62.17
N PRO B 335 25.69 -31.48 -62.08
CA PRO B 335 25.92 -32.11 -60.76
C PRO B 335 26.67 -31.22 -59.78
N GLU B 336 27.51 -30.31 -60.27
CA GLU B 336 28.30 -29.43 -59.42
C GLU B 336 27.81 -27.98 -59.45
N ARG B 337 26.50 -27.78 -59.64
CA ARG B 337 25.98 -26.42 -59.75
C ARG B 337 26.12 -25.61 -58.47
N LYS B 338 26.45 -26.25 -57.34
CA LYS B 338 26.80 -25.47 -56.15
C LYS B 338 28.02 -24.60 -56.39
N TYR B 339 28.89 -24.99 -57.33
CA TYR B 339 30.14 -24.27 -57.58
C TYR B 339 30.27 -23.87 -59.05
N SER B 340 29.17 -23.82 -59.78
CA SER B 340 29.26 -23.50 -61.21
C SER B 340 29.75 -22.07 -61.44
N VAL B 341 29.36 -21.14 -60.57
CA VAL B 341 29.87 -19.77 -60.67
C VAL B 341 31.38 -19.75 -60.54
N TRP B 342 31.91 -20.46 -59.53
CA TRP B 342 33.35 -20.48 -59.33
C TRP B 342 34.06 -21.14 -60.50
N ILE B 343 33.50 -22.22 -61.05
CA ILE B 343 34.15 -22.92 -62.16
C ILE B 343 34.33 -21.98 -63.35
N GLY B 344 33.27 -21.27 -63.72
CA GLY B 344 33.37 -20.33 -64.83
C GLY B 344 34.43 -19.27 -64.59
N GLY B 345 34.58 -18.83 -63.34
CA GLY B 345 35.65 -17.89 -63.02
C GLY B 345 37.02 -18.51 -63.19
N SER B 346 37.16 -19.78 -62.79
CA SER B 346 38.44 -20.46 -62.95
C SER B 346 38.82 -20.59 -64.42
N ILE B 347 37.83 -20.77 -65.30
CA ILE B 347 38.12 -20.85 -66.72
C ILE B 347 38.43 -19.47 -67.28
N LEU B 348 37.62 -18.48 -66.93
CA LEU B 348 37.81 -17.13 -67.45
C LEU B 348 39.17 -16.57 -67.05
N ALA B 349 39.52 -16.70 -65.77
CA ALA B 349 40.80 -16.20 -65.29
C ALA B 349 41.98 -17.02 -65.80
N SER B 350 41.74 -18.12 -66.52
CA SER B 350 42.80 -18.94 -67.08
C SER B 350 43.05 -18.67 -68.56
N LEU B 351 42.22 -17.84 -69.20
CA LEU B 351 42.41 -17.54 -70.61
C LEU B 351 43.60 -16.60 -70.80
N SER B 352 44.33 -16.80 -71.90
CA SER B 352 45.46 -15.93 -72.19
C SER B 352 45.02 -14.51 -72.52
N THR B 353 43.82 -14.36 -73.09
CA THR B 353 43.29 -13.05 -73.45
C THR B 353 42.69 -12.32 -72.26
N PHE B 354 42.78 -12.86 -71.05
CA PHE B 354 42.21 -12.22 -69.87
C PHE B 354 43.19 -11.30 -69.16
N GLN B 355 44.49 -11.40 -69.46
CA GLN B 355 45.45 -10.49 -68.84
C GLN B 355 45.16 -9.05 -69.20
N GLN B 356 44.57 -8.81 -70.37
CA GLN B 356 44.21 -7.45 -70.77
C GLN B 356 43.05 -6.89 -69.96
N MET B 357 42.25 -7.75 -69.33
CA MET B 357 41.05 -7.32 -68.62
C MET B 357 41.30 -6.97 -67.17
N TRP B 358 42.48 -7.26 -66.64
CA TRP B 358 42.77 -6.97 -65.23
C TRP B 358 42.78 -5.47 -64.98
N ILE B 359 42.04 -5.04 -63.97
CA ILE B 359 42.12 -3.66 -63.50
C ILE B 359 43.31 -3.58 -62.55
N THR B 360 44.39 -2.97 -63.02
CA THR B 360 45.63 -2.96 -62.27
C THR B 360 45.62 -1.89 -61.18
N LYS B 361 46.60 -1.98 -60.28
CA LYS B 361 46.70 -1.00 -59.20
C LYS B 361 47.08 0.37 -59.74
N GLN B 362 48.00 0.42 -60.72
CA GLN B 362 48.38 1.70 -61.31
C GLN B 362 47.19 2.36 -62.02
N GLU B 363 46.29 1.56 -62.58
CA GLU B 363 45.06 2.11 -63.15
C GLU B 363 44.16 2.66 -62.04
N TYR B 364 44.11 1.98 -60.90
CA TYR B 364 43.24 2.43 -59.81
C TYR B 364 43.77 3.73 -59.20
N ASP B 365 45.09 3.85 -59.05
CA ASP B 365 45.65 5.05 -58.44
C ASP B 365 45.52 6.28 -59.34
N GLU B 366 45.41 6.09 -60.65
CA GLU B 366 45.29 7.21 -61.58
C GLU B 366 43.86 7.53 -61.96
N ALA B 367 42.91 6.63 -61.69
CA ALA B 367 41.53 6.82 -62.09
C ALA B 367 40.54 6.78 -60.93
N GLY B 368 40.81 6.00 -59.89
CA GLY B 368 39.89 5.87 -58.78
C GLY B 368 39.01 4.64 -58.92
N PRO B 369 38.13 4.40 -57.95
CA PRO B 369 37.28 3.20 -58.00
C PRO B 369 36.28 3.20 -59.16
N SER B 370 36.14 4.31 -59.89
CA SER B 370 35.23 4.34 -61.04
C SER B 370 35.76 3.55 -62.22
N ILE B 371 37.02 3.13 -62.20
CA ILE B 371 37.60 2.38 -63.31
C ILE B 371 37.01 0.97 -63.42
N VAL B 372 36.41 0.46 -62.34
CA VAL B 372 35.90 -0.91 -62.36
C VAL B 372 34.67 -1.03 -63.25
N HIS B 373 33.90 0.04 -63.40
CA HIS B 373 32.69 -0.02 -64.22
C HIS B 373 33.02 0.00 -65.70
N ARG B 374 34.07 0.71 -66.11
CA ARG B 374 34.42 0.82 -67.52
C ARG B 374 35.07 -0.44 -68.07
N LYS B 375 35.38 -1.43 -67.22
CA LYS B 375 35.95 -2.69 -67.67
C LYS B 375 34.97 -3.85 -67.60
N CYS B 376 33.90 -3.73 -66.83
CA CYS B 376 32.92 -4.80 -66.64
C CYS B 376 31.54 -4.25 -67.03
N PHE B 377 31.30 -4.13 -68.33
CA PHE B 377 30.00 -3.67 -68.82
C PHE B 377 29.25 -4.79 -69.52
N GLU C 6 62.69 -13.44 -9.30
CA GLU C 6 61.25 -13.57 -9.30
C GLU C 6 60.66 -13.41 -7.89
N THR C 7 59.57 -12.65 -7.81
CA THR C 7 58.85 -12.47 -6.54
C THR C 7 57.90 -13.64 -6.33
N THR C 8 58.13 -14.40 -5.26
CA THR C 8 57.34 -15.61 -5.02
C THR C 8 55.89 -15.22 -4.69
N ALA C 9 54.95 -15.79 -5.45
CA ALA C 9 53.54 -15.49 -5.26
C ALA C 9 52.90 -16.50 -4.31
N LEU C 10 51.76 -16.10 -3.74
CA LEU C 10 51.01 -16.93 -2.83
C LEU C 10 49.69 -17.35 -3.45
N VAL C 11 49.25 -18.56 -3.13
CA VAL C 11 47.98 -19.10 -3.60
C VAL C 11 47.20 -19.59 -2.40
N CYS C 12 45.97 -19.09 -2.24
CA CYS C 12 45.13 -19.40 -1.10
C CYS C 12 43.73 -19.77 -1.58
N ASP C 13 43.37 -21.05 -1.42
CA ASP C 13 42.05 -21.54 -1.79
C ASP C 13 41.16 -21.49 -0.56
N ASN C 14 40.29 -20.47 -0.49
CA ASN C 14 39.41 -20.25 0.66
C ASN C 14 38.27 -21.26 0.60
N GLY C 15 38.58 -22.49 0.96
CA GLY C 15 37.59 -23.55 0.91
C GLY C 15 36.53 -23.41 1.98
N SER C 16 35.45 -24.18 1.80
CA SER C 16 34.34 -24.11 2.74
C SER C 16 34.69 -24.73 4.08
N GLY C 17 35.56 -25.74 4.09
CA GLY C 17 35.92 -26.40 5.33
C GLY C 17 37.42 -26.46 5.57
N LEU C 18 38.22 -26.30 4.52
CA LEU C 18 39.67 -26.33 4.63
C LEU C 18 40.28 -25.24 3.78
N VAL C 19 41.28 -24.56 4.33
CA VAL C 19 42.04 -23.56 3.60
C VAL C 19 43.29 -24.23 3.05
N LYS C 20 43.42 -24.24 1.72
CA LYS C 20 44.62 -24.75 1.05
C LYS C 20 45.45 -23.56 0.61
N ALA C 21 46.64 -23.42 1.19
CA ALA C 21 47.51 -22.29 0.93
C ALA C 21 48.94 -22.77 0.70
N GLY C 22 49.68 -21.98 -0.09
CA GLY C 22 51.06 -22.33 -0.37
C GLY C 22 51.70 -21.32 -1.29
N PHE C 23 52.84 -21.71 -1.85
CA PHE C 23 53.62 -20.86 -2.73
C PHE C 23 53.39 -21.23 -4.19
N ALA C 24 53.30 -20.23 -5.05
CA ALA C 24 53.13 -20.47 -6.48
C ALA C 24 54.36 -21.16 -7.03
N GLY C 25 54.14 -22.25 -7.76
CA GLY C 25 55.20 -23.07 -8.32
C GLY C 25 55.33 -24.44 -7.66
N ASP C 26 54.95 -24.53 -6.38
CA ASP C 26 54.99 -25.81 -5.69
C ASP C 26 53.91 -26.75 -6.25
N ASP C 27 54.14 -28.04 -6.10
CA ASP C 27 53.24 -29.06 -6.60
C ASP C 27 52.11 -29.40 -5.64
N ALA C 28 52.11 -28.82 -4.44
CA ALA C 28 51.09 -29.10 -3.44
C ALA C 28 51.06 -27.97 -2.43
N PRO C 29 49.90 -27.67 -1.84
CA PRO C 29 49.85 -26.61 -0.83
C PRO C 29 50.63 -26.99 0.41
N ARG C 30 51.37 -26.03 0.94
CA ARG C 30 52.20 -26.25 2.12
C ARG C 30 51.40 -26.15 3.42
N ALA C 31 50.18 -25.63 3.38
CA ALA C 31 49.38 -25.45 4.58
C ALA C 31 47.94 -25.83 4.28
N VAL C 32 47.41 -26.80 5.01
CA VAL C 32 46.02 -27.23 4.90
C VAL C 32 45.46 -27.32 6.31
N PHE C 33 44.65 -26.34 6.69
CA PHE C 33 44.04 -26.27 8.01
C PHE C 33 42.56 -25.95 7.86
N PRO C 34 41.73 -26.28 8.85
CA PRO C 34 40.29 -26.07 8.71
C PRO C 34 39.92 -24.60 8.74
N SER C 35 38.81 -24.28 8.07
CA SER C 35 38.31 -22.91 7.97
C SER C 35 37.33 -22.61 9.11
N ILE C 36 37.82 -22.76 10.33
CA ILE C 36 37.02 -22.54 11.53
C ILE C 36 37.72 -21.52 12.41
N VAL C 37 36.94 -20.64 13.03
CA VAL C 37 37.45 -19.63 13.95
C VAL C 37 36.56 -19.63 15.19
N GLY C 38 37.18 -19.77 16.35
CA GLY C 38 36.46 -19.91 17.62
C GLY C 38 36.55 -18.65 18.46
N ARG C 39 35.46 -18.35 19.16
CA ARG C 39 35.32 -17.16 19.98
C ARG C 39 34.85 -17.55 21.38
N PRO C 40 35.05 -16.68 22.38
CA PRO C 40 34.97 -17.14 23.79
C PRO C 40 33.62 -17.72 24.21
N ARG C 41 32.52 -17.31 23.58
CA ARG C 41 31.14 -17.67 23.97
C ARG C 41 30.70 -16.91 25.21
N HIS C 42 31.65 -16.50 26.05
CA HIS C 42 31.33 -15.69 27.23
C HIS C 42 32.30 -14.52 27.36
N ASP C 53 38.18 -12.46 21.75
CA ASP C 53 39.33 -13.33 21.59
C ASP C 53 39.30 -14.03 20.24
N SER C 54 40.37 -14.75 19.91
CA SER C 54 40.49 -15.36 18.59
C SER C 54 41.32 -16.63 18.67
N TYR C 55 40.79 -17.71 18.10
CA TYR C 55 41.54 -18.94 17.89
C TYR C 55 41.09 -19.54 16.56
N VAL C 56 42.05 -19.82 15.69
CA VAL C 56 41.77 -20.19 14.30
C VAL C 56 42.44 -21.53 14.00
N GLY C 57 41.76 -22.36 13.21
CA GLY C 57 42.35 -23.58 12.71
C GLY C 57 42.25 -24.77 13.66
N ASP C 58 43.29 -25.60 13.67
CA ASP C 58 43.26 -26.80 14.51
C ASP C 58 43.34 -26.45 15.99
N GLU C 59 44.01 -25.36 16.34
CA GLU C 59 44.06 -24.93 17.74
C GLU C 59 42.67 -24.56 18.25
N ALA C 60 41.81 -24.05 17.38
CA ALA C 60 40.44 -23.71 17.79
C ALA C 60 39.64 -24.96 18.14
N GLN C 61 39.93 -26.08 17.47
CA GLN C 61 39.20 -27.31 17.75
C GLN C 61 39.76 -28.08 18.93
N SER C 62 40.95 -27.72 19.42
CA SER C 62 41.42 -28.27 20.68
C SER C 62 40.76 -27.61 21.88
N LYS C 63 40.07 -26.49 21.68
CA LYS C 63 39.39 -25.78 22.75
C LYS C 63 37.90 -25.62 22.43
N ARG C 64 37.26 -26.70 21.99
CA ARG C 64 35.84 -26.64 21.64
C ARG C 64 34.99 -26.33 22.86
N GLY C 65 35.30 -26.95 24.00
CA GLY C 65 34.52 -26.73 25.21
C GLY C 65 34.56 -25.31 25.72
N ILE C 66 35.58 -24.54 25.32
CA ILE C 66 35.74 -23.17 25.80
C ILE C 66 35.20 -22.18 24.78
N LEU C 67 35.31 -22.52 23.49
CA LEU C 67 35.00 -21.60 22.40
C LEU C 67 33.73 -22.01 21.66
N THR C 68 33.21 -21.05 20.88
CA THR C 68 32.11 -21.29 19.95
C THR C 68 32.66 -21.25 18.53
N LEU C 69 32.57 -22.38 17.83
CA LEU C 69 33.15 -22.52 16.50
C LEU C 69 32.13 -22.16 15.44
N LYS C 70 32.51 -21.29 14.50
CA LYS C 70 31.67 -20.89 13.39
C LYS C 70 32.40 -21.09 12.08
N TYR C 71 31.63 -21.34 11.02
CA TYR C 71 32.17 -21.43 9.68
C TYR C 71 32.02 -20.08 8.99
N PRO C 72 33.10 -19.34 8.73
CA PRO C 72 32.95 -18.09 7.98
C PRO C 72 32.58 -18.31 6.52
N ILE C 73 32.97 -19.44 5.94
CA ILE C 73 32.67 -19.75 4.54
C ILE C 73 31.91 -21.08 4.49
N GLU C 74 30.78 -21.15 5.19
CA GLU C 74 30.09 -22.43 5.39
C GLU C 74 29.68 -23.11 4.08
N GLY C 76 30.59 -21.95 0.82
CA GLY C 76 31.37 -21.45 -0.28
C GLY C 76 31.52 -19.95 -0.35
N ILE C 77 30.48 -19.23 0.05
CA ILE C 77 30.49 -17.77 0.04
C ILE C 77 30.90 -17.27 1.41
N ILE C 78 31.74 -16.23 1.44
CA ILE C 78 32.20 -15.68 2.70
C ILE C 78 31.08 -14.86 3.33
N THR C 79 30.75 -15.16 4.58
CA THR C 79 29.69 -14.46 5.30
C THR C 79 30.20 -13.55 6.42
N ASN C 80 31.16 -14.02 7.21
CA ASN C 80 31.70 -13.24 8.32
C ASN C 80 33.09 -12.72 7.92
N TRP C 81 33.19 -11.41 7.72
CA TRP C 81 34.44 -10.82 7.24
C TRP C 81 35.45 -10.62 8.37
N ASP C 82 34.97 -10.24 9.56
CA ASP C 82 35.87 -10.10 10.70
C ASP C 82 36.48 -11.44 11.07
N ASP C 83 35.70 -12.51 10.98
CA ASP C 83 36.26 -13.85 11.19
C ASP C 83 37.13 -14.28 10.01
N MET C 84 36.87 -13.74 8.81
CA MET C 84 37.68 -14.09 7.66
C MET C 84 39.06 -13.44 7.72
N GLU C 85 39.14 -12.21 8.23
CA GLU C 85 40.43 -11.55 8.38
C GLU C 85 41.36 -12.31 9.31
N LYS C 86 40.83 -13.17 10.17
CA LYS C 86 41.66 -13.99 11.04
C LYS C 86 42.04 -15.31 10.39
N ILE C 87 41.21 -15.84 9.49
CA ILE C 87 41.62 -16.97 8.68
C ILE C 87 42.85 -16.61 7.86
N TRP C 88 42.83 -15.44 7.22
CA TRP C 88 43.97 -14.99 6.42
C TRP C 88 45.15 -14.60 7.31
N HIS C 89 44.87 -14.05 8.50
CA HIS C 89 45.96 -13.75 9.43
C HIS C 89 46.65 -15.03 9.89
N HIS C 90 45.87 -16.09 10.16
CA HIS C 90 46.45 -17.38 10.52
C HIS C 90 47.17 -18.00 9.34
N THR C 91 46.76 -17.67 8.11
CA THR C 91 47.38 -18.23 6.92
C THR C 91 48.74 -17.60 6.64
N PHE C 92 48.83 -16.27 6.73
CA PHE C 92 50.07 -15.58 6.43
C PHE C 92 51.11 -15.80 7.52
N TYR C 93 50.77 -15.46 8.76
CA TYR C 93 51.76 -15.35 9.83
C TYR C 93 51.99 -16.63 10.60
N ASN C 94 51.03 -17.55 10.63
CA ASN C 94 51.17 -18.77 11.41
C ASN C 94 51.47 -20.00 10.56
N GLU C 95 50.70 -20.22 9.49
CA GLU C 95 50.89 -21.39 8.65
C GLU C 95 52.06 -21.21 7.69
N LEU C 96 51.96 -20.23 6.80
CA LEU C 96 53.02 -20.00 5.81
C LEU C 96 54.23 -19.29 6.40
N ARG C 97 54.04 -18.54 7.49
CA ARG C 97 55.12 -17.76 8.12
C ARG C 97 55.79 -16.83 7.12
N VAL C 98 54.96 -16.00 6.48
CA VAL C 98 55.43 -15.04 5.47
C VAL C 98 54.88 -13.66 5.82
N ALA C 99 55.41 -12.66 5.12
CA ALA C 99 54.90 -11.30 5.24
C ALA C 99 54.08 -10.97 4.01
N PRO C 100 52.77 -10.74 4.15
CA PRO C 100 51.93 -10.55 2.96
C PRO C 100 52.31 -9.34 2.12
N GLU C 101 52.93 -8.31 2.72
CA GLU C 101 53.27 -7.12 1.95
C GLU C 101 54.44 -7.34 1.00
N GLU C 102 55.01 -8.55 0.93
CA GLU C 102 56.13 -8.83 0.04
C GLU C 102 55.81 -9.92 -0.97
N HIS C 103 54.55 -10.35 -1.07
CA HIS C 103 54.17 -11.44 -1.96
C HIS C 103 52.84 -11.12 -2.63
N PRO C 104 52.78 -11.15 -3.97
CA PRO C 104 51.49 -11.14 -4.65
C PRO C 104 50.72 -12.41 -4.31
N THR C 105 49.43 -12.26 -4.02
CA THR C 105 48.61 -13.34 -3.51
C THR C 105 47.45 -13.59 -4.46
N LEU C 106 47.35 -14.81 -4.98
CA LEU C 106 46.20 -15.24 -5.74
C LEU C 106 45.17 -15.87 -4.80
N LEU C 107 43.93 -15.40 -4.89
CA LEU C 107 42.84 -15.92 -4.08
C LEU C 107 41.79 -16.55 -4.97
N THR C 108 41.08 -17.53 -4.42
CA THR C 108 40.02 -18.22 -5.14
C THR C 108 38.67 -17.83 -4.55
N GLU C 109 37.63 -18.01 -5.38
CA GLU C 109 36.26 -17.69 -5.00
C GLU C 109 35.34 -18.78 -5.51
N ALA C 110 34.21 -18.92 -4.83
CA ALA C 110 33.21 -19.90 -5.24
C ALA C 110 32.54 -19.45 -6.53
N PRO C 111 31.92 -20.38 -7.26
CA PRO C 111 31.10 -19.99 -8.41
C PRO C 111 29.92 -19.13 -7.96
N LEU C 112 29.52 -18.22 -8.85
CA LEU C 112 28.41 -17.31 -8.59
C LEU C 112 28.65 -16.46 -7.35
N ASN C 113 29.91 -16.12 -7.10
CA ASN C 113 30.23 -15.23 -6.00
C ASN C 113 29.74 -13.82 -6.32
N PRO C 114 28.97 -13.18 -5.42
CA PRO C 114 28.50 -11.83 -5.70
C PRO C 114 29.66 -10.86 -5.90
N LYS C 115 29.43 -9.87 -6.76
CA LYS C 115 30.47 -8.88 -7.05
C LYS C 115 30.87 -8.11 -5.81
N ALA C 116 29.93 -7.82 -4.91
CA ALA C 116 30.27 -7.14 -3.67
C ALA C 116 31.16 -8.01 -2.80
N ASN C 117 30.95 -9.33 -2.83
CA ASN C 117 31.80 -10.23 -2.05
C ASN C 117 33.24 -10.19 -2.54
N ARG C 118 33.44 -10.10 -3.86
CA ARG C 118 34.80 -10.05 -4.39
C ARG C 118 35.46 -8.70 -4.14
N GLU C 119 34.68 -7.61 -4.15
CA GLU C 119 35.24 -6.29 -3.86
C GLU C 119 35.72 -6.23 -2.40
N LYS C 120 34.98 -6.85 -1.48
CA LYS C 120 35.38 -6.85 -0.08
C LYS C 120 36.69 -7.60 0.12
N MET C 121 36.86 -8.73 -0.59
CA MET C 121 38.12 -9.45 -0.52
C MET C 121 39.28 -8.58 -0.99
N THR C 122 39.07 -7.81 -2.07
CA THR C 122 40.12 -6.93 -2.57
C THR C 122 40.44 -5.84 -1.56
N GLN C 123 39.41 -5.30 -0.89
CA GLN C 123 39.63 -4.26 0.09
C GLN C 123 40.45 -4.78 1.28
N ILE C 124 40.14 -5.99 1.74
CA ILE C 124 40.84 -6.54 2.89
C ILE C 124 42.30 -6.83 2.57
N MET C 125 42.56 -7.39 1.38
CA MET C 125 43.93 -7.72 1.01
C MET C 125 44.79 -6.49 0.86
N PHE C 126 44.23 -5.39 0.34
CA PHE C 126 45.00 -4.19 0.07
C PHE C 126 45.11 -3.28 1.29
N GLU C 127 44.01 -3.07 2.02
CA GLU C 127 44.00 -2.11 3.11
C GLU C 127 44.40 -2.72 4.45
N THR C 128 44.07 -3.99 4.69
CA THR C 128 44.48 -4.64 5.94
C THR C 128 45.86 -5.28 5.82
N PHE C 129 46.06 -6.13 4.80
CA PHE C 129 47.31 -6.87 4.67
C PHE C 129 48.34 -6.18 3.77
N ASN C 130 47.94 -5.15 3.04
CA ASN C 130 48.87 -4.30 2.28
C ASN C 130 49.71 -5.13 1.31
N VAL C 131 49.04 -5.99 0.55
CA VAL C 131 49.72 -6.85 -0.42
C VAL C 131 50.16 -6.00 -1.61
N PRO C 132 51.27 -6.34 -2.26
CA PRO C 132 51.66 -5.56 -3.45
C PRO C 132 50.76 -5.80 -4.65
N ALA C 133 50.19 -6.99 -4.77
CA ALA C 133 49.32 -7.32 -5.88
C ALA C 133 48.45 -8.51 -5.49
N MET C 134 47.30 -8.62 -6.14
CA MET C 134 46.39 -9.71 -5.85
C MET C 134 45.56 -10.00 -7.09
N TYR C 135 44.90 -11.16 -7.07
CA TYR C 135 44.06 -11.63 -8.16
C TYR C 135 43.06 -12.63 -7.60
N VAL C 136 41.86 -12.63 -8.17
CA VAL C 136 40.80 -13.54 -7.76
C VAL C 136 40.42 -14.42 -8.94
N ALA C 137 40.41 -15.73 -8.72
CA ALA C 137 40.03 -16.71 -9.73
C ALA C 137 38.90 -17.58 -9.21
N ILE C 138 38.04 -18.02 -10.13
CA ILE C 138 36.98 -18.95 -9.76
C ILE C 138 37.59 -20.32 -9.53
N GLN C 139 37.12 -21.02 -8.49
CA GLN C 139 37.69 -22.31 -8.13
C GLN C 139 37.52 -23.33 -9.23
N ALA C 140 36.33 -23.40 -9.84
CA ALA C 140 36.08 -24.40 -10.86
C ALA C 140 36.91 -24.16 -12.11
N VAL C 141 37.20 -22.90 -12.43
CA VAL C 141 38.04 -22.60 -13.59
C VAL C 141 39.47 -23.09 -13.36
N LEU C 142 39.98 -22.92 -12.14
CA LEU C 142 41.34 -23.37 -11.84
C LEU C 142 41.46 -24.89 -11.91
N SER C 143 40.41 -25.62 -11.49
CA SER C 143 40.43 -27.07 -11.60
C SER C 143 40.49 -27.51 -13.05
N LEU C 144 39.74 -26.82 -13.92
CA LEU C 144 39.77 -27.15 -15.35
C LEU C 144 41.13 -26.83 -15.95
N TYR C 145 41.73 -25.71 -15.53
CA TYR C 145 43.05 -25.34 -16.04
C TYR C 145 44.09 -26.39 -15.68
N ALA C 146 43.97 -27.02 -14.50
CA ALA C 146 44.96 -28.00 -14.07
C ALA C 146 45.03 -29.19 -15.00
N SER C 147 43.92 -29.55 -15.63
CA SER C 147 43.88 -30.69 -16.54
C SER C 147 44.23 -30.31 -17.98
N GLY C 148 44.54 -29.04 -18.23
CA GLY C 148 44.85 -28.57 -19.56
C GLY C 148 43.65 -28.27 -20.42
N ARG C 149 42.44 -28.36 -19.89
CA ARG C 149 41.24 -28.15 -20.67
C ARG C 149 40.80 -26.69 -20.66
N THR C 150 39.99 -26.34 -21.64
CA THR C 150 39.20 -25.12 -21.63
C THR C 150 37.72 -25.42 -21.78
N THR C 151 37.35 -26.68 -21.94
CA THR C 151 35.97 -27.12 -22.08
C THR C 151 35.72 -28.27 -21.12
N GLY C 152 34.57 -28.26 -20.48
CA GLY C 152 34.16 -29.31 -19.57
C GLY C 152 33.26 -28.78 -18.49
N ILE C 153 32.54 -29.70 -17.85
CA ILE C 153 31.67 -29.39 -16.73
C ILE C 153 32.31 -29.94 -15.47
N VAL C 154 32.59 -29.07 -14.52
CA VAL C 154 33.31 -29.42 -13.30
C VAL C 154 32.32 -29.82 -12.22
N LEU C 155 32.62 -30.91 -11.53
CA LEU C 155 31.91 -31.32 -10.32
C LEU C 155 32.86 -31.07 -9.14
N ASP C 156 32.73 -29.89 -8.54
CA ASP C 156 33.54 -29.52 -7.39
C ASP C 156 32.73 -29.85 -6.13
N SER C 157 33.08 -30.94 -5.47
CA SER C 157 32.39 -31.42 -4.29
C SER C 157 33.35 -31.33 -3.11
N GLY C 158 33.15 -30.32 -2.26
CA GLY C 158 34.04 -30.07 -1.15
C GLY C 158 33.48 -30.43 0.20
N ASP C 159 33.59 -29.52 1.17
CA ASP C 159 33.14 -29.79 2.53
C ASP C 159 31.72 -29.31 2.78
N GLY C 160 31.40 -28.09 2.36
CA GLY C 160 30.10 -27.51 2.67
C GLY C 160 29.20 -27.31 1.47
N VAL C 161 29.75 -27.43 0.25
CA VAL C 161 29.00 -27.13 -0.95
C VAL C 161 29.57 -27.94 -2.12
N THR C 162 28.69 -28.29 -3.05
CA THR C 162 29.08 -28.92 -4.31
C THR C 162 28.51 -28.10 -5.46
N HIS C 163 29.33 -27.84 -6.46
CA HIS C 163 28.94 -27.05 -7.61
C HIS C 163 29.05 -27.87 -8.89
N ASN C 164 28.18 -27.55 -9.84
CA ASN C 164 28.29 -28.00 -11.22
C ASN C 164 28.53 -26.76 -12.07
N VAL C 165 29.71 -26.66 -12.66
CA VAL C 165 30.14 -25.49 -13.39
C VAL C 165 30.53 -25.90 -14.80
N PRO C 166 29.66 -25.67 -15.79
CA PRO C 166 30.04 -25.92 -17.18
C PRO C 166 30.84 -24.75 -17.74
N ILE C 167 31.87 -25.09 -18.51
CA ILE C 167 32.74 -24.11 -19.16
C ILE C 167 32.99 -24.59 -20.58
N TYR C 168 32.85 -23.70 -21.55
CA TYR C 168 33.02 -24.05 -22.96
C TYR C 168 34.02 -23.10 -23.60
N GLU C 169 35.12 -23.66 -24.09
CA GLU C 169 36.16 -22.90 -24.80
C GLU C 169 36.62 -21.67 -24.02
N GLY C 170 36.75 -21.84 -22.70
CA GLY C 170 37.18 -20.74 -21.85
C GLY C 170 36.13 -19.69 -21.57
N TYR C 171 34.87 -19.96 -21.90
CA TYR C 171 33.77 -19.06 -21.60
C TYR C 171 32.87 -19.68 -20.54
N ALA C 172 32.32 -18.85 -19.66
CA ALA C 172 31.48 -19.32 -18.58
C ALA C 172 30.02 -19.34 -18.99
N LEU C 173 29.29 -20.32 -18.45
CA LEU C 173 27.84 -20.43 -18.63
C LEU C 173 27.19 -20.32 -17.25
N PRO C 174 27.16 -19.12 -16.66
CA PRO C 174 26.68 -18.99 -15.28
C PRO C 174 25.21 -19.36 -15.11
N HIS C 175 24.42 -19.22 -16.18
CA HIS C 175 23.01 -19.60 -16.12
CA HIS C 175 23.01 -19.60 -16.08
C HIS C 175 22.83 -21.09 -15.83
N ALA C 176 23.85 -21.91 -16.11
CA ALA C 176 23.78 -23.35 -15.93
C ALA C 176 24.54 -23.84 -14.71
N ILE C 177 25.13 -22.93 -13.93
CA ILE C 177 25.83 -23.34 -12.72
C ILE C 177 24.83 -23.87 -11.71
N MET C 178 25.08 -25.08 -11.20
CA MET C 178 24.24 -25.71 -10.20
C MET C 178 24.96 -25.68 -8.85
N ARG C 179 24.22 -25.37 -7.80
CA ARG C 179 24.75 -25.36 -6.44
C ARG C 179 23.95 -26.31 -5.57
N LEU C 180 24.64 -27.22 -4.90
CA LEU C 180 24.02 -28.17 -3.98
C LEU C 180 24.71 -28.06 -2.64
N ASP C 181 23.95 -27.72 -1.60
CA ASP C 181 24.50 -27.50 -0.27
C ASP C 181 24.67 -28.81 0.51
N LEU C 182 24.95 -29.89 -0.20
CA LEU C 182 25.20 -31.20 0.41
C LEU C 182 26.60 -31.63 -0.02
N ALA C 183 27.50 -31.76 0.95
CA ALA C 183 28.87 -32.15 0.61
C ALA C 183 29.51 -33.01 1.70
N GLY C 184 30.79 -32.76 1.97
CA GLY C 184 31.56 -33.56 2.90
C GLY C 184 31.01 -33.62 4.32
N ARG C 185 30.87 -32.46 4.98
CA ARG C 185 30.44 -32.47 6.38
C ARG C 185 29.02 -33.02 6.53
N ASP C 186 28.20 -32.94 5.48
CA ASP C 186 26.90 -33.59 5.53
C ASP C 186 27.04 -35.11 5.54
N LEU C 187 28.10 -35.64 4.94
CA LEU C 187 28.28 -37.08 4.84
C LEU C 187 28.84 -37.67 6.13
N THR C 188 29.80 -36.99 6.77
CA THR C 188 30.31 -37.49 8.04
C THR C 188 29.25 -37.43 9.13
N ASP C 189 28.40 -36.41 9.10
CA ASP C 189 27.30 -36.35 10.07
C ASP C 189 26.30 -37.47 9.84
N TYR C 190 26.04 -37.80 8.58
CA TYR C 190 25.15 -38.91 8.28
C TYR C 190 25.80 -40.25 8.63
N LEU C 191 27.12 -40.34 8.53
CA LEU C 191 27.80 -41.57 8.93
C LEU C 191 27.72 -41.77 10.44
N MET C 192 27.76 -40.68 11.21
CA MET C 192 27.53 -40.80 12.66
C MET C 192 26.12 -41.29 12.94
N LYS C 193 25.14 -40.76 12.21
CA LYS C 193 23.74 -41.12 12.46
C LYS C 193 23.49 -42.59 12.19
N ILE C 194 24.09 -43.14 11.14
CA ILE C 194 23.83 -44.53 10.80
C ILE C 194 24.75 -45.47 11.60
N LEU C 195 25.94 -45.02 11.97
CA LEU C 195 26.78 -45.84 12.85
C LEU C 195 26.22 -45.88 14.26
N THR C 196 25.54 -44.82 14.69
CA THR C 196 24.87 -44.86 15.98
C THR C 196 23.71 -45.85 15.98
N GLU C 197 22.96 -45.91 14.88
CA GLU C 197 21.76 -46.74 14.80
C GLU C 197 22.05 -48.21 14.53
N ARG C 198 23.32 -48.62 14.58
CA ARG C 198 23.66 -50.03 14.49
C ARG C 198 24.24 -50.58 15.78
N GLY C 199 24.46 -49.71 16.78
CA GLY C 199 24.97 -50.15 18.06
C GLY C 199 25.98 -49.20 18.66
N TYR C 200 26.86 -48.65 17.82
CA TYR C 200 27.91 -47.76 18.30
C TYR C 200 27.31 -46.43 18.73
N SER C 201 28.17 -45.54 19.24
CA SER C 201 27.75 -44.22 19.68
C SER C 201 28.81 -43.21 19.28
N PHE C 202 28.51 -42.38 18.29
CA PHE C 202 29.40 -41.32 17.82
C PHE C 202 28.63 -40.00 17.91
N VAL C 203 28.67 -39.38 19.09
CA VAL C 203 27.96 -38.12 19.32
C VAL C 203 28.96 -37.07 19.77
N THR C 204 30.04 -37.51 20.43
CA THR C 204 31.06 -36.59 20.93
C THR C 204 31.73 -35.88 19.77
N THR C 205 32.12 -34.62 20.00
CA THR C 205 32.83 -33.86 18.98
C THR C 205 34.18 -34.49 18.65
N ALA C 206 34.84 -35.10 19.64
CA ALA C 206 36.07 -35.81 19.36
C ALA C 206 35.82 -37.08 18.55
N GLU C 207 34.66 -37.70 18.75
CA GLU C 207 34.30 -38.88 17.97
C GLU C 207 33.98 -38.54 16.52
N ARG C 208 33.70 -37.27 16.21
CA ARG C 208 33.45 -36.89 14.82
C ARG C 208 34.73 -36.97 14.00
N GLU C 209 35.86 -36.57 14.59
CA GLU C 209 37.15 -36.71 13.89
C GLU C 209 37.47 -38.17 13.60
N ILE C 210 36.98 -39.08 14.43
CA ILE C 210 37.19 -40.50 14.18
C ILE C 210 36.28 -40.99 13.06
N VAL C 211 35.02 -40.53 13.06
CA VAL C 211 34.10 -40.89 11.99
C VAL C 211 34.61 -40.37 10.64
N ARG C 212 35.15 -39.15 10.64
CA ARG C 212 35.69 -38.58 9.41
C ARG C 212 36.84 -39.42 8.87
N ASP C 213 37.61 -40.06 9.75
CA ASP C 213 38.67 -40.94 9.29
C ASP C 213 38.09 -42.25 8.76
N ILE C 214 37.03 -42.76 9.40
CA ILE C 214 36.36 -43.95 8.89
C ILE C 214 35.76 -43.68 7.52
N LYS C 215 35.26 -42.46 7.31
CA LYS C 215 34.67 -42.10 6.02
C LYS C 215 35.71 -42.08 4.92
N GLU C 216 36.86 -41.45 5.17
CA GLU C 216 37.87 -41.28 4.14
C GLU C 216 38.64 -42.55 3.82
N LYS C 217 38.53 -43.58 4.65
CA LYS C 217 39.32 -44.79 4.47
C LYS C 217 38.53 -46.03 4.10
N LEU C 218 37.24 -46.11 4.47
CA LEU C 218 36.47 -47.32 4.27
C LEU C 218 35.20 -47.13 3.45
N CYS C 219 34.82 -45.90 3.11
CA CYS C 219 33.60 -45.68 2.37
C CYS C 219 33.87 -45.71 0.87
N TYR C 220 32.84 -46.08 0.11
CA TYR C 220 32.94 -46.16 -1.34
C TYR C 220 31.56 -45.99 -1.93
N VAL C 221 31.51 -45.76 -3.25
CA VAL C 221 30.26 -45.58 -3.98
C VAL C 221 29.96 -46.85 -4.75
N ALA C 222 28.76 -47.39 -4.55
CA ALA C 222 28.35 -48.63 -5.19
C ALA C 222 27.83 -48.36 -6.60
N LEU C 223 28.21 -49.23 -7.54
CA LEU C 223 27.72 -49.11 -8.91
C LEU C 223 26.20 -49.27 -8.95
N ASP C 224 25.66 -50.23 -8.19
CA ASP C 224 24.23 -50.39 -8.01
C ASP C 224 23.96 -50.46 -6.52
N PHE C 225 23.18 -49.51 -6.01
CA PHE C 225 22.96 -49.42 -4.56
C PHE C 225 22.08 -50.57 -4.08
N GLU C 226 20.96 -50.81 -4.76
CA GLU C 226 20.06 -51.89 -4.34
C GLU C 226 20.74 -53.23 -4.36
N ASN C 227 21.59 -53.49 -5.36
CA ASN C 227 22.31 -54.76 -5.43
C ASN C 227 23.35 -54.86 -4.31
N GLU C 228 24.13 -53.79 -4.11
CA GLU C 228 25.13 -53.81 -3.05
C GLU C 228 24.49 -53.92 -1.68
N MET C 229 23.25 -53.43 -1.53
CA MET C 229 22.53 -53.60 -0.28
C MET C 229 22.08 -55.05 -0.10
N ALA C 230 21.65 -55.69 -1.19
CA ALA C 230 21.28 -57.11 -1.11
C ALA C 230 22.48 -57.99 -0.81
N THR C 231 23.66 -57.61 -1.32
CA THR C 231 24.87 -58.38 -1.01
C THR C 231 25.21 -58.30 0.47
N ALA C 232 25.09 -57.10 1.06
CA ALA C 232 25.34 -56.96 2.49
C ALA C 232 24.31 -57.70 3.33
N ALA C 233 23.11 -57.93 2.80
CA ALA C 233 22.08 -58.62 3.56
C ALA C 233 22.24 -60.13 3.55
N SER C 234 22.91 -60.68 2.54
CA SER C 234 23.10 -62.12 2.42
C SER C 234 24.55 -62.54 2.57
N SER C 235 25.48 -61.60 2.76
CA SER C 235 26.89 -61.92 2.90
C SER C 235 27.54 -60.90 3.83
N SER C 236 28.70 -61.28 4.35
CA SER C 236 29.51 -60.39 5.18
C SER C 236 30.82 -60.00 4.50
N SER C 237 30.90 -60.17 3.17
CA SER C 237 32.14 -59.90 2.47
C SER C 237 32.47 -58.42 2.41
N LEU C 238 31.45 -57.55 2.40
CA LEU C 238 31.66 -56.11 2.31
C LEU C 238 32.01 -55.47 3.65
N GLU C 239 31.99 -56.23 4.75
CA GLU C 239 32.25 -55.66 6.06
C GLU C 239 33.74 -55.43 6.26
N LYS C 240 34.08 -54.24 6.77
CA LYS C 240 35.45 -53.88 7.09
C LYS C 240 35.56 -53.57 8.58
N SER C 241 36.79 -53.62 9.08
CA SER C 241 37.07 -53.35 10.48
C SER C 241 37.89 -52.07 10.63
N TYR C 242 37.75 -51.43 11.79
CA TYR C 242 38.43 -50.16 12.08
C TYR C 242 38.84 -50.14 13.54
N GLU C 243 40.05 -49.63 13.80
CA GLU C 243 40.59 -49.53 15.14
C GLU C 243 40.33 -48.13 15.69
N LEU C 244 39.52 -48.04 16.74
CA LEU C 244 39.34 -46.79 17.44
C LEU C 244 40.59 -46.44 18.24
N PRO C 245 40.78 -45.16 18.57
CA PRO C 245 42.00 -44.79 19.31
C PRO C 245 42.12 -45.44 20.68
N ASP C 246 41.03 -45.98 21.24
CA ASP C 246 41.09 -46.66 22.53
C ASP C 246 41.40 -48.13 22.41
N GLY C 247 41.50 -48.67 21.18
CA GLY C 247 41.85 -50.05 20.95
C GLY C 247 40.69 -50.90 20.44
N GLN C 248 39.46 -50.57 20.82
CA GLN C 248 38.31 -51.36 20.42
C GLN C 248 38.14 -51.34 18.91
N VAL C 249 37.99 -52.53 18.32
CA VAL C 249 37.79 -52.69 16.89
C VAL C 249 36.29 -52.83 16.63
N ILE C 250 35.78 -52.05 15.68
CA ILE C 250 34.37 -52.08 15.30
C ILE C 250 34.26 -52.61 13.87
N THR C 251 33.03 -52.90 13.47
CA THR C 251 32.74 -53.44 12.15
C THR C 251 31.73 -52.54 11.44
N ILE C 252 32.14 -51.97 10.32
CA ILE C 252 31.27 -51.14 9.50
C ILE C 252 30.75 -52.00 8.35
N GLY C 253 29.42 -52.01 8.18
CA GLY C 253 28.81 -52.83 7.16
C GLY C 253 28.32 -52.03 5.97
N ASN C 254 27.00 -52.07 5.72
CA ASN C 254 26.44 -51.33 4.60
C ASN C 254 26.65 -49.82 4.73
N GLU C 255 27.02 -49.34 5.92
CA GLU C 255 27.31 -47.93 6.10
C GLU C 255 28.47 -47.45 5.24
N ARG C 256 29.30 -48.37 4.74
CA ARG C 256 30.42 -47.99 3.89
C ARG C 256 29.93 -47.30 2.62
N PHE C 257 28.90 -47.85 1.98
CA PHE C 257 28.37 -47.28 0.75
C PHE C 257 27.03 -46.56 0.92
N ARG C 258 26.41 -46.65 2.11
CA ARG C 258 25.22 -45.85 2.35
C ARG C 258 25.56 -44.39 2.64
N CYS C 259 26.72 -44.13 3.23
CA CYS C 259 27.15 -42.77 3.47
C CYS C 259 27.39 -41.99 2.17
N PRO C 260 28.19 -42.47 1.21
CA PRO C 260 28.36 -41.69 -0.03
C PRO C 260 27.13 -41.68 -0.92
N GLU C 261 26.22 -42.65 -0.75
CA GLU C 261 25.01 -42.70 -1.56
C GLU C 261 24.17 -41.44 -1.42
N THR C 262 24.34 -40.70 -0.32
CA THR C 262 23.59 -39.46 -0.12
C THR C 262 23.88 -38.46 -1.22
N LEU C 263 25.07 -38.53 -1.84
CA LEU C 263 25.37 -37.66 -2.96
C LEU C 263 24.43 -37.89 -4.13
N PHE C 264 23.88 -39.09 -4.25
CA PHE C 264 22.95 -39.44 -5.32
C PHE C 264 21.51 -39.48 -4.88
N GLN C 265 21.26 -39.74 -3.59
CA GLN C 265 19.91 -39.76 -3.02
C GLN C 265 19.88 -38.81 -1.83
N PRO C 266 19.77 -37.50 -2.08
CA PRO C 266 19.79 -36.54 -0.97
C PRO C 266 18.66 -36.71 0.03
N SER C 267 17.65 -37.51 -0.28
CA SER C 267 16.59 -37.78 0.69
C SER C 267 17.08 -38.59 1.89
N PHE C 268 18.30 -39.13 1.83
CA PHE C 268 18.85 -39.84 2.98
C PHE C 268 19.03 -38.92 4.17
N ILE C 269 19.26 -37.63 3.94
CA ILE C 269 19.40 -36.66 5.01
C ILE C 269 18.28 -35.62 4.97
N GLY C 270 17.15 -35.97 4.34
CA GLY C 270 16.00 -35.09 4.34
C GLY C 270 16.10 -33.90 3.43
N MET C 271 16.83 -34.01 2.32
CA MET C 271 16.93 -32.94 1.34
C MET C 271 16.06 -33.26 0.13
N GLU C 272 15.35 -32.24 -0.36
CA GLU C 272 14.49 -32.39 -1.53
C GLU C 272 15.25 -32.34 -2.84
N SER C 273 16.50 -31.86 -2.83
CA SER C 273 17.27 -31.68 -4.05
C SER C 273 17.55 -33.02 -4.73
N ALA C 274 18.02 -32.95 -5.97
CA ALA C 274 18.38 -34.12 -6.75
C ALA C 274 19.84 -34.48 -6.55
N GLY C 275 20.19 -35.72 -6.89
CA GLY C 275 21.55 -36.20 -6.73
C GLY C 275 22.53 -35.49 -7.66
N ILE C 276 23.81 -35.70 -7.38
CA ILE C 276 24.85 -35.05 -8.16
C ILE C 276 24.83 -35.47 -9.61
N HIS C 277 24.23 -36.62 -9.93
CA HIS C 277 24.13 -37.04 -11.32
C HIS C 277 23.05 -36.27 -12.06
N GLU C 278 21.91 -36.02 -11.41
CA GLU C 278 20.85 -35.25 -12.05
C GLU C 278 21.23 -33.78 -12.16
N THR C 279 21.94 -33.25 -11.16
CA THR C 279 22.36 -31.86 -11.25
C THR C 279 23.41 -31.66 -12.32
N THR C 280 24.27 -32.67 -12.55
CA THR C 280 25.22 -32.60 -13.66
C THR C 280 24.47 -32.65 -14.99
N TYR C 281 23.53 -33.58 -15.13
CA TYR C 281 22.77 -33.70 -16.37
C TYR C 281 21.91 -32.46 -16.61
N ASN C 282 21.19 -32.01 -15.57
CA ASN C 282 20.37 -30.81 -15.72
C ASN C 282 21.21 -29.59 -16.03
N SER C 283 22.44 -29.53 -15.52
CA SER C 283 23.32 -28.41 -15.84
C SER C 283 23.69 -28.41 -17.32
N ILE C 284 24.06 -29.59 -17.85
CA ILE C 284 24.41 -29.68 -19.27
C ILE C 284 23.22 -29.31 -20.14
N MET C 285 22.03 -29.76 -19.76
CA MET C 285 20.83 -29.48 -20.55
C MET C 285 20.41 -28.01 -20.48
N LYS C 286 20.95 -27.24 -19.54
CA LYS C 286 20.72 -25.80 -19.55
C LYS C 286 21.67 -25.06 -20.47
N CYS C 287 22.70 -25.74 -20.98
CA CYS C 287 23.60 -25.13 -21.94
C CYS C 287 23.05 -25.26 -23.35
N ASP C 288 23.56 -24.42 -24.25
CA ASP C 288 23.12 -24.46 -25.63
C ASP C 288 23.43 -25.81 -26.26
N ILE C 289 22.52 -26.25 -27.15
CA ILE C 289 22.53 -27.64 -27.61
C ILE C 289 23.84 -27.98 -28.32
N ASP C 290 24.51 -26.99 -28.92
CA ASP C 290 25.72 -27.25 -29.68
C ASP C 290 26.96 -27.47 -28.82
N ILE C 291 26.86 -27.33 -27.49
CA ILE C 291 28.01 -27.54 -26.62
C ILE C 291 27.82 -28.70 -25.66
N ARG C 292 26.70 -29.41 -25.73
CA ARG C 292 26.45 -30.49 -24.77
C ARG C 292 27.32 -31.70 -25.05
N LYS C 293 27.69 -31.96 -26.30
CA LYS C 293 28.48 -33.14 -26.63
C LYS C 293 29.85 -33.09 -25.97
N ASP C 294 30.50 -31.92 -26.00
CA ASP C 294 31.81 -31.81 -25.38
C ASP C 294 31.74 -31.87 -23.86
N LEU C 295 30.65 -31.35 -23.26
CA LEU C 295 30.51 -31.44 -21.82
C LEU C 295 30.32 -32.87 -21.36
N TYR C 296 29.52 -33.65 -22.10
CA TYR C 296 29.31 -35.05 -21.79
C TYR C 296 30.64 -35.81 -21.72
N ALA C 297 31.59 -35.47 -22.59
CA ALA C 297 32.85 -36.17 -22.67
C ALA C 297 33.95 -35.51 -21.86
N ASN C 298 33.61 -34.53 -21.02
CA ASN C 298 34.59 -33.84 -20.18
C ASN C 298 33.96 -33.51 -18.82
N ASN C 299 33.58 -34.55 -18.08
CA ASN C 299 33.11 -34.41 -16.71
C ASN C 299 34.31 -34.47 -15.78
N VAL C 300 34.84 -33.32 -15.39
CA VAL C 300 36.01 -33.24 -14.54
C VAL C 300 35.56 -33.17 -13.09
N MET C 301 36.22 -33.94 -12.23
CA MET C 301 35.88 -34.00 -10.82
C MET C 301 36.98 -33.34 -9.98
N SER C 302 36.55 -32.55 -9.00
CA SER C 302 37.47 -31.89 -8.08
C SER C 302 36.85 -31.87 -6.70
N GLY C 303 37.70 -31.83 -5.69
CA GLY C 303 37.22 -31.78 -4.31
C GLY C 303 37.39 -33.11 -3.61
N GLY C 304 37.57 -33.03 -2.29
CA GLY C 304 37.84 -34.24 -1.51
C GLY C 304 36.67 -35.20 -1.49
N THR C 305 35.46 -34.69 -1.71
CA THR C 305 34.27 -35.54 -1.71
C THR C 305 34.11 -36.31 -3.01
N THR C 306 34.86 -35.97 -4.06
CA THR C 306 34.91 -36.80 -5.26
C THR C 306 35.99 -37.86 -5.18
N MET C 307 36.59 -38.07 -4.01
CA MET C 307 37.67 -39.04 -3.85
C MET C 307 37.19 -40.43 -3.47
N TYR C 308 35.88 -40.63 -3.33
CA TYR C 308 35.38 -41.95 -2.96
C TYR C 308 35.69 -42.95 -4.07
N PRO C 309 36.17 -44.14 -3.73
CA PRO C 309 36.32 -45.19 -4.76
C PRO C 309 34.96 -45.57 -5.33
N GLY C 310 34.88 -45.56 -6.67
CA GLY C 310 33.69 -45.96 -7.37
C GLY C 310 32.77 -44.84 -7.78
N ILE C 311 33.05 -43.60 -7.38
CA ILE C 311 32.14 -42.51 -7.70
C ILE C 311 32.24 -42.12 -9.17
N ALA C 312 33.41 -42.31 -9.78
CA ALA C 312 33.54 -42.01 -11.20
C ALA C 312 32.81 -43.04 -12.05
N ASP C 313 32.90 -44.32 -11.68
CA ASP C 313 32.22 -45.37 -12.44
C ASP C 313 30.71 -45.26 -12.30
N ARG C 314 30.23 -44.87 -11.12
CA ARG C 314 28.79 -44.74 -10.92
C ARG C 314 28.24 -43.49 -11.59
N MET C 315 29.02 -42.40 -11.62
CA MET C 315 28.57 -41.23 -12.35
C MET C 315 28.50 -41.48 -13.85
N GLN C 316 29.39 -42.31 -14.39
CA GLN C 316 29.30 -42.64 -15.80
C GLN C 316 28.04 -43.44 -16.10
N LYS C 317 27.68 -44.38 -15.23
CA LYS C 317 26.46 -45.15 -15.44
C LYS C 317 25.22 -44.26 -15.35
N GLU C 318 25.18 -43.36 -14.36
CA GLU C 318 23.98 -42.56 -14.14
C GLU C 318 23.77 -41.53 -15.25
N ILE C 319 24.85 -40.87 -15.68
CA ILE C 319 24.72 -39.90 -16.77
C ILE C 319 24.38 -40.61 -18.08
N THR C 320 24.94 -41.80 -18.30
CA THR C 320 24.65 -42.54 -19.52
C THR C 320 23.17 -42.88 -19.62
N ALA C 321 22.52 -43.16 -18.48
CA ALA C 321 21.10 -43.48 -18.51
C ALA C 321 20.26 -42.24 -18.81
N LEU C 322 20.69 -41.07 -18.32
CA LEU C 322 19.92 -39.85 -18.54
C LEU C 322 20.15 -39.24 -19.91
N ALA C 323 21.33 -39.44 -20.49
CA ALA C 323 21.71 -38.83 -21.75
C ALA C 323 21.33 -39.74 -22.92
N PRO C 324 21.28 -39.19 -24.13
CA PRO C 324 21.01 -40.04 -25.30
C PRO C 324 22.09 -41.09 -25.49
N SER C 325 21.69 -42.23 -26.05
CA SER C 325 22.60 -43.35 -26.21
C SER C 325 23.75 -43.04 -27.15
N THR C 326 23.54 -42.12 -28.10
CA THR C 326 24.57 -41.77 -29.07
C THR C 326 25.65 -40.87 -28.50
N MET C 327 25.55 -40.46 -27.23
CA MET C 327 26.52 -39.57 -26.62
C MET C 327 27.55 -40.37 -25.83
N LYS C 328 28.82 -39.98 -25.95
CA LYS C 328 29.90 -40.57 -25.18
C LYS C 328 30.05 -39.84 -23.85
N ILE C 329 29.78 -40.52 -22.76
CA ILE C 329 29.99 -39.97 -21.43
C ILE C 329 31.38 -40.35 -20.96
N LYS C 330 32.14 -39.37 -20.49
CA LYS C 330 33.44 -39.62 -19.90
C LYS C 330 33.58 -38.82 -18.62
N ILE C 331 34.04 -39.48 -17.56
CA ILE C 331 34.29 -38.85 -16.27
C ILE C 331 35.79 -38.77 -16.07
N ILE C 332 36.32 -37.56 -15.99
CA ILE C 332 37.74 -37.34 -15.72
C ILE C 332 37.91 -37.25 -14.21
N ALA C 333 38.72 -38.14 -13.64
CA ALA C 333 38.99 -38.19 -12.21
C ALA C 333 40.49 -38.08 -11.99
N PRO C 334 41.04 -36.86 -12.02
CA PRO C 334 42.48 -36.68 -11.82
C PRO C 334 42.92 -37.23 -10.47
N PRO C 335 44.10 -37.83 -10.39
CA PRO C 335 44.53 -38.42 -9.11
C PRO C 335 44.74 -37.40 -8.01
N GLU C 336 45.05 -36.15 -8.36
CA GLU C 336 45.31 -35.11 -7.36
C GLU C 336 44.14 -34.14 -7.24
N ARG C 337 42.91 -34.60 -7.54
CA ARG C 337 41.77 -33.70 -7.62
C ARG C 337 41.38 -33.09 -6.28
N LYS C 338 41.94 -33.58 -5.17
CA LYS C 338 41.64 -32.96 -3.89
C LYS C 338 42.23 -31.56 -3.79
N TYR C 339 43.33 -31.30 -4.48
CA TYR C 339 43.97 -29.99 -4.48
C TYR C 339 44.07 -29.42 -5.90
N SER C 340 43.17 -29.83 -6.79
CA SER C 340 43.27 -29.38 -8.18
C SER C 340 43.01 -27.88 -8.31
N VAL C 341 42.19 -27.33 -7.43
CA VAL C 341 41.98 -25.88 -7.44
C VAL C 341 43.28 -25.16 -7.14
N TRP C 342 43.95 -25.55 -6.06
CA TRP C 342 45.21 -24.90 -5.70
C TRP C 342 46.28 -25.16 -6.75
N ILE C 343 46.34 -26.39 -7.27
CA ILE C 343 47.33 -26.71 -8.30
C ILE C 343 47.13 -25.84 -9.53
N GLY C 344 45.87 -25.67 -9.95
CA GLY C 344 45.59 -24.77 -11.06
C GLY C 344 46.05 -23.34 -10.79
N GLY C 345 45.80 -22.85 -9.57
CA GLY C 345 46.27 -21.52 -9.22
C GLY C 345 47.78 -21.42 -9.15
N SER C 346 48.45 -22.49 -8.71
CA SER C 346 49.90 -22.48 -8.64
C SER C 346 50.54 -22.42 -10.02
N ILE C 347 49.90 -23.03 -11.01
CA ILE C 347 50.42 -22.94 -12.37
C ILE C 347 50.17 -21.56 -12.96
N LEU C 348 48.97 -21.02 -12.74
CA LEU C 348 48.63 -19.72 -13.31
C LEU C 348 49.50 -18.61 -12.73
N ALA C 349 49.62 -18.57 -11.40
CA ALA C 349 50.40 -17.52 -10.75
C ALA C 349 51.89 -17.63 -11.05
N SER C 350 52.36 -18.77 -11.53
CA SER C 350 53.76 -18.96 -11.88
C SER C 350 54.06 -18.64 -13.33
N LEU C 351 53.04 -18.49 -14.18
CA LEU C 351 53.28 -18.18 -15.58
C LEU C 351 53.83 -16.77 -15.73
N SER C 352 54.91 -16.63 -16.51
CA SER C 352 55.49 -15.32 -16.76
C SER C 352 54.56 -14.41 -17.54
N THR C 353 53.59 -14.98 -18.26
CA THR C 353 52.59 -14.18 -18.97
C THR C 353 51.47 -13.69 -18.07
N PHE C 354 51.53 -13.97 -16.76
CA PHE C 354 50.49 -13.58 -15.82
C PHE C 354 50.84 -12.34 -15.01
N GLN C 355 52.11 -11.94 -14.99
CA GLN C 355 52.54 -10.80 -14.19
C GLN C 355 51.91 -9.48 -14.65
N GLN C 356 51.27 -9.47 -15.82
CA GLN C 356 50.51 -8.31 -16.27
C GLN C 356 49.05 -8.35 -15.85
N MET C 357 48.59 -9.48 -15.30
CA MET C 357 47.22 -9.62 -14.87
C MET C 357 47.00 -9.24 -13.41
N TRP C 358 48.07 -9.15 -12.62
CA TRP C 358 47.94 -8.79 -11.22
C TRP C 358 47.34 -7.39 -11.08
N ILE C 359 46.60 -7.19 -10.00
CA ILE C 359 46.08 -5.88 -9.63
C ILE C 359 47.07 -5.27 -8.65
N THR C 360 47.76 -4.22 -9.07
CA THR C 360 48.76 -3.61 -8.22
C THR C 360 48.11 -2.64 -7.24
N LYS C 361 48.84 -2.36 -6.15
CA LYS C 361 48.34 -1.44 -5.13
C LYS C 361 48.11 -0.05 -5.71
N GLN C 362 48.99 0.38 -6.62
CA GLN C 362 48.82 1.69 -7.25
C GLN C 362 47.53 1.77 -8.04
N GLU C 363 47.15 0.66 -8.70
CA GLU C 363 45.89 0.64 -9.43
C GLU C 363 44.70 0.68 -8.48
N TYR C 364 44.80 0.01 -7.34
CA TYR C 364 43.71 0.02 -6.36
C TYR C 364 43.51 1.41 -5.77
N ASP C 365 44.60 2.13 -5.52
CA ASP C 365 44.49 3.46 -4.92
C ASP C 365 43.75 4.43 -5.83
N GLU C 366 43.83 4.23 -7.14
CA GLU C 366 43.17 5.13 -8.09
C GLU C 366 41.73 4.75 -8.38
N ALA C 367 41.39 3.46 -8.36
CA ALA C 367 40.09 3.00 -8.78
C ALA C 367 39.29 2.30 -7.68
N GLY C 368 39.92 1.85 -6.62
CA GLY C 368 39.22 1.18 -5.56
C GLY C 368 39.04 -0.30 -5.82
N PRO C 369 38.24 -0.97 -4.98
CA PRO C 369 38.09 -2.43 -5.11
C PRO C 369 37.32 -2.86 -6.34
N SER C 370 36.60 -1.96 -7.02
CA SER C 370 35.85 -2.34 -8.21
C SER C 370 36.77 -2.70 -9.38
N ILE C 371 38.07 -2.44 -9.28
CA ILE C 371 38.99 -2.80 -10.35
C ILE C 371 39.12 -4.31 -10.49
N VAL C 372 38.77 -5.08 -9.46
CA VAL C 372 38.85 -6.53 -9.54
C VAL C 372 37.86 -7.07 -10.57
N HIS C 373 36.82 -6.31 -10.90
CA HIS C 373 35.88 -6.72 -11.94
C HIS C 373 36.38 -6.40 -13.34
N ARG C 374 37.44 -5.58 -13.47
CA ARG C 374 37.99 -5.20 -14.76
C ARG C 374 39.16 -6.09 -15.16
N LYS C 375 40.20 -6.14 -14.34
CA LYS C 375 41.36 -6.97 -14.67
C LYS C 375 41.06 -8.44 -14.45
N CYS C 376 40.49 -8.80 -13.31
CA CYS C 376 39.98 -10.15 -13.12
C CYS C 376 38.58 -10.26 -13.72
N PHE C 377 38.07 -11.49 -13.73
CA PHE C 377 36.76 -11.76 -14.33
C PHE C 377 36.17 -13.07 -13.83
N THR D 1 42.74 -9.26 -78.49
CA THR D 1 42.21 -10.26 -79.42
C THR D 1 43.14 -11.47 -79.52
N ASP D 2 42.55 -12.66 -79.48
CA ASP D 2 43.33 -13.88 -79.53
C ASP D 2 44.09 -13.96 -80.85
N PRO D 3 45.41 -14.22 -80.83
CA PRO D 3 46.17 -14.25 -82.08
C PRO D 3 45.69 -15.31 -83.06
N ALA D 4 45.08 -16.39 -82.57
CA ALA D 4 44.55 -17.42 -83.46
C ALA D 4 43.36 -16.93 -84.29
N PHE D 5 42.78 -15.79 -83.93
CA PHE D 5 41.68 -15.21 -84.70
C PHE D 5 42.14 -14.07 -85.60
N ARG D 6 43.41 -13.67 -85.51
CA ARG D 6 43.90 -12.51 -86.26
C ARG D 6 43.76 -12.72 -87.76
N SER D 7 44.21 -13.88 -88.25
CA SER D 7 44.23 -14.19 -89.67
C SER D 7 42.88 -14.65 -90.21
N VAL D 8 41.82 -14.51 -89.44
CA VAL D 8 40.49 -14.87 -89.94
C VAL D 8 40.09 -13.91 -91.05
N PRO D 9 39.68 -14.40 -92.22
CA PRO D 9 39.26 -13.49 -93.29
C PRO D 9 38.05 -12.67 -92.87
N LYS D 10 38.18 -11.35 -92.97
CA LYS D 10 37.16 -10.41 -92.53
C LYS D 10 36.29 -10.04 -93.73
N GLY D 11 35.05 -10.54 -93.73
CA GLY D 11 34.10 -10.24 -94.77
C GLY D 11 34.20 -11.10 -96.02
N THR D 12 35.26 -11.89 -96.16
CA THR D 12 35.42 -12.79 -97.29
C THR D 12 35.14 -14.23 -96.88
N PRO D 13 34.79 -15.10 -97.82
CA PRO D 13 34.46 -16.49 -97.46
C PRO D 13 35.67 -17.22 -96.87
N CYS D 14 35.37 -18.17 -95.98
CA CYS D 14 36.38 -18.99 -95.33
C CYS D 14 35.71 -20.16 -94.65
N PHE D 15 36.52 -21.11 -94.19
CA PHE D 15 36.04 -22.23 -93.37
C PHE D 15 37.20 -22.66 -92.48
N LEU D 16 37.14 -22.28 -91.21
CA LEU D 16 38.24 -22.50 -90.27
C LEU D 16 37.75 -23.32 -89.08
N ILE D 17 38.65 -24.16 -88.56
CA ILE D 17 38.35 -25.01 -87.41
C ILE D 17 39.51 -24.93 -86.43
N TRP D 18 39.19 -24.62 -85.17
CA TRP D 18 40.15 -24.65 -84.08
C TRP D 18 39.78 -25.75 -83.11
N ARG D 19 40.76 -26.17 -82.31
CA ARG D 19 40.53 -27.10 -81.21
C ARG D 19 41.04 -26.49 -79.92
N ILE D 20 40.24 -26.61 -78.86
CA ILE D 20 40.61 -26.06 -77.56
C ILE D 20 41.68 -26.94 -76.94
N GLU D 21 42.83 -26.34 -76.61
CA GLU D 21 43.95 -27.06 -76.04
C GLU D 21 44.54 -26.19 -74.93
N ASN D 22 44.33 -26.59 -73.68
CA ASN D 22 44.85 -25.88 -72.52
C ASN D 22 44.43 -24.41 -72.55
N PHE D 23 43.11 -24.21 -72.64
CA PHE D 23 42.43 -22.92 -72.62
C PHE D 23 42.75 -22.03 -73.82
N GLN D 24 43.34 -22.59 -74.88
CA GLN D 24 43.72 -21.79 -76.04
C GLN D 24 43.18 -22.40 -77.33
N PRO D 25 42.68 -21.58 -78.26
CA PRO D 25 42.26 -22.09 -79.58
C PRO D 25 43.49 -22.36 -80.44
N VAL D 26 43.66 -23.62 -80.83
CA VAL D 26 44.76 -24.04 -81.68
C VAL D 26 44.19 -24.46 -83.03
N PRO D 27 44.65 -23.88 -84.14
CA PRO D 27 44.07 -24.23 -85.44
C PRO D 27 44.31 -25.68 -85.79
N VAL D 28 43.27 -26.32 -86.32
CA VAL D 28 43.33 -27.71 -86.78
C VAL D 28 44.04 -27.73 -88.13
N PRO D 29 44.92 -28.70 -88.38
CA PRO D 29 45.52 -28.83 -89.71
C PRO D 29 44.45 -29.04 -90.77
N LYS D 30 44.64 -28.38 -91.92
CA LYS D 30 43.60 -28.37 -92.95
C LYS D 30 43.30 -29.77 -93.49
N ASP D 31 44.31 -30.63 -93.54
CA ASP D 31 44.10 -31.98 -94.03
C ASP D 31 43.31 -32.86 -93.06
N GLN D 32 43.17 -32.43 -91.81
CA GLN D 32 42.43 -33.20 -90.81
C GLN D 32 41.04 -32.64 -90.54
N TYR D 33 40.57 -31.69 -91.36
CA TYR D 33 39.22 -31.17 -91.20
C TYR D 33 38.21 -32.29 -91.38
N GLY D 34 37.33 -32.45 -90.38
CA GLY D 34 36.33 -33.51 -90.37
C GLY D 34 36.57 -34.55 -89.30
N ASN D 35 37.79 -34.69 -88.80
CA ASN D 35 38.12 -35.61 -87.73
C ASN D 35 38.08 -34.84 -86.40
N PHE D 36 37.12 -35.17 -85.55
CA PHE D 36 36.97 -34.56 -84.24
C PHE D 36 37.23 -35.61 -83.17
N PHE D 37 38.09 -35.28 -82.21
CA PHE D 37 38.34 -36.17 -81.08
C PHE D 37 37.18 -36.10 -80.10
N GLU D 38 36.77 -37.27 -79.60
CA GLU D 38 35.62 -37.35 -78.71
C GLU D 38 35.87 -36.64 -77.39
N GLY D 39 37.13 -36.52 -76.97
CA GLY D 39 37.44 -35.93 -75.70
C GLY D 39 37.86 -34.48 -75.76
N ASP D 40 37.53 -33.79 -76.86
CA ASP D 40 37.96 -32.42 -77.07
C ASP D 40 36.79 -31.56 -77.50
N ALA D 41 37.02 -30.25 -77.51
CA ALA D 41 36.03 -29.27 -77.93
C ALA D 41 36.63 -28.40 -79.03
N TYR D 42 35.81 -28.05 -80.01
CA TYR D 42 36.27 -27.34 -81.20
C TYR D 42 35.42 -26.11 -81.44
N ILE D 43 35.88 -25.27 -82.37
CA ILE D 43 35.15 -24.10 -82.84
C ILE D 43 35.25 -24.05 -84.35
N ILE D 44 34.11 -23.93 -85.03
CA ILE D 44 34.03 -23.98 -86.48
C ILE D 44 33.40 -22.70 -86.99
N LEU D 45 34.11 -22.01 -87.89
CA LEU D 45 33.63 -20.77 -88.49
C LEU D 45 33.35 -21.01 -89.97
N SER D 46 32.12 -20.71 -90.39
CA SER D 46 31.68 -20.93 -91.77
C SER D 46 31.17 -19.61 -92.35
N GLN D 47 32.06 -18.88 -93.01
CA GLN D 47 31.69 -17.67 -93.74
C GLN D 47 31.47 -18.04 -95.20
N LYS D 48 30.21 -18.03 -95.63
CA LYS D 48 29.85 -18.43 -96.98
C LYS D 48 29.03 -17.32 -97.63
N ASP D 49 29.21 -17.13 -98.92
CA ASP D 49 28.50 -16.10 -99.67
C ASP D 49 27.32 -16.72 -100.41
N ASN D 50 26.18 -16.05 -100.35
CA ASN D 50 24.94 -16.56 -100.94
C ASN D 50 24.21 -15.40 -101.61
N LYS D 51 24.38 -15.27 -102.92
CA LYS D 51 23.71 -14.25 -103.73
C LYS D 51 24.01 -12.84 -103.22
N GLY D 52 25.24 -12.62 -102.77
CA GLY D 52 25.68 -11.32 -102.31
C GLY D 52 25.44 -11.05 -100.84
N ILE D 53 24.80 -11.96 -100.11
CA ILE D 53 24.56 -11.82 -98.68
C ILE D 53 25.50 -12.79 -97.97
N LEU D 54 26.39 -12.25 -97.15
CA LEU D 54 27.41 -13.06 -96.48
C LEU D 54 26.79 -13.79 -95.29
N GLU D 55 26.84 -15.12 -95.33
CA GLU D 55 26.35 -15.95 -94.24
C GLU D 55 27.51 -16.30 -93.31
N GLN D 56 27.38 -15.94 -92.03
CA GLN D 56 28.41 -16.20 -91.03
C GLN D 56 27.80 -17.06 -89.92
N ASN D 57 28.18 -18.33 -89.88
CA ASN D 57 27.71 -19.25 -88.86
C ASN D 57 28.88 -19.71 -88.00
N LEU D 58 28.75 -19.57 -86.69
CA LEU D 58 29.77 -19.99 -85.74
C LEU D 58 29.23 -21.18 -84.95
N HIS D 59 29.97 -22.28 -84.97
CA HIS D 59 29.62 -23.48 -84.22
C HIS D 59 30.76 -23.81 -83.27
N PHE D 60 30.43 -24.22 -82.05
CA PHE D 60 31.40 -24.79 -81.14
C PHE D 60 30.95 -26.21 -80.82
N TRP D 61 31.81 -27.18 -81.10
CA TRP D 61 31.49 -28.60 -81.05
C TRP D 61 32.03 -29.19 -79.76
N LEU D 62 31.20 -29.95 -79.06
CA LEU D 62 31.55 -30.53 -77.77
C LEU D 62 31.52 -32.05 -77.88
N GLY D 63 32.68 -32.67 -77.69
CA GLY D 63 32.73 -34.12 -77.65
C GLY D 63 32.03 -34.68 -76.44
N LYS D 64 31.62 -35.95 -76.55
CA LYS D 64 30.89 -36.58 -75.45
C LYS D 64 31.76 -36.80 -74.22
N ASN D 65 33.08 -36.74 -74.36
CA ASN D 65 34.00 -36.89 -73.25
C ASN D 65 34.87 -35.65 -73.06
N SER D 66 34.45 -34.51 -73.59
CA SER D 66 35.19 -33.27 -73.38
C SER D 66 35.00 -32.78 -71.96
N SER D 67 36.06 -32.24 -71.38
CA SER D 67 36.04 -31.80 -69.99
C SER D 67 35.45 -30.39 -69.89
N GLN D 68 35.13 -30.00 -68.66
CA GLN D 68 34.41 -28.75 -68.44
C GLN D 68 35.24 -27.53 -68.83
N ASP D 69 36.54 -27.57 -68.58
CA ASP D 69 37.40 -26.45 -68.96
C ASP D 69 37.42 -26.25 -70.46
N GLU D 70 37.20 -27.31 -71.24
CA GLU D 70 37.21 -27.19 -72.69
C GLU D 70 35.87 -26.68 -73.21
N GLN D 71 34.76 -27.19 -72.66
CA GLN D 71 33.45 -26.68 -73.05
C GLN D 71 33.30 -25.22 -72.68
N GLY D 72 33.80 -24.83 -71.50
CA GLY D 72 33.76 -23.44 -71.12
C GLY D 72 34.63 -22.56 -72.00
N THR D 73 35.87 -23.01 -72.26
CA THR D 73 36.76 -22.25 -73.13
C THR D 73 36.22 -22.14 -74.54
N ALA D 74 35.54 -23.19 -75.02
CA ALA D 74 34.93 -23.13 -76.35
C ALA D 74 33.80 -22.11 -76.38
N ALA D 75 32.95 -22.10 -75.36
CA ALA D 75 31.88 -21.11 -75.30
C ALA D 75 32.45 -19.69 -75.21
N LEU D 76 33.44 -19.49 -74.32
CA LEU D 76 34.02 -18.17 -74.13
C LEU D 76 34.69 -17.67 -75.41
N LYS D 77 35.48 -18.54 -76.06
CA LYS D 77 36.19 -18.13 -77.26
C LYS D 77 35.24 -17.93 -78.43
N THR D 78 34.15 -18.70 -78.49
CA THR D 78 33.13 -18.47 -79.51
C THR D 78 32.59 -17.04 -79.43
N VAL D 79 32.39 -16.53 -78.21
CA VAL D 79 31.89 -15.18 -78.03
C VAL D 79 32.94 -14.15 -78.43
N GLU D 80 34.20 -14.40 -78.06
CA GLU D 80 35.28 -13.51 -78.46
C GLU D 80 35.35 -13.38 -79.97
N LEU D 81 35.29 -14.50 -80.68
CA LEU D 81 35.35 -14.47 -82.14
C LEU D 81 34.12 -13.81 -82.73
N ASP D 82 32.94 -14.03 -82.12
CA ASP D 82 31.72 -13.39 -82.62
C ASP D 82 31.81 -11.87 -82.45
N ASP D 83 32.32 -11.41 -81.31
CA ASP D 83 32.48 -9.97 -81.12
C ASP D 83 33.60 -9.42 -81.99
N TYR D 84 34.64 -10.21 -82.23
CA TYR D 84 35.74 -9.77 -83.07
C TYR D 84 35.29 -9.60 -84.52
N LEU D 85 34.31 -10.38 -84.96
CA LEU D 85 33.73 -10.24 -86.28
C LEU D 85 32.50 -9.34 -86.29
N GLY D 86 32.39 -8.44 -85.31
CA GLY D 86 31.32 -7.45 -85.31
C GLY D 86 29.97 -7.94 -84.81
N GLY D 87 29.88 -9.17 -84.34
CA GLY D 87 28.63 -9.69 -83.82
C GLY D 87 27.65 -10.21 -84.85
N THR D 88 27.92 -10.00 -86.13
CA THR D 88 27.04 -10.55 -87.16
C THR D 88 26.98 -12.08 -87.19
N PRO D 89 28.05 -12.83 -86.88
CA PRO D 89 27.91 -14.30 -86.91
C PRO D 89 26.83 -14.82 -85.97
N VAL D 90 26.23 -15.94 -86.35
CA VAL D 90 25.23 -16.62 -85.55
C VAL D 90 25.89 -17.82 -84.86
N GLN D 91 25.67 -17.94 -83.56
CA GLN D 91 26.32 -18.98 -82.77
C GLN D 91 25.46 -20.23 -82.71
N HIS D 92 26.12 -21.39 -82.72
CA HIS D 92 25.46 -22.68 -82.68
C HIS D 92 26.21 -23.60 -81.72
N ARG D 93 25.46 -24.29 -80.87
CA ARG D 93 26.03 -25.27 -79.95
C ARG D 93 25.81 -26.66 -80.53
N GLU D 94 26.92 -27.38 -80.77
CA GLU D 94 26.88 -28.68 -81.43
C GLU D 94 27.42 -29.74 -80.48
N CYS D 95 26.58 -30.71 -80.15
CA CYS D 95 26.98 -31.85 -79.34
C CYS D 95 27.15 -33.09 -80.23
N GLN D 96 28.08 -33.95 -79.85
CA GLN D 96 28.36 -35.15 -80.62
C GLN D 96 27.12 -36.03 -80.72
N ASN D 97 26.92 -36.64 -81.89
CA ASN D 97 25.80 -37.50 -82.22
C ASN D 97 24.46 -36.79 -82.23
N ASN D 98 24.46 -35.46 -82.19
CA ASN D 98 23.21 -34.71 -82.25
C ASN D 98 23.46 -33.32 -82.84
N GLU D 99 24.35 -33.24 -83.83
CA GLU D 99 24.67 -31.97 -84.46
C GLU D 99 23.54 -31.55 -85.41
N SER D 100 23.49 -30.25 -85.69
CA SER D 100 22.48 -29.71 -86.57
C SER D 100 22.78 -30.05 -88.03
N LYS D 101 21.76 -29.91 -88.88
CA LYS D 101 21.93 -30.21 -90.29
C LYS D 101 22.95 -29.28 -90.93
N LEU D 102 22.94 -27.99 -90.56
CA LEU D 102 23.89 -27.05 -91.11
C LEU D 102 25.33 -27.47 -90.80
N PHE D 103 25.57 -27.97 -89.59
CA PHE D 103 26.90 -28.43 -89.24
C PHE D 103 27.28 -29.69 -90.01
N LEU D 104 26.31 -30.59 -90.20
CA LEU D 104 26.56 -31.83 -90.93
C LEU D 104 26.75 -31.60 -92.43
N SER D 105 26.19 -30.53 -92.98
CA SER D 105 26.33 -30.27 -94.41
C SER D 105 27.75 -29.85 -94.77
N TYR D 106 28.49 -29.27 -93.82
CA TYR D 106 29.87 -28.90 -94.09
C TYR D 106 30.73 -30.11 -94.43
N PHE D 107 30.34 -31.31 -94.00
CA PHE D 107 31.14 -32.49 -94.23
C PHE D 107 30.35 -33.51 -95.04
N LYS D 108 29.72 -33.05 -96.12
CA LYS D 108 28.88 -33.91 -96.95
C LYS D 108 29.68 -35.01 -97.65
N ASN D 109 31.01 -34.95 -97.60
CA ASN D 109 31.85 -35.97 -98.22
C ASN D 109 31.96 -37.22 -97.37
N LYS D 110 31.10 -37.38 -96.35
CA LYS D 110 31.19 -38.46 -95.38
C LYS D 110 32.53 -38.44 -94.65
N SER D 111 33.13 -37.26 -94.53
CA SER D 111 34.41 -37.07 -93.87
C SER D 111 34.26 -36.80 -92.38
N LEU D 112 33.04 -36.75 -91.85
CA LEU D 112 32.80 -36.48 -90.45
C LEU D 112 33.06 -37.76 -89.65
N LYS D 113 34.16 -37.78 -88.90
CA LYS D 113 34.58 -38.95 -88.14
C LYS D 113 34.90 -38.56 -86.71
N TYR D 114 34.53 -39.43 -85.77
CA TYR D 114 34.81 -39.23 -84.36
C TYR D 114 36.02 -40.06 -83.99
N LEU D 115 37.12 -39.41 -83.65
CA LEU D 115 38.33 -40.09 -83.23
C LEU D 115 38.32 -40.29 -81.71
N GLN D 116 38.99 -41.35 -81.27
CA GLN D 116 39.05 -41.66 -79.86
C GLN D 116 40.08 -40.79 -79.15
N GLY D 117 39.81 -40.48 -77.90
CA GLY D 117 40.75 -39.72 -77.08
C GLY D 117 40.63 -38.22 -77.26
N GLY D 118 41.71 -37.55 -76.91
CA GLY D 118 41.77 -36.10 -76.98
C GLY D 118 42.90 -35.57 -76.13
N VAL D 119 43.16 -34.27 -76.30
CA VAL D 119 44.20 -33.62 -75.51
C VAL D 119 43.76 -33.51 -74.05
N ALA D 120 44.74 -33.42 -73.16
CA ALA D 120 44.46 -33.42 -71.73
C ALA D 120 43.72 -32.16 -71.31
N SER D 121 42.97 -32.28 -70.22
CA SER D 121 42.27 -31.14 -69.65
C SER D 121 43.26 -30.16 -69.03
N GLY D 122 43.00 -28.87 -69.22
CA GLY D 122 43.83 -27.85 -68.61
C GLY D 122 43.58 -27.63 -67.13
N PHE D 123 42.57 -28.28 -66.58
CA PHE D 123 42.24 -28.11 -65.16
C PHE D 123 43.21 -28.88 -64.29
N ASN D 124 43.56 -28.28 -63.15
CA ASN D 124 44.26 -28.99 -62.09
C ASN D 124 43.23 -29.59 -61.16
N HIS D 125 43.44 -30.84 -60.77
CA HIS D 125 42.48 -31.57 -59.96
C HIS D 125 42.80 -31.37 -58.48
N VAL D 126 41.90 -30.68 -57.77
CA VAL D 126 42.03 -30.50 -56.32
C VAL D 126 41.68 -31.80 -55.63
N GLU D 127 42.57 -32.27 -54.76
CA GLU D 127 42.43 -33.59 -54.13
C GLU D 127 41.97 -33.53 -52.68
N HIS D 128 42.35 -32.49 -51.94
CA HIS D 128 42.09 -32.41 -50.50
C HIS D 128 42.68 -33.62 -49.80
N ILE D 129 44.01 -33.61 -49.62
CA ILE D 129 44.73 -34.73 -49.02
C ILE D 129 44.97 -34.42 -47.55
N VAL D 130 45.01 -35.47 -46.73
CA VAL D 130 45.17 -35.36 -45.29
C VAL D 130 46.59 -35.79 -44.92
N ARG D 131 47.25 -34.96 -44.12
CA ARG D 131 48.61 -35.23 -43.67
C ARG D 131 48.53 -35.83 -42.26
N ARG D 132 48.45 -37.16 -42.19
CA ARG D 132 48.39 -37.85 -40.92
C ARG D 132 49.78 -37.96 -40.33
N ARG D 133 49.93 -37.55 -39.07
CA ARG D 133 51.24 -37.50 -38.45
C ARG D 133 51.11 -37.76 -36.95
N LEU D 134 52.26 -38.06 -36.33
CA LEU D 134 52.35 -38.37 -34.91
C LEU D 134 53.37 -37.44 -34.28
N LEU D 135 52.89 -36.47 -33.50
CA LEU D 135 53.74 -35.45 -32.91
C LEU D 135 53.98 -35.73 -31.43
N SER D 136 55.13 -35.28 -30.94
CA SER D 136 55.52 -35.46 -29.55
C SER D 136 55.69 -34.11 -28.88
N VAL D 137 55.23 -34.02 -27.63
CA VAL D 137 55.38 -32.82 -26.82
C VAL D 137 56.23 -33.21 -25.61
N LYS D 138 57.37 -32.53 -25.44
CA LYS D 138 58.34 -32.90 -24.42
C LYS D 138 59.10 -31.66 -23.99
N GLY D 139 59.31 -31.54 -22.68
CA GLY D 139 60.03 -30.41 -22.15
C GLY D 139 59.81 -30.29 -20.65
N LYS D 140 60.48 -29.29 -20.07
CA LYS D 140 60.38 -29.03 -18.64
C LYS D 140 59.65 -27.72 -18.34
N HIS D 141 60.00 -26.64 -19.02
CA HIS D 141 59.35 -25.35 -18.83
C HIS D 141 58.41 -25.02 -19.99
N THR D 142 58.95 -24.86 -21.20
CA THR D 142 58.15 -24.71 -22.42
C THR D 142 58.31 -25.95 -23.26
N PRO D 143 57.42 -26.93 -23.15
CA PRO D 143 57.56 -28.17 -23.92
C PRO D 143 57.52 -27.90 -25.41
N ARG D 144 58.45 -28.51 -26.13
CA ARG D 144 58.58 -28.32 -27.57
C ARG D 144 57.94 -29.48 -28.33
N MET D 145 57.66 -29.25 -29.60
CA MET D 145 56.99 -30.22 -30.45
C MET D 145 57.94 -30.76 -31.50
N GLU D 146 57.74 -32.02 -31.86
CA GLU D 146 58.54 -32.69 -32.88
C GLU D 146 57.68 -33.74 -33.57
N GLU D 147 57.79 -33.82 -34.89
CA GLU D 147 57.03 -34.78 -35.68
C GLU D 147 57.84 -36.06 -35.80
N LYS D 148 57.26 -37.18 -35.35
CA LYS D 148 57.94 -38.46 -35.45
C LYS D 148 57.88 -38.98 -36.88
N PRO D 149 58.93 -39.69 -37.32
CA PRO D 149 58.97 -40.11 -38.74
C PRO D 149 57.86 -41.07 -39.14
N GLU D 150 57.34 -41.86 -38.21
CA GLU D 150 56.29 -42.83 -38.52
C GLU D 150 55.29 -42.87 -37.38
N ILE D 151 54.18 -43.55 -37.63
CA ILE D 151 53.12 -43.68 -36.64
C ILE D 151 53.12 -45.11 -36.09
N SER D 152 53.86 -45.33 -35.00
CA SER D 152 53.89 -46.61 -34.32
C SER D 152 54.22 -46.37 -32.85
N TRP D 153 53.91 -47.37 -32.03
CA TRP D 153 54.24 -47.28 -30.61
C TRP D 153 55.75 -47.20 -30.38
N SER D 154 56.56 -47.62 -31.35
CA SER D 154 58.01 -47.56 -31.19
C SER D 154 58.50 -46.12 -31.10
N GLN D 155 57.75 -45.18 -31.66
CA GLN D 155 58.11 -43.76 -31.61
C GLN D 155 57.59 -43.07 -30.37
N MET D 156 56.99 -43.81 -29.44
CA MET D 156 56.35 -43.23 -28.27
C MET D 156 56.98 -43.79 -27.00
N ASN D 157 56.94 -42.99 -25.94
CA ASN D 157 57.38 -43.42 -24.61
C ASN D 157 56.35 -43.00 -23.58
N LYS D 158 56.43 -43.59 -22.41
CA LYS D 158 55.43 -43.42 -21.37
C LYS D 158 55.68 -42.20 -20.48
N GLY D 159 56.63 -41.34 -20.85
CA GLY D 159 56.94 -40.18 -20.03
C GLY D 159 56.66 -38.85 -20.68
N ASP D 160 56.11 -38.88 -21.89
CA ASP D 160 55.80 -37.66 -22.64
C ASP D 160 54.35 -37.70 -23.12
N VAL D 161 53.96 -36.66 -23.82
CA VAL D 161 52.62 -36.53 -24.40
C VAL D 161 52.74 -36.55 -25.91
N PHE D 162 51.86 -37.30 -26.56
CA PHE D 162 51.90 -37.48 -28.00
C PHE D 162 50.56 -37.11 -28.61
N ILE D 163 50.62 -36.49 -29.79
CA ILE D 163 49.43 -36.07 -30.53
C ILE D 163 49.36 -36.91 -31.81
N LEU D 164 48.20 -37.52 -32.04
CA LEU D 164 47.91 -38.25 -33.27
C LEU D 164 46.98 -37.39 -34.11
N ASP D 165 47.56 -36.62 -35.01
CA ASP D 165 46.81 -35.72 -35.89
C ASP D 165 46.32 -36.50 -37.10
N LEU D 166 45.00 -36.68 -37.19
CA LEU D 166 44.37 -37.37 -38.31
C LEU D 166 43.46 -36.45 -39.08
N GLY D 167 43.78 -35.16 -39.14
CA GLY D 167 42.96 -34.20 -39.83
C GLY D 167 41.87 -33.61 -38.96
N GLU D 168 40.64 -34.12 -39.11
CA GLU D 168 39.51 -33.67 -38.31
C GLU D 168 39.34 -34.48 -37.03
N ILE D 169 40.27 -35.40 -36.74
CA ILE D 169 40.29 -36.14 -35.49
C ILE D 169 41.69 -36.04 -34.91
N ILE D 170 41.78 -35.54 -33.68
CA ILE D 170 43.05 -35.32 -33.00
C ILE D 170 43.03 -36.08 -31.69
N TYR D 171 44.03 -36.95 -31.49
CA TYR D 171 44.17 -37.71 -30.26
C TYR D 171 45.32 -37.15 -29.45
N VAL D 172 45.03 -36.76 -28.20
CA VAL D 172 46.05 -36.34 -27.25
C VAL D 172 46.28 -37.50 -26.30
N TRP D 173 47.44 -38.16 -26.44
CA TRP D 173 47.79 -39.32 -25.63
C TRP D 173 48.75 -38.86 -24.53
N ASN D 174 48.30 -38.96 -23.27
CA ASN D 174 49.10 -38.55 -22.13
C ASN D 174 49.80 -39.77 -21.55
N GLY D 175 51.14 -39.72 -21.52
CA GLY D 175 51.90 -40.81 -20.95
C GLY D 175 51.67 -40.93 -19.45
N GLU D 176 51.88 -42.14 -18.95
CA GLU D 176 51.65 -42.41 -17.53
C GLU D 176 52.56 -41.56 -16.64
N LEU D 177 53.73 -41.18 -17.15
CA LEU D 177 54.69 -40.38 -16.39
C LEU D 177 54.96 -39.04 -17.05
N CYS D 178 53.98 -38.50 -17.77
CA CYS D 178 54.11 -37.19 -18.36
C CYS D 178 53.96 -36.11 -17.29
N SER D 179 54.67 -35.01 -17.48
CA SER D 179 54.57 -33.89 -16.55
C SER D 179 53.28 -33.13 -16.79
N ARG D 180 52.80 -32.46 -15.74
CA ARG D 180 51.60 -31.65 -15.88
C ARG D 180 51.82 -30.49 -16.84
N THR D 181 53.04 -29.95 -16.89
CA THR D 181 53.35 -28.89 -17.84
C THR D 181 53.22 -29.37 -19.28
N GLU D 182 53.71 -30.58 -19.57
CA GLU D 182 53.60 -31.12 -20.92
C GLU D 182 52.14 -31.39 -21.29
N ARG D 183 51.34 -31.85 -20.33
CA ARG D 183 49.92 -32.08 -20.58
C ARG D 183 49.22 -30.79 -20.96
N ILE D 184 49.58 -29.68 -20.32
CA ILE D 184 48.91 -28.41 -20.58
C ILE D 184 49.35 -27.84 -21.93
N LYS D 185 50.64 -27.95 -22.27
CA LYS D 185 51.11 -27.39 -23.53
C LYS D 185 50.58 -28.20 -24.72
N ALA D 186 50.45 -29.52 -24.56
CA ALA D 186 49.95 -30.34 -25.66
C ALA D 186 48.49 -30.02 -25.98
N MET D 187 47.70 -29.72 -24.96
CA MET D 187 46.31 -29.33 -25.20
C MET D 187 46.24 -27.96 -25.90
N GLU D 188 47.15 -27.05 -25.56
CA GLU D 188 47.22 -25.78 -26.28
C GLU D 188 47.60 -26.01 -27.74
N ILE D 189 48.59 -26.87 -27.98
CA ILE D 189 49.00 -27.17 -29.36
C ILE D 189 47.84 -27.81 -30.12
N ALA D 190 47.18 -28.78 -29.49
CA ALA D 190 46.05 -29.44 -30.14
C ALA D 190 44.93 -28.46 -30.45
N ARG D 191 44.54 -27.64 -29.45
CA ARG D 191 43.53 -26.63 -29.69
C ARG D 191 43.96 -25.64 -30.76
N GLY D 192 45.26 -25.36 -30.86
CA GLY D 192 45.75 -24.47 -31.91
C GLY D 192 45.57 -25.05 -33.29
N MET D 193 45.92 -26.32 -33.47
CA MET D 193 45.72 -26.99 -34.76
C MET D 193 44.26 -26.97 -35.17
N ARG D 194 43.37 -27.35 -34.25
CA ARG D 194 41.94 -27.40 -34.56
C ARG D 194 41.42 -26.04 -34.99
N ASP D 195 41.85 -24.98 -34.29
CA ASP D 195 41.33 -23.65 -34.60
C ASP D 195 41.88 -23.11 -35.92
N ASP D 196 43.12 -23.46 -36.27
CA ASP D 196 43.65 -23.03 -37.56
C ASP D 196 42.90 -23.66 -38.72
N ARG D 197 42.29 -24.82 -38.50
CA ARG D 197 41.54 -25.51 -39.54
C ARG D 197 40.05 -25.25 -39.49
N GLY D 198 39.51 -24.87 -38.32
CA GLY D 198 38.11 -24.57 -38.17
C GLY D 198 37.24 -25.77 -37.81
N THR D 199 37.74 -26.98 -37.96
CA THR D 199 36.98 -28.18 -37.65
C THR D 199 37.92 -29.22 -37.06
N GLY D 200 37.37 -30.10 -36.25
CA GLY D 200 38.13 -31.16 -35.60
C GLY D 200 37.65 -31.37 -34.19
N ASN D 201 37.92 -32.57 -33.67
CA ASN D 201 37.54 -32.93 -32.30
C ASN D 201 38.76 -33.51 -31.61
N ILE D 202 39.13 -32.90 -30.48
CA ILE D 202 40.24 -33.39 -29.67
C ILE D 202 39.73 -34.52 -28.79
N ILE D 203 40.42 -35.67 -28.83
CA ILE D 203 40.07 -36.83 -28.02
C ILE D 203 41.24 -37.10 -27.09
N VAL D 204 41.05 -36.82 -25.80
CA VAL D 204 42.09 -37.03 -24.80
C VAL D 204 42.03 -38.47 -24.32
N VAL D 205 43.16 -39.15 -24.33
CA VAL D 205 43.28 -40.52 -23.85
C VAL D 205 44.46 -40.61 -22.90
N GLU D 206 44.32 -41.42 -21.86
CA GLU D 206 45.38 -41.65 -20.89
C GLU D 206 46.10 -42.95 -21.20
N ASP D 207 47.39 -42.98 -20.85
CA ASP D 207 48.18 -44.20 -20.98
C ASP D 207 47.54 -45.33 -20.18
N GLY D 208 47.18 -46.41 -20.88
CA GLY D 208 46.55 -47.56 -20.28
C GLY D 208 45.05 -47.65 -20.53
N GLU D 209 44.39 -46.52 -20.77
CA GLU D 209 42.95 -46.48 -20.98
C GLU D 209 42.59 -46.46 -22.46
N GLU D 210 43.32 -47.19 -23.29
CA GLU D 210 43.04 -47.25 -24.73
C GLU D 210 42.08 -48.40 -25.04
N THR D 211 40.89 -48.32 -24.47
CA THR D 211 39.87 -49.34 -24.59
C THR D 211 38.64 -48.78 -25.29
N PRO D 212 37.80 -49.65 -25.88
CA PRO D 212 36.54 -49.17 -26.44
C PRO D 212 35.59 -48.61 -25.39
N ASP D 213 35.64 -49.13 -24.15
CA ASP D 213 34.75 -48.64 -23.11
C ASP D 213 35.18 -47.30 -22.57
N ASP D 214 36.48 -46.97 -22.63
CA ASP D 214 36.97 -45.69 -22.14
C ASP D 214 36.96 -44.61 -23.20
N MET D 215 37.17 -44.97 -24.47
CA MET D 215 37.22 -43.99 -25.55
C MET D 215 35.93 -43.92 -26.36
N GLY D 216 35.15 -44.98 -26.36
CA GLY D 216 34.06 -45.10 -27.31
C GLY D 216 34.43 -46.03 -28.46
N GLU D 217 33.44 -46.74 -28.98
CA GLU D 217 33.70 -47.76 -30.00
C GLU D 217 34.29 -47.14 -31.25
N GLU D 218 33.59 -46.18 -31.86
CA GLU D 218 34.08 -45.56 -33.08
C GLU D 218 35.36 -44.77 -32.84
N GLU D 219 35.53 -44.21 -31.63
CA GLU D 219 36.75 -43.48 -31.34
C GLU D 219 37.95 -44.40 -31.17
N PHE D 220 37.73 -45.61 -30.64
CA PHE D 220 38.81 -46.57 -30.48
C PHE D 220 39.14 -47.28 -31.79
N GLU D 221 38.14 -47.50 -32.65
CA GLU D 221 38.39 -48.18 -33.91
C GLU D 221 39.36 -47.39 -34.78
N VAL D 222 39.23 -46.06 -34.79
CA VAL D 222 40.14 -45.23 -35.55
C VAL D 222 41.52 -45.23 -34.90
N PHE D 223 41.57 -45.19 -33.57
CA PHE D 223 42.85 -45.18 -32.88
C PHE D 223 43.61 -46.49 -33.09
N ASN D 224 42.90 -47.61 -33.09
CA ASN D 224 43.55 -48.91 -33.30
C ASN D 224 43.97 -49.10 -34.74
N GLU D 225 43.34 -48.40 -35.69
CA GLU D 225 43.75 -48.49 -37.09
C GLU D 225 45.17 -47.97 -37.30
N TYR D 226 45.53 -46.90 -36.57
CA TYR D 226 46.84 -46.29 -36.69
C TYR D 226 47.78 -46.62 -35.56
N LEU D 227 47.27 -47.09 -34.42
CA LEU D 227 48.11 -47.49 -33.29
C LEU D 227 47.47 -48.67 -32.60
N PRO D 228 47.70 -49.89 -33.11
CA PRO D 228 47.10 -51.08 -32.50
C PRO D 228 47.57 -51.25 -31.06
N VAL D 229 46.63 -51.52 -30.16
CA VAL D 229 46.96 -51.66 -28.75
C VAL D 229 47.66 -52.96 -28.45
N ALA D 230 47.49 -53.97 -29.32
CA ALA D 230 48.15 -55.26 -29.08
C ALA D 230 49.67 -55.15 -29.25
N ASP D 231 50.13 -54.22 -30.08
CA ASP D 231 51.55 -54.01 -30.31
C ASP D 231 52.17 -53.02 -29.33
N LYS D 232 51.37 -52.42 -28.45
CA LYS D 232 51.89 -51.42 -27.52
C LYS D 232 52.89 -52.05 -26.56
N GLU D 233 52.48 -53.09 -25.83
CA GLU D 233 53.28 -53.66 -24.76
C GLU D 233 54.68 -54.05 -25.23
N ALA D 234 54.81 -54.45 -26.50
CA ALA D 234 56.10 -54.89 -27.01
C ALA D 234 56.98 -53.71 -27.41
N SER D 235 56.39 -52.64 -27.95
CA SER D 235 57.17 -51.58 -28.58
C SER D 235 57.20 -50.27 -27.80
N ILE D 236 56.26 -50.03 -26.89
CA ILE D 236 56.21 -48.75 -26.19
C ILE D 236 57.48 -48.56 -25.38
N LYS D 237 58.15 -47.42 -25.57
CA LYS D 237 59.35 -47.13 -24.82
C LYS D 237 59.00 -46.64 -23.42
N SER D 238 60.00 -46.64 -22.55
CA SER D 238 59.78 -46.27 -21.15
C SER D 238 60.10 -44.79 -20.95
N ALA D 239 59.93 -44.33 -19.70
CA ALA D 239 60.15 -42.93 -19.39
C ALA D 239 61.61 -42.55 -19.59
N GLU D 240 62.53 -43.29 -18.96
CA GLU D 240 63.95 -43.00 -19.11
C GLU D 240 64.42 -43.21 -20.54
N GLU D 241 63.90 -44.25 -21.21
CA GLU D 241 64.25 -44.51 -22.59
C GLU D 241 63.82 -43.38 -23.52
N GLY D 242 62.88 -42.55 -23.09
CA GLY D 242 62.43 -41.43 -23.91
C GLY D 242 63.33 -40.21 -23.89
N GLY D 243 64.28 -40.16 -22.95
CA GLY D 243 65.20 -39.05 -22.85
C GLY D 243 64.80 -38.08 -21.74
N ALA D 244 65.71 -37.14 -21.48
CA ALA D 244 65.51 -36.13 -20.45
C ALA D 244 64.73 -34.96 -21.04
N ASP D 245 63.71 -34.50 -20.32
CA ASP D 245 62.93 -33.35 -20.77
C ASP D 245 63.80 -32.11 -20.87
N GLU D 246 64.85 -32.01 -20.05
CA GLU D 246 65.70 -30.82 -20.08
C GLU D 246 66.53 -30.75 -21.36
N ASN D 247 67.11 -31.88 -21.77
CA ASN D 247 67.92 -31.89 -22.99
C ASN D 247 67.08 -31.62 -24.22
N PHE D 248 65.91 -32.26 -24.32
CA PHE D 248 65.04 -32.08 -25.48
C PHE D 248 64.68 -30.61 -25.67
N GLU D 249 64.42 -29.90 -24.58
CA GLU D 249 64.11 -28.48 -24.67
C GLU D 249 65.36 -27.64 -24.91
N LYS D 250 66.47 -28.01 -24.27
CA LYS D 250 67.71 -27.25 -24.43
C LYS D 250 68.18 -27.26 -25.88
N LYS D 251 68.15 -28.41 -26.52
CA LYS D 251 68.66 -28.52 -27.88
C LYS D 251 67.75 -27.82 -28.88
N LYS D 252 66.43 -28.00 -28.74
CA LYS D 252 65.51 -27.39 -29.70
C LYS D 252 65.46 -25.87 -29.58
N VAL D 253 65.83 -25.31 -28.43
CA VAL D 253 65.88 -23.86 -28.29
C VAL D 253 67.06 -23.30 -29.10
N ALA D 254 68.24 -23.88 -28.92
CA ALA D 254 69.40 -23.47 -29.71
C ALA D 254 69.25 -23.83 -31.19
N GLN D 255 68.39 -24.80 -31.50
CA GLN D 255 68.15 -25.18 -32.89
C GLN D 255 67.49 -24.05 -33.70
N LEU D 256 66.90 -23.07 -33.02
CA LEU D 256 66.12 -22.03 -33.68
C LEU D 256 66.99 -20.83 -34.01
N LYS D 257 66.89 -20.36 -35.26
CA LYS D 257 67.61 -19.18 -35.70
C LYS D 257 66.76 -18.43 -36.72
N LEU D 258 66.98 -17.12 -36.81
CA LEU D 258 66.19 -16.22 -37.65
C LEU D 258 67.11 -15.58 -38.69
N TRP D 259 66.77 -15.76 -39.96
CA TRP D 259 67.50 -15.16 -41.06
C TRP D 259 66.75 -13.95 -41.60
N LYS D 260 67.48 -13.08 -42.30
CA LYS D 260 66.91 -11.88 -42.90
C LYS D 260 67.26 -11.88 -44.38
N VAL D 261 66.24 -11.79 -45.23
CA VAL D 261 66.41 -11.69 -46.68
C VAL D 261 66.01 -10.27 -47.05
N ALA D 262 67.00 -9.39 -47.19
CA ALA D 262 66.76 -7.98 -47.47
C ALA D 262 67.43 -7.58 -48.78
N GLU D 263 66.80 -6.64 -49.47
CA GLU D 263 67.30 -6.09 -50.73
C GLU D 263 67.56 -4.61 -50.50
N GLU D 264 68.77 -4.28 -50.04
CA GLU D 264 69.18 -2.91 -49.78
C GLU D 264 70.18 -2.47 -50.85
N ASP D 265 69.95 -1.29 -51.41
CA ASP D 265 70.78 -0.74 -52.48
C ASP D 265 70.86 -1.67 -53.69
N GLY D 266 69.78 -2.41 -53.94
CA GLY D 266 69.74 -3.37 -55.02
C GLY D 266 70.53 -4.64 -54.79
N ASN D 267 71.03 -4.87 -53.58
CA ASN D 267 71.83 -6.04 -53.25
C ASN D 267 71.02 -6.96 -52.35
N LEU D 268 70.92 -8.23 -52.75
CA LEU D 268 70.22 -9.23 -51.96
C LEU D 268 71.21 -9.94 -51.05
N LYS D 269 71.03 -9.80 -49.74
CA LYS D 269 71.91 -10.41 -48.76
C LYS D 269 71.09 -11.19 -47.74
N ILE D 270 71.49 -12.43 -47.48
CA ILE D 270 70.87 -13.28 -46.48
C ILE D 270 71.70 -13.18 -45.20
N THR D 271 71.11 -12.64 -44.15
CA THR D 271 71.84 -12.33 -42.92
C THR D 271 71.14 -12.97 -41.73
N GLU D 272 71.90 -13.62 -40.87
CA GLU D 272 71.36 -14.17 -39.63
C GLU D 272 71.03 -13.01 -38.69
N GLU D 273 69.75 -12.88 -38.33
CA GLU D 273 69.28 -11.73 -37.58
C GLU D 273 69.41 -11.93 -36.07
N ALA D 274 68.89 -13.04 -35.55
CA ALA D 274 68.92 -13.31 -34.13
C ALA D 274 68.67 -14.78 -33.89
N THR D 275 68.74 -15.18 -32.63
CA THR D 275 68.43 -16.55 -32.22
C THR D 275 67.45 -16.54 -31.05
N ALA D 276 67.23 -17.70 -30.44
CA ALA D 276 66.25 -17.79 -29.37
C ALA D 276 66.70 -16.95 -28.17
N PRO D 277 65.78 -16.28 -27.47
CA PRO D 277 64.35 -16.22 -27.78
C PRO D 277 64.02 -15.25 -28.92
N LEU D 278 62.88 -15.46 -29.57
CA LEU D 278 62.47 -14.65 -30.70
C LEU D 278 61.16 -13.94 -30.37
N ASP D 279 61.01 -12.73 -30.90
CA ASP D 279 59.86 -11.88 -30.63
C ASP D 279 59.29 -11.36 -31.94
N LYS D 280 57.98 -11.08 -31.94
CA LYS D 280 57.30 -10.71 -33.17
C LYS D 280 57.84 -9.41 -33.76
N LYS D 281 58.31 -8.49 -32.92
CA LYS D 281 58.81 -7.22 -33.42
C LYS D 281 60.07 -7.38 -34.27
N MET D 282 60.74 -8.53 -34.19
CA MET D 282 61.89 -8.79 -35.05
C MET D 282 61.50 -8.88 -36.52
N LEU D 283 60.23 -9.15 -36.82
CA LEU D 283 59.76 -9.28 -38.19
C LEU D 283 59.31 -7.91 -38.71
N ASP D 284 59.96 -7.45 -39.78
CA ASP D 284 59.62 -6.17 -40.40
C ASP D 284 58.82 -6.42 -41.67
N SER D 285 57.80 -5.58 -41.89
CA SER D 285 56.94 -5.75 -43.06
C SER D 285 57.65 -5.41 -44.36
N ASN D 286 58.79 -4.74 -44.31
CA ASN D 286 59.47 -4.28 -45.51
C ASN D 286 60.46 -5.30 -46.07
N ASP D 287 60.64 -6.44 -45.41
CA ASP D 287 61.57 -7.46 -45.88
C ASP D 287 60.96 -8.84 -45.62
N CYS D 288 61.71 -9.88 -45.99
CA CYS D 288 61.34 -11.26 -45.72
C CYS D 288 62.26 -11.85 -44.66
N PHE D 289 61.74 -12.83 -43.92
CA PHE D 289 62.49 -13.46 -42.85
C PHE D 289 62.26 -14.97 -42.89
N ILE D 290 63.31 -15.73 -42.62
CA ILE D 290 63.26 -17.19 -42.60
C ILE D 290 63.44 -17.65 -41.16
N VAL D 291 62.48 -18.42 -40.66
CA VAL D 291 62.55 -18.98 -39.31
C VAL D 291 63.03 -20.42 -39.44
N ASP D 292 64.25 -20.66 -38.98
CA ASP D 292 64.91 -21.96 -39.12
C ASP D 292 64.69 -22.78 -37.85
N ASN D 293 63.88 -23.83 -37.95
CA ASN D 293 63.78 -24.83 -36.87
C ASN D 293 64.40 -26.16 -37.28
N GLY D 294 65.27 -26.14 -38.29
CA GLY D 294 66.03 -27.33 -38.64
C GLY D 294 65.16 -28.43 -39.23
N GLU D 295 65.39 -29.65 -38.77
CA GLU D 295 64.65 -30.80 -39.27
C GLU D 295 63.16 -30.73 -38.93
N ASP D 296 62.79 -29.98 -37.90
CA ASP D 296 61.39 -29.90 -37.50
C ASP D 296 60.58 -29.02 -38.44
N GLY D 297 61.22 -28.05 -39.10
CA GLY D 297 60.51 -27.21 -40.04
C GLY D 297 61.24 -25.93 -40.40
N ILE D 298 61.00 -25.43 -41.61
CA ILE D 298 61.54 -24.17 -42.07
C ILE D 298 60.37 -23.30 -42.52
N TRP D 299 60.35 -22.05 -42.06
CA TRP D 299 59.23 -21.16 -42.30
C TRP D 299 59.74 -19.89 -42.97
N VAL D 300 58.99 -19.40 -43.95
CA VAL D 300 59.35 -18.22 -44.72
C VAL D 300 58.30 -17.16 -44.44
N TRP D 301 58.67 -16.15 -43.65
CA TRP D 301 57.78 -15.04 -43.31
C TRP D 301 57.99 -13.94 -44.33
N THR D 302 56.96 -13.66 -45.14
CA THR D 302 57.03 -12.63 -46.17
C THR D 302 56.24 -11.41 -45.71
N GLY D 303 56.92 -10.28 -45.61
CA GLY D 303 56.25 -9.05 -45.19
C GLY D 303 55.30 -8.53 -46.25
N LYS D 304 54.40 -7.64 -45.82
CA LYS D 304 53.40 -7.10 -46.73
C LYS D 304 54.04 -6.21 -47.79
N LYS D 305 55.02 -5.41 -47.40
CA LYS D 305 55.69 -4.49 -48.31
C LYS D 305 57.08 -4.98 -48.70
N ALA D 306 57.23 -6.29 -48.91
CA ALA D 306 58.50 -6.86 -49.32
C ALA D 306 58.72 -6.63 -50.82
N SER D 307 59.84 -7.14 -51.31
CA SER D 307 60.19 -7.01 -52.71
C SER D 307 59.94 -8.32 -53.46
N PRO D 308 59.55 -8.25 -54.73
CA PRO D 308 59.36 -9.49 -55.50
C PRO D 308 60.62 -10.34 -55.59
N LYS D 309 61.81 -9.72 -55.65
CA LYS D 309 63.04 -10.49 -55.61
C LYS D 309 63.29 -11.05 -54.22
N GLU D 310 62.92 -10.29 -53.18
CA GLU D 310 63.03 -10.81 -51.82
C GLU D 310 62.08 -12.00 -51.61
N ARG D 311 60.87 -11.92 -52.16
CA ARG D 311 59.91 -13.00 -52.01
C ARG D 311 60.41 -14.27 -52.69
N LYS D 312 61.02 -14.14 -53.86
CA LYS D 312 61.49 -15.32 -54.59
C LYS D 312 62.71 -15.93 -53.93
N GLU D 313 63.74 -15.12 -53.68
CA GLU D 313 64.99 -15.66 -53.15
C GLU D 313 64.86 -16.16 -51.72
N SER D 314 63.87 -15.65 -50.96
CA SER D 314 63.68 -16.14 -49.60
C SER D 314 63.27 -17.61 -49.60
N MET D 315 62.40 -18.01 -50.53
CA MET D 315 61.97 -19.40 -50.59
C MET D 315 62.99 -20.29 -51.28
N ASN D 316 63.66 -19.78 -52.32
CA ASN D 316 64.70 -20.55 -52.99
C ASN D 316 65.86 -20.84 -52.04
N ASN D 317 66.23 -19.85 -51.21
CA ASN D 317 67.27 -20.10 -50.21
C ASN D 317 66.77 -21.01 -49.11
N ALA D 318 65.50 -20.92 -48.74
CA ALA D 318 64.93 -21.83 -47.75
C ALA D 318 64.83 -23.24 -48.31
N MET D 319 64.42 -23.37 -49.58
CA MET D 319 64.37 -24.68 -50.22
C MET D 319 65.76 -25.28 -50.38
N ALA D 320 66.80 -24.45 -50.39
CA ALA D 320 68.17 -24.96 -50.50
C ALA D 320 68.65 -25.55 -49.18
N PHE D 321 68.16 -25.04 -48.05
CA PHE D 321 68.55 -25.59 -46.75
C PHE D 321 68.26 -27.07 -46.65
N LEU D 322 67.20 -27.54 -47.32
CA LEU D 322 66.85 -28.95 -47.26
C LEU D 322 67.93 -29.82 -47.90
N LYS D 323 68.40 -29.43 -49.09
CA LYS D 323 69.36 -30.26 -49.81
C LYS D 323 70.78 -30.11 -49.27
N GLN D 324 71.16 -28.89 -48.90
CA GLN D 324 72.49 -28.67 -48.33
C GLN D 324 72.71 -29.53 -47.10
N ARG D 325 71.81 -29.45 -46.14
CA ARG D 325 71.86 -30.25 -44.93
C ARG D 325 71.33 -31.66 -45.14
N ASN D 326 70.82 -31.97 -46.33
CA ASN D 326 70.32 -33.30 -46.67
C ASN D 326 69.26 -33.77 -45.67
N TYR D 327 68.34 -32.87 -45.34
CA TYR D 327 67.25 -33.20 -44.43
C TYR D 327 66.36 -34.28 -45.04
N SER D 328 65.62 -34.96 -44.17
CA SER D 328 64.66 -35.96 -44.62
C SER D 328 63.53 -35.29 -45.39
N SER D 329 62.82 -36.09 -46.18
CA SER D 329 61.68 -35.57 -46.94
C SER D 329 60.54 -35.12 -46.03
N GLN D 330 60.54 -35.54 -44.75
CA GLN D 330 59.53 -35.06 -43.82
C GLN D 330 59.71 -33.58 -43.51
N THR D 331 60.94 -33.09 -43.52
CA THR D 331 61.19 -31.67 -43.28
C THR D 331 60.59 -30.84 -44.41
N ARG D 332 59.62 -30.01 -44.07
CA ARG D 332 58.93 -29.18 -45.04
C ARG D 332 59.29 -27.71 -44.83
N VAL D 333 58.98 -26.89 -45.84
CA VAL D 333 59.19 -25.46 -45.80
C VAL D 333 57.88 -24.78 -46.17
N THR D 334 57.40 -23.91 -45.28
CA THR D 334 56.09 -23.28 -45.41
C THR D 334 56.24 -21.79 -45.62
N LYS D 335 55.43 -21.23 -46.51
CA LYS D 335 55.36 -19.79 -46.71
C LYS D 335 54.28 -19.21 -45.81
N VAL D 336 54.66 -18.24 -45.00
CA VAL D 336 53.76 -17.60 -44.05
C VAL D 336 53.63 -16.12 -44.43
N PRO D 337 52.51 -15.72 -45.04
CA PRO D 337 52.29 -14.30 -45.28
C PRO D 337 51.95 -13.57 -44.00
N GLU D 338 52.35 -12.30 -43.94
CA GLU D 338 52.11 -11.49 -42.75
C GLU D 338 50.61 -11.33 -42.50
N GLY D 339 50.15 -11.83 -41.36
CA GLY D 339 48.75 -11.88 -41.02
C GLY D 339 48.15 -13.27 -41.09
N GLY D 340 48.84 -14.20 -41.75
CA GLY D 340 48.39 -15.58 -41.80
C GLY D 340 49.28 -16.49 -40.99
N GLU D 341 49.80 -15.99 -39.88
CA GLU D 341 50.64 -16.80 -39.00
C GLU D 341 49.80 -17.85 -38.30
N SER D 342 50.22 -19.11 -38.39
CA SER D 342 49.54 -20.21 -37.73
C SER D 342 50.02 -20.34 -36.29
N SER D 343 49.35 -21.23 -35.54
CA SER D 343 49.72 -21.43 -34.14
C SER D 343 51.11 -22.06 -34.02
N GLU D 344 51.45 -22.96 -34.93
CA GLU D 344 52.78 -23.57 -34.91
C GLU D 344 53.86 -22.54 -35.16
N PHE D 345 53.65 -21.65 -36.14
CA PHE D 345 54.62 -20.60 -36.41
C PHE D 345 54.79 -19.69 -35.20
N LYS D 346 53.68 -19.28 -34.57
CA LYS D 346 53.77 -18.43 -33.40
C LYS D 346 54.46 -19.13 -32.24
N SER D 347 54.29 -20.45 -32.13
CA SER D 347 54.92 -21.20 -31.04
C SER D 347 56.44 -21.15 -31.10
N LEU D 348 57.02 -20.83 -32.27
CA LEU D 348 58.45 -20.66 -32.37
C LEU D 348 58.93 -19.33 -31.80
N PHE D 349 58.01 -18.41 -31.51
CA PHE D 349 58.33 -17.12 -30.93
C PHE D 349 57.86 -17.09 -29.48
N LYS D 350 58.79 -16.84 -28.56
CA LYS D 350 58.42 -16.78 -27.14
C LYS D 350 57.53 -15.58 -26.84
N THR D 351 57.64 -14.52 -27.62
CA THR D 351 56.88 -13.28 -27.42
C THR D 351 56.10 -12.96 -28.68
N TRP D 352 54.79 -12.82 -28.56
CA TRP D 352 53.93 -12.52 -29.69
C TRP D 352 52.68 -11.81 -29.18
N GLU D 353 52.56 -10.53 -29.51
CA GLU D 353 51.41 -9.69 -29.13
C GLU D 353 51.38 -9.58 -27.60
N LYS D 354 50.21 -9.59 -26.97
CA LYS D 354 50.11 -9.48 -25.52
C LYS D 354 48.83 -10.17 -25.06
N THR D 355 48.69 -10.34 -23.76
CA THR D 355 47.54 -11.03 -23.21
C THR D 355 46.29 -10.15 -23.32
N LYS D 356 45.15 -10.72 -22.96
CA LYS D 356 43.84 -10.10 -23.15
C LYS D 356 43.31 -9.52 -21.84
N LEU D 357 43.91 -8.43 -21.40
CA LEU D 357 43.34 -7.68 -20.29
C LEU D 357 42.01 -7.06 -20.72
N PRO D 358 40.88 -7.43 -20.10
CA PRO D 358 39.54 -6.95 -20.48
C PRO D 358 39.40 -5.43 -20.44
N TYR D 364 29.26 -8.57 -26.21
CA TYR D 364 28.46 -8.25 -27.38
C TYR D 364 27.01 -8.66 -27.18
N SER D 365 26.09 -7.72 -27.35
CA SER D 365 24.67 -7.96 -27.22
C SER D 365 23.98 -7.60 -28.52
N VAL D 366 23.14 -8.51 -29.03
CA VAL D 366 22.44 -8.27 -30.29
C VAL D 366 21.45 -7.12 -30.14
N ASN D 367 20.88 -6.94 -28.95
CA ASN D 367 19.98 -5.82 -28.70
C ASN D 367 20.76 -4.52 -28.63
N LYS D 368 20.34 -3.52 -29.40
CA LYS D 368 21.03 -2.24 -29.50
C LYS D 368 20.12 -1.15 -28.94
N ILE D 369 20.63 -0.41 -27.95
CA ILE D 369 19.91 0.68 -27.30
C ILE D 369 20.35 1.98 -27.92
N ALA D 370 19.37 2.85 -28.22
CA ALA D 370 19.68 4.13 -28.86
C ALA D 370 20.54 5.00 -27.95
N GLN D 371 21.66 5.47 -28.48
CA GLN D 371 22.57 6.36 -27.76
C GLN D 371 22.53 7.72 -28.46
N THR D 372 21.64 8.59 -28.00
CA THR D 372 21.51 9.93 -28.53
C THR D 372 21.98 10.93 -27.48
N VAL D 373 23.00 11.72 -27.83
CA VAL D 373 23.57 12.69 -26.91
C VAL D 373 22.71 13.95 -26.91
N GLN D 374 22.57 14.57 -25.74
CA GLN D 374 21.71 15.73 -25.59
C GLN D 374 22.27 16.94 -26.35
N THR D 375 21.36 17.82 -26.77
CA THR D 375 21.70 19.05 -27.45
C THR D 375 20.81 20.16 -26.91
N LYS D 376 21.37 21.36 -26.78
CA LYS D 376 20.60 22.52 -26.32
C LYS D 376 19.77 23.06 -27.48
N PHE D 377 18.46 23.15 -27.27
CA PHE D 377 17.54 23.56 -28.32
C PHE D 377 17.63 25.06 -28.54
N ASP D 378 17.78 25.46 -29.81
CA ASP D 378 17.83 26.88 -30.15
C ASP D 378 16.42 27.43 -30.29
N ALA D 379 16.15 28.52 -29.57
CA ALA D 379 14.83 29.13 -29.63
C ALA D 379 14.63 30.00 -30.87
N MET D 380 15.71 30.42 -31.53
CA MET D 380 15.57 31.24 -32.73
C MET D 380 14.83 30.50 -33.84
N THR D 381 14.94 29.17 -33.88
CA THR D 381 14.25 28.39 -34.91
C THR D 381 12.74 28.55 -34.81
N LEU D 382 12.22 28.83 -33.62
CA LEU D 382 10.78 29.07 -33.47
C LEU D 382 10.39 30.39 -34.11
N HIS D 383 11.26 31.40 -34.05
CA HIS D 383 10.97 32.69 -34.65
C HIS D 383 11.12 32.69 -36.17
N ASN D 384 11.71 31.64 -36.74
CA ASN D 384 11.93 31.53 -38.18
C ASN D 384 10.63 31.25 -38.96
N ASN D 385 9.48 31.25 -38.28
CA ASN D 385 8.15 31.08 -38.87
C ASN D 385 7.95 29.67 -39.43
N PRO D 386 6.73 29.14 -39.36
CA PRO D 386 6.52 27.74 -39.73
C PRO D 386 6.01 27.57 -41.16
N GLU D 387 5.76 26.31 -41.53
CA GLU D 387 5.13 25.97 -42.81
C GLU D 387 3.72 25.46 -42.52
N VAL D 388 2.83 26.41 -42.20
CA VAL D 388 1.48 26.05 -41.75
C VAL D 388 0.75 25.26 -42.82
N ALA D 389 0.85 25.68 -44.08
CA ALA D 389 0.23 24.99 -45.20
C ALA D 389 1.16 23.97 -45.84
N LYS D 390 1.85 23.17 -45.04
CA LYS D 390 2.78 22.18 -45.57
C LYS D 390 2.04 21.09 -46.33
N GLU D 391 1.10 20.43 -45.68
CA GLU D 391 0.35 19.32 -46.27
C GLU D 391 -1.13 19.69 -46.29
N THR D 392 -1.71 19.71 -47.49
CA THR D 392 -3.13 19.97 -47.66
C THR D 392 -3.64 19.17 -48.85
N GLY D 393 -4.82 18.56 -48.67
CA GLY D 393 -5.40 17.75 -49.72
C GLY D 393 -6.81 17.29 -49.43
N MET D 394 -7.75 17.65 -50.29
CA MET D 394 -9.14 17.23 -50.18
C MET D 394 -9.56 16.52 -51.45
N VAL D 395 -10.27 15.41 -51.29
CA VAL D 395 -10.65 14.59 -52.44
C VAL D 395 -11.86 15.15 -53.18
N ASP D 396 -12.70 15.95 -52.53
CA ASP D 396 -13.83 16.56 -53.19
C ASP D 396 -14.24 17.81 -52.40
N ASP D 397 -15.45 18.30 -52.65
CA ASP D 397 -15.94 19.53 -52.05
C ASP D 397 -16.94 19.29 -50.92
N GLY D 398 -17.17 18.03 -50.55
CA GLY D 398 -18.15 17.72 -49.53
C GLY D 398 -19.58 17.65 -50.00
N SER D 399 -19.83 17.72 -51.31
CA SER D 399 -21.18 17.64 -51.86
C SER D 399 -21.62 16.21 -52.14
N GLY D 400 -20.81 15.22 -51.79
CA GLY D 400 -21.19 13.83 -51.98
C GLY D 400 -22.24 13.39 -50.98
N LYS D 401 -22.64 12.13 -51.12
CA LYS D 401 -23.64 11.56 -50.23
C LYS D 401 -23.00 11.09 -48.94
N LYS D 402 -23.72 11.30 -47.83
CA LYS D 402 -23.26 10.88 -46.52
C LYS D 402 -24.42 10.30 -45.73
N LYS D 403 -24.14 9.21 -45.01
CA LYS D 403 -25.07 8.63 -44.05
C LYS D 403 -24.40 8.68 -42.68
N ILE D 404 -25.12 9.20 -41.68
CA ILE D 404 -24.58 9.42 -40.36
C ILE D 404 -25.27 8.49 -39.37
N TYR D 405 -24.48 7.75 -38.60
CA TYR D 405 -24.99 6.85 -37.58
C TYR D 405 -24.38 7.21 -36.23
N ARG D 406 -25.17 7.04 -35.17
CA ARG D 406 -24.71 7.28 -33.82
C ARG D 406 -24.67 5.97 -33.05
N ILE D 407 -23.67 5.83 -32.18
CA ILE D 407 -23.56 4.62 -31.35
C ILE D 407 -24.61 4.71 -30.26
N GLU D 408 -25.65 3.88 -30.36
CA GLU D 408 -26.72 3.82 -29.39
C GLU D 408 -26.98 2.38 -29.02
N ASN D 409 -26.89 2.06 -27.72
CA ASN D 409 -27.19 0.72 -27.22
C ASN D 409 -26.32 -0.34 -27.90
N MET D 410 -25.02 -0.03 -28.01
CA MET D 410 -24.02 -0.91 -28.62
C MET D 410 -24.34 -1.23 -30.08
N ASP D 411 -25.11 -0.38 -30.75
CA ASP D 411 -25.48 -0.60 -32.14
C ASP D 411 -25.52 0.74 -32.86
N LEU D 412 -25.89 0.70 -34.15
CA LEU D 412 -25.91 1.89 -34.99
C LEU D 412 -27.35 2.35 -35.22
N VAL D 413 -27.60 3.62 -34.95
CA VAL D 413 -28.90 4.25 -35.19
C VAL D 413 -28.67 5.41 -36.16
N GLU D 414 -29.39 5.38 -37.29
CA GLU D 414 -29.19 6.40 -38.30
C GLU D 414 -29.79 7.73 -37.87
N LEU D 415 -28.99 8.79 -37.96
CA LEU D 415 -29.46 10.12 -37.61
C LEU D 415 -30.39 10.64 -38.70
N GLU D 416 -31.41 11.40 -38.30
CA GLU D 416 -32.32 12.01 -39.26
C GLU D 416 -31.60 13.11 -40.04
N LYS D 417 -32.03 13.31 -41.28
CA LYS D 417 -31.40 14.31 -42.14
C LYS D 417 -31.55 15.72 -41.57
N ARG D 418 -32.57 15.96 -40.76
CA ARG D 418 -32.75 17.27 -40.14
C ARG D 418 -31.72 17.55 -39.06
N TYR D 419 -31.08 16.51 -38.52
CA TYR D 419 -30.09 16.66 -37.46
C TYR D 419 -28.65 16.62 -37.99
N TYR D 420 -28.47 16.57 -39.30
CA TYR D 420 -27.13 16.58 -39.87
C TYR D 420 -26.43 17.89 -39.52
N GLY D 421 -25.20 17.77 -39.01
CA GLY D 421 -24.47 18.91 -38.49
C GLY D 421 -24.51 19.02 -36.98
N GLU D 422 -25.35 18.23 -36.31
CA GLU D 422 -25.45 18.22 -34.86
C GLU D 422 -24.78 16.97 -34.33
N LEU D 423 -23.80 17.14 -33.45
CA LEU D 423 -23.12 16.03 -32.79
C LEU D 423 -23.12 16.24 -31.29
N TYR D 424 -23.16 15.14 -30.55
CA TYR D 424 -23.09 15.17 -29.10
C TYR D 424 -21.69 14.76 -28.66
N GLY D 425 -21.04 15.61 -27.87
CA GLY D 425 -19.66 15.39 -27.47
C GLY D 425 -19.44 14.18 -26.58
N GLY D 426 -20.50 13.58 -26.06
CA GLY D 426 -20.39 12.40 -25.24
C GLY D 426 -20.67 11.10 -25.95
N ASP D 427 -20.92 11.13 -27.26
CA ASP D 427 -21.20 9.94 -28.05
C ASP D 427 -20.20 9.83 -29.19
N SER D 428 -20.25 8.70 -29.88
CA SER D 428 -19.43 8.46 -31.06
C SER D 428 -20.33 8.26 -32.27
N TYR D 429 -19.82 8.64 -33.44
CA TYR D 429 -20.57 8.58 -34.67
C TYR D 429 -19.78 7.84 -35.74
N VAL D 430 -20.51 7.32 -36.72
CA VAL D 430 -19.93 6.71 -37.92
C VAL D 430 -20.62 7.33 -39.12
N ILE D 431 -19.84 8.04 -39.94
CA ILE D 431 -20.36 8.72 -41.13
C ILE D 431 -19.77 8.04 -42.36
N HIS D 432 -20.65 7.57 -43.25
CA HIS D 432 -20.24 6.89 -44.48
C HIS D 432 -20.37 7.88 -45.64
N TYR D 433 -19.24 8.38 -46.12
CA TYR D 433 -19.22 9.35 -47.20
C TYR D 433 -18.97 8.65 -48.53
N THR D 434 -19.76 8.99 -49.54
CA THR D 434 -19.66 8.39 -50.86
C THR D 434 -19.55 9.52 -51.89
N TYR D 435 -18.38 9.64 -52.52
CA TYR D 435 -18.15 10.65 -53.54
C TYR D 435 -17.69 9.96 -54.83
N ALA D 436 -17.95 10.63 -55.96
CA ALA D 436 -17.65 10.08 -57.27
C ALA D 436 -16.81 11.07 -58.07
N VAL D 437 -15.87 10.55 -58.85
CA VAL D 437 -15.04 11.34 -59.73
C VAL D 437 -15.07 10.67 -61.11
N ASN D 438 -15.69 11.33 -62.08
CA ASN D 438 -15.82 10.81 -63.45
C ASN D 438 -16.56 9.47 -63.45
N GLY D 439 -17.59 9.35 -62.63
CA GLY D 439 -18.44 8.17 -62.60
C GLY D 439 -17.96 7.07 -61.68
N LYS D 440 -16.72 7.12 -61.19
CA LYS D 440 -16.18 6.10 -60.32
C LYS D 440 -16.50 6.43 -58.87
N GLU D 441 -17.30 5.58 -58.22
CA GLU D 441 -17.66 5.81 -56.83
C GLU D 441 -16.52 5.40 -55.90
N GLU D 442 -16.28 6.23 -54.88
CA GLU D 442 -15.31 5.95 -53.83
C GLU D 442 -15.95 6.25 -52.48
N HIS D 443 -15.47 5.57 -51.44
CA HIS D 443 -16.08 5.63 -50.12
C HIS D 443 -15.04 6.01 -49.07
N ILE D 444 -15.46 6.83 -48.10
CA ILE D 444 -14.66 7.18 -46.95
C ILE D 444 -15.51 6.96 -45.69
N ILE D 445 -14.98 6.21 -44.74
CA ILE D 445 -15.69 5.90 -43.51
C ILE D 445 -15.03 6.69 -42.39
N TYR D 446 -15.68 7.75 -41.95
CA TYR D 446 -15.26 8.49 -40.76
C TYR D 446 -15.95 7.93 -39.54
N TYR D 447 -15.18 7.69 -38.47
CA TYR D 447 -15.77 7.44 -37.16
C TYR D 447 -15.28 8.54 -36.22
N TRP D 448 -16.22 9.36 -35.78
CA TRP D 448 -15.95 10.53 -34.95
C TRP D 448 -16.21 10.16 -33.49
N LEU D 449 -15.20 10.32 -32.64
CA LEU D 449 -15.25 9.88 -31.25
C LEU D 449 -15.36 11.09 -30.33
N GLY D 450 -16.45 11.15 -29.58
CA GLY D 450 -16.64 12.26 -28.67
C GLY D 450 -15.61 12.27 -27.56
N ARG D 451 -15.30 13.49 -27.09
CA ARG D 451 -14.30 13.65 -26.04
C ARG D 451 -14.68 12.89 -24.78
N HIS D 452 -15.97 12.83 -24.47
CA HIS D 452 -16.47 12.11 -23.31
C HIS D 452 -17.21 10.83 -23.70
N SER D 453 -16.95 10.29 -24.88
CA SER D 453 -17.51 9.01 -25.27
C SER D 453 -16.74 7.89 -24.59
N THR D 454 -17.47 6.90 -24.10
CA THR D 454 -16.87 5.83 -23.33
C THR D 454 -16.32 4.73 -24.25
N SER D 455 -15.61 3.78 -23.63
CA SER D 455 -14.89 2.77 -24.41
C SER D 455 -15.83 1.91 -25.25
N ASP D 456 -17.00 1.59 -24.72
CA ASP D 456 -17.95 0.77 -25.46
C ASP D 456 -18.40 1.48 -26.74
N GLU D 457 -18.59 2.79 -26.67
CA GLU D 457 -19.06 3.53 -27.83
C GLU D 457 -17.95 3.73 -28.85
N ARG D 458 -16.73 4.00 -28.38
CA ARG D 458 -15.58 4.10 -29.29
C ARG D 458 -15.29 2.76 -29.95
N GLY D 459 -15.47 1.66 -29.22
CA GLY D 459 -15.20 0.35 -29.79
C GLY D 459 -16.24 -0.04 -30.84
N VAL D 460 -17.52 0.21 -30.55
CA VAL D 460 -18.57 -0.09 -31.53
C VAL D 460 -18.38 0.78 -32.77
N ALA D 461 -17.99 2.04 -32.58
CA ALA D 461 -17.72 2.91 -33.72
C ALA D 461 -16.60 2.34 -34.59
N ALA D 462 -15.56 1.79 -33.96
CA ALA D 462 -14.46 1.22 -34.72
C ALA D 462 -14.87 -0.10 -35.38
N ALA D 463 -15.57 -0.96 -34.64
CA ALA D 463 -15.90 -2.28 -35.17
C ALA D 463 -16.90 -2.20 -36.32
N LYS D 464 -17.92 -1.34 -36.19
CA LYS D 464 -18.90 -1.20 -37.26
C LYS D 464 -18.37 -0.35 -38.42
N THR D 465 -17.31 0.43 -38.19
CA THR D 465 -16.59 1.04 -39.30
C THR D 465 -15.98 -0.03 -40.20
N ILE D 466 -15.41 -1.06 -39.59
CA ILE D 466 -14.81 -2.15 -40.36
C ILE D 466 -15.90 -2.94 -41.10
N GLU D 467 -17.06 -3.13 -40.46
CA GLU D 467 -18.12 -3.92 -41.08
C GLU D 467 -18.66 -3.25 -42.33
N ILE D 468 -18.83 -1.92 -42.30
CA ILE D 468 -19.27 -1.21 -43.50
C ILE D 468 -18.18 -1.28 -44.57
N ASP D 469 -16.91 -1.16 -44.17
CA ASP D 469 -15.82 -1.28 -45.13
C ASP D 469 -15.81 -2.66 -45.78
N ASP D 470 -16.14 -3.70 -45.02
CA ASP D 470 -16.20 -5.04 -45.60
C ASP D 470 -17.45 -5.21 -46.45
N SER D 471 -18.53 -4.49 -46.13
CA SER D 471 -19.71 -4.53 -46.98
C SER D 471 -19.45 -3.90 -48.34
N LEU D 472 -18.41 -3.07 -48.44
CA LEU D 472 -18.01 -2.46 -49.70
C LEU D 472 -16.80 -3.15 -50.32
N GLY D 473 -16.44 -4.34 -49.84
CA GLY D 473 -15.31 -5.05 -50.39
C GLY D 473 -13.96 -4.59 -49.91
N GLY D 474 -13.92 -3.79 -48.84
CA GLY D 474 -12.68 -3.24 -48.34
C GLY D 474 -12.14 -2.09 -49.16
N THR D 475 -12.95 -1.51 -50.04
CA THR D 475 -12.50 -0.45 -50.93
C THR D 475 -12.50 0.93 -50.26
N ALA D 476 -13.05 1.05 -49.05
CA ALA D 476 -13.19 2.34 -48.41
C ALA D 476 -11.98 2.66 -47.55
N LYS D 477 -11.74 3.96 -47.35
CA LYS D 477 -10.64 4.44 -46.52
C LYS D 477 -11.21 4.83 -45.16
N GLN D 478 -10.66 4.25 -44.10
CA GLN D 478 -11.15 4.50 -42.75
C GLN D 478 -10.33 5.62 -42.12
N VAL D 479 -11.02 6.60 -41.54
CA VAL D 479 -10.37 7.78 -40.96
C VAL D 479 -10.88 7.94 -39.53
N ARG D 480 -9.95 7.95 -38.57
CA ARG D 480 -10.27 8.17 -37.18
C ARG D 480 -10.23 9.66 -36.87
N VAL D 481 -11.30 10.18 -36.27
CA VAL D 481 -11.44 11.61 -36.00
C VAL D 481 -11.77 11.79 -34.53
N VAL D 482 -10.90 12.49 -33.80
CA VAL D 482 -11.13 12.86 -32.41
C VAL D 482 -11.73 14.27 -32.37
N GLN D 483 -12.64 14.48 -31.40
CA GLN D 483 -13.36 15.74 -31.28
C GLN D 483 -12.39 16.92 -31.19
N SER D 484 -12.77 18.03 -31.81
CA SER D 484 -12.05 19.30 -31.74
C SER D 484 -10.85 19.22 -32.67
N LYS D 485 -10.52 18.03 -33.17
CA LYS D 485 -9.44 17.90 -34.14
C LYS D 485 -9.94 17.31 -35.45
N GLU D 486 -10.97 17.91 -36.04
CA GLU D 486 -11.62 17.42 -37.25
C GLU D 486 -10.86 17.86 -38.50
N PRO D 487 -10.66 16.96 -39.46
CA PRO D 487 -9.95 17.33 -40.69
C PRO D 487 -10.79 18.23 -41.59
N ASN D 488 -10.12 18.84 -42.56
CA ASN D 488 -10.78 19.83 -43.40
C ASN D 488 -11.86 19.19 -44.27
N HIS D 489 -11.64 17.96 -44.72
CA HIS D 489 -12.68 17.31 -45.53
C HIS D 489 -13.88 16.91 -44.70
N PHE D 490 -13.68 16.60 -43.42
CA PHE D 490 -14.81 16.28 -42.55
C PHE D 490 -15.71 17.49 -42.36
N MET D 491 -15.11 18.66 -42.15
CA MET D 491 -15.88 19.88 -41.96
C MET D 491 -16.62 20.27 -43.23
N ALA D 492 -15.99 20.03 -44.39
CA ALA D 492 -16.63 20.35 -45.67
C ALA D 492 -17.85 19.47 -45.95
N MET D 493 -17.94 18.31 -45.30
CA MET D 493 -19.13 17.47 -45.46
C MET D 493 -20.36 18.13 -44.85
N PHE D 494 -20.19 18.87 -43.75
CA PHE D 494 -21.27 19.59 -43.12
C PHE D 494 -21.32 21.05 -43.54
N ASP D 495 -20.80 21.36 -44.74
CA ASP D 495 -20.75 22.71 -45.28
C ASP D 495 -19.98 23.66 -44.36
N GLY D 496 -19.04 23.13 -43.60
CA GLY D 496 -18.20 23.95 -42.74
C GLY D 496 -18.84 24.41 -41.45
N LYS D 497 -20.08 24.06 -41.20
CA LYS D 497 -20.80 24.46 -39.99
C LYS D 497 -21.18 23.22 -39.21
N LEU D 498 -20.68 23.11 -37.98
CA LEU D 498 -20.90 21.95 -37.14
C LEU D 498 -21.31 22.40 -35.74
N ILE D 499 -22.28 21.70 -35.15
CA ILE D 499 -22.82 22.04 -33.85
C ILE D 499 -22.56 20.87 -32.91
N ILE D 500 -21.76 21.10 -31.87
CA ILE D 500 -21.35 20.05 -30.94
C ILE D 500 -22.02 20.34 -29.59
N PHE D 501 -23.13 19.66 -29.33
CA PHE D 501 -23.80 19.76 -28.04
C PHE D 501 -23.02 19.01 -26.97
N GLN D 502 -22.77 19.67 -25.85
CA GLN D 502 -22.14 19.01 -24.71
C GLN D 502 -23.19 18.17 -24.00
N GLY D 503 -23.12 16.87 -24.18
CA GLY D 503 -24.09 15.95 -23.60
C GLY D 503 -23.67 14.52 -23.84
N GLY D 504 -24.63 13.67 -24.18
CA GLY D 504 -24.30 12.27 -24.48
C GLY D 504 -25.51 11.38 -24.26
N LYS D 505 -25.23 10.09 -24.12
CA LYS D 505 -26.26 9.08 -23.96
C LYS D 505 -25.64 7.79 -23.47
N ALA D 506 -26.31 7.16 -22.49
CA ALA D 506 -25.98 5.83 -22.00
C ALA D 506 -24.50 5.67 -21.66
N GLY D 507 -23.94 4.50 -21.98
CA GLY D 507 -22.55 4.22 -21.68
C GLY D 507 -22.38 3.07 -20.71
N TRP D 508 -22.01 1.90 -21.23
CA TRP D 508 -21.77 0.70 -20.43
C TRP D 508 -23.00 0.35 -19.58
N GLY D 509 -24.13 0.20 -20.26
CA GLY D 509 -25.36 -0.19 -19.58
C GLY D 509 -26.51 0.78 -19.76
N GLY D 510 -26.41 1.94 -19.11
CA GLY D 510 -27.46 2.94 -19.15
C GLY D 510 -27.41 3.82 -17.93
N HIS D 511 -27.97 5.03 -18.10
CA HIS D 511 -27.94 6.04 -17.05
C HIS D 511 -28.97 7.13 -17.39
N ASN D 512 -28.76 8.32 -16.84
CA ASN D 512 -29.62 9.47 -17.12
C ASN D 512 -29.19 10.08 -18.45
N SER D 513 -29.71 9.49 -19.54
CA SER D 513 -29.42 9.96 -20.89
C SER D 513 -30.37 11.11 -21.22
N THR D 514 -30.10 12.26 -20.60
CA THR D 514 -30.89 13.46 -20.83
C THR D 514 -30.84 13.85 -22.30
N ASP D 515 -31.99 13.84 -22.95
CA ASP D 515 -32.07 14.01 -24.40
C ASP D 515 -32.32 15.49 -24.71
N GLY D 516 -31.24 16.24 -24.87
CA GLY D 516 -31.33 17.63 -25.26
C GLY D 516 -30.54 18.56 -24.36
N PRO D 517 -30.26 19.77 -24.86
CA PRO D 517 -29.57 20.78 -24.04
C PRO D 517 -30.50 21.59 -23.15
N GLY D 518 -31.80 21.34 -23.20
CA GLY D 518 -32.75 22.10 -22.40
C GLY D 518 -33.20 23.38 -23.07
N ASP D 519 -33.59 24.38 -22.27
CA ASP D 519 -33.98 25.67 -22.80
C ASP D 519 -33.01 26.78 -22.41
N THR D 520 -32.11 26.55 -21.46
CA THR D 520 -31.13 27.54 -21.04
C THR D 520 -29.73 26.92 -21.22
N TYR D 521 -29.15 27.15 -22.39
CA TYR D 521 -27.82 26.66 -22.72
C TYR D 521 -27.06 27.73 -23.48
N LEU D 522 -25.74 27.68 -23.38
CA LEU D 522 -24.85 28.63 -24.04
C LEU D 522 -24.02 27.93 -25.10
N LEU D 523 -23.87 28.58 -26.25
CA LEU D 523 -23.10 28.04 -27.36
C LEU D 523 -21.89 28.92 -27.62
N HIS D 524 -20.75 28.28 -27.87
CA HIS D 524 -19.49 28.98 -28.17
C HIS D 524 -19.22 28.81 -29.67
N VAL D 525 -19.31 29.91 -30.42
CA VAL D 525 -19.13 29.90 -31.87
C VAL D 525 -17.75 30.45 -32.19
N ARG D 526 -16.93 29.64 -32.84
CA ARG D 526 -15.54 30.00 -33.10
C ARG D 526 -15.06 29.31 -34.38
N GLY D 527 -14.19 29.99 -35.11
CA GLY D 527 -13.58 29.41 -36.29
C GLY D 527 -12.18 29.94 -36.56
N THR D 528 -11.27 29.06 -36.97
CA THR D 528 -9.92 29.47 -37.33
C THR D 528 -9.77 29.80 -38.80
N SER D 529 -10.72 29.38 -39.63
CA SER D 529 -10.80 29.80 -41.03
C SER D 529 -12.28 29.95 -41.40
N GLN D 530 -12.54 30.20 -42.67
CA GLN D 530 -13.92 30.31 -43.14
C GLN D 530 -14.58 28.96 -43.34
N TYR D 531 -13.92 27.87 -42.94
CA TYR D 531 -14.45 26.53 -43.13
C TYR D 531 -14.60 25.72 -41.85
N ASN D 532 -13.88 26.04 -40.78
CA ASN D 532 -14.01 25.28 -39.55
C ASN D 532 -14.70 26.11 -38.47
N THR D 533 -15.79 26.77 -38.82
CA THR D 533 -16.59 27.53 -37.86
C THR D 533 -17.55 26.55 -37.15
N LYS D 534 -17.33 26.35 -35.86
CA LYS D 534 -18.11 25.40 -35.07
C LYS D 534 -18.85 26.11 -33.95
N ALA D 535 -19.97 25.53 -33.53
CA ALA D 535 -20.77 26.01 -32.41
C ALA D 535 -20.86 24.89 -31.37
N GLU D 536 -20.19 25.07 -30.24
CA GLU D 536 -20.10 24.05 -29.20
C GLU D 536 -20.78 24.53 -27.93
N GLN D 537 -21.50 23.61 -27.29
CA GLN D 537 -22.20 23.95 -26.05
C GLN D 537 -21.22 24.08 -24.89
N VAL D 538 -21.38 25.13 -24.10
CA VAL D 538 -20.50 25.41 -22.97
C VAL D 538 -21.34 25.70 -21.75
N PRO D 539 -20.76 25.63 -20.56
CA PRO D 539 -21.51 25.99 -19.35
C PRO D 539 -22.01 27.43 -19.40
N CYS D 540 -23.19 27.64 -18.81
CA CYS D 540 -23.85 28.94 -18.81
C CYS D 540 -23.29 29.82 -17.68
N ARG D 541 -21.99 30.05 -17.73
CA ARG D 541 -21.29 30.86 -16.75
C ARG D 541 -20.56 32.00 -17.45
N ALA D 542 -20.34 33.09 -16.71
CA ALA D 542 -19.74 34.27 -17.33
C ALA D 542 -18.29 34.01 -17.75
N GLU D 543 -17.56 33.17 -17.02
CA GLU D 543 -16.19 32.84 -17.41
C GLU D 543 -16.10 32.16 -18.76
N SER D 544 -17.20 31.55 -19.23
CA SER D 544 -17.19 30.86 -20.51
C SER D 544 -17.08 31.83 -21.69
N LEU D 545 -17.38 33.11 -21.49
CA LEU D 545 -17.34 34.07 -22.58
C LEU D 545 -15.92 34.37 -23.00
N ASN D 546 -15.76 34.68 -24.29
CA ASN D 546 -14.47 35.02 -24.88
C ASN D 546 -14.67 36.17 -25.85
N SER D 547 -13.78 37.17 -25.79
CA SER D 547 -13.94 38.36 -26.61
C SER D 547 -13.65 38.11 -28.08
N ASN D 548 -12.93 37.03 -28.41
CA ASN D 548 -12.61 36.74 -29.80
C ASN D 548 -13.74 36.05 -30.54
N ASP D 549 -14.80 35.62 -29.85
CA ASP D 549 -15.84 34.80 -30.43
C ASP D 549 -17.21 35.36 -30.07
N VAL D 550 -18.24 34.79 -30.70
CA VAL D 550 -19.63 35.12 -30.40
C VAL D 550 -20.24 33.98 -29.60
N PHE D 551 -21.35 34.28 -28.93
CA PHE D 551 -22.05 33.31 -28.11
C PHE D 551 -23.55 33.48 -28.30
N VAL D 552 -24.26 32.36 -28.24
CA VAL D 552 -25.71 32.34 -28.38
C VAL D 552 -26.30 31.80 -27.09
N LEU D 553 -27.13 32.62 -26.43
CA LEU D 553 -27.73 32.26 -25.15
C LEU D 553 -29.22 32.03 -25.38
N PHE D 554 -29.64 30.77 -25.29
CA PHE D 554 -31.06 30.42 -25.32
C PHE D 554 -31.63 30.48 -23.91
N SER D 555 -32.85 31.01 -23.81
CA SER D 555 -33.56 31.04 -22.54
C SER D 555 -35.05 31.06 -22.83
N LYS D 556 -35.85 30.72 -21.82
CA LYS D 556 -37.29 30.67 -22.00
C LYS D 556 -37.90 32.04 -22.24
N GLY D 557 -37.19 33.12 -21.90
CA GLY D 557 -37.65 34.46 -22.17
C GLY D 557 -37.30 34.92 -23.57
N GLY D 558 -36.08 34.63 -24.01
CA GLY D 558 -35.65 35.03 -25.34
C GLY D 558 -34.22 34.61 -25.57
N THR D 559 -33.86 34.58 -26.85
CA THR D 559 -32.53 34.20 -27.28
C THR D 559 -31.68 35.45 -27.51
N TYR D 560 -30.45 35.42 -27.00
CA TYR D 560 -29.54 36.56 -27.09
C TYR D 560 -28.24 36.14 -27.77
N VAL D 561 -27.66 37.07 -28.52
CA VAL D 561 -26.41 36.87 -29.23
C VAL D 561 -25.40 37.88 -28.72
N TRP D 562 -24.30 37.39 -28.16
CA TRP D 562 -23.25 38.23 -27.59
C TRP D 562 -22.06 38.25 -28.55
N ALA D 563 -21.77 39.41 -29.11
CA ALA D 563 -20.70 39.56 -30.09
C ALA D 563 -19.46 40.14 -29.41
N GLY D 564 -18.44 39.31 -29.24
CA GLY D 564 -17.18 39.79 -28.70
C GLY D 564 -16.50 40.76 -29.65
N LYS D 565 -15.56 41.52 -29.10
CA LYS D 565 -14.93 42.59 -29.87
C LYS D 565 -14.09 42.04 -31.02
N GLY D 566 -13.50 40.85 -30.85
CA GLY D 566 -12.67 40.24 -31.86
C GLY D 566 -13.35 39.25 -32.77
N CYS D 567 -14.67 39.14 -32.72
CA CYS D 567 -15.37 38.15 -33.52
C CYS D 567 -15.38 38.54 -34.99
N THR D 568 -15.35 37.52 -35.85
CA THR D 568 -15.39 37.71 -37.28
C THR D 568 -16.83 37.73 -37.78
N GLY D 569 -16.99 38.13 -39.04
CA GLY D 569 -18.33 38.15 -39.63
C GLY D 569 -18.92 36.76 -39.78
N ASP D 570 -18.08 35.77 -40.13
CA ASP D 570 -18.57 34.41 -40.29
C ASP D 570 -19.07 33.83 -38.97
N GLU D 571 -18.48 34.23 -37.85
CA GLU D 571 -18.95 33.74 -36.56
C GLU D 571 -20.32 34.32 -36.23
N ARG D 572 -20.53 35.60 -36.54
CA ARG D 572 -21.82 36.23 -36.27
C ARG D 572 -22.91 35.66 -37.16
N GLU D 573 -22.58 35.27 -38.40
CA GLU D 573 -23.59 34.79 -39.33
C GLU D 573 -24.20 33.48 -38.85
N MET D 574 -23.37 32.54 -38.38
CA MET D 574 -23.89 31.29 -37.84
C MET D 574 -24.68 31.53 -36.56
N ALA D 575 -24.24 32.49 -35.74
CA ALA D 575 -24.97 32.80 -34.52
C ALA D 575 -26.38 33.31 -34.83
N LYS D 576 -26.52 34.17 -35.84
CA LYS D 576 -27.84 34.64 -36.25
C LYS D 576 -28.68 33.51 -36.81
N LYS D 577 -28.07 32.61 -37.60
CA LYS D 577 -28.82 31.51 -38.19
C LYS D 577 -29.30 30.54 -37.12
N ILE D 578 -28.49 30.30 -36.10
CA ILE D 578 -28.92 29.46 -34.98
C ILE D 578 -30.07 30.12 -34.25
N ALA D 579 -29.93 31.41 -33.95
CA ALA D 579 -30.98 32.16 -33.27
C ALA D 579 -32.18 32.44 -34.15
N SER D 580 -32.07 32.22 -35.47
CA SER D 580 -33.22 32.42 -36.35
C SER D 580 -34.28 31.36 -36.11
N LYS D 581 -33.88 30.17 -35.67
CA LYS D 581 -34.87 29.14 -35.34
C LYS D 581 -35.63 29.46 -34.07
N SER D 582 -35.14 30.40 -33.27
CA SER D 582 -35.80 30.75 -32.02
C SER D 582 -37.14 31.43 -32.32
N PRO D 583 -38.27 30.86 -31.87
CA PRO D 583 -39.56 31.56 -32.04
C PRO D 583 -39.63 32.87 -31.29
N LYS D 584 -38.71 33.11 -30.36
CA LYS D 584 -38.73 34.33 -29.56
C LYS D 584 -38.11 35.51 -30.31
N GLY D 585 -37.12 35.26 -31.16
CA GLY D 585 -36.40 36.32 -31.83
C GLY D 585 -35.13 36.69 -31.08
N TYR D 586 -34.05 36.91 -31.82
CA TYR D 586 -32.76 37.19 -31.20
C TYR D 586 -32.60 38.67 -30.89
N ILE D 587 -31.82 38.95 -29.86
CA ILE D 587 -31.52 40.32 -29.41
C ILE D 587 -29.99 40.41 -29.36
N MET D 588 -29.39 40.92 -30.43
CA MET D 588 -27.93 40.97 -30.52
C MET D 588 -27.36 41.97 -29.52
N ILE D 589 -26.20 41.62 -28.97
CA ILE D 589 -25.52 42.42 -27.96
C ILE D 589 -24.06 42.60 -28.35
N VAL D 590 -23.50 43.74 -28.00
CA VAL D 590 -22.09 44.04 -28.22
C VAL D 590 -21.38 44.07 -26.87
N GLU D 591 -20.13 43.62 -26.86
CA GLU D 591 -19.34 43.62 -25.64
C GLU D 591 -19.16 45.04 -25.13
N GLY D 592 -19.56 45.27 -23.87
CA GLY D 592 -19.59 46.60 -23.31
C GLY D 592 -21.00 47.13 -23.18
N GLN D 593 -21.82 46.90 -24.20
CA GLN D 593 -23.23 47.26 -24.18
C GLN D 593 -24.07 46.17 -23.52
N GLU D 594 -23.61 45.67 -22.39
CA GLU D 594 -24.21 44.51 -21.74
C GLU D 594 -25.26 44.98 -20.73
N LYS D 595 -26.53 44.66 -21.02
CA LYS D 595 -27.58 44.94 -20.05
C LYS D 595 -27.47 43.98 -18.87
N GLU D 596 -27.95 44.44 -17.71
CA GLU D 596 -27.80 43.64 -16.50
C GLU D 596 -28.64 42.38 -16.54
N GLU D 597 -29.76 42.39 -17.29
CA GLU D 597 -30.56 41.18 -17.44
C GLU D 597 -29.79 40.07 -18.14
N PHE D 598 -28.77 40.42 -18.93
CA PHE D 598 -27.96 39.42 -19.59
C PHE D 598 -27.06 38.70 -18.60
N TRP D 599 -26.37 39.45 -17.73
CA TRP D 599 -25.50 38.83 -16.74
C TRP D 599 -26.29 38.03 -15.71
N ASP D 600 -27.53 38.43 -15.42
CA ASP D 600 -28.34 37.69 -14.46
C ASP D 600 -28.67 36.29 -14.95
N LEU D 601 -28.75 36.10 -16.27
CA LEU D 601 -28.96 34.76 -16.82
C LEU D 601 -27.69 33.94 -16.91
N LEU D 602 -26.53 34.53 -16.59
CA LEU D 602 -25.26 33.81 -16.55
C LEU D 602 -24.67 33.79 -15.15
N GLY D 603 -25.50 33.94 -14.13
CA GLY D 603 -25.05 33.93 -12.75
C GLY D 603 -24.41 35.20 -12.26
N GLY D 604 -24.26 36.21 -13.10
CA GLY D 604 -23.61 37.44 -12.73
C GLY D 604 -22.26 37.59 -13.43
N LYS D 605 -21.83 38.85 -13.53
CA LYS D 605 -20.60 39.17 -14.24
C LYS D 605 -19.39 38.83 -13.39
N THR D 606 -18.55 37.92 -13.89
CA THR D 606 -17.25 37.63 -13.31
C THR D 606 -16.20 37.74 -14.41
N GLU D 607 -14.94 37.58 -14.04
CA GLU D 607 -13.85 37.68 -15.00
C GLU D 607 -13.98 36.61 -16.07
N TYR D 608 -13.83 37.00 -17.33
CA TYR D 608 -13.93 36.06 -18.44
C TYR D 608 -12.73 36.23 -19.38
N ALA D 609 -12.66 35.35 -20.37
CA ALA D 609 -11.55 35.33 -21.31
C ALA D 609 -11.47 36.62 -22.11
N SER D 610 -10.71 37.59 -21.62
CA SER D 610 -10.62 38.91 -22.26
C SER D 610 -9.20 39.43 -22.11
N ASP D 611 -8.50 39.58 -23.23
CA ASP D 611 -7.14 40.08 -23.24
C ASP D 611 -6.96 40.95 -24.48
N PHE D 612 -5.87 41.72 -24.50
CA PHE D 612 -5.58 42.55 -25.66
C PHE D 612 -5.48 41.72 -26.93
N SER D 613 -4.96 40.50 -26.83
CA SER D 613 -4.81 39.65 -28.01
C SER D 613 -6.15 39.11 -28.49
N LEU D 614 -7.13 38.96 -27.59
CA LEU D 614 -8.44 38.42 -27.96
C LEU D 614 -9.37 39.49 -28.52
N LYS D 615 -9.36 40.70 -27.97
CA LYS D 615 -10.22 41.76 -28.50
C LYS D 615 -9.77 42.21 -29.88
N GLN D 616 -8.46 42.37 -30.07
CA GLN D 616 -7.94 42.83 -31.34
C GLN D 616 -8.20 41.81 -32.45
N ALA D 617 -8.18 42.31 -33.67
CA ALA D 617 -8.25 41.45 -34.86
C ALA D 617 -6.84 41.06 -35.29
N GLU D 618 -6.76 39.96 -36.04
CA GLU D 618 -5.48 39.49 -36.55
C GLU D 618 -4.74 40.56 -37.35
N ASN D 619 -5.46 41.56 -37.87
CA ASN D 619 -4.84 42.60 -38.67
C ASN D 619 -3.75 43.34 -37.93
N GLU D 620 -3.90 43.53 -36.62
CA GLU D 620 -2.95 44.31 -35.83
C GLU D 620 -2.10 43.47 -34.91
N HIS D 621 -2.70 42.60 -34.09
CA HIS D 621 -1.92 41.77 -33.19
C HIS D 621 -1.37 40.54 -33.90
N ARG D 622 -0.27 40.03 -33.39
CA ARG D 622 0.29 38.80 -33.93
C ARG D 622 -0.42 37.59 -33.32
N PRO D 623 -0.88 36.65 -34.14
CA PRO D 623 -1.68 35.53 -33.61
C PRO D 623 -0.91 34.69 -32.61
N SER D 624 -1.67 33.98 -31.77
CA SER D 624 -1.08 33.18 -30.71
C SER D 624 -0.36 31.96 -31.29
N ARG D 625 0.66 31.51 -30.57
CA ARG D 625 1.46 30.37 -30.98
C ARG D 625 1.68 29.45 -29.78
N LEU D 626 1.62 28.13 -30.03
CA LEU D 626 1.79 27.13 -29.00
C LEU D 626 2.92 26.19 -29.40
N PHE D 627 3.79 25.87 -28.44
CA PHE D 627 4.96 25.02 -28.68
C PHE D 627 4.97 23.89 -27.67
N GLN D 628 5.09 22.65 -28.17
CA GLN D 628 5.15 21.46 -27.33
C GLN D 628 6.60 21.06 -27.12
N CYS D 629 7.04 21.02 -25.86
CA CYS D 629 8.41 20.72 -25.49
C CYS D 629 8.47 19.35 -24.83
N SER D 630 9.41 18.52 -25.26
CA SER D 630 9.51 17.16 -24.75
C SER D 630 10.91 16.62 -25.00
N ASN D 631 11.33 15.68 -24.17
CA ASN D 631 12.56 14.94 -24.36
C ASN D 631 12.29 13.46 -24.64
N ALA D 632 11.04 13.11 -24.96
CA ALA D 632 10.66 11.73 -25.25
C ALA D 632 11.27 11.21 -26.54
N SER D 633 11.78 12.08 -27.40
CA SER D 633 12.46 11.68 -28.62
C SER D 633 13.95 11.43 -28.40
N GLY D 634 14.40 11.41 -27.14
CA GLY D 634 15.80 11.26 -26.82
C GLY D 634 16.54 12.58 -26.63
N VAL D 635 16.00 13.68 -27.12
CA VAL D 635 16.59 15.00 -26.96
C VAL D 635 15.47 16.02 -26.79
N PHE D 636 15.73 17.05 -26.00
CA PHE D 636 14.73 18.08 -25.73
C PHE D 636 14.50 18.91 -27.00
N LYS D 637 13.29 18.83 -27.54
CA LYS D 637 12.91 19.57 -28.73
C LYS D 637 11.60 20.29 -28.48
N ALA D 638 11.31 21.27 -29.35
CA ALA D 638 10.09 22.06 -29.27
C ALA D 638 9.52 22.23 -30.65
N GLU D 639 8.23 21.93 -30.79
CA GLU D 639 7.53 22.01 -32.08
C GLU D 639 6.25 22.80 -31.91
N GLU D 640 5.89 23.55 -32.94
CA GLU D 640 4.69 24.38 -32.93
C GLU D 640 3.46 23.57 -33.32
N ILE D 641 2.31 24.00 -32.81
CA ILE D 641 1.02 23.38 -33.11
C ILE D 641 0.11 24.48 -33.62
N VAL D 642 -0.15 24.48 -34.93
CA VAL D 642 -1.09 25.41 -35.52
C VAL D 642 -2.49 24.82 -35.42
N ASP D 643 -3.50 25.69 -35.40
CA ASP D 643 -4.87 25.31 -35.09
C ASP D 643 -4.93 24.56 -33.76
N PHE D 644 -4.19 25.07 -32.77
CA PHE D 644 -4.07 24.39 -31.49
C PHE D 644 -5.35 24.51 -30.68
N VAL D 645 -5.78 23.39 -30.09
CA VAL D 645 -6.94 23.36 -29.21
C VAL D 645 -6.56 22.67 -27.91
N GLN D 646 -7.54 22.43 -27.05
CA GLN D 646 -7.25 21.81 -25.76
C GLN D 646 -6.76 20.37 -25.91
N GLU D 647 -7.25 19.66 -26.94
CA GLU D 647 -6.87 18.27 -27.12
C GLU D 647 -5.38 18.10 -27.43
N ASP D 648 -4.75 19.13 -27.99
CA ASP D 648 -3.33 19.07 -28.33
C ASP D 648 -2.44 19.15 -27.09
N LEU D 649 -2.99 19.43 -25.92
CA LEU D 649 -2.21 19.43 -24.70
C LEU D 649 -2.12 18.01 -24.16
N VAL D 650 -0.90 17.57 -23.86
CA VAL D 650 -0.70 16.26 -23.25
C VAL D 650 -0.10 16.47 -21.87
N PRO D 651 -0.55 15.72 -20.85
CA PRO D 651 0.00 15.92 -19.50
C PRO D 651 1.44 15.47 -19.34
N GLU D 652 1.96 14.64 -20.24
CA GLU D 652 3.31 14.14 -20.11
C GLU D 652 4.37 15.15 -20.53
N ASP D 653 3.98 16.27 -21.12
CA ASP D 653 4.92 17.26 -21.65
C ASP D 653 4.57 18.63 -21.10
N VAL D 654 5.39 19.61 -21.47
CA VAL D 654 5.20 21.00 -21.08
C VAL D 654 5.09 21.84 -22.35
N PHE D 655 4.21 22.83 -22.32
CA PHE D 655 3.90 23.65 -23.47
C PHE D 655 4.23 25.11 -23.20
N ILE D 656 4.48 25.86 -24.27
CA ILE D 656 4.74 27.29 -24.18
C ILE D 656 3.77 28.02 -25.10
N LEU D 657 3.07 29.01 -24.56
CA LEU D 657 2.08 29.78 -25.30
C LEU D 657 2.55 31.21 -25.45
N ASP D 658 2.49 31.74 -26.67
CA ASP D 658 2.89 33.11 -26.97
C ASP D 658 1.63 33.95 -27.17
N ALA D 659 1.40 34.89 -26.27
CA ALA D 659 0.23 35.76 -26.30
C ALA D 659 0.63 37.23 -26.29
N ASP D 660 1.71 37.54 -27.01
CA ASP D 660 2.20 38.91 -27.17
C ASP D 660 2.58 39.55 -25.84
N HIS D 661 1.58 39.82 -25.00
CA HIS D 661 1.83 40.52 -23.73
C HIS D 661 2.19 39.59 -22.59
N THR D 662 1.87 38.31 -22.68
CA THR D 662 2.22 37.33 -21.66
C THR D 662 2.56 36.01 -22.33
N ILE D 663 3.65 35.39 -21.92
CA ILE D 663 4.08 34.10 -22.43
C ILE D 663 3.88 33.08 -21.31
N TYR D 664 2.98 32.13 -21.52
CA TYR D 664 2.66 31.14 -20.51
C TYR D 664 3.48 29.87 -20.72
N VAL D 665 3.76 29.19 -19.62
CA VAL D 665 4.47 27.91 -19.64
C VAL D 665 3.56 26.91 -18.92
N TRP D 666 2.86 26.08 -19.70
CA TRP D 666 1.90 25.13 -19.15
C TRP D 666 2.62 23.87 -18.69
N LEU D 667 2.50 23.56 -17.41
CA LEU D 667 3.19 22.42 -16.79
C LEU D 667 2.22 21.26 -16.68
N GLY D 668 2.49 20.19 -17.43
CA GLY D 668 1.69 18.98 -17.29
C GLY D 668 2.00 18.25 -16.00
N ASN D 669 0.99 17.55 -15.48
CA ASN D 669 1.15 16.87 -14.20
C ASN D 669 2.11 15.69 -14.29
N GLU D 670 2.08 14.95 -15.40
CA GLU D 670 2.91 13.77 -15.58
C GLU D 670 4.23 14.05 -16.29
N ALA D 671 4.63 15.32 -16.41
CA ALA D 671 5.84 15.66 -17.13
C ALA D 671 7.08 15.40 -16.28
N ARG D 672 8.20 15.14 -16.95
CA ARG D 672 9.47 14.98 -16.26
C ARG D 672 9.97 16.33 -15.77
N ASN D 673 10.82 16.29 -14.73
CA ASN D 673 11.34 17.52 -14.16
C ASN D 673 12.31 18.23 -15.10
N ASP D 674 13.14 17.47 -15.80
CA ASP D 674 14.06 18.08 -16.76
C ASP D 674 13.31 18.73 -17.91
N GLU D 675 12.15 18.18 -18.29
CA GLU D 675 11.35 18.82 -19.33
C GLU D 675 10.82 20.17 -18.86
N LYS D 676 10.38 20.25 -17.61
CA LYS D 676 9.87 21.51 -17.07
C LYS D 676 10.97 22.57 -17.03
N GLN D 677 12.15 22.19 -16.50
CA GLN D 677 13.22 23.16 -16.33
C GLN D 677 13.76 23.66 -17.66
N MET D 678 13.84 22.77 -18.66
CA MET D 678 14.33 23.19 -19.97
C MET D 678 13.29 24.00 -20.73
N ALA D 679 12.00 23.76 -20.46
CA ALA D 679 10.96 24.56 -21.11
C ALA D 679 10.99 26.00 -20.62
N MET D 680 11.25 26.20 -19.33
CA MET D 680 11.35 27.57 -18.80
C MET D 680 12.61 28.25 -19.33
N ASP D 681 13.74 27.55 -19.35
CA ASP D 681 14.96 28.13 -19.90
C ASP D 681 14.82 28.43 -21.39
N THR D 682 14.04 27.63 -22.11
CA THR D 682 13.81 27.90 -23.53
C THR D 682 12.88 29.10 -23.72
N ALA D 683 11.93 29.29 -22.80
CA ALA D 683 11.04 30.45 -22.90
C ALA D 683 11.79 31.76 -22.67
N ILE D 684 12.80 31.74 -21.80
CA ILE D 684 13.62 32.94 -21.58
C ILE D 684 14.48 33.21 -22.82
N GLU D 685 15.01 32.16 -23.44
CA GLU D 685 15.77 32.32 -24.66
C GLU D 685 14.86 32.67 -25.85
N TYR D 686 13.56 32.47 -25.71
CA TYR D 686 12.64 32.73 -26.81
C TYR D 686 12.46 34.22 -27.05
N LEU D 687 12.17 34.99 -26.00
CA LEU D 687 11.96 36.42 -26.15
C LEU D 687 13.27 37.21 -26.16
N GLU D 688 14.34 36.65 -25.58
CA GLU D 688 15.65 37.28 -25.71
C GLU D 688 16.16 37.29 -27.13
N SER D 689 15.56 36.52 -28.03
CA SER D 689 15.95 36.46 -29.42
C SER D 689 14.88 36.99 -30.37
N ASP D 690 13.72 37.38 -29.84
CA ASP D 690 12.62 37.88 -30.66
C ASP D 690 12.96 39.24 -31.22
N PRO D 691 13.16 39.38 -32.54
CA PRO D 691 13.50 40.68 -33.12
C PRO D 691 12.30 41.57 -33.39
N SER D 692 11.11 41.19 -32.95
CA SER D 692 9.90 41.97 -33.24
C SER D 692 9.87 43.31 -32.49
N GLY D 693 10.78 43.52 -31.54
CA GLY D 693 10.84 44.79 -30.85
C GLY D 693 9.93 44.93 -29.66
N ARG D 694 9.44 43.83 -29.08
CA ARG D 694 8.57 43.89 -27.92
C ARG D 694 9.40 43.96 -26.65
N ASP D 695 8.70 44.14 -25.53
CA ASP D 695 9.34 44.36 -24.23
C ASP D 695 10.26 43.20 -23.88
N PRO D 696 11.56 43.44 -23.67
CA PRO D 696 12.45 42.34 -23.23
C PRO D 696 12.04 41.72 -21.91
N ASP D 697 11.38 42.46 -21.03
CA ASP D 697 10.85 41.84 -19.82
C ASP D 697 9.35 41.59 -19.89
N THR D 698 8.91 40.88 -20.92
CA THR D 698 7.51 40.48 -21.01
C THR D 698 7.21 39.42 -19.95
N PRO D 699 6.08 39.50 -19.26
CA PRO D 699 5.78 38.51 -18.22
C PRO D 699 5.80 37.08 -18.75
N ILE D 700 6.48 36.20 -18.02
CA ILE D 700 6.60 34.78 -18.37
C ILE D 700 6.17 34.00 -17.12
N MET D 701 4.89 33.65 -17.06
CA MET D 701 4.33 32.94 -15.92
C MET D 701 4.22 31.44 -16.21
N THR D 702 4.31 30.64 -15.15
CA THR D 702 4.05 29.21 -15.21
C THR D 702 2.63 28.94 -14.75
N VAL D 703 1.90 28.12 -15.50
CA VAL D 703 0.54 27.73 -15.15
C VAL D 703 0.51 26.22 -15.02
N LYS D 704 -0.15 25.73 -13.97
CA LYS D 704 -0.20 24.31 -13.67
C LYS D 704 -1.48 23.70 -14.21
N GLN D 705 -1.38 22.44 -14.64
CA GLN D 705 -2.53 21.74 -15.21
C GLN D 705 -3.66 21.65 -14.20
N GLY D 706 -4.83 22.19 -14.57
CA GLY D 706 -5.99 22.25 -13.71
C GLY D 706 -6.24 23.63 -13.14
N TYR D 707 -5.18 24.41 -12.92
CA TYR D 707 -5.30 25.77 -12.36
C TYR D 707 -5.10 26.81 -13.44
N GLU D 708 -5.82 26.67 -14.56
CA GLU D 708 -5.59 27.56 -15.69
C GLU D 708 -6.51 28.77 -15.60
N PRO D 709 -5.97 29.98 -15.73
CA PRO D 709 -6.79 31.19 -15.64
C PRO D 709 -7.67 31.35 -16.87
N PRO D 710 -8.74 32.15 -16.80
CA PRO D 710 -9.63 32.29 -17.95
C PRO D 710 -8.96 32.91 -19.18
N ASP D 711 -7.83 33.59 -19.01
CA ASP D 711 -7.15 34.16 -20.17
C ASP D 711 -6.21 33.18 -20.84
N PHE D 712 -5.71 32.17 -20.11
CA PHE D 712 -4.93 31.13 -20.74
C PHE D 712 -5.81 30.23 -21.59
N VAL D 713 -6.95 29.83 -21.05
CA VAL D 713 -7.88 28.97 -21.80
C VAL D 713 -8.51 29.73 -22.96
N GLY D 714 -8.49 31.06 -22.93
CA GLY D 714 -9.12 31.83 -23.98
C GLY D 714 -8.43 31.71 -25.32
N HIS D 715 -7.12 31.54 -25.32
CA HIS D 715 -6.39 31.43 -26.59
C HIS D 715 -6.70 30.12 -27.29
N PHE D 716 -7.04 29.07 -26.54
CA PHE D 716 -7.58 27.86 -27.12
C PHE D 716 -9.04 28.08 -27.49
N GLY D 717 -9.66 27.07 -28.09
CA GLY D 717 -11.07 27.17 -28.40
C GLY D 717 -11.95 27.08 -27.17
N VAL D 718 -12.95 26.20 -27.21
CA VAL D 718 -13.69 25.90 -25.99
C VAL D 718 -12.77 25.18 -25.01
N TRP D 719 -13.05 25.33 -23.73
CA TRP D 719 -12.28 24.67 -22.68
C TRP D 719 -13.22 23.81 -21.85
N ASP D 720 -12.79 22.59 -21.55
CA ASP D 720 -13.57 21.64 -20.77
C ASP D 720 -12.90 21.49 -19.40
N ARG D 721 -13.48 22.14 -18.39
CA ARG D 721 -12.95 22.03 -17.04
C ARG D 721 -13.14 20.65 -16.45
N GLN D 722 -13.99 19.81 -17.06
CA GLN D 722 -14.27 18.47 -16.54
C GLN D 722 -13.11 17.51 -16.73
N LEU D 723 -12.00 17.95 -17.33
CA LEU D 723 -10.88 17.05 -17.55
C LEU D 723 -9.85 17.13 -16.44
N TRP D 724 -9.38 18.35 -16.15
CA TRP D 724 -8.31 18.56 -15.18
C TRP D 724 -8.70 19.48 -14.03
N SER D 725 -9.85 20.14 -14.09
CA SER D 725 -10.28 21.07 -13.06
C SER D 725 -11.46 20.54 -12.25
N HIS D 726 -11.77 19.25 -12.37
CA HIS D 726 -12.91 18.62 -11.70
C HIS D 726 -14.24 19.30 -12.02
N GLY D 727 -14.32 19.98 -13.17
CA GLY D 727 -15.54 20.67 -13.54
C GLY D 727 -15.72 22.05 -12.95
N MET D 728 -14.77 22.52 -12.15
CA MET D 728 -14.89 23.81 -11.50
C MET D 728 -14.31 24.91 -12.38
N SER D 729 -14.98 26.06 -12.39
CA SER D 729 -14.44 27.22 -13.08
C SER D 729 -13.26 27.79 -12.29
N TYR D 730 -12.55 28.73 -12.91
CA TYR D 730 -11.38 29.32 -12.26
C TYR D 730 -11.78 30.05 -10.97
N ALA D 731 -12.95 30.68 -10.98
CA ALA D 731 -13.45 31.33 -9.77
C ALA D 731 -13.79 30.32 -8.69
N GLU D 732 -14.49 29.26 -9.07
CA GLU D 732 -14.85 28.22 -8.10
C GLU D 732 -13.60 27.51 -7.56
N LEU D 733 -12.58 27.34 -8.40
CA LEU D 733 -11.31 26.81 -7.90
C LEU D 733 -10.66 27.78 -6.92
N LYS D 734 -10.71 29.08 -7.23
CA LYS D 734 -10.09 30.08 -6.36
C LYS D 734 -10.78 30.13 -5.01
N LYS D 735 -12.09 29.93 -4.98
CA LYS D 735 -12.82 29.99 -3.72
C LYS D 735 -12.49 28.79 -2.83
N GLU D 736 -12.36 27.60 -3.42
CA GLU D 736 -12.12 26.42 -2.62
C GLU D 736 -10.65 26.30 -2.21
N LEU D 737 -9.73 26.68 -3.10
CA LEU D 737 -8.29 26.55 -2.82
C LEU D 737 -7.68 27.86 -2.34
N GLY D 738 -7.82 28.93 -3.11
CA GLY D 738 -7.25 30.21 -2.74
C GLY D 738 -6.40 30.83 -3.83
N GLU D 739 -6.20 32.15 -3.76
CA GLU D 739 -5.39 32.83 -4.75
C GLU D 739 -3.94 32.39 -4.66
N LYS D 740 -3.35 32.46 -3.46
CA LYS D 740 -1.97 32.03 -3.28
C LYS D 740 -1.82 30.51 -3.31
N ASN D 741 -2.92 29.77 -3.39
CA ASN D 741 -2.87 28.33 -3.57
C ASN D 741 -2.79 27.94 -5.05
N MET D 742 -3.27 28.81 -5.94
CA MET D 742 -3.28 28.54 -7.38
C MET D 742 -2.53 29.63 -8.16
N SER D 743 -1.64 30.36 -7.49
CA SER D 743 -1.00 31.50 -8.13
C SER D 743 -0.12 31.07 -9.31
N MET D 744 -0.09 31.91 -10.34
CA MET D 744 0.78 31.68 -11.49
C MET D 744 2.15 32.29 -11.16
N GLU D 745 3.07 31.43 -10.74
CA GLU D 745 4.42 31.90 -10.44
C GLU D 745 5.12 32.31 -11.73
N GLN D 746 5.84 33.43 -11.68
CA GLN D 746 6.54 33.95 -12.85
C GLN D 746 7.94 33.35 -12.92
N VAL D 747 8.38 33.05 -14.16
CA VAL D 747 9.72 32.52 -14.36
C VAL D 747 10.74 33.61 -14.08
N ARG D 748 11.86 33.24 -13.47
CA ARG D 748 12.99 34.13 -13.29
C ARG D 748 14.27 33.36 -13.58
N GLN D 749 15.31 34.10 -13.93
CA GLN D 749 16.58 33.49 -14.29
C GLN D 749 17.18 32.75 -13.09
N ARG D 750 18.19 31.95 -13.37
CA ARG D 750 18.96 31.24 -12.34
C ARG D 750 18.07 30.34 -11.48
N ASN D 754 20.55 25.66 -7.82
CA ASN D 754 21.92 26.14 -8.01
C ASN D 754 22.92 25.00 -7.93
N GLY D 755 24.06 25.19 -8.60
CA GLY D 755 25.14 24.21 -8.60
C GLY D 755 26.48 24.91 -8.74
N GLU D 756 27.53 24.13 -8.48
CA GLU D 756 28.92 24.60 -8.58
C GLU D 756 29.23 25.74 -7.62
N MET D 757 28.41 25.92 -6.58
CA MET D 757 28.72 26.87 -5.54
C MET D 757 29.84 26.34 -4.65
N SER D 758 30.56 27.25 -4.02
CA SER D 758 31.63 26.84 -3.13
C SER D 758 31.07 26.23 -1.85
N PHE D 759 31.96 25.54 -1.12
CA PHE D 759 31.56 24.89 0.12
C PHE D 759 30.98 25.89 1.11
N SER D 760 31.53 27.11 1.15
CA SER D 760 31.05 28.14 2.05
C SER D 760 29.72 28.77 1.59
N ASP D 761 29.42 28.73 0.30
CA ASP D 761 28.22 29.38 -0.22
C ASP D 761 27.00 28.45 -0.24
N VAL D 762 27.16 27.17 0.05
CA VAL D 762 26.04 26.25 0.11
C VAL D 762 25.32 26.42 1.45
N SER D 763 24.00 26.32 1.42
CA SER D 763 23.22 26.38 2.65
C SER D 763 23.59 25.23 3.57
N LYS D 764 23.69 25.52 4.86
CA LYS D 764 24.21 24.56 5.83
C LYS D 764 23.08 23.93 6.63
N TYR D 765 23.24 22.65 6.94
CA TYR D 765 22.28 21.88 7.71
C TYR D 765 23.02 20.95 8.66
N PRO D 766 22.40 20.55 9.76
CA PRO D 766 23.06 19.65 10.70
C PRO D 766 23.18 18.24 10.14
N TYR D 767 24.15 17.50 10.69
CA TYR D 767 24.35 16.11 10.27
C TYR D 767 23.14 15.25 10.62
N SER D 768 22.42 15.59 11.69
CA SER D 768 21.21 14.85 12.04
C SER D 768 20.12 15.00 10.98
N VAL D 769 20.19 16.03 10.16
CA VAL D 769 19.19 16.27 9.12
C VAL D 769 19.56 15.57 7.83
N LEU D 770 20.81 15.73 7.38
CA LEU D 770 21.22 15.20 6.09
C LEU D 770 21.26 13.67 6.09
N VAL D 771 21.50 13.06 7.24
CA VAL D 771 21.62 11.61 7.31
C VAL D 771 20.28 10.91 7.18
N GLN D 772 19.17 11.64 7.30
CA GLN D 772 17.85 11.04 7.13
C GLN D 772 17.58 10.76 5.66
N LYS D 773 16.79 9.73 5.40
CA LYS D 773 16.47 9.33 4.03
C LYS D 773 15.29 10.09 3.47
N GLU D 774 14.17 10.10 4.19
CA GLU D 774 12.96 10.79 3.77
C GLU D 774 12.74 12.03 4.63
N GLY D 775 11.78 12.85 4.22
CA GLY D 775 11.42 14.04 4.97
C GLY D 775 12.56 15.03 5.11
N LEU D 776 13.25 15.31 4.01
CA LEU D 776 14.38 16.24 4.06
C LEU D 776 13.95 17.64 3.67
N PRO D 777 14.50 18.66 4.33
CA PRO D 777 14.21 20.04 3.94
C PRO D 777 14.60 20.29 2.49
N ASP D 778 13.86 21.19 1.85
CA ASP D 778 14.06 21.47 0.44
C ASP D 778 15.36 22.24 0.21
N GLY D 779 15.87 22.15 -1.01
CA GLY D 779 17.11 22.82 -1.35
C GLY D 779 18.36 22.08 -0.97
N ILE D 780 18.28 20.76 -0.78
CA ILE D 780 19.42 19.94 -0.42
C ILE D 780 19.81 19.11 -1.64
N ASP D 781 21.04 19.30 -2.12
CA ASP D 781 21.57 18.54 -3.25
C ASP D 781 21.84 17.12 -2.79
N LEU D 782 20.93 16.20 -3.10
CA LEU D 782 21.05 14.82 -2.65
C LEU D 782 22.33 14.16 -3.15
N GLN D 783 22.91 14.65 -4.23
CA GLN D 783 24.13 14.09 -4.79
C GLN D 783 25.39 14.65 -4.14
N ASN D 784 25.28 15.71 -3.34
CA ASN D 784 26.42 16.30 -2.64
C ASN D 784 25.98 16.76 -1.26
N LYS D 785 25.43 15.83 -0.47
CA LYS D 785 24.94 16.20 0.85
C LYS D 785 26.05 16.55 1.82
N GLU D 786 27.28 16.10 1.57
CA GLU D 786 28.39 16.46 2.44
C GLU D 786 28.74 17.94 2.34
N LYS D 787 28.39 18.60 1.23
CA LYS D 787 28.62 20.03 1.11
C LYS D 787 27.66 20.84 1.97
N HIS D 788 26.56 20.25 2.42
CA HIS D 788 25.61 20.93 3.27
C HIS D 788 25.98 20.90 4.74
N LEU D 789 27.18 20.43 5.07
CA LEU D 789 27.71 20.48 6.42
C LEU D 789 28.62 21.70 6.57
N THR D 790 28.88 22.07 7.82
CA THR D 790 29.78 23.17 8.08
C THR D 790 31.24 22.72 7.93
N GLU D 791 32.15 23.69 7.95
CA GLU D 791 33.57 23.36 7.95
C GLU D 791 33.96 22.61 9.23
N GLU D 792 33.34 22.95 10.36
CA GLU D 792 33.66 22.29 11.61
C GLU D 792 32.98 20.94 11.73
N GLU D 793 31.71 20.84 11.36
CA GLU D 793 31.01 19.56 11.47
C GLU D 793 31.52 18.56 10.45
N PHE D 794 32.01 19.02 9.30
CA PHE D 794 32.60 18.11 8.32
C PHE D 794 33.85 17.43 8.89
N GLU D 795 34.71 18.19 9.55
CA GLU D 795 35.93 17.62 10.10
C GLU D 795 35.62 16.60 11.19
N LYS D 796 34.57 16.85 11.98
CA LYS D 796 34.21 15.90 13.04
C LYS D 796 33.68 14.60 12.47
N ILE D 797 32.94 14.66 11.35
CA ILE D 797 32.32 13.46 10.79
C ILE D 797 33.31 12.70 9.92
N PHE D 798 33.88 13.37 8.92
CA PHE D 798 34.76 12.72 7.96
C PHE D 798 36.21 12.66 8.42
N GLY D 799 36.53 13.16 9.61
CA GLY D 799 37.89 13.11 10.10
C GLY D 799 38.88 13.89 9.26
N MET D 800 38.40 14.84 8.46
CA MET D 800 39.27 15.60 7.57
C MET D 800 38.52 16.83 7.10
N THR D 801 39.26 17.81 6.62
CA THR D 801 38.65 19.01 6.08
C THR D 801 38.10 18.74 4.68
N TYR D 802 37.17 19.60 4.26
CA TYR D 802 36.60 19.45 2.92
C TYR D 802 37.64 19.65 1.83
N ALA D 803 38.70 20.42 2.11
CA ALA D 803 39.74 20.63 1.12
C ALA D 803 40.51 19.35 0.81
N THR D 804 40.86 18.58 1.85
CA THR D 804 41.54 17.32 1.62
C THR D 804 40.58 16.24 1.12
N PHE D 805 39.30 16.35 1.47
CA PHE D 805 38.32 15.38 1.00
C PHE D 805 38.18 15.40 -0.52
N ILE D 806 38.14 16.60 -1.11
CA ILE D 806 37.96 16.71 -2.55
C ILE D 806 39.20 16.34 -3.34
N THR D 807 40.36 16.26 -2.67
CA THR D 807 41.57 15.79 -3.35
C THR D 807 41.64 14.27 -3.40
N LYS D 808 40.89 13.57 -2.55
CA LYS D 808 40.89 12.13 -2.58
C LYS D 808 40.18 11.63 -3.84
N PRO D 809 40.56 10.44 -4.34
CA PRO D 809 39.93 9.92 -5.56
C PRO D 809 38.42 9.80 -5.41
N ALA D 810 37.74 9.83 -6.56
CA ALA D 810 36.28 9.78 -6.55
C ALA D 810 35.74 8.53 -5.91
N TRP D 811 36.45 7.40 -6.05
CA TRP D 811 35.98 6.16 -5.43
C TRP D 811 36.03 6.25 -3.92
N LYS D 812 37.03 6.95 -3.37
CA LYS D 812 37.14 7.05 -1.92
C LYS D 812 36.12 8.02 -1.35
N GLN D 813 35.80 9.08 -2.09
CA GLN D 813 34.79 10.03 -1.63
C GLN D 813 33.43 9.37 -1.52
N THR D 814 33.04 8.59 -2.53
CA THR D 814 31.75 7.91 -2.48
C THR D 814 31.71 6.89 -1.35
N GLN D 815 32.82 6.22 -1.07
CA GLN D 815 32.83 5.23 -0.01
C GLN D 815 32.77 5.90 1.36
N LEU D 816 33.49 7.01 1.53
CA LEU D 816 33.40 7.77 2.77
C LEU D 816 31.97 8.28 3.00
N LYS D 817 31.30 8.71 1.93
CA LYS D 817 29.92 9.18 2.07
C LYS D 817 28.99 8.04 2.47
N LYS D 818 29.22 6.83 1.94
CA LYS D 818 28.39 5.69 2.31
C LYS D 818 28.64 5.26 3.74
N ASP D 819 29.88 5.36 4.22
CA ASP D 819 30.19 5.02 5.59
C ASP D 819 29.48 5.94 6.57
N LYS D 820 29.34 7.21 6.22
CA LYS D 820 28.74 8.21 7.09
C LYS D 820 27.27 8.45 6.79
N GLY D 821 26.66 7.66 5.92
CA GLY D 821 25.23 7.79 5.69
C GLY D 821 24.83 9.02 4.91
N LEU D 822 25.80 9.68 4.26
CA LEU D 822 25.53 10.88 3.48
C LEU D 822 25.54 10.60 1.97
N PHE D 823 25.37 9.35 1.58
CA PHE D 823 25.37 8.98 0.16
C PHE D 823 24.02 9.28 -0.48
N GLU E 4 -40.96 -21.65 -8.13
CA GLU E 4 -39.59 -22.13 -7.99
C GLU E 4 -38.62 -21.26 -8.80
N ASP E 5 -38.22 -21.76 -9.96
CA ASP E 5 -37.28 -21.08 -10.87
C ASP E 5 -36.00 -20.80 -10.08
N GLU E 6 -35.52 -19.56 -10.03
CA GLU E 6 -34.31 -19.22 -9.29
C GLU E 6 -34.30 -17.74 -8.95
N THR E 7 -35.30 -17.29 -8.18
CA THR E 7 -35.44 -15.89 -7.83
C THR E 7 -34.51 -15.56 -6.68
N THR E 8 -33.36 -14.98 -6.99
CA THR E 8 -32.37 -14.63 -5.98
C THR E 8 -32.78 -13.36 -5.25
N ALA E 9 -32.40 -13.28 -3.98
CA ALA E 9 -32.76 -12.17 -3.11
C ALA E 9 -31.59 -11.20 -2.92
N LEU E 10 -31.94 -9.95 -2.61
CA LEU E 10 -30.97 -8.89 -2.44
C LEU E 10 -30.78 -8.57 -0.96
N VAL E 11 -29.55 -8.21 -0.61
CA VAL E 11 -29.19 -7.85 0.77
C VAL E 11 -28.52 -6.49 0.73
N CYS E 12 -29.11 -5.51 1.43
CA CYS E 12 -28.62 -4.13 1.42
C CYS E 12 -28.45 -3.64 2.85
N ASP E 13 -27.22 -3.36 3.24
CA ASP E 13 -26.89 -2.85 4.58
C ASP E 13 -26.74 -1.33 4.48
N ASN E 14 -27.77 -0.60 4.89
CA ASN E 14 -27.77 0.86 4.82
C ASN E 14 -26.97 1.40 6.00
N GLY E 15 -25.66 1.54 5.81
CA GLY E 15 -24.78 1.99 6.86
C GLY E 15 -24.66 3.50 6.93
N SER E 16 -24.11 3.98 8.06
CA SER E 16 -24.02 5.41 8.29
C SER E 16 -22.98 6.09 7.42
N GLY E 17 -21.99 5.35 6.92
CA GLY E 17 -20.97 5.94 6.07
C GLY E 17 -20.70 5.16 4.81
N LEU E 18 -21.09 3.88 4.80
CA LEU E 18 -20.88 3.01 3.67
C LEU E 18 -22.10 2.14 3.45
N VAL E 19 -22.50 1.99 2.19
CA VAL E 19 -23.58 1.08 1.82
C VAL E 19 -22.96 -0.26 1.45
N LYS E 20 -23.44 -1.34 2.05
CA LYS E 20 -23.04 -2.69 1.71
C LYS E 20 -24.22 -3.37 1.02
N ALA E 21 -24.08 -3.65 -0.26
CA ALA E 21 -25.15 -4.22 -1.06
C ALA E 21 -24.64 -5.37 -1.90
N GLY E 22 -25.46 -6.40 -2.04
CA GLY E 22 -25.08 -7.55 -2.83
C GLY E 22 -26.22 -8.52 -2.97
N PHE E 23 -25.87 -9.74 -3.36
CA PHE E 23 -26.85 -10.80 -3.61
C PHE E 23 -26.78 -11.84 -2.50
N ALA E 24 -27.95 -12.40 -2.17
CA ALA E 24 -28.01 -13.45 -1.16
C ALA E 24 -27.21 -14.66 -1.60
N GLY E 25 -26.61 -15.34 -0.63
CA GLY E 25 -25.80 -16.50 -0.90
C GLY E 25 -24.36 -16.20 -1.27
N ASP E 26 -24.00 -14.94 -1.45
CA ASP E 26 -22.62 -14.57 -1.72
C ASP E 26 -21.88 -14.34 -0.41
N ASP E 27 -20.59 -14.69 -0.42
CA ASP E 27 -19.77 -14.57 0.80
C ASP E 27 -19.38 -13.14 1.12
N ALA E 28 -19.65 -12.19 0.23
CA ALA E 28 -19.25 -10.80 0.44
C ALA E 28 -20.09 -9.92 -0.46
N PRO E 29 -20.31 -8.66 -0.09
CA PRO E 29 -21.14 -7.78 -0.92
C PRO E 29 -20.44 -7.37 -2.20
N ARG E 30 -21.21 -7.31 -3.29
CA ARG E 30 -20.63 -6.93 -4.57
C ARG E 30 -20.22 -5.46 -4.60
N ALA E 31 -21.01 -4.59 -3.97
CA ALA E 31 -20.80 -3.15 -4.04
C ALA E 31 -20.77 -2.54 -2.64
N VAL E 32 -19.74 -1.76 -2.37
CA VAL E 32 -19.70 -0.89 -1.19
C VAL E 32 -19.32 0.51 -1.67
N PHE E 33 -20.04 1.51 -1.17
CA PHE E 33 -19.87 2.89 -1.62
C PHE E 33 -20.37 3.82 -0.53
N PRO E 34 -19.89 5.07 -0.50
CA PRO E 34 -20.27 5.97 0.59
C PRO E 34 -21.75 6.32 0.56
N SER E 35 -22.34 6.44 1.76
CA SER E 35 -23.74 6.81 1.91
C SER E 35 -23.87 8.34 1.84
N ILE E 36 -23.62 8.87 0.65
CA ILE E 36 -23.72 10.30 0.41
C ILE E 36 -24.51 10.53 -0.87
N VAL E 37 -25.25 11.64 -0.90
CA VAL E 37 -26.00 12.07 -2.08
C VAL E 37 -25.53 13.46 -2.47
N GLY E 38 -25.30 13.66 -3.77
CA GLY E 38 -24.81 14.94 -4.25
C GLY E 38 -25.83 15.71 -5.06
N ARG E 39 -26.12 16.94 -4.63
CA ARG E 39 -27.01 17.85 -5.33
C ARG E 39 -26.23 19.04 -5.87
N PRO E 40 -26.56 19.53 -7.06
CA PRO E 40 -25.77 20.62 -7.66
C PRO E 40 -25.83 21.90 -6.83
N ARG E 41 -24.66 22.54 -6.69
CA ARG E 41 -24.60 23.83 -6.01
C ARG E 41 -25.19 24.94 -6.88
N HIS E 42 -24.84 24.95 -8.16
CA HIS E 42 -25.32 25.95 -9.11
C HIS E 42 -26.14 25.22 -10.17
N GLN E 43 -27.45 25.15 -9.95
CA GLN E 43 -28.31 24.37 -10.83
C GLN E 43 -28.40 25.01 -12.20
N GLY E 44 -28.22 24.19 -13.24
CA GLY E 44 -28.42 24.62 -14.61
C GLY E 44 -27.22 25.24 -15.30
N VAL E 45 -26.10 25.41 -14.59
CA VAL E 45 -24.92 26.01 -15.21
C VAL E 45 -24.29 25.05 -16.21
N MET E 46 -24.14 23.78 -15.82
CA MET E 46 -23.59 22.75 -16.68
C MET E 46 -24.66 21.70 -16.98
N VAL E 47 -24.51 21.04 -18.14
CA VAL E 47 -25.42 19.97 -18.51
C VAL E 47 -25.24 18.81 -17.56
N GLY E 48 -26.36 18.25 -17.09
CA GLY E 48 -26.34 17.22 -16.07
C GLY E 48 -26.33 17.74 -14.65
N MET E 49 -26.27 19.06 -14.47
CA MET E 49 -26.30 19.68 -13.14
C MET E 49 -27.62 20.38 -12.87
N GLY E 50 -28.71 19.90 -13.48
CA GLY E 50 -30.02 20.48 -13.25
C GLY E 50 -30.58 20.10 -11.90
N GLN E 51 -31.68 20.77 -11.55
CA GLN E 51 -32.34 20.49 -10.27
C GLN E 51 -32.83 19.05 -10.20
N LYS E 52 -33.13 18.44 -11.35
CA LYS E 52 -33.65 17.08 -11.41
C LYS E 52 -32.55 16.03 -11.46
N ASP E 53 -31.29 16.42 -11.27
CA ASP E 53 -30.17 15.50 -11.31
C ASP E 53 -29.52 15.38 -9.94
N SER E 54 -28.97 14.19 -9.67
CA SER E 54 -28.32 13.91 -8.40
C SER E 54 -27.28 12.81 -8.62
N TYR E 55 -26.22 12.86 -7.81
CA TYR E 55 -25.13 11.90 -7.92
C TYR E 55 -24.84 11.29 -6.55
N VAL E 56 -24.52 10.00 -6.54
CA VAL E 56 -24.42 9.22 -5.32
C VAL E 56 -23.13 8.40 -5.35
N GLY E 57 -22.42 8.38 -4.22
CA GLY E 57 -21.29 7.49 -4.06
C GLY E 57 -19.94 8.14 -4.31
N ASP E 58 -19.03 7.36 -4.92
CA ASP E 58 -17.68 7.87 -5.17
C ASP E 58 -17.69 8.97 -6.23
N GLU E 59 -18.65 8.94 -7.16
CA GLU E 59 -18.74 10.00 -8.16
C GLU E 59 -19.11 11.33 -7.51
N ALA E 60 -20.00 11.30 -6.53
CA ALA E 60 -20.37 12.53 -5.82
C ALA E 60 -19.19 13.10 -5.04
N GLN E 61 -18.33 12.24 -4.48
CA GLN E 61 -17.14 12.72 -3.79
C GLN E 61 -16.15 13.36 -4.76
N SER E 62 -16.14 12.92 -6.02
CA SER E 62 -15.29 13.55 -7.01
C SER E 62 -15.79 14.95 -7.35
N LYS E 63 -17.11 15.12 -7.40
CA LYS E 63 -17.73 16.41 -7.71
C LYS E 63 -17.97 17.24 -6.45
N ARG E 64 -16.94 17.35 -5.61
CA ARG E 64 -17.08 18.10 -4.36
C ARG E 64 -17.34 19.58 -4.63
N GLY E 65 -16.60 20.18 -5.57
CA GLY E 65 -16.78 21.57 -5.88
C GLY E 65 -18.10 21.89 -6.56
N ILE E 66 -18.71 20.89 -7.22
CA ILE E 66 -19.93 21.13 -7.97
C ILE E 66 -21.18 20.66 -7.25
N LEU E 67 -21.05 19.80 -6.24
CA LEU E 67 -22.19 19.25 -5.52
C LEU E 67 -22.07 19.54 -4.03
N THR E 68 -23.21 19.67 -3.37
CA THR E 68 -23.27 19.74 -1.92
C THR E 68 -23.56 18.35 -1.37
N LEU E 69 -22.64 17.83 -0.55
CA LEU E 69 -22.72 16.46 -0.06
C LEU E 69 -23.48 16.39 1.25
N LYS E 70 -24.37 15.41 1.36
CA LYS E 70 -25.22 15.25 2.54
C LYS E 70 -25.22 13.78 2.97
N TYR E 71 -25.24 13.55 4.29
CA TYR E 71 -25.31 12.22 4.86
C TYR E 71 -26.76 11.89 5.18
N PRO E 72 -27.44 11.04 4.41
CA PRO E 72 -28.83 10.71 4.77
C PRO E 72 -28.94 9.91 6.05
N ILE E 73 -28.02 8.97 6.30
CA ILE E 73 -28.04 8.17 7.52
C ILE E 73 -26.88 8.59 8.41
N GLU E 74 -26.89 9.84 8.87
CA GLU E 74 -25.75 10.41 9.57
C GLU E 74 -25.38 9.66 10.85
N GLY E 76 -26.99 6.64 11.97
CA GLY E 76 -27.57 5.31 11.97
C GLY E 76 -29.03 5.24 11.55
N ILE E 77 -29.78 6.32 11.81
CA ILE E 77 -31.18 6.39 11.45
C ILE E 77 -31.32 7.21 10.18
N ILE E 78 -32.31 6.85 9.37
CA ILE E 78 -32.56 7.54 8.10
C ILE E 78 -33.34 8.82 8.39
N THR E 79 -32.76 9.97 8.02
CA THR E 79 -33.39 11.26 8.23
C THR E 79 -33.93 11.84 6.93
N ASN E 80 -33.06 12.10 5.95
CA ASN E 80 -33.49 12.59 4.65
C ASN E 80 -33.95 11.41 3.79
N TRP E 81 -35.25 11.35 3.51
CA TRP E 81 -35.81 10.19 2.83
C TRP E 81 -35.72 10.30 1.31
N ASP E 82 -35.94 11.49 0.75
CA ASP E 82 -35.78 11.66 -0.70
C ASP E 82 -34.34 11.41 -1.12
N ASP E 83 -33.38 11.73 -0.25
CA ASP E 83 -32.00 11.36 -0.52
C ASP E 83 -31.82 9.85 -0.41
N MET E 84 -32.52 9.21 0.53
CA MET E 84 -32.42 7.76 0.68
C MET E 84 -32.95 7.05 -0.56
N GLU E 85 -34.00 7.59 -1.17
CA GLU E 85 -34.50 7.02 -2.41
C GLU E 85 -33.46 7.08 -3.52
N LYS E 86 -32.57 8.07 -3.47
CA LYS E 86 -31.49 8.15 -4.44
C LYS E 86 -30.37 7.16 -4.13
N ILE E 87 -30.19 6.81 -2.87
CA ILE E 87 -29.21 5.79 -2.50
C ILE E 87 -29.66 4.42 -2.99
N TRP E 88 -30.93 4.07 -2.72
CA TRP E 88 -31.45 2.77 -3.14
C TRP E 88 -31.56 2.68 -4.65
N HIS E 89 -31.94 3.77 -5.32
CA HIS E 89 -31.96 3.79 -6.78
C HIS E 89 -30.57 3.54 -7.34
N HIS E 90 -29.56 4.22 -6.78
CA HIS E 90 -28.19 4.02 -7.23
C HIS E 90 -27.71 2.59 -6.96
N THR E 91 -28.31 1.93 -5.96
CA THR E 91 -27.92 0.56 -5.64
C THR E 91 -28.49 -0.43 -6.65
N PHE E 92 -29.79 -0.33 -6.94
CA PHE E 92 -30.44 -1.32 -7.80
C PHE E 92 -29.97 -1.18 -9.24
N TYR E 93 -30.04 0.02 -9.80
CA TYR E 93 -29.87 0.21 -11.23
C TYR E 93 -28.42 0.45 -11.64
N ASN E 94 -27.59 1.03 -10.78
CA ASN E 94 -26.24 1.42 -11.16
C ASN E 94 -25.17 0.51 -10.57
N GLU E 95 -25.26 0.16 -9.28
CA GLU E 95 -24.26 -0.67 -8.64
C GLU E 95 -24.54 -2.17 -8.84
N LEU E 96 -25.77 -2.59 -8.55
CA LEU E 96 -26.12 -4.01 -8.67
C LEU E 96 -26.65 -4.37 -10.05
N ARG E 97 -27.22 -3.40 -10.78
CA ARG E 97 -27.72 -3.61 -12.14
C ARG E 97 -28.78 -4.72 -12.18
N VAL E 98 -29.82 -4.54 -11.36
CA VAL E 98 -30.94 -5.47 -11.29
C VAL E 98 -32.24 -4.68 -11.39
N ALA E 99 -33.33 -5.43 -11.55
CA ALA E 99 -34.66 -4.85 -11.53
C ALA E 99 -35.26 -5.02 -10.15
N PRO E 100 -35.56 -3.94 -9.43
CA PRO E 100 -36.08 -4.10 -8.05
C PRO E 100 -37.45 -4.77 -8.01
N GLU E 101 -38.17 -4.82 -9.12
CA GLU E 101 -39.47 -5.46 -9.16
C GLU E 101 -39.39 -6.97 -9.34
N GLU E 102 -38.19 -7.56 -9.33
CA GLU E 102 -38.02 -8.98 -9.56
C GLU E 102 -37.15 -9.68 -8.53
N HIS E 103 -36.70 -8.98 -7.49
CA HIS E 103 -35.89 -9.60 -6.45
C HIS E 103 -36.37 -9.16 -5.06
N PRO E 104 -36.74 -10.10 -4.19
CA PRO E 104 -37.06 -9.72 -2.82
C PRO E 104 -35.83 -9.20 -2.08
N THR E 105 -36.00 -8.09 -1.38
CA THR E 105 -34.89 -7.36 -0.79
C THR E 105 -34.88 -7.50 0.72
N LEU E 106 -33.68 -7.67 1.29
CA LEU E 106 -33.49 -7.68 2.73
C LEU E 106 -32.76 -6.39 3.12
N LEU E 107 -33.38 -5.59 3.96
CA LEU E 107 -32.82 -4.32 4.42
C LEU E 107 -32.45 -4.42 5.90
N THR E 108 -31.51 -3.58 6.31
CA THR E 108 -31.01 -3.56 7.68
C THR E 108 -31.34 -2.21 8.33
N GLU E 109 -31.75 -2.26 9.59
CA GLU E 109 -32.03 -1.07 10.37
C GLU E 109 -31.08 -0.99 11.55
N ALA E 110 -30.99 0.19 12.14
CA ALA E 110 -30.19 0.38 13.33
C ALA E 110 -30.90 -0.18 14.55
N PRO E 111 -30.17 -0.50 15.61
CA PRO E 111 -30.82 -0.92 16.85
C PRO E 111 -31.70 0.21 17.39
N LEU E 112 -32.87 -0.18 17.90
CA LEU E 112 -33.86 0.78 18.41
C LEU E 112 -34.31 1.75 17.32
N ASN E 113 -34.52 1.23 16.12
CA ASN E 113 -35.03 2.06 15.04
C ASN E 113 -36.49 2.40 15.30
N PRO E 114 -36.90 3.67 15.14
CA PRO E 114 -38.30 4.01 15.38
C PRO E 114 -39.23 3.23 14.45
N LYS E 115 -40.43 2.94 14.96
CA LYS E 115 -41.39 2.15 14.19
C LYS E 115 -41.85 2.88 12.94
N ALA E 116 -41.91 4.21 12.97
CA ALA E 116 -42.28 4.97 11.79
C ALA E 116 -41.19 4.92 10.73
N ASN E 117 -39.93 4.94 11.15
CA ASN E 117 -38.82 4.83 10.21
C ASN E 117 -38.85 3.48 9.49
N ARG E 118 -39.23 2.42 10.20
CA ARG E 118 -39.25 1.09 9.60
C ARG E 118 -40.41 0.92 8.64
N GLU E 119 -41.56 1.53 8.94
CA GLU E 119 -42.73 1.39 8.07
C GLU E 119 -42.75 2.41 6.94
N LYS E 120 -42.02 3.53 7.06
CA LYS E 120 -41.79 4.37 5.90
C LYS E 120 -40.73 3.77 4.99
N MET E 121 -39.82 2.97 5.57
CA MET E 121 -38.83 2.26 4.77
C MET E 121 -39.49 1.24 3.86
N THR E 122 -40.48 0.50 4.37
CA THR E 122 -41.17 -0.47 3.54
C THR E 122 -42.15 0.19 2.58
N GLN E 123 -42.60 1.41 2.89
CA GLN E 123 -43.46 2.13 1.94
C GLN E 123 -42.69 2.51 0.68
N ILE E 124 -41.44 2.94 0.83
CA ILE E 124 -40.65 3.35 -0.32
C ILE E 124 -40.29 2.15 -1.19
N MET E 125 -39.97 1.01 -0.57
CA MET E 125 -39.55 -0.15 -1.34
C MET E 125 -40.71 -0.75 -2.13
N PHE E 126 -41.93 -0.68 -1.60
CA PHE E 126 -43.09 -1.26 -2.26
C PHE E 126 -43.73 -0.35 -3.29
N GLU E 127 -43.56 0.96 -3.16
CA GLU E 127 -44.17 1.93 -4.07
C GLU E 127 -43.19 2.50 -5.08
N THR E 128 -42.07 3.04 -4.61
CA THR E 128 -41.09 3.63 -5.51
C THR E 128 -40.34 2.58 -6.32
N PHE E 129 -40.11 1.40 -5.74
CA PHE E 129 -39.34 0.36 -6.39
C PHE E 129 -40.13 -0.92 -6.66
N ASN E 130 -41.30 -1.10 -6.05
CA ASN E 130 -42.19 -2.22 -6.34
C ASN E 130 -41.50 -3.56 -6.13
N VAL E 131 -40.82 -3.71 -5.01
CA VAL E 131 -40.14 -4.97 -4.73
C VAL E 131 -41.18 -6.07 -4.50
N PRO E 132 -40.93 -7.31 -4.90
CA PRO E 132 -41.93 -8.37 -4.65
C PRO E 132 -42.20 -8.60 -3.18
N ALA E 133 -41.15 -8.69 -2.37
CA ALA E 133 -41.29 -8.82 -0.92
C ALA E 133 -40.04 -8.22 -0.28
N MET E 134 -40.16 -7.90 1.01
CA MET E 134 -39.04 -7.28 1.70
C MET E 134 -39.14 -7.59 3.18
N TYR E 135 -38.01 -7.44 3.87
CA TYR E 135 -37.90 -7.73 5.29
C TYR E 135 -36.80 -6.87 5.88
N VAL E 136 -37.01 -6.39 7.11
CA VAL E 136 -36.05 -5.55 7.80
C VAL E 136 -35.49 -6.33 8.99
N ALA E 137 -34.17 -6.38 9.10
CA ALA E 137 -33.50 -7.12 10.15
C ALA E 137 -32.56 -6.20 10.93
N ILE E 138 -32.37 -6.51 12.20
CA ILE E 138 -31.49 -5.73 13.06
C ILE E 138 -30.04 -6.11 12.76
N GLN E 139 -29.20 -5.09 12.56
CA GLN E 139 -27.82 -5.32 12.13
C GLN E 139 -27.04 -6.13 13.16
N ALA E 140 -27.30 -5.88 14.45
CA ALA E 140 -26.53 -6.56 15.50
C ALA E 140 -26.82 -8.06 15.50
N VAL E 141 -28.08 -8.45 15.31
CA VAL E 141 -28.42 -9.86 15.28
C VAL E 141 -27.81 -10.53 14.06
N LEU E 142 -27.74 -9.81 12.94
CA LEU E 142 -27.12 -10.38 11.73
C LEU E 142 -25.64 -10.59 11.94
N SER E 143 -24.96 -9.65 12.61
CA SER E 143 -23.55 -9.85 12.93
C SER E 143 -23.35 -11.09 13.81
N LEU E 144 -24.27 -11.32 14.74
CA LEU E 144 -24.15 -12.46 15.63
C LEU E 144 -24.32 -13.78 14.87
N TYR E 145 -25.23 -13.81 13.89
CA TYR E 145 -25.41 -15.01 13.08
C TYR E 145 -24.16 -15.31 12.26
N ALA E 146 -23.44 -14.26 11.83
CA ALA E 146 -22.22 -14.47 11.06
C ALA E 146 -21.12 -15.10 11.90
N SER E 147 -21.14 -14.87 13.21
CA SER E 147 -20.17 -15.48 14.12
C SER E 147 -20.60 -16.87 14.60
N GLY E 148 -21.67 -17.42 14.03
CA GLY E 148 -22.15 -18.74 14.44
C GLY E 148 -22.61 -18.78 15.88
N ARG E 149 -23.35 -17.78 16.31
CA ARG E 149 -23.77 -17.66 17.70
C ARG E 149 -25.24 -17.27 17.78
N THR E 150 -25.94 -17.86 18.75
CA THR E 150 -27.30 -17.43 19.07
C THR E 150 -27.37 -16.50 20.27
N THR E 151 -26.30 -16.41 21.06
CA THR E 151 -26.26 -15.57 22.24
C THR E 151 -24.95 -14.79 22.26
N GLY E 152 -25.03 -13.49 22.50
CA GLY E 152 -23.84 -12.68 22.61
C GLY E 152 -24.23 -11.22 22.78
N ILE E 153 -23.21 -10.41 23.06
CA ILE E 153 -23.37 -8.96 23.21
C ILE E 153 -22.52 -8.32 22.12
N VAL E 154 -23.20 -7.72 21.13
CA VAL E 154 -22.53 -7.20 19.95
C VAL E 154 -22.11 -5.75 20.21
N LEU E 155 -20.85 -5.45 19.91
CA LEU E 155 -20.35 -4.08 19.87
C LEU E 155 -20.17 -3.75 18.38
N ASP E 156 -21.10 -2.95 17.85
CA ASP E 156 -21.11 -2.57 16.44
C ASP E 156 -20.67 -1.12 16.33
N SER E 157 -19.39 -0.91 16.03
CA SER E 157 -18.82 0.43 15.88
C SER E 157 -18.59 0.67 14.39
N GLY E 158 -19.38 1.58 13.81
CA GLY E 158 -19.29 1.84 12.39
C GLY E 158 -18.67 3.19 12.06
N ASP E 159 -19.33 3.95 11.20
CA ASP E 159 -18.85 5.26 10.77
C ASP E 159 -19.42 6.41 11.61
N GLY E 160 -20.73 6.41 11.86
CA GLY E 160 -21.32 7.51 12.60
C GLY E 160 -21.92 7.15 13.94
N VAL E 161 -22.00 5.87 14.27
CA VAL E 161 -22.66 5.44 15.51
C VAL E 161 -22.04 4.12 15.98
N THR E 162 -22.07 3.91 17.29
CA THR E 162 -21.64 2.68 17.93
C THR E 162 -22.78 2.15 18.81
N HIS E 163 -23.00 0.84 18.76
CA HIS E 163 -24.11 0.21 19.47
C HIS E 163 -23.63 -0.96 20.30
N ASN E 164 -24.19 -1.10 21.50
CA ASN E 164 -24.05 -2.28 22.34
C ASN E 164 -25.40 -2.98 22.38
N VAL E 165 -25.47 -4.18 21.81
CA VAL E 165 -26.74 -4.90 21.71
C VAL E 165 -26.59 -6.30 22.30
N PRO E 166 -27.15 -6.56 23.49
CA PRO E 166 -27.14 -7.92 24.02
C PRO E 166 -28.24 -8.77 23.42
N ILE E 167 -27.89 -9.99 23.06
CA ILE E 167 -28.79 -10.92 22.39
C ILE E 167 -28.73 -12.25 23.13
N TYR E 168 -29.89 -12.83 23.40
CA TYR E 168 -29.97 -14.13 24.07
C TYR E 168 -30.86 -15.05 23.25
N GLU E 169 -30.29 -16.19 22.83
CA GLU E 169 -31.01 -17.22 22.09
C GLU E 169 -31.80 -16.64 20.91
N GLY E 170 -31.13 -15.76 20.17
CA GLY E 170 -31.65 -15.26 18.91
C GLY E 170 -32.43 -13.97 18.96
N TYR E 171 -32.69 -13.42 20.15
CA TYR E 171 -33.51 -12.23 20.27
C TYR E 171 -32.80 -11.20 21.15
N ALA E 172 -32.76 -9.97 20.66
CA ALA E 172 -32.10 -8.89 21.39
C ALA E 172 -32.95 -8.41 22.56
N LEU E 173 -32.29 -7.86 23.56
CA LEU E 173 -32.94 -7.30 24.73
C LEU E 173 -32.94 -5.78 24.63
N PRO E 174 -34.01 -5.18 24.10
CA PRO E 174 -33.97 -3.74 23.79
C PRO E 174 -33.70 -2.85 24.99
N HIS E 175 -34.14 -3.27 26.19
CA HIS E 175 -33.96 -2.44 27.38
C HIS E 175 -32.50 -2.21 27.72
N ALA E 176 -31.60 -3.10 27.30
CA ALA E 176 -30.19 -3.00 27.65
C ALA E 176 -29.34 -2.48 26.50
N ILE E 177 -29.94 -2.05 25.41
CA ILE E 177 -29.19 -1.55 24.27
C ILE E 177 -28.62 -0.17 24.60
N MET E 178 -27.31 -0.02 24.53
CA MET E 178 -26.64 1.25 24.71
C MET E 178 -26.24 1.82 23.35
N ARG E 179 -26.23 3.14 23.24
CA ARG E 179 -25.88 3.82 22.01
C ARG E 179 -24.78 4.85 22.29
N LEU E 180 -23.93 5.07 21.29
CA LEU E 180 -22.82 6.01 21.43
C LEU E 180 -22.62 6.69 20.09
N ASP E 181 -22.65 8.03 20.08
CA ASP E 181 -22.56 8.78 18.83
C ASP E 181 -21.11 9.06 18.45
N LEU E 182 -20.21 8.17 18.86
CA LEU E 182 -18.79 8.25 18.55
C LEU E 182 -18.41 7.04 17.72
N ALA E 183 -17.76 7.28 16.58
CA ALA E 183 -17.36 6.17 15.72
C ALA E 183 -16.17 6.62 14.89
N GLY E 184 -16.02 6.03 13.70
CA GLY E 184 -14.82 6.27 12.90
C GLY E 184 -14.76 7.66 12.29
N ARG E 185 -15.91 8.19 11.88
CA ARG E 185 -15.95 9.54 11.33
C ARG E 185 -15.40 10.55 12.32
N ASP E 186 -15.77 10.40 13.60
CA ASP E 186 -15.24 11.29 14.63
C ASP E 186 -13.76 11.01 14.91
N LEU E 187 -13.32 9.77 14.69
CA LEU E 187 -11.91 9.45 14.86
C LEU E 187 -11.07 10.01 13.72
N THR E 188 -11.62 10.02 12.50
CA THR E 188 -10.92 10.65 11.39
C THR E 188 -10.77 12.15 11.61
N ASP E 189 -11.79 12.78 12.20
CA ASP E 189 -11.71 14.21 12.47
C ASP E 189 -10.73 14.51 13.60
N TYR E 190 -10.67 13.64 14.61
CA TYR E 190 -9.75 13.86 15.72
C TYR E 190 -8.31 13.68 15.28
N LEU E 191 -8.03 12.70 14.41
CA LEU E 191 -6.68 12.54 13.88
C LEU E 191 -6.31 13.71 12.98
N MET E 192 -7.26 14.22 12.20
CA MET E 192 -7.02 15.42 11.42
C MET E 192 -6.61 16.58 12.32
N LYS E 193 -7.21 16.68 13.51
CA LYS E 193 -6.90 17.78 14.42
C LYS E 193 -5.52 17.61 15.05
N ILE E 194 -5.26 16.44 15.64
CA ILE E 194 -4.01 16.25 16.36
C ILE E 194 -2.81 16.19 15.41
N LEU E 195 -3.03 15.86 14.14
CA LEU E 195 -1.95 15.97 13.17
C LEU E 195 -1.66 17.42 12.82
N THR E 196 -2.65 18.29 12.90
CA THR E 196 -2.42 19.71 12.69
C THR E 196 -1.58 20.30 13.80
N GLU E 197 -1.80 19.86 15.05
CA GLU E 197 -1.02 20.32 16.18
C GLU E 197 0.40 19.75 16.19
N ARG E 198 0.75 18.89 15.23
CA ARG E 198 2.11 18.40 15.06
C ARG E 198 2.89 19.19 14.02
N GLY E 199 2.22 20.01 13.22
CA GLY E 199 2.90 20.80 12.20
C GLY E 199 2.28 20.66 10.82
N TYR E 200 1.81 19.45 10.50
CA TYR E 200 1.18 19.21 9.22
C TYR E 200 -0.17 19.91 9.14
N SER E 201 -0.77 19.89 7.95
CA SER E 201 -2.05 20.54 7.72
C SER E 201 -2.97 19.59 6.97
N PHE E 202 -4.09 19.24 7.62
CA PHE E 202 -5.12 18.40 7.01
C PHE E 202 -6.48 19.01 7.35
N VAL E 203 -7.05 19.74 6.40
CA VAL E 203 -8.33 20.42 6.62
C VAL E 203 -9.26 20.17 5.44
N THR E 204 -8.72 20.17 4.23
CA THR E 204 -9.53 19.96 3.04
C THR E 204 -10.10 18.54 3.04
N THR E 205 -11.24 18.38 2.37
CA THR E 205 -11.90 17.09 2.32
C THR E 205 -11.07 16.06 1.54
N ALA E 206 -10.26 16.52 0.58
CA ALA E 206 -9.33 15.61 -0.07
C ALA E 206 -8.28 15.11 0.91
N GLU E 207 -7.76 16.00 1.75
CA GLU E 207 -6.87 15.59 2.83
C GLU E 207 -7.60 14.81 3.92
N ARG E 208 -8.93 14.89 3.96
CA ARG E 208 -9.70 14.06 4.89
C ARG E 208 -9.78 12.62 4.40
N GLU E 209 -9.83 12.40 3.08
CA GLU E 209 -9.77 11.04 2.56
C GLU E 209 -8.38 10.44 2.71
N ILE E 210 -7.35 11.27 2.83
CA ILE E 210 -5.99 10.78 3.05
C ILE E 210 -5.81 10.36 4.49
N VAL E 211 -6.26 11.20 5.44
CA VAL E 211 -6.08 10.89 6.85
C VAL E 211 -6.89 9.66 7.25
N ARG E 212 -8.01 9.40 6.55
CA ARG E 212 -8.74 8.17 6.79
C ARG E 212 -7.91 6.95 6.44
N ASP E 213 -7.04 7.07 5.43
CA ASP E 213 -6.13 5.97 5.10
C ASP E 213 -5.02 5.83 6.13
N ILE E 214 -4.54 6.96 6.68
CA ILE E 214 -3.54 6.89 7.74
C ILE E 214 -4.14 6.26 8.98
N LYS E 215 -5.42 6.51 9.24
CA LYS E 215 -6.09 5.93 10.40
C LYS E 215 -6.20 4.41 10.26
N GLU E 216 -6.57 3.93 9.07
CA GLU E 216 -6.76 2.50 8.85
C GLU E 216 -5.45 1.75 8.66
N LYS E 217 -4.32 2.44 8.54
CA LYS E 217 -3.03 1.81 8.28
C LYS E 217 -2.06 1.84 9.45
N LEU E 218 -2.04 2.93 10.24
CA LEU E 218 -1.04 3.10 11.26
C LEU E 218 -1.59 3.20 12.69
N CYS E 219 -2.89 3.28 12.87
CA CYS E 219 -3.46 3.45 14.20
C CYS E 219 -3.67 2.11 14.89
N TYR E 220 -3.62 2.14 16.22
CA TYR E 220 -3.82 0.94 17.03
C TYR E 220 -4.27 1.36 18.42
N VAL E 221 -4.81 0.39 19.16
CA VAL E 221 -5.29 0.62 20.52
C VAL E 221 -4.22 0.14 21.49
N ALA E 222 -3.69 1.05 22.28
CA ALA E 222 -2.69 0.71 23.27
C ALA E 222 -3.30 -0.11 24.41
N LEU E 223 -2.49 -1.00 24.99
CA LEU E 223 -2.98 -1.82 26.09
C LEU E 223 -3.03 -1.01 27.39
N ASP E 224 -1.99 -0.22 27.66
CA ASP E 224 -2.00 0.77 28.72
C ASP E 224 -1.66 2.11 28.09
N PHE E 225 -2.65 3.01 28.02
CA PHE E 225 -2.49 4.26 27.30
C PHE E 225 -1.36 5.11 27.89
N GLU E 226 -1.24 5.13 29.22
CA GLU E 226 -0.23 5.98 29.83
C GLU E 226 1.17 5.42 29.60
N ASN E 227 1.33 4.10 29.65
CA ASN E 227 2.64 3.52 29.40
C ASN E 227 3.08 3.75 27.96
N GLU E 228 2.14 3.72 27.02
CA GLU E 228 2.47 3.97 25.62
C GLU E 228 2.73 5.44 25.34
N MET E 229 2.06 6.34 26.06
CA MET E 229 2.42 7.75 25.98
C MET E 229 3.83 7.99 26.49
N ALA E 230 4.25 7.23 27.51
CA ALA E 230 5.59 7.40 28.05
C ALA E 230 6.65 6.86 27.10
N THR E 231 6.37 5.71 26.48
CA THR E 231 7.30 5.18 25.48
C THR E 231 7.41 6.12 24.28
N ALA E 232 6.29 6.74 23.88
CA ALA E 232 6.31 7.65 22.75
C ALA E 232 7.18 8.87 23.01
N ALA E 233 7.31 9.27 24.27
CA ALA E 233 8.09 10.45 24.63
C ALA E 233 9.54 10.13 24.99
N SER E 234 9.89 8.85 25.14
CA SER E 234 11.23 8.46 25.52
C SER E 234 12.07 7.94 24.37
N SER E 235 11.45 7.51 23.28
CA SER E 235 12.18 7.00 22.13
C SER E 235 11.35 7.23 20.88
N SER E 236 11.88 6.80 19.73
CA SER E 236 11.20 6.89 18.45
C SER E 236 10.69 5.54 17.96
N SER E 237 10.58 4.56 18.86
CA SER E 237 10.25 3.20 18.46
C SER E 237 8.83 3.09 17.91
N LEU E 238 7.93 4.00 18.32
CA LEU E 238 6.54 3.94 17.90
C LEU E 238 6.25 4.83 16.69
N GLU E 239 7.24 5.56 16.20
CA GLU E 239 7.01 6.45 15.06
C GLU E 239 6.88 5.64 13.78
N LYS E 240 6.03 6.13 12.88
CA LYS E 240 5.83 5.52 11.56
C LYS E 240 5.75 6.62 10.52
N SER E 241 6.06 6.25 9.27
CA SER E 241 6.06 7.17 8.15
C SER E 241 4.94 6.83 7.18
N TYR E 242 4.31 7.87 6.63
CA TYR E 242 3.25 7.72 5.65
C TYR E 242 3.51 8.69 4.51
N GLU E 243 3.52 8.18 3.28
CA GLU E 243 3.82 8.99 2.10
C GLU E 243 2.52 9.57 1.55
N LEU E 244 2.49 10.89 1.39
CA LEU E 244 1.32 11.58 0.87
C LEU E 244 1.29 11.49 -0.66
N PRO E 245 0.14 11.77 -1.27
CA PRO E 245 0.07 11.72 -2.75
C PRO E 245 1.06 12.64 -3.45
N ASP E 246 1.43 13.77 -2.83
CA ASP E 246 2.37 14.69 -3.45
C ASP E 246 3.82 14.23 -3.31
N GLY E 247 4.07 13.07 -2.71
CA GLY E 247 5.41 12.58 -2.50
C GLY E 247 6.03 12.91 -1.16
N GLN E 248 5.43 13.81 -0.39
CA GLN E 248 5.97 14.16 0.91
C GLN E 248 5.75 13.03 1.91
N VAL E 249 6.71 12.84 2.80
CA VAL E 249 6.66 11.82 3.84
C VAL E 249 6.51 12.51 5.19
N ILE E 250 5.51 12.11 5.95
CA ILE E 250 5.30 12.62 7.29
C ILE E 250 5.61 11.52 8.30
N THR E 251 5.76 11.90 9.56
CA THR E 251 6.08 10.97 10.64
C THR E 251 5.11 11.22 11.79
N ILE E 252 4.32 10.19 12.12
CA ILE E 252 3.34 10.27 13.20
C ILE E 252 3.79 9.36 14.33
N GLY E 253 3.56 9.81 15.56
CA GLY E 253 4.00 9.07 16.74
C GLY E 253 2.87 8.68 17.66
N ASN E 254 2.66 9.45 18.73
CA ASN E 254 1.60 9.12 19.67
C ASN E 254 0.22 9.26 19.07
N GLU E 255 0.09 9.94 17.93
CA GLU E 255 -1.20 10.06 17.27
C GLU E 255 -1.72 8.71 16.79
N ARG E 256 -0.85 7.70 16.68
CA ARG E 256 -1.28 6.38 16.26
C ARG E 256 -2.27 5.77 17.26
N PHE E 257 -1.94 5.84 18.55
CA PHE E 257 -2.79 5.23 19.57
C PHE E 257 -3.67 6.23 20.31
N ARG E 258 -3.38 7.53 20.21
CA ARG E 258 -4.29 8.53 20.78
C ARG E 258 -5.59 8.62 19.99
N CYS E 259 -5.56 8.30 18.70
CA CYS E 259 -6.77 8.39 17.89
C CYS E 259 -7.83 7.38 18.32
N PRO E 260 -7.55 6.07 18.41
CA PRO E 260 -8.59 5.14 18.86
C PRO E 260 -8.85 5.19 20.35
N GLU E 261 -7.99 5.87 21.12
CA GLU E 261 -8.19 5.94 22.56
C GLU E 261 -9.50 6.64 22.93
N THR E 262 -9.98 7.55 22.07
CA THR E 262 -11.21 8.27 22.38
C THR E 262 -12.43 7.35 22.39
N LEU E 263 -12.32 6.15 21.80
CA LEU E 263 -13.39 5.17 21.96
C LEU E 263 -13.54 4.77 23.42
N PHE E 264 -12.44 4.77 24.17
CA PHE E 264 -12.46 4.45 25.59
C PHE E 264 -12.49 5.70 26.46
N GLN E 265 -11.98 6.83 25.97
CA GLN E 265 -12.01 8.11 26.66
C GLN E 265 -12.64 9.15 25.73
N PRO E 266 -13.97 9.15 25.60
CA PRO E 266 -14.63 10.11 24.70
C PRO E 266 -14.41 11.57 25.08
N SER E 267 -13.77 11.87 26.21
CA SER E 267 -13.47 13.25 26.56
C SER E 267 -12.40 13.86 25.67
N PHE E 268 -11.72 13.05 24.84
CA PHE E 268 -10.68 13.57 23.96
C PHE E 268 -11.28 14.49 22.90
N ILE E 269 -12.48 14.18 22.41
CA ILE E 269 -13.12 14.99 21.38
C ILE E 269 -14.22 15.87 21.94
N GLY E 270 -14.31 15.99 23.26
CA GLY E 270 -15.30 16.85 23.89
C GLY E 270 -16.64 16.21 24.18
N MET E 271 -16.76 14.89 24.03
CA MET E 271 -18.02 14.21 24.30
C MET E 271 -18.12 13.81 25.77
N GLU E 272 -19.32 13.94 26.32
CA GLU E 272 -19.58 13.60 27.71
C GLU E 272 -19.94 12.14 27.92
N SER E 273 -20.16 11.39 26.84
CA SER E 273 -20.62 10.01 26.97
C SER E 273 -19.52 9.12 27.56
N ALA E 274 -19.88 7.87 27.81
CA ALA E 274 -18.96 6.89 28.38
C ALA E 274 -18.28 6.10 27.27
N GLY E 275 -17.13 5.51 27.62
CA GLY E 275 -16.37 4.74 26.66
C GLY E 275 -17.08 3.45 26.26
N ILE E 276 -16.56 2.84 25.19
CA ILE E 276 -17.19 1.64 24.65
C ILE E 276 -17.13 0.49 25.64
N HIS E 277 -16.12 0.47 26.51
CA HIS E 277 -16.02 -0.58 27.50
C HIS E 277 -17.08 -0.41 28.59
N GLU E 278 -17.29 0.82 29.05
CA GLU E 278 -18.30 1.05 30.09
C GLU E 278 -19.72 0.84 29.55
N THR E 279 -19.95 1.19 28.28
CA THR E 279 -21.26 0.95 27.69
C THR E 279 -21.54 -0.54 27.56
N THR E 280 -20.50 -1.33 27.30
CA THR E 280 -20.67 -2.79 27.25
C THR E 280 -20.98 -3.33 28.64
N TYR E 281 -20.21 -2.92 29.65
CA TYR E 281 -20.48 -3.34 31.01
C TYR E 281 -21.88 -2.93 31.44
N ASN E 282 -22.24 -1.65 31.20
CA ASN E 282 -23.56 -1.19 31.57
C ASN E 282 -24.66 -1.93 30.82
N SER E 283 -24.41 -2.32 29.58
CA SER E 283 -25.41 -3.06 28.83
C SER E 283 -25.58 -4.46 29.40
N ILE E 284 -24.48 -5.12 29.78
CA ILE E 284 -24.59 -6.45 30.37
C ILE E 284 -25.28 -6.39 31.72
N MET E 285 -24.96 -5.38 32.54
CA MET E 285 -25.54 -5.29 33.87
C MET E 285 -27.01 -4.89 33.86
N LYS E 286 -27.56 -4.49 32.72
CA LYS E 286 -28.99 -4.23 32.61
C LYS E 286 -29.79 -5.45 32.17
N CYS E 287 -29.14 -6.61 32.00
CA CYS E 287 -29.81 -7.84 31.64
C CYS E 287 -30.03 -8.71 32.87
N ASP E 288 -30.83 -9.76 32.67
CA ASP E 288 -31.02 -10.76 33.72
C ASP E 288 -29.67 -11.37 34.10
N ILE E 289 -29.43 -11.49 35.41
CA ILE E 289 -28.14 -11.98 35.89
C ILE E 289 -27.88 -13.41 35.45
N ASP E 290 -28.94 -14.17 35.13
CA ASP E 290 -28.76 -15.56 34.72
C ASP E 290 -28.00 -15.67 33.41
N ILE E 291 -28.14 -14.68 32.52
CA ILE E 291 -27.55 -14.74 31.19
C ILE E 291 -26.26 -13.95 31.09
N ARG E 292 -25.83 -13.28 32.16
CA ARG E 292 -24.63 -12.44 32.08
C ARG E 292 -23.38 -13.27 31.85
N LYS E 293 -23.34 -14.50 32.38
CA LYS E 293 -22.17 -15.36 32.17
C LYS E 293 -21.94 -15.59 30.68
N ASP E 294 -23.01 -15.82 29.92
CA ASP E 294 -22.86 -16.06 28.49
C ASP E 294 -22.50 -14.79 27.72
N LEU E 295 -22.98 -13.64 28.18
CA LEU E 295 -22.66 -12.39 27.48
C LEU E 295 -21.19 -12.04 27.66
N TYR E 296 -20.68 -12.11 28.88
CA TYR E 296 -19.27 -11.85 29.13
C TYR E 296 -18.37 -12.75 28.28
N ALA E 297 -18.81 -13.98 28.00
CA ALA E 297 -18.02 -14.93 27.24
C ALA E 297 -18.27 -14.86 25.74
N ASN E 298 -19.16 -13.98 25.29
CA ASN E 298 -19.49 -13.87 23.87
C ASN E 298 -19.63 -12.40 23.50
N ASN E 299 -18.53 -11.67 23.62
CA ASN E 299 -18.47 -10.26 23.22
C ASN E 299 -17.96 -10.19 21.79
N VAL E 300 -18.88 -10.30 20.83
CA VAL E 300 -18.51 -10.26 19.42
C VAL E 300 -18.44 -8.82 18.95
N MET E 301 -17.51 -8.53 18.06
CA MET E 301 -17.29 -7.19 17.55
C MET E 301 -17.69 -7.11 16.09
N SER E 302 -18.23 -5.97 15.70
CA SER E 302 -18.74 -5.79 14.35
C SER E 302 -18.50 -4.36 13.91
N GLY E 303 -18.31 -4.16 12.62
CA GLY E 303 -18.15 -2.83 12.08
C GLY E 303 -16.68 -2.46 11.88
N GLY E 304 -16.46 -1.53 10.94
CA GLY E 304 -15.10 -1.20 10.54
C GLY E 304 -14.28 -0.55 11.64
N THR E 305 -14.92 0.12 12.59
CA THR E 305 -14.18 0.78 13.65
C THR E 305 -13.64 -0.20 14.69
N THR E 306 -14.06 -1.46 14.67
CA THR E 306 -13.49 -2.48 15.54
C THR E 306 -12.30 -3.19 14.89
N MET E 307 -11.62 -2.54 13.96
CA MET E 307 -10.52 -3.14 13.21
C MET E 307 -9.15 -2.68 13.68
N TYR E 308 -9.08 -1.79 14.67
CA TYR E 308 -7.79 -1.37 15.18
C TYR E 308 -7.09 -2.52 15.88
N PRO E 309 -5.79 -2.72 15.65
CA PRO E 309 -5.07 -3.76 16.37
C PRO E 309 -5.06 -3.47 17.87
N GLY E 310 -5.32 -4.51 18.65
CA GLY E 310 -5.29 -4.42 20.10
C GLY E 310 -6.58 -3.98 20.74
N ILE E 311 -7.64 -3.73 19.95
CA ILE E 311 -8.91 -3.32 20.55
C ILE E 311 -9.56 -4.46 21.31
N ALA E 312 -9.23 -5.71 20.96
CA ALA E 312 -9.78 -6.85 21.69
C ALA E 312 -9.12 -6.99 23.06
N ASP E 313 -7.77 -6.94 23.10
CA ASP E 313 -7.06 -7.04 24.36
C ASP E 313 -7.44 -5.89 25.29
N ARG E 314 -7.57 -4.68 24.75
CA ARG E 314 -7.96 -3.54 25.57
C ARG E 314 -9.39 -3.69 26.06
N MET E 315 -10.30 -4.19 25.22
CA MET E 315 -11.67 -4.45 25.66
C MET E 315 -11.69 -5.48 26.79
N GLN E 316 -10.85 -6.51 26.69
CA GLN E 316 -10.80 -7.53 27.74
C GLN E 316 -10.23 -6.95 29.03
N LYS E 317 -9.22 -6.09 28.93
CA LYS E 317 -8.62 -5.50 30.13
C LYS E 317 -9.60 -4.58 30.85
N GLU E 318 -10.36 -3.79 30.09
CA GLU E 318 -11.25 -2.81 30.70
C GLU E 318 -12.46 -3.48 31.34
N ILE E 319 -13.01 -4.50 30.69
CA ILE E 319 -14.19 -5.18 31.21
C ILE E 319 -13.83 -6.04 32.42
N THR E 320 -12.64 -6.66 32.39
CA THR E 320 -12.21 -7.49 33.52
C THR E 320 -12.20 -6.70 34.82
N ALA E 321 -11.81 -5.43 34.76
CA ALA E 321 -11.78 -4.61 35.97
C ALA E 321 -13.18 -4.28 36.48
N LEU E 322 -14.15 -4.12 35.58
CA LEU E 322 -15.50 -3.78 35.97
C LEU E 322 -16.31 -5.00 36.40
N ALA E 323 -15.96 -6.17 35.89
CA ALA E 323 -16.71 -7.39 36.15
C ALA E 323 -16.27 -8.03 37.44
N PRO E 324 -17.04 -9.00 37.96
CA PRO E 324 -16.54 -9.80 39.10
C PRO E 324 -15.24 -10.50 38.74
N SER E 325 -14.39 -10.69 39.75
CA SER E 325 -13.05 -11.23 39.52
C SER E 325 -13.07 -12.66 39.00
N THR E 326 -14.15 -13.39 39.22
CA THR E 326 -14.26 -14.79 38.78
C THR E 326 -15.06 -14.91 37.49
N MET E 327 -14.90 -13.96 36.56
CA MET E 327 -15.68 -13.92 35.34
C MET E 327 -14.75 -14.11 34.14
N LYS E 328 -15.12 -15.03 33.26
CA LYS E 328 -14.35 -15.30 32.04
C LYS E 328 -14.80 -14.30 30.97
N ILE E 329 -13.90 -13.42 30.58
CA ILE E 329 -14.17 -12.42 29.56
C ILE E 329 -13.50 -12.87 28.26
N LYS E 330 -14.31 -13.10 27.22
CA LYS E 330 -13.81 -13.50 25.92
C LYS E 330 -14.32 -12.51 24.88
N ILE E 331 -13.38 -11.89 24.16
CA ILE E 331 -13.70 -10.94 23.10
C ILE E 331 -13.55 -11.64 21.77
N ILE E 332 -14.63 -11.70 20.99
CA ILE E 332 -14.64 -12.38 19.70
C ILE E 332 -14.44 -11.32 18.61
N ALA E 333 -13.40 -11.50 17.80
CA ALA E 333 -13.04 -10.56 16.74
C ALA E 333 -13.02 -11.31 15.41
N PRO E 334 -14.18 -11.50 14.77
CA PRO E 334 -14.20 -12.18 13.47
C PRO E 334 -13.38 -11.43 12.44
N PRO E 335 -12.63 -12.15 11.60
CA PRO E 335 -11.74 -11.46 10.65
C PRO E 335 -12.47 -10.71 9.55
N GLU E 336 -13.73 -11.03 9.28
CA GLU E 336 -14.51 -10.34 8.25
C GLU E 336 -15.56 -9.41 8.85
N ARG E 337 -15.29 -8.86 10.05
CA ARG E 337 -16.30 -8.10 10.78
C ARG E 337 -16.62 -6.76 10.14
N LYS E 338 -15.85 -6.30 9.15
CA LYS E 338 -16.25 -5.12 8.41
C LYS E 338 -17.54 -5.34 7.63
N TYR E 339 -17.88 -6.59 7.33
CA TYR E 339 -19.08 -6.91 6.56
C TYR E 339 -19.93 -7.97 7.27
N SER E 340 -19.78 -8.12 8.60
CA SER E 340 -20.51 -9.16 9.29
C SER E 340 -22.02 -8.92 9.26
N VAL E 341 -22.44 -7.65 9.24
CA VAL E 341 -23.86 -7.35 9.11
C VAL E 341 -24.38 -7.89 7.78
N TRP E 342 -23.71 -7.55 6.68
CA TRP E 342 -24.17 -8.00 5.37
C TRP E 342 -24.06 -9.52 5.24
N ILE E 343 -22.95 -10.10 5.71
CA ILE E 343 -22.79 -11.55 5.64
C ILE E 343 -23.91 -12.26 6.39
N GLY E 344 -24.31 -11.71 7.55
CA GLY E 344 -25.44 -12.27 8.26
C GLY E 344 -26.73 -12.18 7.47
N GLY E 345 -26.95 -11.05 6.80
CA GLY E 345 -28.13 -10.91 5.96
C GLY E 345 -28.13 -11.86 4.78
N SER E 346 -26.95 -12.07 4.18
CA SER E 346 -26.85 -13.02 3.06
C SER E 346 -27.19 -14.44 3.51
N ILE E 347 -26.84 -14.80 4.75
CA ILE E 347 -27.19 -16.11 5.27
C ILE E 347 -28.69 -16.22 5.48
N LEU E 348 -29.27 -15.21 6.14
CA LEU E 348 -30.70 -15.25 6.45
C LEU E 348 -31.55 -15.16 5.18
N ALA E 349 -31.09 -14.39 4.19
CA ALA E 349 -31.88 -14.17 2.99
C ALA E 349 -31.96 -15.42 2.12
N SER E 350 -30.96 -16.28 2.19
CA SER E 350 -30.95 -17.52 1.43
C SER E 350 -31.48 -18.72 2.23
N LEU E 351 -31.99 -18.49 3.43
CA LEU E 351 -32.71 -19.54 4.14
C LEU E 351 -34.04 -19.80 3.47
N SER E 352 -34.37 -21.08 3.30
CA SER E 352 -35.64 -21.44 2.67
C SER E 352 -36.84 -20.98 3.49
N THR E 353 -36.65 -20.71 4.78
CA THR E 353 -37.72 -20.24 5.64
C THR E 353 -37.93 -18.74 5.55
N PHE E 354 -37.16 -18.04 4.70
CA PHE E 354 -37.37 -16.61 4.53
C PHE E 354 -38.72 -16.30 3.92
N GLN E 355 -39.27 -17.25 3.14
CA GLN E 355 -40.56 -17.04 2.49
C GLN E 355 -41.65 -16.70 3.50
N GLN E 356 -41.66 -17.39 4.64
CA GLN E 356 -42.67 -17.13 5.66
C GLN E 356 -42.39 -15.83 6.40
N MET E 357 -41.14 -15.40 6.45
CA MET E 357 -40.78 -14.14 7.09
C MET E 357 -41.04 -12.93 6.20
N TRP E 358 -41.29 -13.14 4.91
CA TRP E 358 -41.49 -12.05 3.98
C TRP E 358 -42.75 -11.26 4.31
N ILE E 359 -42.72 -9.97 3.97
CA ILE E 359 -43.92 -9.17 3.81
C ILE E 359 -44.08 -8.93 2.33
N THR E 360 -45.08 -9.57 1.71
CA THR E 360 -45.25 -9.51 0.28
C THR E 360 -46.00 -8.25 -0.13
N LYS E 361 -46.08 -8.03 -1.44
CA LYS E 361 -46.79 -6.86 -1.94
C LYS E 361 -48.31 -7.06 -1.97
N GLN E 362 -48.78 -8.30 -1.93
CA GLN E 362 -50.20 -8.52 -1.70
C GLN E 362 -50.60 -8.00 -0.32
N GLU E 363 -49.81 -8.35 0.70
CA GLU E 363 -49.89 -7.64 1.97
C GLU E 363 -49.46 -6.18 1.77
N TYR E 364 -49.63 -5.39 2.83
CA TYR E 364 -49.38 -3.94 2.79
C TYR E 364 -50.39 -3.25 1.87
N ASP E 365 -50.59 -3.78 0.66
CA ASP E 365 -51.71 -3.35 -0.16
C ASP E 365 -53.04 -3.70 0.49
N GLU E 366 -53.08 -4.78 1.27
CA GLU E 366 -54.27 -5.15 2.03
C GLU E 366 -54.40 -4.25 3.26
N GLU F 6 -31.00 27.06 74.84
CA GLU F 6 -30.67 28.07 73.84
C GLU F 6 -30.18 27.40 72.55
N THR F 7 -29.68 26.18 72.66
CA THR F 7 -29.18 25.46 71.49
C THR F 7 -30.32 25.15 70.54
N THR F 8 -30.04 25.26 69.24
CA THR F 8 -31.03 25.04 68.19
C THR F 8 -30.65 23.81 67.37
N ALA F 9 -31.67 23.04 66.99
CA ALA F 9 -31.47 21.80 66.25
C ALA F 9 -31.72 22.00 64.77
N LEU F 10 -31.12 21.11 63.97
CA LEU F 10 -31.22 21.16 62.52
C LEU F 10 -31.97 19.95 62.00
N VAL F 11 -32.78 20.15 60.97
CA VAL F 11 -33.52 19.08 60.31
C VAL F 11 -33.07 19.04 58.85
N CYS F 12 -32.59 17.89 58.40
CA CYS F 12 -32.02 17.74 57.07
C CYS F 12 -32.58 16.48 56.42
N ASP F 13 -33.38 16.66 55.37
CA ASP F 13 -33.95 15.57 54.59
C ASP F 13 -33.11 15.42 53.32
N ASN F 14 -32.07 14.60 53.40
CA ASN F 14 -31.22 14.33 52.24
C ASN F 14 -31.97 13.40 51.29
N GLY F 15 -32.40 13.94 50.16
CA GLY F 15 -33.09 13.17 49.14
C GLY F 15 -32.17 12.78 47.99
N SER F 16 -32.73 11.96 47.09
CA SER F 16 -31.97 11.53 45.93
C SER F 16 -31.75 12.67 44.95
N GLY F 17 -32.72 13.58 44.83
CA GLY F 17 -32.61 14.67 43.89
C GLY F 17 -32.46 16.03 44.55
N LEU F 18 -33.21 16.26 45.62
CA LEU F 18 -33.19 17.52 46.34
C LEU F 18 -32.94 17.28 47.81
N VAL F 19 -32.14 18.14 48.42
CA VAL F 19 -31.93 18.13 49.87
C VAL F 19 -32.69 19.31 50.46
N LYS F 20 -33.53 19.03 51.45
CA LYS F 20 -34.33 20.03 52.13
C LYS F 20 -33.82 20.13 53.56
N ALA F 21 -33.26 21.28 53.93
CA ALA F 21 -32.66 21.46 55.24
C ALA F 21 -33.17 22.77 55.86
N GLY F 22 -32.96 22.88 57.17
CA GLY F 22 -33.38 24.07 57.87
C GLY F 22 -33.25 23.88 59.37
N PHE F 23 -33.84 24.83 60.10
CA PHE F 23 -33.77 24.86 61.55
C PHE F 23 -35.02 24.25 62.15
N ALA F 24 -34.85 23.48 63.22
CA ALA F 24 -35.98 22.94 63.96
C ALA F 24 -36.81 24.08 64.53
N GLY F 25 -38.13 23.94 64.44
CA GLY F 25 -39.03 24.98 64.88
C GLY F 25 -39.48 25.95 63.81
N ASP F 26 -39.01 25.80 62.58
CA ASP F 26 -39.46 26.62 61.47
C ASP F 26 -40.58 25.90 60.71
N ASP F 27 -41.40 26.70 60.03
CA ASP F 27 -42.55 26.16 59.31
C ASP F 27 -42.16 25.51 57.98
N ALA F 28 -41.00 25.84 57.43
CA ALA F 28 -40.59 25.35 56.12
C ALA F 28 -39.08 25.27 56.07
N PRO F 29 -38.52 24.44 55.20
CA PRO F 29 -37.06 24.36 55.09
C PRO F 29 -36.49 25.65 54.51
N ARG F 30 -35.43 26.15 55.16
CA ARG F 30 -34.81 27.40 54.72
C ARG F 30 -33.95 27.20 53.47
N ALA F 31 -33.41 26.00 53.26
CA ALA F 31 -32.53 25.73 52.13
C ALA F 31 -33.02 24.48 51.40
N VAL F 32 -33.38 24.65 50.13
CA VAL F 32 -33.72 23.54 49.24
C VAL F 32 -32.92 23.72 47.97
N PHE F 33 -32.02 22.78 47.69
CA PHE F 33 -31.13 22.87 46.54
C PHE F 33 -30.90 21.47 46.00
N PRO F 34 -30.56 21.34 44.72
CA PRO F 34 -30.35 20.00 44.15
C PRO F 34 -29.10 19.33 44.71
N SER F 35 -29.25 18.05 45.04
CA SER F 35 -28.12 17.26 45.55
C SER F 35 -27.31 16.76 44.35
N ILE F 36 -26.54 17.70 43.77
CA ILE F 36 -25.72 17.43 42.61
C ILE F 36 -24.32 17.97 42.84
N VAL F 37 -23.34 17.33 42.23
CA VAL F 37 -21.96 17.80 42.21
C VAL F 37 -21.54 17.94 40.75
N GLY F 38 -21.01 19.10 40.40
CA GLY F 38 -20.63 19.40 39.02
C GLY F 38 -19.14 19.67 38.92
N ARG F 39 -18.52 19.07 37.91
CA ARG F 39 -17.10 19.29 37.63
C ARG F 39 -16.94 19.78 36.19
N PRO F 40 -15.95 20.64 35.93
CA PRO F 40 -15.87 21.29 34.61
C PRO F 40 -15.39 20.35 33.53
N ARG F 41 -16.03 20.45 32.36
CA ARG F 41 -15.64 19.70 31.17
C ARG F 41 -14.54 20.37 30.39
N HIS F 42 -14.18 21.60 30.74
CA HIS F 42 -13.22 22.39 29.97
C HIS F 42 -12.12 22.90 30.91
N GLN F 43 -11.13 23.57 30.30
CA GLN F 43 -10.00 24.10 31.04
C GLN F 43 -10.16 25.60 31.21
N GLY F 44 -9.77 26.11 32.37
CA GLY F 44 -9.83 27.54 32.62
C GLY F 44 -8.72 28.28 31.91
N VAL F 45 -9.06 29.44 31.36
CA VAL F 45 -8.10 30.28 30.66
C VAL F 45 -7.81 31.58 31.39
N MET F 46 -8.73 32.06 32.21
CA MET F 46 -8.58 33.32 32.93
C MET F 46 -8.08 33.01 34.34
N VAL F 47 -6.87 33.42 34.64
CA VAL F 47 -6.28 33.17 35.95
C VAL F 47 -6.90 34.10 36.98
N GLY F 48 -6.96 33.63 38.23
CA GLY F 48 -7.51 34.43 39.31
C GLY F 48 -8.96 34.82 39.13
N MET F 49 -9.72 34.04 38.38
CA MET F 49 -11.10 34.37 38.04
C MET F 49 -12.10 33.48 38.75
N GLY F 50 -11.74 32.97 39.93
CA GLY F 50 -12.69 32.27 40.77
C GLY F 50 -13.11 30.90 40.30
N GLN F 51 -12.31 30.24 39.47
CA GLN F 51 -12.64 28.88 39.06
C GLN F 51 -12.49 27.94 40.23
N LYS F 52 -13.36 26.93 40.28
CA LYS F 52 -13.33 25.91 41.32
C LYS F 52 -13.06 24.55 40.70
N ASP F 53 -12.57 23.63 41.55
CA ASP F 53 -12.42 22.24 41.13
C ASP F 53 -13.75 21.52 41.04
N SER F 54 -14.74 21.95 41.83
CA SER F 54 -16.06 21.35 41.82
C SER F 54 -17.09 22.39 42.25
N TYR F 55 -18.32 22.21 41.79
CA TYR F 55 -19.43 23.09 42.12
C TYR F 55 -20.59 22.26 42.67
N VAL F 56 -21.21 22.76 43.73
CA VAL F 56 -22.22 22.01 44.47
C VAL F 56 -23.52 22.81 44.49
N GLY F 57 -24.64 22.09 44.41
CA GLY F 57 -25.93 22.71 44.66
C GLY F 57 -26.36 23.65 43.55
N ASP F 58 -26.93 24.79 43.95
CA ASP F 58 -27.47 25.74 42.98
C ASP F 58 -26.39 26.31 42.08
N GLU F 59 -25.16 26.44 42.59
CA GLU F 59 -24.08 26.96 41.77
C GLU F 59 -23.71 25.99 40.65
N ALA F 60 -23.93 24.70 40.86
CA ALA F 60 -23.65 23.72 39.81
C ALA F 60 -24.66 23.81 38.68
N GLN F 61 -25.94 23.98 39.02
CA GLN F 61 -26.96 24.09 37.99
C GLN F 61 -26.96 25.47 37.34
N SER F 62 -26.52 26.49 38.09
CA SER F 62 -26.39 27.83 37.52
C SER F 62 -25.26 27.91 36.50
N LYS F 63 -24.30 26.99 36.55
CA LYS F 63 -23.17 26.97 35.64
C LYS F 63 -23.07 25.63 34.91
N ARG F 64 -24.20 24.93 34.79
CA ARG F 64 -24.20 23.58 34.25
C ARG F 64 -23.77 23.50 32.79
N GLY F 65 -23.72 24.63 32.08
CA GLY F 65 -23.33 24.59 30.68
C GLY F 65 -21.91 24.11 30.46
N ILE F 66 -21.03 24.33 31.44
CA ILE F 66 -19.64 23.89 31.34
C ILE F 66 -19.35 22.77 32.35
N LEU F 67 -20.38 22.12 32.87
CA LEU F 67 -20.22 21.14 33.93
C LEU F 67 -20.90 19.82 33.57
N THR F 68 -20.40 18.75 34.16
CA THR F 68 -21.07 17.46 34.17
C THR F 68 -21.68 17.25 35.55
N LEU F 69 -22.97 16.94 35.59
CA LEU F 69 -23.69 16.79 36.85
C LEU F 69 -23.81 15.31 37.21
N LYS F 70 -23.47 14.98 38.45
CA LYS F 70 -23.61 13.63 38.98
C LYS F 70 -24.35 13.68 40.31
N TYR F 71 -25.32 12.80 40.49
CA TYR F 71 -26.02 12.65 41.75
C TYR F 71 -25.30 11.62 42.61
N PRO F 72 -24.83 11.97 43.80
CA PRO F 72 -24.21 10.96 44.67
C PRO F 72 -25.18 9.89 45.13
N ILE F 73 -26.48 10.18 45.08
CA ILE F 73 -27.52 9.22 45.44
C ILE F 73 -28.31 8.88 44.19
N GLU F 74 -28.36 7.60 43.85
CA GLU F 74 -29.15 7.15 42.71
C GLU F 74 -29.96 5.91 43.07
N GLY F 76 -32.02 5.82 45.42
CA GLY F 76 -32.06 5.81 46.87
C GLY F 76 -30.80 5.29 47.56
N ILE F 77 -29.83 4.84 46.77
CA ILE F 77 -28.60 4.28 47.27
C ILE F 77 -27.46 5.28 47.07
N ILE F 78 -26.60 5.39 48.07
CA ILE F 78 -25.45 6.29 47.98
C ILE F 78 -24.32 5.57 47.27
N THR F 79 -23.74 6.23 46.26
CA THR F 79 -22.64 5.68 45.48
C THR F 79 -21.32 6.40 45.69
N ASN F 80 -21.35 7.72 45.80
CA ASN F 80 -20.14 8.52 46.00
C ASN F 80 -20.25 9.18 47.37
N TRP F 81 -19.65 8.53 48.37
CA TRP F 81 -19.65 9.10 49.72
C TRP F 81 -18.74 10.32 49.82
N ASP F 82 -17.72 10.40 48.97
CA ASP F 82 -16.88 11.60 48.94
C ASP F 82 -17.68 12.81 48.47
N ASP F 83 -18.53 12.61 47.45
CA ASP F 83 -19.40 13.69 47.00
C ASP F 83 -20.54 13.93 47.98
N MET F 84 -20.94 12.90 48.74
CA MET F 84 -21.99 13.09 49.72
C MET F 84 -21.54 14.00 50.86
N GLU F 85 -20.26 13.96 51.23
CA GLU F 85 -19.75 14.91 52.19
C GLU F 85 -19.72 16.32 51.62
N LYS F 86 -19.49 16.46 50.31
CA LYS F 86 -19.54 17.77 49.68
C LYS F 86 -20.95 18.35 49.72
N ILE F 87 -21.97 17.50 49.63
CA ILE F 87 -23.35 17.97 49.76
C ILE F 87 -23.62 18.42 51.19
N TRP F 88 -23.21 17.61 52.17
CA TRP F 88 -23.41 17.96 53.57
C TRP F 88 -22.59 19.19 53.95
N HIS F 89 -21.36 19.27 53.47
CA HIS F 89 -20.54 20.46 53.70
C HIS F 89 -21.22 21.70 53.12
N HIS F 90 -21.83 21.56 51.95
CA HIS F 90 -22.53 22.68 51.34
C HIS F 90 -23.78 23.05 52.12
N THR F 91 -24.44 22.07 52.73
CA THR F 91 -25.66 22.33 53.48
C THR F 91 -25.37 23.15 54.74
N PHE F 92 -24.28 22.83 55.45
CA PHE F 92 -24.00 23.48 56.72
C PHE F 92 -23.34 24.85 56.52
N TYR F 93 -22.29 24.90 55.70
CA TYR F 93 -21.45 26.10 55.63
C TYR F 93 -21.91 27.09 54.57
N ASN F 94 -22.55 26.63 53.50
CA ASN F 94 -22.89 27.52 52.39
C ASN F 94 -24.34 27.95 52.39
N GLU F 95 -25.28 27.05 52.66
CA GLU F 95 -26.70 27.38 52.62
C GLU F 95 -27.20 27.88 53.96
N LEU F 96 -27.14 27.03 54.99
CA LEU F 96 -27.58 27.42 56.32
C LEU F 96 -26.57 28.31 57.04
N ARG F 97 -25.30 28.21 56.68
CA ARG F 97 -24.22 29.04 57.24
C ARG F 97 -24.21 28.94 58.77
N VAL F 98 -24.11 27.71 59.26
CA VAL F 98 -24.05 27.42 60.68
C VAL F 98 -22.80 26.59 60.97
N ALA F 99 -22.43 26.56 62.24
CA ALA F 99 -21.35 25.69 62.70
C ALA F 99 -21.96 24.35 63.09
N PRO F 100 -21.68 23.26 62.37
CA PRO F 100 -22.29 21.97 62.73
C PRO F 100 -21.95 21.51 64.14
N GLU F 101 -20.86 21.99 64.73
CA GLU F 101 -20.48 21.61 66.08
C GLU F 101 -21.32 22.29 67.15
N GLU F 102 -22.29 23.13 66.76
CA GLU F 102 -23.15 23.82 67.72
C GLU F 102 -24.60 23.39 67.66
N HIS F 103 -24.99 22.59 66.67
CA HIS F 103 -26.39 22.24 66.46
C HIS F 103 -26.55 20.73 66.38
N PRO F 104 -27.42 20.13 67.19
CA PRO F 104 -27.83 18.74 66.94
C PRO F 104 -28.59 18.66 65.63
N THR F 105 -28.35 17.59 64.89
CA THR F 105 -28.91 17.43 63.55
C THR F 105 -29.83 16.22 63.52
N LEU F 106 -30.98 16.37 62.86
CA LEU F 106 -31.91 15.28 62.63
C LEU F 106 -31.87 14.92 61.14
N LEU F 107 -31.55 13.66 60.86
CA LEU F 107 -31.49 13.17 59.50
C LEU F 107 -32.62 12.18 59.24
N THR F 108 -32.92 11.98 57.97
CA THR F 108 -34.00 11.09 57.55
C THR F 108 -33.45 9.97 56.69
N GLU F 109 -34.15 8.84 56.70
CA GLU F 109 -33.71 7.66 55.96
C GLU F 109 -34.91 6.97 55.32
N ALA F 110 -34.65 6.25 54.24
CA ALA F 110 -35.69 5.50 53.55
C ALA F 110 -36.16 4.33 54.41
N PRO F 111 -37.37 3.83 54.16
CA PRO F 111 -37.86 2.67 54.92
C PRO F 111 -37.02 1.44 54.63
N LEU F 112 -36.77 0.65 55.68
CA LEU F 112 -35.94 -0.55 55.60
C LEU F 112 -34.56 -0.22 55.02
N ASN F 113 -33.98 0.89 55.47
CA ASN F 113 -32.66 1.27 55.01
C ASN F 113 -31.62 0.31 55.57
N PRO F 114 -30.66 -0.16 54.77
CA PRO F 114 -29.66 -1.10 55.29
C PRO F 114 -28.83 -0.46 56.39
N LYS F 115 -28.47 -1.28 57.39
CA LYS F 115 -27.70 -0.81 58.53
C LYS F 115 -26.34 -0.24 58.12
N ALA F 116 -25.80 -0.66 56.98
CA ALA F 116 -24.49 -0.20 56.57
C ALA F 116 -24.50 1.29 56.22
N ASN F 117 -25.54 1.74 55.51
CA ASN F 117 -25.61 3.15 55.15
C ASN F 117 -25.80 4.03 56.38
N ARG F 118 -26.55 3.55 57.37
CA ARG F 118 -26.89 4.39 58.51
C ARG F 118 -25.68 4.61 59.42
N GLU F 119 -24.83 3.60 59.57
CA GLU F 119 -23.65 3.75 60.43
C GLU F 119 -22.55 4.58 59.78
N LYS F 120 -22.43 4.51 58.46
CA LYS F 120 -21.47 5.38 57.78
C LYS F 120 -21.90 6.84 57.83
N MET F 121 -23.20 7.09 57.66
CA MET F 121 -23.73 8.44 57.81
C MET F 121 -23.50 8.96 59.23
N THR F 122 -23.60 8.08 60.22
CA THR F 122 -23.34 8.47 61.61
C THR F 122 -21.88 8.82 61.83
N GLN F 123 -20.96 8.02 61.26
CA GLN F 123 -19.54 8.27 61.47
C GLN F 123 -19.11 9.59 60.86
N ILE F 124 -19.56 9.87 59.63
CA ILE F 124 -19.20 11.11 58.96
C ILE F 124 -19.69 12.32 59.76
N MET F 125 -20.90 12.22 60.32
CA MET F 125 -21.47 13.37 61.01
C MET F 125 -20.80 13.62 62.35
N PHE F 126 -20.28 12.57 63.00
CA PHE F 126 -19.65 12.73 64.30
C PHE F 126 -18.16 13.03 64.23
N GLU F 127 -17.48 12.58 63.18
CA GLU F 127 -16.04 12.72 63.10
C GLU F 127 -15.57 13.81 62.14
N THR F 128 -16.20 13.93 60.96
CA THR F 128 -15.78 14.97 60.03
C THR F 128 -16.43 16.31 60.34
N PHE F 129 -17.62 16.30 60.95
CA PHE F 129 -18.32 17.53 61.28
C PHE F 129 -18.44 17.79 62.78
N ASN F 130 -18.30 16.75 63.61
CA ASN F 130 -18.30 16.89 65.06
C ASN F 130 -19.59 17.53 65.56
N VAL F 131 -20.70 16.89 65.25
CA VAL F 131 -22.02 17.36 65.70
C VAL F 131 -22.22 16.97 67.16
N PRO F 132 -22.93 17.77 67.96
CA PRO F 132 -23.12 17.38 69.37
C PRO F 132 -24.06 16.19 69.52
N ALA F 133 -25.11 16.11 68.71
CA ALA F 133 -26.08 15.02 68.80
C ALA F 133 -26.60 14.71 67.41
N MET F 134 -27.36 13.63 67.30
CA MET F 134 -27.84 13.15 66.02
C MET F 134 -29.00 12.19 66.24
N TYR F 135 -29.90 12.14 65.26
CA TYR F 135 -30.99 11.17 65.27
C TYR F 135 -31.43 10.93 63.83
N VAL F 136 -31.82 9.69 63.54
CA VAL F 136 -32.27 9.29 62.22
C VAL F 136 -33.71 8.82 62.32
N ALA F 137 -34.60 9.41 61.52
CA ALA F 137 -36.00 9.08 61.52
C ALA F 137 -36.43 8.58 60.15
N ILE F 138 -37.42 7.68 60.14
CA ILE F 138 -37.96 7.17 58.88
C ILE F 138 -38.69 8.30 58.15
N GLN F 139 -38.47 8.40 56.84
CA GLN F 139 -39.06 9.50 56.08
C GLN F 139 -40.57 9.40 56.05
N ALA F 140 -41.10 8.20 55.80
CA ALA F 140 -42.54 8.04 55.62
C ALA F 140 -43.31 8.37 56.89
N VAL F 141 -42.74 8.02 58.06
CA VAL F 141 -43.46 8.26 59.31
C VAL F 141 -43.57 9.75 59.61
N LEU F 142 -42.50 10.52 59.34
CA LEU F 142 -42.57 11.95 59.56
C LEU F 142 -43.60 12.61 58.65
N SER F 143 -43.85 12.03 57.47
CA SER F 143 -44.85 12.61 56.57
C SER F 143 -46.27 12.35 57.07
N LEU F 144 -46.52 11.16 57.63
CA LEU F 144 -47.84 10.87 58.16
C LEU F 144 -48.17 11.75 59.35
N TYR F 145 -47.20 11.96 60.24
CA TYR F 145 -47.41 12.87 61.37
C TYR F 145 -47.67 14.29 60.91
N ALA F 146 -47.03 14.71 59.81
CA ALA F 146 -47.28 16.04 59.27
C ALA F 146 -48.69 16.18 58.70
N SER F 147 -49.33 15.07 58.35
CA SER F 147 -50.71 15.08 57.87
C SER F 147 -51.72 15.01 59.01
N GLY F 148 -51.28 15.12 60.26
CA GLY F 148 -52.20 15.03 61.39
C GLY F 148 -52.83 13.66 61.52
N ARG F 149 -52.04 12.62 61.28
CA ARG F 149 -52.54 11.25 61.31
C ARG F 149 -51.56 10.36 62.04
N THR F 150 -52.11 9.34 62.70
CA THR F 150 -51.31 8.29 63.34
C THR F 150 -51.43 6.95 62.63
N THR F 151 -52.25 6.87 61.57
CA THR F 151 -52.47 5.63 60.86
C THR F 151 -52.75 5.95 59.39
N GLY F 152 -52.11 5.21 58.50
CA GLY F 152 -52.32 5.38 57.07
C GLY F 152 -51.09 4.91 56.30
N ILE F 153 -51.33 4.45 55.08
CA ILE F 153 -50.26 4.00 54.19
C ILE F 153 -49.77 5.19 53.39
N VAL F 154 -48.46 5.46 53.47
CA VAL F 154 -47.86 6.65 52.88
C VAL F 154 -47.27 6.28 51.52
N LEU F 155 -47.46 7.16 50.55
CA LEU F 155 -46.87 7.03 49.21
C LEU F 155 -45.80 8.11 49.09
N ASP F 156 -44.55 7.72 49.36
CA ASP F 156 -43.41 8.64 49.29
C ASP F 156 -42.66 8.37 48.00
N SER F 157 -42.93 9.19 46.98
CA SER F 157 -42.31 9.06 45.67
C SER F 157 -41.39 10.25 45.45
N GLY F 158 -40.08 9.98 45.45
CA GLY F 158 -39.11 11.04 45.25
C GLY F 158 -38.41 10.99 43.92
N ASP F 159 -37.10 11.19 43.93
CA ASP F 159 -36.30 11.14 42.70
C ASP F 159 -35.66 9.77 42.46
N GLY F 160 -35.28 9.07 43.53
CA GLY F 160 -34.59 7.80 43.39
C GLY F 160 -35.50 6.59 43.44
N VAL F 161 -36.34 6.51 44.48
CA VAL F 161 -37.22 5.37 44.69
C VAL F 161 -38.58 5.86 45.16
N THR F 162 -39.56 4.95 45.12
CA THR F 162 -40.91 5.20 45.57
C THR F 162 -41.31 4.09 46.53
N HIS F 163 -41.66 4.45 47.76
CA HIS F 163 -42.00 3.48 48.79
C HIS F 163 -43.48 3.56 49.14
N ASN F 164 -44.02 2.44 49.59
CA ASN F 164 -45.37 2.33 50.12
C ASN F 164 -45.29 1.73 51.51
N VAL F 165 -45.59 2.52 52.53
CA VAL F 165 -45.40 2.10 53.91
C VAL F 165 -46.70 2.20 54.69
N PRO F 166 -47.34 1.09 55.04
CA PRO F 166 -48.51 1.15 55.93
C PRO F 166 -48.09 1.40 57.36
N ILE F 167 -48.71 2.40 57.99
CA ILE F 167 -48.40 2.80 59.36
C ILE F 167 -49.69 2.76 60.17
N TYR F 168 -49.59 2.28 61.41
CA TYR F 168 -50.76 2.13 62.28
C TYR F 168 -50.38 2.53 63.70
N GLU F 169 -51.13 3.49 64.26
CA GLU F 169 -50.92 3.98 65.62
C GLU F 169 -49.48 4.46 65.83
N GLY F 170 -48.87 5.02 64.79
CA GLY F 170 -47.52 5.51 64.88
C GLY F 170 -46.44 4.46 64.68
N TYR F 171 -46.82 3.24 64.31
CA TYR F 171 -45.86 2.17 64.05
C TYR F 171 -46.13 1.59 62.68
N ALA F 172 -45.10 1.58 61.82
CA ALA F 172 -45.22 1.01 60.50
C ALA F 172 -45.23 -0.52 60.58
N LEU F 173 -45.79 -1.14 59.54
CA LEU F 173 -45.81 -2.59 59.41
C LEU F 173 -44.65 -3.02 58.52
N PRO F 174 -43.56 -3.55 59.08
CA PRO F 174 -42.37 -3.83 58.25
C PRO F 174 -42.60 -4.88 57.19
N HIS F 175 -43.48 -5.85 57.43
CA HIS F 175 -43.71 -6.93 56.47
C HIS F 175 -44.51 -6.48 55.26
N ALA F 176 -45.13 -5.29 55.30
CA ALA F 176 -45.98 -4.83 54.22
C ALA F 176 -45.36 -3.69 53.41
N ILE F 177 -44.12 -3.31 53.70
CA ILE F 177 -43.48 -2.22 52.97
C ILE F 177 -43.20 -2.67 51.54
N MET F 178 -43.76 -1.96 50.57
CA MET F 178 -43.57 -2.25 49.16
C MET F 178 -42.70 -1.18 48.52
N ARG F 179 -41.64 -1.61 47.84
CA ARG F 179 -40.66 -0.73 47.24
C ARG F 179 -40.76 -0.80 45.72
N LEU F 180 -40.66 0.37 45.08
CA LEU F 180 -40.70 0.48 43.62
C LEU F 180 -39.50 1.30 43.17
N ASP F 181 -38.65 0.69 42.34
CA ASP F 181 -37.43 1.35 41.87
C ASP F 181 -37.69 2.33 40.73
N LEU F 182 -38.93 2.79 40.56
CA LEU F 182 -39.30 3.76 39.54
C LEU F 182 -39.71 5.05 40.23
N ALA F 183 -39.05 6.15 39.88
CA ALA F 183 -39.29 7.43 40.55
C ALA F 183 -39.12 8.55 39.54
N GLY F 184 -38.82 9.76 40.04
CA GLY F 184 -38.83 10.93 39.18
C GLY F 184 -37.69 10.94 38.17
N ARG F 185 -36.49 10.56 38.59
CA ARG F 185 -35.35 10.56 37.67
C ARG F 185 -35.56 9.54 36.55
N ASP F 186 -36.20 8.41 36.85
CA ASP F 186 -36.56 7.48 35.79
C ASP F 186 -37.61 8.08 34.85
N LEU F 187 -38.41 9.01 35.36
CA LEU F 187 -39.42 9.66 34.52
C LEU F 187 -38.80 10.75 33.65
N THR F 188 -37.82 11.48 34.19
CA THR F 188 -37.10 12.45 33.35
C THR F 188 -36.37 11.74 32.21
N ASP F 189 -35.67 10.66 32.53
CA ASP F 189 -34.95 9.91 31.51
C ASP F 189 -35.89 9.34 30.47
N TYR F 190 -37.10 8.94 30.87
CA TYR F 190 -38.07 8.42 29.91
C TYR F 190 -38.59 9.53 29.01
N LEU F 191 -38.76 10.74 29.55
CA LEU F 191 -39.18 11.85 28.71
C LEU F 191 -38.09 12.26 27.74
N MET F 192 -36.82 12.06 28.11
CA MET F 192 -35.74 12.32 27.17
C MET F 192 -35.84 11.41 25.95
N LYS F 193 -36.11 10.13 26.16
CA LYS F 193 -36.30 9.21 25.05
C LYS F 193 -37.54 9.57 24.24
N ILE F 194 -38.63 9.93 24.92
CA ILE F 194 -39.87 10.23 24.21
C ILE F 194 -39.78 11.54 23.46
N LEU F 195 -39.06 12.53 24.01
CA LEU F 195 -38.87 13.79 23.30
C LEU F 195 -38.09 13.61 22.01
N THR F 196 -37.33 12.53 21.86
CA THR F 196 -36.62 12.26 20.63
C THR F 196 -37.58 12.00 19.47
N GLU F 197 -38.82 11.58 19.76
CA GLU F 197 -39.79 11.31 18.72
C GLU F 197 -40.16 12.54 17.90
N ARG F 198 -39.89 13.73 18.44
CA ARG F 198 -40.21 14.98 17.75
C ARG F 198 -38.97 15.66 17.17
N GLY F 199 -37.80 15.02 17.24
CA GLY F 199 -36.57 15.59 16.74
C GLY F 199 -35.76 16.34 17.77
N TYR F 200 -36.25 16.48 19.00
CA TYR F 200 -35.53 17.21 20.04
C TYR F 200 -34.44 16.31 20.62
N SER F 201 -33.25 16.86 20.79
CA SER F 201 -32.10 16.12 21.28
C SER F 201 -31.76 16.59 22.69
N PHE F 202 -31.86 15.68 23.65
CA PHE F 202 -31.47 15.94 25.04
C PHE F 202 -30.64 14.74 25.51
N VAL F 203 -29.32 14.90 25.54
CA VAL F 203 -28.40 13.81 25.79
C VAL F 203 -27.50 14.08 27.01
N THR F 204 -26.99 15.30 27.14
CA THR F 204 -26.04 15.59 28.20
C THR F 204 -26.74 15.66 29.56
N THR F 205 -25.93 15.68 30.63
CA THR F 205 -26.50 15.78 31.97
C THR F 205 -27.08 17.16 32.22
N ALA F 206 -26.51 18.21 31.61
CA ALA F 206 -27.11 19.53 31.71
C ALA F 206 -28.45 19.60 30.99
N GLU F 207 -28.58 18.89 29.87
CA GLU F 207 -29.84 18.90 29.14
C GLU F 207 -30.91 18.08 29.86
N ARG F 208 -30.50 17.08 30.66
CA ARG F 208 -31.48 16.31 31.42
C ARG F 208 -32.20 17.18 32.43
N GLU F 209 -31.49 18.14 33.04
CA GLU F 209 -32.11 19.07 33.97
C GLU F 209 -33.10 20.00 33.28
N ILE F 210 -32.96 20.20 31.97
CA ILE F 210 -33.96 20.95 31.23
C ILE F 210 -35.23 20.12 31.07
N VAL F 211 -35.09 18.84 30.74
CA VAL F 211 -36.24 17.95 30.59
C VAL F 211 -36.99 17.83 31.91
N ARG F 212 -36.26 17.83 33.03
CA ARG F 212 -36.91 17.83 34.34
C ARG F 212 -37.74 19.08 34.53
N ASP F 213 -37.21 20.24 34.14
CA ASP F 213 -37.98 21.48 34.21
C ASP F 213 -39.19 21.43 33.30
N ILE F 214 -39.09 20.75 32.15
CA ILE F 214 -40.25 20.51 31.31
C ILE F 214 -41.24 19.60 32.02
N LYS F 215 -40.73 18.57 32.71
CA LYS F 215 -41.59 17.60 33.38
C LYS F 215 -42.40 18.28 34.48
N GLU F 216 -41.72 19.05 35.34
CA GLU F 216 -42.41 19.69 36.46
C GLU F 216 -43.38 20.77 36.02
N LYS F 217 -43.19 21.34 34.83
CA LYS F 217 -43.99 22.48 34.39
C LYS F 217 -45.20 22.10 33.56
N LEU F 218 -45.12 21.00 32.80
CA LEU F 218 -46.17 20.69 31.83
C LEU F 218 -46.70 19.26 31.88
N CYS F 219 -46.07 18.35 32.62
CA CYS F 219 -46.57 16.99 32.71
C CYS F 219 -47.76 16.91 33.66
N TYR F 220 -48.64 15.95 33.39
CA TYR F 220 -49.83 15.73 34.19
C TYR F 220 -50.35 14.32 33.91
N VAL F 221 -51.14 13.81 34.83
CA VAL F 221 -51.68 12.45 34.73
C VAL F 221 -53.10 12.53 34.19
N ALA F 222 -53.50 11.48 33.47
CA ALA F 222 -54.84 11.38 32.90
C ALA F 222 -55.60 10.24 33.58
N LEU F 223 -56.93 10.36 33.58
CA LEU F 223 -57.76 9.33 34.18
C LEU F 223 -57.76 8.06 33.33
N ASP F 224 -58.04 8.20 32.04
CA ASP F 224 -58.00 7.09 31.09
C ASP F 224 -56.92 7.39 30.07
N PHE F 225 -55.95 6.46 29.94
CA PHE F 225 -54.82 6.69 29.05
C PHE F 225 -55.25 6.65 27.59
N GLU F 226 -55.89 5.56 27.18
CA GLU F 226 -56.22 5.37 25.77
C GLU F 226 -57.14 6.46 25.25
N ASN F 227 -58.12 6.88 26.06
CA ASN F 227 -59.04 7.91 25.63
C ASN F 227 -58.36 9.27 25.53
N GLU F 228 -57.52 9.61 26.51
CA GLU F 228 -56.80 10.87 26.45
C GLU F 228 -55.79 10.87 25.30
N MET F 229 -55.33 9.70 24.88
CA MET F 229 -54.43 9.62 23.72
C MET F 229 -55.16 10.01 22.44
N ALA F 230 -56.45 9.66 22.33
CA ALA F 230 -57.19 9.98 21.12
C ALA F 230 -57.52 11.46 21.02
N THR F 231 -57.69 12.14 22.17
CA THR F 231 -57.99 13.57 22.15
C THR F 231 -56.82 14.38 21.61
N ALA F 232 -55.59 13.91 21.85
CA ALA F 232 -54.41 14.61 21.33
C ALA F 232 -54.25 14.39 19.83
N ALA F 233 -54.57 13.20 19.34
CA ALA F 233 -54.46 12.93 17.91
C ALA F 233 -55.50 13.69 17.11
N SER F 234 -56.65 14.00 17.72
CA SER F 234 -57.70 14.70 16.99
C SER F 234 -57.38 16.18 16.84
N SER F 235 -56.87 16.82 17.90
CA SER F 235 -56.62 18.25 17.86
C SER F 235 -55.47 18.59 18.80
N SER F 236 -54.88 19.76 18.56
CA SER F 236 -53.80 20.28 19.38
C SER F 236 -54.29 21.08 20.58
N SER F 237 -55.57 20.95 20.94
CA SER F 237 -56.14 21.71 22.04
C SER F 237 -55.49 21.36 23.37
N LEU F 238 -54.79 20.23 23.46
CA LEU F 238 -54.12 19.81 24.68
C LEU F 238 -52.61 19.73 24.46
N GLU F 239 -52.08 20.66 23.67
CA GLU F 239 -50.65 20.79 23.42
C GLU F 239 -50.18 22.16 23.88
N LYS F 240 -49.01 22.22 24.49
CA LYS F 240 -48.47 23.47 25.01
C LYS F 240 -47.00 23.58 24.64
N SER F 241 -46.50 24.81 24.67
CA SER F 241 -45.14 25.13 24.27
C SER F 241 -44.26 25.40 25.48
N TYR F 242 -42.95 25.35 25.26
CA TYR F 242 -41.97 25.56 26.31
C TYR F 242 -40.75 26.24 25.71
N GLU F 243 -40.18 27.20 26.45
CA GLU F 243 -39.05 27.98 25.96
C GLU F 243 -37.76 27.44 26.57
N LEU F 244 -36.80 27.11 25.71
CA LEU F 244 -35.52 26.61 26.16
C LEU F 244 -34.67 27.78 26.68
N PRO F 245 -33.59 27.49 27.41
CA PRO F 245 -32.76 28.58 27.96
C PRO F 245 -32.23 29.55 26.91
N ASP F 246 -32.03 29.12 25.67
CA ASP F 246 -31.46 29.99 24.65
C ASP F 246 -32.51 30.72 23.81
N GLY F 247 -33.79 30.51 24.08
CA GLY F 247 -34.86 31.17 23.36
C GLY F 247 -35.62 30.27 22.40
N GLN F 248 -35.10 29.09 22.10
CA GLN F 248 -35.83 28.15 21.25
C GLN F 248 -37.12 27.71 21.93
N VAL F 249 -38.17 27.56 21.13
CA VAL F 249 -39.49 27.17 21.63
C VAL F 249 -39.82 25.80 21.07
N ILE F 250 -40.08 24.85 21.96
CA ILE F 250 -40.50 23.52 21.56
C ILE F 250 -41.96 23.34 21.94
N THR F 251 -42.63 22.42 21.24
CA THR F 251 -44.04 22.13 21.47
C THR F 251 -44.20 20.66 21.82
N ILE F 252 -44.92 20.39 22.91
CA ILE F 252 -45.17 19.02 23.36
C ILE F 252 -46.67 18.84 23.51
N GLY F 253 -47.11 17.58 23.45
CA GLY F 253 -48.51 17.25 23.58
C GLY F 253 -48.76 15.89 24.19
N ASN F 254 -48.63 14.84 23.38
CA ASN F 254 -48.83 13.47 23.86
C ASN F 254 -47.82 13.12 24.95
N GLU F 255 -46.64 13.75 24.94
CA GLU F 255 -45.59 13.45 25.90
C GLU F 255 -45.97 13.88 27.31
N ARG F 256 -46.94 14.78 27.46
CA ARG F 256 -47.22 15.35 28.77
C ARG F 256 -47.79 14.31 29.73
N PHE F 257 -48.76 13.52 29.27
CA PHE F 257 -49.38 12.51 30.11
C PHE F 257 -48.82 11.11 29.88
N ARG F 258 -48.06 10.90 28.80
CA ARG F 258 -47.44 9.61 28.57
C ARG F 258 -46.26 9.36 29.51
N CYS F 259 -45.70 10.43 30.10
CA CYS F 259 -44.55 10.30 30.98
C CYS F 259 -44.94 9.83 32.37
N PRO F 260 -45.88 10.49 33.08
CA PRO F 260 -46.25 9.99 34.41
C PRO F 260 -47.10 8.72 34.36
N GLU F 261 -47.58 8.32 33.19
CA GLU F 261 -48.26 7.04 33.05
C GLU F 261 -47.33 5.87 33.33
N THR F 262 -46.02 6.10 33.26
CA THR F 262 -45.06 5.04 33.58
C THR F 262 -45.13 4.63 35.04
N LEU F 263 -45.60 5.54 35.91
CA LEU F 263 -45.82 5.18 37.31
C LEU F 263 -46.80 4.02 37.43
N PHE F 264 -47.90 4.09 36.68
CA PHE F 264 -48.91 3.03 36.72
C PHE F 264 -48.58 1.87 35.80
N GLN F 265 -47.77 2.09 34.76
CA GLN F 265 -47.37 1.05 33.83
C GLN F 265 -45.85 1.05 33.73
N PRO F 266 -45.17 0.30 34.60
CA PRO F 266 -43.70 0.30 34.57
C PRO F 266 -43.11 -0.30 33.31
N SER F 267 -43.90 -1.04 32.52
CA SER F 267 -43.38 -1.66 31.31
C SER F 267 -43.02 -0.66 30.22
N PHE F 268 -43.36 0.62 30.40
CA PHE F 268 -42.94 1.64 29.44
C PHE F 268 -41.42 1.76 29.40
N ILE F 269 -40.74 1.48 30.51
CA ILE F 269 -39.29 1.48 30.56
C ILE F 269 -38.72 0.08 30.60
N GLY F 270 -39.56 -0.94 30.35
CA GLY F 270 -39.12 -2.32 30.35
C GLY F 270 -39.22 -3.02 31.69
N MET F 271 -39.59 -2.31 32.75
CA MET F 271 -39.70 -2.90 34.07
C MET F 271 -41.01 -3.68 34.16
N GLU F 272 -40.90 -5.00 34.32
CA GLU F 272 -42.09 -5.86 34.37
C GLU F 272 -42.77 -5.83 35.73
N SER F 273 -42.29 -4.99 36.65
CA SER F 273 -42.92 -4.88 37.96
C SER F 273 -44.32 -4.27 37.84
N ALA F 274 -45.02 -4.22 38.96
CA ALA F 274 -46.37 -3.70 39.00
C ALA F 274 -46.35 -2.18 39.20
N GLY F 275 -47.46 -1.54 38.82
CA GLY F 275 -47.61 -0.12 38.99
C GLY F 275 -47.89 0.26 40.44
N ILE F 276 -47.99 1.58 40.66
CA ILE F 276 -48.23 2.07 42.01
C ILE F 276 -49.61 1.66 42.50
N HIS F 277 -50.56 1.46 41.58
CA HIS F 277 -51.88 0.99 41.98
C HIS F 277 -51.83 -0.42 42.56
N GLU F 278 -51.05 -1.31 41.95
CA GLU F 278 -50.97 -2.68 42.45
C GLU F 278 -50.11 -2.76 43.71
N THR F 279 -49.03 -1.97 43.78
CA THR F 279 -48.16 -2.01 44.95
C THR F 279 -48.87 -1.46 46.18
N THR F 280 -49.61 -0.37 46.03
CA THR F 280 -50.41 0.15 47.15
C THR F 280 -51.50 -0.82 47.54
N TYR F 281 -52.18 -1.41 46.56
CA TYR F 281 -53.26 -2.35 46.85
C TYR F 281 -52.75 -3.60 47.53
N ASN F 282 -51.67 -4.19 46.99
CA ASN F 282 -51.12 -5.40 47.59
C ASN F 282 -50.59 -5.12 49.00
N SER F 283 -49.86 -4.02 49.18
CA SER F 283 -49.33 -3.69 50.50
C SER F 283 -50.45 -3.47 51.52
N ILE F 284 -51.60 -2.94 51.08
CA ILE F 284 -52.73 -2.78 51.97
C ILE F 284 -53.30 -4.14 52.37
N MET F 285 -53.39 -5.06 51.42
CA MET F 285 -53.97 -6.37 51.64
C MET F 285 -52.97 -7.40 52.14
N LYS F 286 -51.81 -6.95 52.64
CA LYS F 286 -50.83 -7.83 53.26
C LYS F 286 -50.81 -7.68 54.78
N CYS F 287 -51.88 -7.13 55.38
CA CYS F 287 -51.95 -6.96 56.84
C CYS F 287 -53.25 -7.53 57.41
N ASP F 288 -53.58 -7.13 58.63
CA ASP F 288 -54.83 -7.55 59.23
C ASP F 288 -56.01 -6.90 58.52
N ILE F 289 -57.08 -7.67 58.35
CA ILE F 289 -58.27 -7.17 57.68
C ILE F 289 -58.92 -6.05 58.47
N ASP F 290 -58.68 -6.00 59.79
CA ASP F 290 -59.33 -5.00 60.63
C ASP F 290 -58.85 -3.59 60.29
N ILE F 291 -57.56 -3.42 59.98
CA ILE F 291 -57.01 -2.10 59.69
C ILE F 291 -57.05 -1.75 58.21
N ARG F 292 -57.40 -2.70 57.34
CA ARG F 292 -57.38 -2.43 55.90
C ARG F 292 -58.39 -1.35 55.52
N LYS F 293 -59.58 -1.40 56.12
CA LYS F 293 -60.62 -0.44 55.74
C LYS F 293 -60.25 0.99 56.11
N ASP F 294 -59.58 1.17 57.26
CA ASP F 294 -59.15 2.51 57.64
C ASP F 294 -57.96 2.97 56.79
N LEU F 295 -57.17 2.04 56.26
CA LEU F 295 -56.07 2.41 55.39
C LEU F 295 -56.58 2.90 54.03
N TYR F 296 -57.60 2.24 53.47
CA TYR F 296 -58.18 2.66 52.21
C TYR F 296 -58.62 4.12 52.26
N ALA F 297 -59.15 4.54 53.40
CA ALA F 297 -59.67 5.89 53.57
C ALA F 297 -58.59 6.91 53.89
N ASN F 298 -57.33 6.48 54.08
CA ASN F 298 -56.24 7.40 54.44
C ASN F 298 -54.97 7.00 53.67
N ASN F 299 -54.96 7.28 52.37
CA ASN F 299 -53.77 7.15 51.55
C ASN F 299 -53.17 8.53 51.37
N VAL F 300 -52.07 8.80 52.05
CA VAL F 300 -51.39 10.08 51.95
C VAL F 300 -50.24 9.95 50.95
N MET F 301 -49.94 11.05 50.27
CA MET F 301 -48.90 11.08 49.26
C MET F 301 -47.79 12.02 49.70
N SER F 302 -46.55 11.64 49.40
CA SER F 302 -45.38 12.42 49.78
C SER F 302 -44.38 12.43 48.63
N GLY F 303 -43.62 13.51 48.54
CA GLY F 303 -42.58 13.64 47.55
C GLY F 303 -43.02 14.47 46.35
N GLY F 304 -42.02 14.93 45.59
CA GLY F 304 -42.30 15.75 44.43
C GLY F 304 -42.92 14.97 43.27
N THR F 305 -42.61 13.66 43.19
CA THR F 305 -43.16 12.83 42.14
C THR F 305 -44.66 12.57 42.31
N THR F 306 -45.28 13.07 43.37
CA THR F 306 -46.72 13.01 43.55
C THR F 306 -47.38 14.36 43.30
N MET F 307 -46.65 15.33 42.75
CA MET F 307 -47.16 16.68 42.52
C MET F 307 -47.67 16.88 41.09
N TYR F 308 -47.83 15.80 40.32
CA TYR F 308 -48.38 15.94 38.98
C TYR F 308 -49.85 16.33 39.05
N PRO F 309 -50.30 17.27 38.22
CA PRO F 309 -51.73 17.59 38.18
C PRO F 309 -52.54 16.39 37.70
N GLY F 310 -53.58 16.05 38.46
CA GLY F 310 -54.44 14.95 38.11
C GLY F 310 -54.07 13.62 38.74
N ILE F 311 -52.96 13.55 39.48
CA ILE F 311 -52.58 12.29 40.12
C ILE F 311 -53.47 12.00 41.32
N ALA F 312 -54.18 13.00 41.84
CA ALA F 312 -55.07 12.78 42.96
C ALA F 312 -56.30 11.99 42.53
N ASP F 313 -56.90 12.36 41.41
CA ASP F 313 -58.10 11.66 40.93
C ASP F 313 -57.76 10.31 40.33
N ARG F 314 -56.58 10.17 39.72
CA ARG F 314 -56.24 8.93 39.04
C ARG F 314 -55.97 7.80 40.03
N MET F 315 -55.29 8.10 41.13
CA MET F 315 -54.96 7.05 42.10
C MET F 315 -56.21 6.50 42.76
N GLN F 316 -57.28 7.28 42.83
CA GLN F 316 -58.54 6.78 43.38
C GLN F 316 -59.21 5.80 42.43
N LYS F 317 -59.48 6.23 41.20
CA LYS F 317 -60.29 5.45 40.28
C LYS F 317 -59.63 4.13 39.90
N GLU F 318 -58.30 4.07 39.93
CA GLU F 318 -57.62 2.84 39.51
C GLU F 318 -57.79 1.73 40.53
N ILE F 319 -57.79 2.06 41.82
CA ILE F 319 -57.84 1.05 42.87
C ILE F 319 -59.23 0.88 43.46
N THR F 320 -60.17 1.79 43.19
CA THR F 320 -61.55 1.58 43.62
C THR F 320 -62.16 0.35 42.96
N ALA F 321 -61.61 -0.09 41.83
CA ALA F 321 -62.12 -1.29 41.17
C ALA F 321 -61.59 -2.57 41.82
N LEU F 322 -60.29 -2.61 42.14
CA LEU F 322 -59.72 -3.79 42.76
C LEU F 322 -60.20 -3.99 44.19
N ALA F 323 -60.71 -2.95 44.83
CA ALA F 323 -61.26 -3.01 46.17
C ALA F 323 -62.78 -3.04 46.11
N PRO F 324 -63.45 -3.50 47.19
CA PRO F 324 -64.91 -3.45 47.20
C PRO F 324 -65.44 -2.03 47.04
N SER F 325 -66.70 -1.94 46.63
CA SER F 325 -67.26 -0.66 46.21
C SER F 325 -67.45 0.29 47.39
N THR F 326 -68.14 -0.17 48.44
CA THR F 326 -68.51 0.72 49.53
C THR F 326 -67.32 1.20 50.36
N MET F 327 -66.15 0.62 50.17
CA MET F 327 -64.96 1.07 50.91
C MET F 327 -64.64 2.51 50.56
N LYS F 328 -64.72 3.39 51.55
CA LYS F 328 -64.36 4.78 51.33
C LYS F 328 -62.86 4.89 51.06
N ILE F 329 -62.50 5.47 49.91
CA ILE F 329 -61.11 5.58 49.48
C ILE F 329 -60.88 7.06 49.15
N LYS F 330 -60.19 7.77 50.05
CA LYS F 330 -59.87 9.17 49.86
C LYS F 330 -58.36 9.34 49.86
N ILE F 331 -57.83 10.00 48.83
CA ILE F 331 -56.41 10.27 48.72
C ILE F 331 -56.10 11.61 49.38
N ILE F 332 -55.06 11.63 50.21
CA ILE F 332 -54.66 12.82 50.95
C ILE F 332 -53.47 13.45 50.25
N ALA F 333 -53.60 14.72 49.88
CA ALA F 333 -52.55 15.44 49.15
C ALA F 333 -52.36 16.81 49.78
N PRO F 334 -51.45 16.93 50.75
CA PRO F 334 -51.20 18.24 51.34
C PRO F 334 -50.67 19.21 50.30
N PRO F 335 -51.00 20.50 50.42
CA PRO F 335 -50.53 21.46 49.41
C PRO F 335 -49.03 21.56 49.34
N GLU F 336 -48.32 21.29 50.42
CA GLU F 336 -46.87 21.35 50.47
C GLU F 336 -46.27 19.98 50.79
N ARG F 337 -46.81 18.93 50.16
CA ARG F 337 -46.31 17.58 50.39
C ARG F 337 -44.89 17.39 49.85
N LYS F 338 -44.34 18.39 49.15
CA LYS F 338 -42.93 18.32 48.76
C LYS F 338 -41.99 18.34 49.96
N TYR F 339 -42.45 18.85 51.10
CA TYR F 339 -41.61 19.00 52.28
C TYR F 339 -42.27 18.41 53.52
N SER F 340 -43.17 17.45 53.33
CA SER F 340 -43.84 16.84 54.48
C SER F 340 -42.86 16.08 55.36
N VAL F 341 -41.77 15.58 54.79
CA VAL F 341 -40.75 14.92 55.60
C VAL F 341 -40.05 15.94 56.51
N TRP F 342 -39.63 17.06 55.93
CA TRP F 342 -38.90 18.06 56.70
C TRP F 342 -39.81 18.71 57.76
N ILE F 343 -41.06 18.98 57.40
CA ILE F 343 -41.97 19.62 58.34
C ILE F 343 -42.18 18.74 59.56
N GLY F 344 -42.39 17.44 59.34
CA GLY F 344 -42.49 16.52 60.46
C GLY F 344 -41.23 16.49 61.30
N GLY F 345 -40.07 16.61 60.65
CA GLY F 345 -38.81 16.66 61.39
C GLY F 345 -38.69 17.92 62.23
N SER F 346 -39.14 19.06 61.70
CA SER F 346 -39.12 20.30 62.46
C SER F 346 -40.09 20.26 63.64
N ILE F 347 -41.12 19.42 63.58
CA ILE F 347 -42.03 19.27 64.70
C ILE F 347 -41.43 18.35 65.75
N LEU F 348 -40.83 17.24 65.32
CA LEU F 348 -40.28 16.28 66.27
C LEU F 348 -39.09 16.85 67.03
N ALA F 349 -38.16 17.49 66.30
CA ALA F 349 -36.95 18.02 66.91
C ALA F 349 -37.22 19.17 67.87
N SER F 350 -38.46 19.65 67.95
CA SER F 350 -38.81 20.75 68.85
C SER F 350 -39.62 20.31 70.06
N LEU F 351 -40.09 19.06 70.11
CA LEU F 351 -40.78 18.57 71.28
C LEU F 351 -39.80 18.37 72.43
N SER F 352 -40.29 18.63 73.65
CA SER F 352 -39.44 18.49 74.82
C SER F 352 -39.10 17.03 75.12
N THR F 353 -39.97 16.10 74.72
CA THR F 353 -39.71 14.68 74.93
C THR F 353 -38.64 14.12 73.99
N PHE F 354 -38.17 14.91 73.03
CA PHE F 354 -37.22 14.41 72.05
C PHE F 354 -35.76 14.56 72.47
N GLN F 355 -35.46 15.46 73.40
CA GLN F 355 -34.07 15.67 73.79
C GLN F 355 -33.47 14.42 74.41
N GLN F 356 -34.30 13.57 75.02
CA GLN F 356 -33.79 12.32 75.57
C GLN F 356 -33.46 11.30 74.48
N MET F 357 -34.01 11.46 73.28
CA MET F 357 -33.82 10.50 72.20
C MET F 357 -32.64 10.83 71.30
N TRP F 358 -31.91 11.91 71.58
CA TRP F 358 -30.73 12.20 70.81
C TRP F 358 -29.65 11.15 71.06
N ILE F 359 -28.61 11.17 70.23
CA ILE F 359 -27.46 10.31 70.35
C ILE F 359 -26.24 11.24 70.38
N THR F 360 -25.69 11.45 71.57
CA THR F 360 -24.64 12.44 71.76
C THR F 360 -23.29 11.92 71.26
N LYS F 361 -22.29 12.80 71.30
CA LYS F 361 -20.95 12.42 70.85
C LYS F 361 -20.30 11.43 71.80
N GLN F 362 -20.55 11.58 73.11
CA GLN F 362 -20.00 10.64 74.08
C GLN F 362 -20.57 9.23 73.87
N GLU F 363 -21.87 9.14 73.57
CA GLU F 363 -22.48 7.84 73.30
C GLU F 363 -21.87 7.19 72.07
N TYR F 364 -21.54 7.98 71.05
CA TYR F 364 -20.86 7.44 69.88
C TYR F 364 -19.47 6.93 70.22
N ASP F 365 -18.74 7.68 71.06
CA ASP F 365 -17.41 7.25 71.49
C ASP F 365 -17.46 6.12 72.51
N GLU F 366 -18.65 5.77 73.00
CA GLU F 366 -18.79 4.66 73.95
C GLU F 366 -19.20 3.35 73.31
N ALA F 367 -19.78 3.39 72.11
CA ALA F 367 -20.24 2.16 71.47
C ALA F 367 -19.94 2.10 69.97
N GLY F 368 -19.23 3.08 69.41
CA GLY F 368 -18.91 3.09 68.01
C GLY F 368 -20.08 3.52 67.16
N PRO F 369 -20.10 3.09 65.89
CA PRO F 369 -21.18 3.51 64.99
C PRO F 369 -22.39 2.58 65.06
N SER F 370 -22.65 2.01 66.23
CA SER F 370 -23.76 1.08 66.40
C SER F 370 -24.80 1.53 67.42
N ILE F 371 -24.55 2.62 68.15
CA ILE F 371 -25.55 3.09 69.11
C ILE F 371 -26.76 3.68 68.40
N VAL F 372 -26.54 4.23 67.20
CA VAL F 372 -27.59 4.92 66.44
C VAL F 372 -28.79 4.02 66.21
N HIS F 373 -28.55 2.71 66.23
CA HIS F 373 -29.55 1.74 65.85
C HIS F 373 -30.37 1.22 67.03
N ARG F 374 -29.97 1.51 68.27
CA ARG F 374 -30.83 1.17 69.40
C ARG F 374 -31.70 2.34 69.84
N LYS F 375 -31.44 3.54 69.30
CA LYS F 375 -32.33 4.69 69.47
C LYS F 375 -33.22 4.92 68.27
N CYS F 376 -32.68 4.77 67.05
CA CYS F 376 -33.45 4.87 65.82
C CYS F 376 -33.84 3.45 65.40
N PHE F 377 -35.05 3.04 65.77
CA PHE F 377 -35.51 1.69 65.51
C PHE F 377 -37.04 1.62 65.49
N GLU G 6 12.06 46.94 42.58
CA GLU G 6 11.59 45.90 41.67
C GLU G 6 11.57 46.40 40.23
N THR G 7 11.90 45.49 39.30
CA THR G 7 11.97 45.86 37.89
C THR G 7 10.59 45.81 37.25
N THR G 8 10.48 46.49 36.11
CA THR G 8 9.21 46.59 35.38
C THR G 8 9.04 45.41 34.43
N ALA G 9 7.79 45.18 34.03
CA ALA G 9 7.44 44.11 33.12
C ALA G 9 6.96 44.67 31.79
N LEU G 10 7.09 43.86 30.74
CA LEU G 10 6.72 44.24 29.39
C LEU G 10 5.51 43.43 28.92
N VAL G 11 4.70 44.05 28.06
CA VAL G 11 3.54 43.40 27.47
C VAL G 11 3.61 43.62 25.97
N CYS G 12 3.85 42.55 25.21
CA CYS G 12 4.03 42.62 23.77
C CYS G 12 2.90 41.84 23.08
N ASP G 13 2.05 42.57 22.35
CA ASP G 13 0.93 41.95 21.63
C ASP G 13 1.38 41.70 20.20
N ASN G 14 1.74 40.45 19.91
CA ASN G 14 2.21 40.07 18.58
C ASN G 14 1.04 40.02 17.60
N GLY G 15 0.78 41.14 16.92
CA GLY G 15 -0.37 41.23 16.05
C GLY G 15 -0.10 40.77 14.63
N SER G 16 -1.18 40.47 13.91
CA SER G 16 -1.04 40.06 12.51
C SER G 16 -0.50 41.18 11.65
N GLY G 17 -0.76 42.43 12.04
CA GLY G 17 -0.27 43.56 11.29
C GLY G 17 0.58 44.49 12.13
N LEU G 18 0.03 44.97 13.25
CA LEU G 18 0.70 45.91 14.13
C LEU G 18 1.06 45.23 15.44
N VAL G 19 2.30 45.41 15.88
CA VAL G 19 2.75 44.90 17.17
C VAL G 19 2.58 46.00 18.21
N LYS G 20 1.72 45.76 19.18
CA LYS G 20 1.49 46.69 20.28
C LYS G 20 2.34 46.25 21.46
N ALA G 21 3.34 47.05 21.82
CA ALA G 21 4.24 46.75 22.93
C ALA G 21 4.34 47.95 23.85
N GLY G 22 4.61 47.68 25.12
CA GLY G 22 4.73 48.74 26.09
C GLY G 22 5.17 48.23 27.44
N PHE G 23 4.96 49.06 28.46
CA PHE G 23 5.35 48.74 29.81
C PHE G 23 4.13 48.41 30.66
N ALA G 24 4.31 47.49 31.60
CA ALA G 24 3.23 47.10 32.49
C ALA G 24 2.81 48.29 33.35
N GLY G 25 1.51 48.34 33.68
CA GLY G 25 0.96 49.42 34.46
C GLY G 25 0.60 50.66 33.69
N ASP G 26 1.09 50.81 32.46
CA ASP G 26 0.75 51.99 31.66
C ASP G 26 -0.68 51.91 31.16
N ASP G 27 -1.18 53.05 30.67
CA ASP G 27 -2.54 53.12 30.18
C ASP G 27 -2.67 52.71 28.73
N ALA G 28 -1.56 52.65 28.00
CA ALA G 28 -1.58 52.36 26.57
C ALA G 28 -0.18 51.91 26.16
N PRO G 29 -0.05 51.13 25.08
CA PRO G 29 1.28 50.69 24.66
C PRO G 29 2.13 51.86 24.18
N ARG G 30 3.42 51.80 24.49
CA ARG G 30 4.34 52.87 24.14
C ARG G 30 4.72 52.83 22.66
N ALA G 31 4.86 51.64 22.08
CA ALA G 31 5.31 51.48 20.70
C ALA G 31 4.34 50.60 19.93
N VAL G 32 3.92 51.08 18.76
CA VAL G 32 3.02 50.35 17.88
C VAL G 32 3.62 50.41 16.47
N PHE G 33 4.26 49.32 16.05
CA PHE G 33 4.91 49.26 14.75
C PHE G 33 4.40 48.07 13.95
N PRO G 34 4.46 48.13 12.63
CA PRO G 34 3.90 47.04 11.82
C PRO G 34 4.77 45.79 11.87
N SER G 35 4.11 44.63 11.85
CA SER G 35 4.79 43.33 11.94
C SER G 35 5.25 42.87 10.55
N ILE G 36 6.13 43.68 9.95
CA ILE G 36 6.68 43.41 8.63
C ILE G 36 8.19 43.29 8.75
N VAL G 37 8.75 42.24 8.15
CA VAL G 37 10.19 42.00 8.13
C VAL G 37 10.64 42.02 6.67
N GLY G 38 11.57 42.92 6.35
CA GLY G 38 12.02 43.10 4.99
C GLY G 38 13.37 42.44 4.75
N ARG G 39 13.45 41.68 3.65
CA ARG G 39 14.68 41.04 3.23
C ARG G 39 15.05 41.50 1.82
N PRO G 40 16.35 41.67 1.53
CA PRO G 40 16.76 42.60 0.46
C PRO G 40 16.76 42.06 -0.97
N ARG G 41 16.03 40.99 -1.25
CA ARG G 41 16.01 40.41 -2.59
C ARG G 41 17.42 40.11 -3.10
N HIS G 42 17.85 40.85 -4.12
CA HIS G 42 19.20 40.70 -4.65
C HIS G 42 20.21 41.36 -3.72
N SER G 54 17.67 42.57 6.31
CA SER G 54 17.31 42.50 7.71
C SER G 54 16.83 43.86 8.23
N TYR G 55 15.76 44.37 7.64
CA TYR G 55 15.17 45.64 8.03
C TYR G 55 13.73 45.39 8.48
N VAL G 56 13.44 45.71 9.74
CA VAL G 56 12.14 45.45 10.34
C VAL G 56 11.57 46.76 10.87
N GLY G 57 10.26 46.91 10.76
CA GLY G 57 9.57 48.06 11.30
C GLY G 57 9.01 48.97 10.23
N ASP G 58 8.76 50.22 10.62
CA ASP G 58 8.25 51.21 9.67
C ASP G 58 9.28 51.57 8.62
N GLU G 59 10.57 51.40 8.92
CA GLU G 59 11.60 51.71 7.93
C GLU G 59 11.55 50.74 6.75
N ALA G 60 11.12 49.50 6.99
CA ALA G 60 10.98 48.56 5.89
C ALA G 60 9.89 48.99 4.91
N GLN G 61 8.89 49.73 5.39
CA GLN G 61 7.86 50.25 4.51
C GLN G 61 8.40 51.38 3.62
N SER G 62 9.39 52.13 4.11
CA SER G 62 10.00 53.18 3.29
C SER G 62 11.09 52.61 2.39
N LYS G 63 11.87 51.64 2.88
CA LYS G 63 12.84 50.91 2.06
C LYS G 63 12.17 49.80 1.27
N ARG G 64 10.96 50.04 0.75
CA ARG G 64 10.15 48.97 0.20
C ARG G 64 10.64 48.54 -1.18
N GLY G 65 11.30 49.43 -1.92
CA GLY G 65 11.71 49.09 -3.26
C GLY G 65 12.79 48.04 -3.33
N ILE G 66 13.63 47.95 -2.31
CA ILE G 66 14.78 47.05 -2.31
C ILE G 66 14.59 45.84 -1.39
N LEU G 67 13.43 45.70 -0.76
CA LEU G 67 13.20 44.64 0.20
C LEU G 67 12.02 43.77 -0.23
N THR G 68 11.99 42.55 0.31
CA THR G 68 10.85 41.64 0.15
C THR G 68 10.05 41.66 1.45
N LEU G 69 8.90 42.30 1.41
CA LEU G 69 8.06 42.40 2.60
C LEU G 69 7.38 41.06 2.88
N LYS G 70 7.56 40.56 4.11
CA LYS G 70 6.95 39.31 4.54
C LYS G 70 6.28 39.50 5.89
N TYR G 71 5.15 38.83 6.07
CA TYR G 71 4.45 38.85 7.34
C TYR G 71 4.75 37.56 8.09
N PRO G 72 5.55 37.58 9.16
CA PRO G 72 5.77 36.34 9.92
C PRO G 72 4.51 35.88 10.63
N ILE G 73 3.70 36.80 11.13
CA ILE G 73 2.40 36.50 11.72
C ILE G 73 1.37 37.13 10.79
N GLU G 74 0.79 36.32 9.91
CA GLU G 74 -0.17 36.85 8.95
C GLU G 74 -1.60 36.60 9.40
N GLY G 76 -2.46 35.30 12.62
CA GLY G 76 -2.47 35.09 14.05
C GLY G 76 -1.41 34.13 14.56
N ILE G 77 -1.15 33.06 13.80
CA ILE G 77 -0.16 32.06 14.17
C ILE G 77 1.18 32.46 13.60
N ILE G 78 2.22 32.37 14.42
CA ILE G 78 3.58 32.68 13.97
C ILE G 78 4.09 31.52 13.13
N THR G 79 4.39 31.79 11.86
CA THR G 79 4.86 30.77 10.94
C THR G 79 6.35 30.84 10.67
N ASN G 80 6.92 32.05 10.61
CA ASN G 80 8.33 32.26 10.33
C ASN G 80 9.03 32.69 11.61
N TRP G 81 9.82 31.79 12.19
CA TRP G 81 10.46 32.09 13.47
C TRP G 81 11.75 32.90 13.28
N ASP G 82 12.52 32.60 12.24
CA ASP G 82 13.74 33.36 11.98
C ASP G 82 13.43 34.84 11.80
N ASP G 83 12.33 35.15 11.12
CA ASP G 83 11.91 36.54 10.98
C ASP G 83 11.25 37.07 12.24
N MET G 84 10.67 36.18 13.06
CA MET G 84 10.00 36.63 14.27
C MET G 84 11.00 37.07 15.33
N GLU G 85 12.16 36.40 15.39
CA GLU G 85 13.17 36.77 16.38
C GLU G 85 13.68 38.19 16.16
N LYS G 86 13.70 38.65 14.90
CA LYS G 86 14.07 40.03 14.62
C LYS G 86 12.92 40.99 14.87
N ILE G 87 11.67 40.51 14.84
CA ILE G 87 10.55 41.35 15.25
C ILE G 87 10.68 41.74 16.72
N TRP G 88 11.04 40.77 17.56
CA TRP G 88 11.17 41.06 18.99
C TRP G 88 12.43 41.85 19.30
N HIS G 89 13.51 41.60 18.55
CA HIS G 89 14.74 42.36 18.74
C HIS G 89 14.50 43.84 18.45
N HIS G 90 13.73 44.14 17.40
CA HIS G 90 13.39 45.52 17.10
C HIS G 90 12.53 46.14 18.20
N THR G 91 11.77 45.32 18.93
CA THR G 91 10.98 45.81 20.04
C THR G 91 11.85 46.08 21.26
N PHE G 92 12.72 45.13 21.61
CA PHE G 92 13.54 45.26 22.81
C PHE G 92 14.57 46.39 22.66
N TYR G 93 15.47 46.26 21.69
CA TYR G 93 16.64 47.13 21.61
C TYR G 93 16.39 48.43 20.88
N ASN G 94 15.43 48.45 19.94
CA ASN G 94 15.21 49.61 19.07
C ASN G 94 14.00 50.44 19.47
N GLU G 95 12.79 49.86 19.39
CA GLU G 95 11.58 50.65 19.57
C GLU G 95 11.34 51.04 21.03
N LEU G 96 11.55 50.11 21.97
CA LEU G 96 11.41 50.42 23.38
C LEU G 96 12.73 50.73 24.07
N ARG G 97 13.86 50.33 23.46
CA ARG G 97 15.20 50.58 24.00
C ARG G 97 15.36 50.02 25.41
N VAL G 98 14.73 48.88 25.66
CA VAL G 98 14.87 48.19 26.93
C VAL G 98 15.92 47.10 26.77
N ALA G 99 16.45 46.63 27.90
CA ALA G 99 17.31 45.46 27.92
C ALA G 99 16.47 44.29 28.37
N PRO G 100 16.11 43.36 27.47
CA PRO G 100 15.19 42.27 27.86
C PRO G 100 15.72 41.38 28.97
N GLU G 101 17.01 41.46 29.31
CA GLU G 101 17.54 40.69 30.42
C GLU G 101 17.07 41.23 31.77
N GLU G 102 16.54 42.45 31.81
CA GLU G 102 16.12 43.08 33.06
C GLU G 102 14.62 43.20 33.20
N HIS G 103 13.83 42.71 32.24
CA HIS G 103 12.40 42.93 32.22
C HIS G 103 11.67 41.62 31.99
N PRO G 104 10.81 41.18 32.91
CA PRO G 104 9.88 40.09 32.59
C PRO G 104 8.93 40.53 31.48
N THR G 105 8.62 39.60 30.58
CA THR G 105 7.86 39.91 29.38
C THR G 105 6.59 39.06 29.32
N LEU G 106 5.48 39.70 28.99
CA LEU G 106 4.21 39.01 28.77
C LEU G 106 3.90 39.03 27.28
N LEU G 107 3.66 37.85 26.71
CA LEU G 107 3.38 37.70 25.29
C LEU G 107 1.92 37.27 25.09
N THR G 108 1.35 37.70 23.97
CA THR G 108 0.00 37.32 23.58
C THR G 108 0.05 36.38 22.39
N GLU G 109 -0.76 35.32 22.45
CA GLU G 109 -0.86 34.35 21.37
C GLU G 109 -2.27 34.36 20.81
N ALA G 110 -2.40 33.96 19.54
CA ALA G 110 -3.69 33.91 18.90
C ALA G 110 -4.53 32.77 19.48
N PRO G 111 -5.85 32.81 19.28
CA PRO G 111 -6.68 31.67 19.67
C PRO G 111 -6.33 30.44 18.85
N LEU G 112 -6.52 29.27 19.47
CA LEU G 112 -6.22 27.97 18.85
C LEU G 112 -4.76 27.88 18.41
N ASN G 113 -3.88 28.54 19.14
CA ASN G 113 -2.45 28.46 18.82
C ASN G 113 -1.92 27.08 19.22
N PRO G 114 -1.21 26.39 18.33
CA PRO G 114 -0.75 25.04 18.65
C PRO G 114 0.15 25.04 19.88
N LYS G 115 0.04 23.97 20.67
CA LYS G 115 0.80 23.89 21.91
C LYS G 115 2.31 23.92 21.66
N ALA G 116 2.76 23.34 20.54
CA ALA G 116 4.18 23.41 20.20
C ALA G 116 4.58 24.81 19.76
N ASN G 117 3.64 25.56 19.16
CA ASN G 117 3.93 26.94 18.78
C ASN G 117 4.16 27.80 20.03
N ARG G 118 3.40 27.55 21.09
CA ARG G 118 3.61 28.28 22.35
C ARG G 118 4.93 27.91 23.00
N GLU G 119 5.36 26.65 22.86
CA GLU G 119 6.65 26.24 23.41
C GLU G 119 7.79 26.93 22.69
N LYS G 120 7.67 27.12 21.38
CA LYS G 120 8.73 27.78 20.63
C LYS G 120 8.90 29.23 21.07
N MET G 121 7.80 29.92 21.36
CA MET G 121 7.88 31.27 21.88
C MET G 121 8.63 31.30 23.22
N THR G 122 8.35 30.31 24.08
CA THR G 122 9.03 30.25 25.37
C THR G 122 10.53 30.02 25.20
N GLN G 123 10.91 29.13 24.28
CA GLN G 123 12.32 28.82 24.08
C GLN G 123 13.07 30.03 23.51
N ILE G 124 12.43 30.79 22.63
CA ILE G 124 13.10 31.93 22.02
C ILE G 124 13.30 33.05 23.05
N MET G 125 12.30 33.29 23.89
CA MET G 125 12.42 34.36 24.88
C MET G 125 13.51 34.05 25.90
N PHE G 126 13.69 32.78 26.25
CA PHE G 126 14.66 32.39 27.27
C PHE G 126 16.06 32.16 26.71
N GLU G 127 16.17 31.42 25.61
CA GLU G 127 17.47 31.02 25.10
C GLU G 127 18.08 32.02 24.13
N THR G 128 17.27 32.87 23.50
CA THR G 128 17.77 33.86 22.56
C THR G 128 17.87 35.25 23.18
N PHE G 129 16.84 35.68 23.91
CA PHE G 129 16.83 37.02 24.50
C PHE G 129 17.15 37.02 25.99
N ASN G 130 17.18 35.86 26.63
CA ASN G 130 17.56 35.71 28.03
C ASN G 130 16.74 36.63 28.93
N VAL G 131 15.43 36.45 28.86
CA VAL G 131 14.51 37.20 29.72
C VAL G 131 14.53 36.57 31.10
N PRO G 132 14.35 37.34 32.17
CA PRO G 132 14.33 36.71 33.51
C PRO G 132 13.10 35.84 33.72
N ALA G 133 11.95 36.26 33.21
CA ALA G 133 10.72 35.49 33.35
C ALA G 133 9.80 35.88 32.20
N MET G 134 8.82 35.02 31.93
CA MET G 134 7.88 35.29 30.86
C MET G 134 6.59 34.53 31.10
N TYR G 135 5.54 34.99 30.43
CA TYR G 135 4.20 34.39 30.53
C TYR G 135 3.50 34.59 29.20
N VAL G 136 2.62 33.65 28.86
CA VAL G 136 1.89 33.66 27.59
C VAL G 136 0.40 33.64 27.89
N ALA G 137 -0.33 34.61 27.34
CA ALA G 137 -1.77 34.71 27.52
C ALA G 137 -2.45 34.83 26.17
N ILE G 138 -3.71 34.41 26.11
CA ILE G 138 -4.47 34.44 24.87
C ILE G 138 -5.01 35.85 24.66
N GLN G 139 -5.02 36.29 23.40
CA GLN G 139 -5.42 37.67 23.09
C GLN G 139 -6.88 37.90 23.45
N ALA G 140 -7.77 36.97 23.09
CA ALA G 140 -9.19 37.17 23.35
C ALA G 140 -9.50 37.16 24.85
N VAL G 141 -8.75 36.38 25.63
CA VAL G 141 -8.99 36.33 27.07
C VAL G 141 -8.56 37.65 27.73
N LEU G 142 -7.56 38.32 27.18
CA LEU G 142 -7.12 39.60 27.76
C LEU G 142 -8.12 40.71 27.48
N SER G 143 -8.72 40.71 26.29
CA SER G 143 -9.73 41.72 25.98
C SER G 143 -10.94 41.57 26.89
N LEU G 144 -11.37 40.33 27.15
CA LEU G 144 -12.47 40.10 28.06
C LEU G 144 -12.11 40.49 29.48
N TYR G 145 -10.82 40.35 29.85
CA TYR G 145 -10.39 40.70 31.20
C TYR G 145 -10.40 42.21 31.42
N ALA G 146 -10.18 42.99 30.36
CA ALA G 146 -10.15 44.44 30.51
C ALA G 146 -11.51 45.00 30.90
N SER G 147 -12.58 44.47 30.30
CA SER G 147 -13.92 44.90 30.67
C SER G 147 -14.38 44.34 32.00
N GLY G 148 -13.55 43.52 32.66
CA GLY G 148 -13.93 42.95 33.94
C GLY G 148 -14.91 41.80 33.84
N ARG G 149 -14.89 41.06 32.74
CA ARG G 149 -15.81 39.96 32.53
C ARG G 149 -15.10 38.62 32.63
N THR G 150 -15.88 37.59 32.97
CA THR G 150 -15.47 36.21 32.84
C THR G 150 -16.32 35.44 31.83
N THR G 151 -17.38 36.05 31.30
CA THR G 151 -18.27 35.39 30.36
C THR G 151 -18.56 36.34 29.22
N GLY G 152 -18.36 35.87 27.99
CA GLY G 152 -18.63 36.69 26.82
C GLY G 152 -18.10 36.03 25.57
N ILE G 153 -18.50 36.59 24.44
CA ILE G 153 -18.03 36.18 23.12
C ILE G 153 -17.28 37.35 22.50
N VAL G 154 -15.99 37.16 22.28
CA VAL G 154 -15.12 38.25 21.82
C VAL G 154 -15.05 38.21 20.30
N LEU G 155 -15.19 39.37 19.68
CA LEU G 155 -15.00 39.55 18.24
C LEU G 155 -13.72 40.37 18.06
N ASP G 156 -12.60 39.66 17.88
CA ASP G 156 -11.30 40.30 17.72
C ASP G 156 -10.99 40.37 16.21
N SER G 157 -11.26 41.53 15.63
CA SER G 157 -11.01 41.78 14.21
C SER G 157 -9.77 42.66 14.10
N GLY G 158 -8.67 42.08 13.63
CA GLY G 158 -7.42 42.82 13.55
C GLY G 158 -7.04 43.21 12.13
N ASP G 159 -5.80 42.91 11.74
CA ASP G 159 -5.26 43.24 10.42
C ASP G 159 -5.39 42.12 9.41
N GLY G 160 -5.09 40.88 9.79
CA GLY G 160 -5.16 39.78 8.84
C GLY G 160 -5.98 38.59 9.30
N VAL G 161 -6.61 38.68 10.46
CA VAL G 161 -7.41 37.59 11.01
C VAL G 161 -8.47 38.17 11.93
N THR G 162 -9.65 37.53 11.93
CA THR G 162 -10.72 37.83 12.87
C THR G 162 -11.14 36.54 13.56
N HIS G 163 -11.29 36.60 14.88
CA HIS G 163 -11.67 35.44 15.67
C HIS G 163 -12.99 35.69 16.38
N ASN G 164 -13.77 34.62 16.52
CA ASN G 164 -14.93 34.61 17.41
C ASN G 164 -14.61 33.63 18.53
N VAL G 165 -14.46 34.16 19.74
CA VAL G 165 -13.98 33.37 20.88
C VAL G 165 -15.00 33.42 22.01
N PRO G 166 -15.71 32.32 22.28
CA PRO G 166 -16.65 32.30 23.42
C PRO G 166 -16.00 31.80 24.70
N ILE G 167 -16.21 32.52 25.80
CA ILE G 167 -15.66 32.17 27.10
C ILE G 167 -16.79 32.25 28.13
N TYR G 168 -16.85 31.27 29.02
CA TYR G 168 -17.93 31.18 30.00
C TYR G 168 -17.32 30.92 31.39
N GLU G 169 -17.53 31.88 32.29
CA GLU G 169 -17.06 31.79 33.68
C GLU G 169 -15.58 31.42 33.75
N GLY G 170 -14.79 32.02 32.87
CA GLY G 170 -13.36 31.79 32.84
C GLY G 170 -12.93 30.50 32.18
N TYR G 171 -13.86 29.73 31.62
CA TYR G 171 -13.53 28.49 30.94
C TYR G 171 -13.61 28.69 29.44
N ALA G 172 -12.69 28.04 28.71
CA ALA G 172 -12.62 28.19 27.27
C ALA G 172 -13.50 27.17 26.57
N LEU G 173 -14.08 27.59 25.45
CA LEU G 173 -14.87 26.71 24.58
C LEU G 173 -14.16 26.61 23.23
N PRO G 174 -13.06 25.87 23.17
CA PRO G 174 -12.29 25.82 21.91
C PRO G 174 -13.06 25.19 20.77
N HIS G 175 -14.03 24.33 21.05
CA HIS G 175 -14.83 23.70 20.01
CA HIS G 175 -14.81 23.70 19.99
C HIS G 175 -15.71 24.70 19.27
N ALA G 176 -15.92 25.89 19.84
CA ALA G 176 -16.80 26.89 19.25
C ALA G 176 -16.04 28.10 18.70
N ILE G 177 -14.71 28.10 18.78
CA ILE G 177 -13.93 29.22 18.24
C ILE G 177 -13.97 29.19 16.72
N MET G 178 -14.36 30.31 16.13
CA MET G 178 -14.41 30.47 14.68
C MET G 178 -13.27 31.37 14.22
N ARG G 179 -12.74 31.08 13.04
CA ARG G 179 -11.68 31.90 12.44
C ARG G 179 -12.11 32.38 11.07
N LEU G 180 -11.60 33.55 10.69
CA LEU G 180 -11.92 34.16 9.41
C LEU G 180 -10.76 35.07 9.01
N ASP G 181 -10.15 34.79 7.86
CA ASP G 181 -9.00 35.54 7.40
C ASP G 181 -9.38 36.86 6.73
N LEU G 182 -10.61 37.33 6.91
CA LEU G 182 -11.09 38.57 6.31
C LEU G 182 -10.97 39.66 7.37
N ALA G 183 -9.91 40.47 7.28
CA ALA G 183 -9.70 41.48 8.30
C ALA G 183 -9.30 42.83 7.72
N GLY G 184 -8.48 43.59 8.46
CA GLY G 184 -8.25 44.98 8.12
C GLY G 184 -7.49 45.17 6.82
N ARG G 185 -6.45 44.36 6.60
CA ARG G 185 -5.67 44.51 5.36
C ARG G 185 -6.47 44.08 4.14
N ASP G 186 -7.41 43.13 4.31
CA ASP G 186 -8.30 42.77 3.21
C ASP G 186 -9.29 43.87 2.91
N LEU G 187 -9.56 44.75 3.88
CA LEU G 187 -10.44 45.89 3.66
C LEU G 187 -9.71 47.07 3.04
N THR G 188 -8.44 47.27 3.39
CA THR G 188 -7.65 48.32 2.75
C THR G 188 -7.45 48.03 1.27
N ASP G 189 -7.39 46.76 0.90
CA ASP G 189 -7.23 46.40 -0.51
C ASP G 189 -8.53 46.58 -1.27
N TYR G 190 -9.66 46.19 -0.67
CA TYR G 190 -10.95 46.38 -1.32
C TYR G 190 -11.31 47.84 -1.46
N LEU G 191 -10.77 48.72 -0.61
CA LEU G 191 -10.98 50.15 -0.80
C LEU G 191 -10.22 50.65 -2.02
N MET G 192 -8.98 50.18 -2.21
CA MET G 192 -8.22 50.54 -3.40
C MET G 192 -8.94 50.09 -4.66
N LYS G 193 -9.35 48.81 -4.71
CA LYS G 193 -10.04 48.29 -5.88
C LYS G 193 -11.34 49.03 -6.15
N ILE G 194 -11.96 49.59 -5.12
CA ILE G 194 -13.23 50.28 -5.27
C ILE G 194 -13.07 51.79 -5.39
N LEU G 195 -11.90 52.33 -5.07
CA LEU G 195 -11.62 53.74 -5.36
C LEU G 195 -11.10 53.93 -6.77
N THR G 196 -10.57 52.87 -7.39
CA THR G 196 -10.11 52.96 -8.76
C THR G 196 -11.26 52.87 -9.75
N GLU G 197 -12.35 52.19 -9.37
CA GLU G 197 -13.50 52.08 -10.26
C GLU G 197 -14.17 53.44 -10.49
N ARG G 198 -13.94 54.42 -9.62
CA ARG G 198 -14.48 55.76 -9.78
C ARG G 198 -13.43 56.74 -10.30
N GLY G 199 -12.31 56.24 -10.82
CA GLY G 199 -11.36 57.09 -11.51
C GLY G 199 -10.02 57.27 -10.83
N TYR G 200 -10.03 57.43 -9.51
CA TYR G 200 -8.80 57.79 -8.79
C TYR G 200 -7.76 56.67 -8.90
N SER G 201 -6.51 57.07 -9.05
CA SER G 201 -5.39 56.13 -9.17
C SER G 201 -4.89 55.78 -7.77
N PHE G 202 -5.33 54.63 -7.25
CA PHE G 202 -4.91 54.13 -5.93
C PHE G 202 -4.49 52.67 -6.07
N VAL G 203 -3.33 52.44 -6.69
CA VAL G 203 -2.81 51.09 -6.88
C VAL G 203 -1.33 51.07 -6.54
N THR G 204 -0.73 52.25 -6.36
CA THR G 204 0.67 52.34 -5.99
C THR G 204 0.87 51.88 -4.56
N THR G 205 2.06 51.34 -4.28
CA THR G 205 2.38 50.89 -2.93
C THR G 205 2.27 52.02 -1.92
N ALA G 206 2.73 53.22 -2.31
CA ALA G 206 2.63 54.37 -1.40
C ALA G 206 1.19 54.83 -1.23
N GLU G 207 0.36 54.70 -2.28
CA GLU G 207 -1.03 55.09 -2.19
C GLU G 207 -1.86 54.16 -1.33
N ARG G 208 -1.32 53.00 -0.95
CA ARG G 208 -2.04 52.11 -0.03
C ARG G 208 -2.07 52.69 1.38
N GLU G 209 -0.96 53.32 1.81
CA GLU G 209 -0.94 53.93 3.13
C GLU G 209 -1.88 55.13 3.21
N ILE G 210 -2.09 55.83 2.10
CA ILE G 210 -3.07 56.92 2.08
C ILE G 210 -4.49 56.36 2.06
N VAL G 211 -4.70 55.28 1.31
CA VAL G 211 -6.00 54.62 1.29
C VAL G 211 -6.36 54.12 2.69
N ARG G 212 -5.38 53.56 3.41
CA ARG G 212 -5.63 53.11 4.78
C ARG G 212 -6.03 54.28 5.67
N ASP G 213 -5.44 55.46 5.45
CA ASP G 213 -5.81 56.62 6.23
C ASP G 213 -7.23 57.09 5.90
N ILE G 214 -7.63 56.96 4.63
CA ILE G 214 -9.01 57.26 4.26
C ILE G 214 -9.96 56.27 4.92
N LYS G 215 -9.53 55.01 5.03
CA LYS G 215 -10.37 53.98 5.63
C LYS G 215 -10.61 54.25 7.10
N GLU G 216 -9.54 54.55 7.85
CA GLU G 216 -9.66 54.73 9.29
C GLU G 216 -10.36 56.02 9.66
N LYS G 217 -10.40 57.01 8.76
CA LYS G 217 -10.92 58.33 9.10
C LYS G 217 -12.31 58.61 8.55
N LEU G 218 -12.74 57.90 7.50
CA LEU G 218 -14.01 58.27 6.85
C LEU G 218 -14.97 57.09 6.67
N CYS G 219 -14.44 55.86 6.63
CA CYS G 219 -15.30 54.70 6.42
C CYS G 219 -16.15 54.43 7.65
N TYR G 220 -17.34 53.86 7.42
CA TYR G 220 -18.29 53.58 8.49
C TYR G 220 -19.21 52.45 8.04
N VAL G 221 -19.91 51.87 9.02
CA VAL G 221 -20.82 50.74 8.78
C VAL G 221 -22.25 51.26 8.81
N ALA G 222 -23.06 50.82 7.84
CA ALA G 222 -24.44 51.25 7.74
C ALA G 222 -25.36 50.24 8.42
N LEU G 223 -26.60 50.67 8.70
CA LEU G 223 -27.56 49.77 9.31
C LEU G 223 -28.27 48.93 8.25
N ASP G 224 -28.80 49.58 7.22
CA ASP G 224 -29.40 48.91 6.07
C ASP G 224 -28.56 49.27 4.85
N PHE G 225 -27.75 48.32 4.39
CA PHE G 225 -26.81 48.59 3.30
C PHE G 225 -27.55 48.98 2.02
N GLU G 226 -28.62 48.25 1.68
CA GLU G 226 -29.36 48.56 0.46
C GLU G 226 -30.01 49.94 0.54
N ASN G 227 -30.61 50.27 1.70
CA ASN G 227 -31.21 51.58 1.86
C ASN G 227 -30.16 52.69 1.88
N GLU G 228 -28.97 52.41 2.41
CA GLU G 228 -27.91 53.40 2.41
C GLU G 228 -27.35 53.63 1.00
N MET G 229 -27.36 52.59 0.17
CA MET G 229 -26.90 52.74 -1.21
C MET G 229 -27.83 53.65 -1.99
N ALA G 230 -29.14 53.54 -1.76
CA ALA G 230 -30.10 54.42 -2.42
C ALA G 230 -29.97 55.86 -1.91
N THR G 231 -29.65 56.04 -0.63
CA THR G 231 -29.49 57.38 -0.09
C THR G 231 -28.25 58.06 -0.66
N ALA G 232 -27.25 57.29 -1.08
CA ALA G 232 -26.05 57.85 -1.70
C ALA G 232 -26.20 58.02 -3.20
N ALA G 233 -27.11 57.28 -3.84
CA ALA G 233 -27.34 57.41 -5.26
C ALA G 233 -28.27 58.56 -5.61
N SER G 234 -29.00 59.11 -4.64
CA SER G 234 -29.95 60.19 -4.88
C SER G 234 -29.58 61.46 -4.12
N SER G 235 -28.34 61.58 -3.67
CA SER G 235 -27.88 62.76 -2.94
C SER G 235 -26.36 62.69 -2.82
N SER G 236 -25.78 63.79 -2.34
CA SER G 236 -24.38 63.84 -1.97
C SER G 236 -24.20 64.02 -0.47
N SER G 237 -25.23 63.72 0.32
CA SER G 237 -25.16 63.91 1.76
C SER G 237 -24.10 63.02 2.39
N LEU G 238 -24.01 61.77 1.94
CA LEU G 238 -23.01 60.85 2.45
C LEU G 238 -21.61 61.12 1.89
N GLU G 239 -21.50 61.93 0.84
CA GLU G 239 -20.20 62.22 0.25
C GLU G 239 -19.38 63.10 1.18
N LYS G 240 -18.11 62.75 1.35
CA LYS G 240 -17.17 63.51 2.16
C LYS G 240 -15.92 63.81 1.34
N SER G 241 -15.09 64.69 1.87
CA SER G 241 -13.88 65.14 1.18
C SER G 241 -12.64 64.67 1.93
N TYR G 242 -11.54 64.54 1.19
CA TYR G 242 -10.26 64.12 1.75
C TYR G 242 -9.14 64.87 1.06
N GLU G 243 -8.09 65.16 1.83
CA GLU G 243 -6.94 65.90 1.33
C GLU G 243 -5.79 64.94 1.05
N LEU G 244 -5.40 64.84 -0.21
CA LEU G 244 -4.27 64.01 -0.59
C LEU G 244 -2.97 64.69 -0.18
N PRO G 245 -1.86 63.93 -0.10
CA PRO G 245 -0.58 64.55 0.29
C PRO G 245 -0.14 65.67 -0.63
N ASP G 246 -0.50 65.62 -1.91
CA ASP G 246 -0.15 66.67 -2.85
C ASP G 246 -1.15 67.82 -2.82
N GLY G 247 -2.00 67.91 -1.79
CA GLY G 247 -2.99 68.96 -1.68
C GLY G 247 -4.26 68.72 -2.46
N GLN G 248 -4.31 67.69 -3.31
CA GLN G 248 -5.50 67.42 -4.10
C GLN G 248 -6.65 66.97 -3.20
N VAL G 249 -7.86 67.41 -3.54
CA VAL G 249 -9.07 67.07 -2.79
C VAL G 249 -9.94 66.19 -3.67
N ILE G 250 -10.16 64.95 -3.22
CA ILE G 250 -11.01 64.01 -3.94
C ILE G 250 -12.32 63.83 -3.16
N THR G 251 -13.25 63.06 -3.71
CA THR G 251 -14.55 62.83 -3.11
C THR G 251 -14.78 61.34 -2.95
N ILE G 252 -15.20 60.93 -1.76
CA ILE G 252 -15.56 59.55 -1.46
C ILE G 252 -17.02 59.51 -1.06
N GLY G 253 -17.79 58.68 -1.76
CA GLY G 253 -19.22 58.61 -1.50
C GLY G 253 -19.70 57.25 -1.06
N ASN G 254 -20.15 56.44 -2.02
CA ASN G 254 -20.68 55.11 -1.70
C ASN G 254 -19.62 54.22 -1.07
N GLU G 255 -18.35 54.44 -1.41
CA GLU G 255 -17.26 53.59 -0.95
C GLU G 255 -17.04 53.65 0.56
N ARG G 256 -17.61 54.63 1.25
CA ARG G 256 -17.39 54.75 2.68
C ARG G 256 -18.06 53.63 3.47
N PHE G 257 -19.16 53.08 2.96
CA PHE G 257 -19.85 51.97 3.62
C PHE G 257 -19.82 50.68 2.80
N ARG G 258 -19.20 50.69 1.62
CA ARG G 258 -18.99 49.44 0.90
C ARG G 258 -17.78 48.69 1.44
N CYS G 259 -16.74 49.43 1.83
CA CYS G 259 -15.54 48.79 2.37
C CYS G 259 -15.81 48.04 3.67
N PRO G 260 -16.49 48.59 4.68
CA PRO G 260 -16.79 47.79 5.88
C PRO G 260 -17.87 46.74 5.64
N GLU G 261 -18.70 46.90 4.61
CA GLU G 261 -19.75 45.92 4.35
C GLU G 261 -19.19 44.54 4.02
N THR G 262 -17.94 44.47 3.58
CA THR G 262 -17.32 43.17 3.31
C THR G 262 -17.25 42.31 4.57
N LEU G 263 -17.14 42.94 5.75
CA LEU G 263 -17.16 42.17 6.99
C LEU G 263 -18.49 41.46 7.20
N PHE G 264 -19.57 42.00 6.62
CA PHE G 264 -20.88 41.37 6.70
C PHE G 264 -21.27 40.63 5.44
N GLN G 265 -20.62 40.92 4.32
CA GLN G 265 -20.87 40.21 3.06
C GLN G 265 -19.52 39.91 2.42
N PRO G 266 -18.88 38.81 2.81
CA PRO G 266 -17.53 38.51 2.30
C PRO G 266 -17.46 38.30 0.80
N SER G 267 -18.61 38.13 0.11
CA SER G 267 -18.60 37.97 -1.33
C SER G 267 -18.11 39.21 -2.07
N PHE G 268 -17.94 40.34 -1.37
CA PHE G 268 -17.45 41.54 -2.02
C PHE G 268 -16.03 41.36 -2.52
N ILE G 269 -15.21 40.62 -1.77
CA ILE G 269 -13.85 40.31 -2.19
C ILE G 269 -13.72 38.88 -2.69
N GLY G 270 -14.82 38.27 -3.12
CA GLY G 270 -14.78 36.93 -3.68
C GLY G 270 -14.49 35.83 -2.67
N MET G 271 -15.03 35.96 -1.46
CA MET G 271 -14.85 34.97 -0.40
C MET G 271 -16.21 34.35 -0.08
N GLU G 272 -16.25 33.02 -0.01
CA GLU G 272 -17.49 32.29 0.18
C GLU G 272 -17.85 32.09 1.66
N SER G 273 -17.25 32.87 2.55
CA SER G 273 -17.51 32.73 3.98
C SER G 273 -18.74 33.53 4.39
N ALA G 274 -19.22 33.26 5.60
CA ALA G 274 -20.32 33.99 6.18
C ALA G 274 -19.82 35.22 6.91
N GLY G 275 -20.67 36.24 6.98
CA GLY G 275 -20.29 37.49 7.61
C GLY G 275 -19.99 37.33 9.09
N ILE G 276 -19.36 38.38 9.64
CA ILE G 276 -19.02 38.35 11.06
C ILE G 276 -20.27 38.24 11.92
N HIS G 277 -21.41 38.67 11.39
CA HIS G 277 -22.66 38.54 12.14
C HIS G 277 -23.11 37.09 12.21
N GLU G 278 -22.90 36.32 11.14
CA GLU G 278 -23.27 34.91 11.15
C GLU G 278 -22.25 34.05 11.88
N THR G 279 -20.96 34.40 11.81
CA THR G 279 -19.95 33.63 12.53
C THR G 279 -20.10 33.78 14.03
N THR G 280 -20.53 34.95 14.50
CA THR G 280 -20.77 35.14 15.93
C THR G 280 -21.98 34.34 16.38
N TYR G 281 -23.07 34.40 15.62
CA TYR G 281 -24.26 33.63 15.97
C TYR G 281 -23.96 32.13 15.93
N ASN G 282 -23.26 31.67 14.90
CA ASN G 282 -22.96 30.25 14.79
C ASN G 282 -21.96 29.81 15.85
N SER G 283 -21.05 30.70 16.26
CA SER G 283 -20.16 30.37 17.38
C SER G 283 -20.95 30.23 18.68
N ILE G 284 -21.92 31.11 18.90
CA ILE G 284 -22.79 30.99 20.06
C ILE G 284 -23.59 29.70 19.99
N MET G 285 -24.12 29.38 18.80
CA MET G 285 -24.93 28.19 18.63
C MET G 285 -24.13 26.89 18.72
N LYS G 286 -22.80 26.96 18.69
CA LYS G 286 -21.99 25.78 18.89
C LYS G 286 -21.68 25.53 20.36
N CYS G 287 -21.96 26.48 21.24
CA CYS G 287 -21.82 26.27 22.66
C CYS G 287 -23.04 25.56 23.22
N ASP G 288 -22.89 25.03 24.43
CA ASP G 288 -24.00 24.39 25.11
C ASP G 288 -25.15 25.38 25.30
N ILE G 289 -26.37 24.85 25.24
CA ILE G 289 -27.56 25.69 25.24
C ILE G 289 -27.69 26.48 26.53
N ASP G 290 -27.15 25.96 27.64
CA ASP G 290 -27.29 26.63 28.92
C ASP G 290 -26.38 27.86 29.06
N ILE G 291 -25.47 28.09 28.12
CA ILE G 291 -24.56 29.23 28.20
C ILE G 291 -24.84 30.28 27.14
N ARG G 292 -25.64 29.98 26.12
CA ARG G 292 -25.87 30.92 25.03
C ARG G 292 -26.52 32.22 25.54
N LYS G 293 -27.35 32.14 26.58
CA LYS G 293 -28.05 33.32 27.07
C LYS G 293 -27.06 34.38 27.52
N ASP G 294 -26.07 33.99 28.33
CA ASP G 294 -25.07 34.95 28.79
C ASP G 294 -24.14 35.40 27.67
N LEU G 295 -24.04 34.63 26.58
CA LEU G 295 -23.21 35.06 25.45
C LEU G 295 -23.89 36.16 24.65
N TYR G 296 -25.20 36.03 24.39
CA TYR G 296 -25.92 37.05 23.63
C TYR G 296 -25.80 38.42 24.26
N ALA G 297 -25.66 38.48 25.59
CA ALA G 297 -25.65 39.74 26.32
C ALA G 297 -24.25 40.26 26.60
N ASN G 298 -23.21 39.59 26.10
CA ASN G 298 -21.83 40.01 26.33
C ASN G 298 -20.99 39.80 25.07
N ASN G 299 -21.41 40.43 23.97
CA ASN G 299 -20.66 40.41 22.72
C ASN G 299 -19.63 41.54 22.78
N VAL G 300 -18.43 41.21 23.24
CA VAL G 300 -17.35 42.18 23.36
C VAL G 300 -16.57 42.22 22.06
N MET G 301 -16.23 43.43 21.63
CA MET G 301 -15.50 43.64 20.38
C MET G 301 -14.08 44.10 20.68
N SER G 302 -13.13 43.65 19.86
CA SER G 302 -11.71 43.94 20.05
C SER G 302 -11.05 44.14 18.70
N GLY G 303 -10.00 44.96 18.69
CA GLY G 303 -9.21 45.16 17.50
C GLY G 303 -9.55 46.47 16.79
N GLY G 304 -8.63 46.89 15.93
CA GLY G 304 -8.81 48.15 15.21
C GLY G 304 -9.88 48.09 14.15
N THR G 305 -10.12 46.92 13.57
CA THR G 305 -11.15 46.77 12.56
C THR G 305 -12.56 46.81 13.15
N THR G 306 -12.68 46.80 14.47
CA THR G 306 -13.97 47.03 15.12
C THR G 306 -14.19 48.49 15.47
N MET G 307 -13.23 49.36 15.15
CA MET G 307 -13.32 50.79 15.44
C MET G 307 -14.12 51.56 14.40
N TYR G 308 -14.88 50.88 13.55
CA TYR G 308 -15.71 51.58 12.58
C TYR G 308 -16.92 52.17 13.28
N PRO G 309 -17.34 53.39 12.91
CA PRO G 309 -18.60 53.93 13.44
C PRO G 309 -19.78 53.14 12.89
N GLY G 310 -20.68 52.73 13.79
CA GLY G 310 -21.88 52.03 13.41
C GLY G 310 -21.78 50.52 13.32
N ILE G 311 -20.60 49.95 13.59
CA ILE G 311 -20.47 48.49 13.50
C ILE G 311 -21.19 47.82 14.66
N ALA G 312 -21.24 48.47 15.82
CA ALA G 312 -21.93 47.88 16.96
C ALA G 312 -23.42 47.82 16.74
N ASP G 313 -23.99 48.80 16.04
CA ASP G 313 -25.42 48.86 15.79
C ASP G 313 -25.86 47.81 14.78
N ARG G 314 -25.05 47.54 13.76
CA ARG G 314 -25.42 46.50 12.79
C ARG G 314 -25.26 45.12 13.39
N MET G 315 -24.21 44.91 14.20
CA MET G 315 -24.07 43.65 14.92
C MET G 315 -25.27 43.39 15.81
N GLN G 316 -25.82 44.45 16.41
CA GLN G 316 -27.02 44.30 17.24
C GLN G 316 -28.21 43.83 16.40
N LYS G 317 -28.47 44.52 15.28
CA LYS G 317 -29.67 44.22 14.50
C LYS G 317 -29.58 42.85 13.85
N GLU G 318 -28.40 42.47 13.36
CA GLU G 318 -28.26 41.20 12.63
C GLU G 318 -28.41 40.02 13.58
N ILE G 319 -27.69 40.03 14.71
CA ILE G 319 -27.80 38.95 15.67
C ILE G 319 -29.21 38.88 16.25
N THR G 320 -29.88 40.03 16.37
CA THR G 320 -31.27 40.03 16.81
C THR G 320 -32.16 39.27 15.83
N ALA G 321 -31.88 39.39 14.53
CA ALA G 321 -32.69 38.69 13.54
C ALA G 321 -32.39 37.19 13.52
N LEU G 322 -31.15 36.81 13.79
CA LEU G 322 -30.79 35.39 13.79
C LEU G 322 -31.21 34.71 15.08
N ALA G 323 -30.97 35.35 16.22
CA ALA G 323 -31.34 34.80 17.51
C ALA G 323 -32.83 34.94 17.76
N PRO G 324 -33.38 34.17 18.70
CA PRO G 324 -34.81 34.33 19.03
C PRO G 324 -35.11 35.73 19.55
N SER G 325 -36.38 36.12 19.41
CA SER G 325 -36.80 37.44 19.87
C SER G 325 -36.81 37.54 21.39
N THR G 326 -37.04 36.43 22.08
CA THR G 326 -37.10 36.44 23.54
C THR G 326 -35.74 36.72 24.17
N MET G 327 -34.67 36.70 23.41
CA MET G 327 -33.33 36.93 23.94
C MET G 327 -32.98 38.42 23.92
N LYS G 328 -31.95 38.77 24.67
CA LYS G 328 -31.44 40.13 24.75
C LYS G 328 -30.02 40.14 24.19
N ILE G 329 -29.83 40.79 23.06
CA ILE G 329 -28.53 40.88 22.41
C ILE G 329 -27.91 42.23 22.75
N LYS G 330 -26.70 42.21 23.30
CA LYS G 330 -25.96 43.42 23.61
C LYS G 330 -24.54 43.30 23.07
N ILE G 331 -24.04 44.41 22.52
CA ILE G 331 -22.70 44.49 21.97
C ILE G 331 -21.90 45.48 22.81
N ILE G 332 -20.77 45.02 23.34
CA ILE G 332 -19.93 45.84 24.21
C ILE G 332 -18.77 46.37 23.37
N ALA G 333 -18.72 47.68 23.17
CA ALA G 333 -17.70 48.34 22.37
C ALA G 333 -16.91 49.30 23.25
N PRO G 334 -15.87 48.84 23.93
CA PRO G 334 -15.08 49.73 24.79
C PRO G 334 -14.44 50.84 23.99
N PRO G 335 -14.33 52.04 24.56
CA PRO G 335 -13.71 53.16 23.82
C PRO G 335 -12.24 52.94 23.50
N GLU G 336 -11.60 51.93 24.10
CA GLU G 336 -10.20 51.63 23.85
C GLU G 336 -10.01 50.20 23.39
N ARG G 337 -10.96 49.68 22.60
CA ARG G 337 -10.87 48.32 22.09
C ARG G 337 -9.80 48.15 21.03
N LYS G 338 -9.30 49.25 20.45
CA LYS G 338 -8.18 49.16 19.52
C LYS G 338 -6.90 48.68 20.21
N TYR G 339 -6.85 48.74 21.55
CA TYR G 339 -5.74 48.18 22.31
C TYR G 339 -6.24 47.35 23.48
N SER G 340 -7.45 46.78 23.36
CA SER G 340 -8.05 46.04 24.47
C SER G 340 -7.19 44.84 24.86
N VAL G 341 -6.48 44.24 23.90
CA VAL G 341 -5.59 43.14 24.24
C VAL G 341 -4.45 43.63 25.12
N TRP G 342 -3.78 44.71 24.71
CA TRP G 342 -2.63 45.20 25.46
C TRP G 342 -3.05 45.73 26.83
N ILE G 343 -4.20 46.39 26.90
CA ILE G 343 -4.66 46.95 28.18
C ILE G 343 -4.85 45.85 29.21
N GLY G 344 -5.44 44.73 28.80
CA GLY G 344 -5.60 43.61 29.71
C GLY G 344 -4.27 43.02 30.15
N GLY G 345 -3.29 42.99 29.24
CA GLY G 345 -1.97 42.50 29.61
C GLY G 345 -1.27 43.41 30.60
N SER G 346 -1.46 44.72 30.47
CA SER G 346 -0.85 45.67 31.39
C SER G 346 -1.46 45.56 32.77
N ILE G 347 -2.76 45.30 32.85
CA ILE G 347 -3.42 45.12 34.14
C ILE G 347 -2.97 43.81 34.78
N LEU G 348 -2.93 42.73 34.00
CA LEU G 348 -2.60 41.42 34.56
C LEU G 348 -1.15 41.35 35.01
N ALA G 349 -0.22 41.89 34.21
CA ALA G 349 1.20 41.83 34.56
C ALA G 349 1.55 42.77 35.72
N SER G 350 0.65 43.67 36.12
CA SER G 350 0.90 44.58 37.22
C SER G 350 0.34 44.11 38.55
N LEU G 351 -0.62 43.18 38.54
CA LEU G 351 -1.20 42.70 39.78
C LEU G 351 -0.14 41.97 40.62
N SER G 352 -0.14 42.27 41.92
CA SER G 352 0.81 41.63 42.82
C SER G 352 0.54 40.14 42.95
N THR G 353 -0.73 39.73 42.80
CA THR G 353 -1.07 38.31 42.85
C THR G 353 -0.59 37.53 41.63
N PHE G 354 -0.03 38.23 40.63
CA PHE G 354 0.44 37.59 39.41
C PHE G 354 1.94 37.31 39.43
N GLN G 355 2.68 37.89 40.38
CA GLN G 355 4.14 37.72 40.40
C GLN G 355 4.56 36.28 40.69
N GLN G 356 3.65 35.42 41.10
CA GLN G 356 3.94 33.99 41.25
C GLN G 356 3.53 33.18 40.03
N MET G 357 2.73 33.75 39.13
CA MET G 357 2.31 33.07 37.91
C MET G 357 3.37 33.10 36.81
N TRP G 358 4.39 33.94 36.94
CA TRP G 358 5.44 34.01 35.93
C TRP G 358 6.21 32.70 35.85
N ILE G 359 6.88 32.50 34.73
CA ILE G 359 7.75 31.35 34.52
C ILE G 359 9.18 31.85 34.62
N THR G 360 9.85 31.50 35.72
CA THR G 360 11.20 31.97 35.96
C THR G 360 12.19 31.24 35.06
N LYS G 361 13.35 31.88 34.84
CA LYS G 361 14.42 31.24 34.11
C LYS G 361 14.86 29.94 34.78
N GLN G 362 14.85 29.92 36.11
CA GLN G 362 15.23 28.71 36.83
C GLN G 362 14.25 27.57 36.55
N GLU G 363 12.96 27.88 36.46
CA GLU G 363 11.97 26.86 36.14
C GLU G 363 12.15 26.33 34.72
N TYR G 364 12.60 27.18 33.80
CA TYR G 364 12.84 26.73 32.44
C TYR G 364 14.06 25.81 32.36
N ASP G 365 15.12 26.14 33.11
CA ASP G 365 16.35 25.37 33.07
C ASP G 365 16.22 23.99 33.71
N GLU G 366 15.07 23.65 34.29
CA GLU G 366 14.87 22.34 34.89
C GLU G 366 13.66 21.59 34.35
N ALA G 367 12.74 22.25 33.65
CA ALA G 367 11.59 21.59 33.05
C ALA G 367 11.53 21.71 31.54
N GLY G 368 12.08 22.77 30.96
CA GLY G 368 12.06 22.97 29.54
C GLY G 368 10.88 23.82 29.09
N PRO G 369 10.72 23.97 27.77
CA PRO G 369 9.60 24.79 27.26
C PRO G 369 8.23 24.19 27.54
N SER G 370 8.14 22.93 27.97
CA SER G 370 6.86 22.35 28.35
C SER G 370 6.33 22.93 29.66
N ILE G 371 7.14 23.71 30.39
CA ILE G 371 6.65 24.35 31.60
C ILE G 371 5.57 25.38 31.30
N VAL G 372 5.47 25.82 30.05
CA VAL G 372 4.48 26.84 29.70
C VAL G 372 3.06 26.30 29.78
N HIS G 373 2.88 24.98 29.79
CA HIS G 373 1.56 24.40 29.90
C HIS G 373 1.12 24.20 31.34
N ARG G 374 2.06 24.01 32.26
CA ARG G 374 1.75 23.75 33.66
C ARG G 374 1.64 25.03 34.50
N LYS G 375 2.04 26.17 33.96
CA LYS G 375 1.87 27.44 34.66
C LYS G 375 1.00 28.43 33.90
N CYS G 376 1.10 28.46 32.58
CA CYS G 376 0.18 29.22 31.74
C CYS G 376 -0.89 28.29 31.18
N PHE G 377 -2.00 28.88 30.76
CA PHE G 377 -3.08 28.11 30.15
C PHE G 377 -3.92 28.95 29.20
N THR H 1 -41.47 9.98 79.13
CA THR H 1 -42.82 10.31 79.59
C THR H 1 -43.00 11.82 79.74
N ASP H 2 -43.98 12.37 79.03
CA ASP H 2 -44.23 13.80 79.09
C ASP H 2 -44.67 14.20 80.49
N PRO H 3 -44.16 15.31 81.04
CA PRO H 3 -44.49 15.66 82.43
C PRO H 3 -45.97 15.87 82.66
N ALA H 4 -46.72 16.32 81.65
CA ALA H 4 -48.16 16.47 81.78
C ALA H 4 -48.91 15.14 81.69
N PHE H 5 -48.19 14.02 81.59
CA PHE H 5 -48.80 12.70 81.52
C PHE H 5 -48.45 11.80 82.70
N ARG H 6 -47.57 12.24 83.59
CA ARG H 6 -47.19 11.41 84.73
C ARG H 6 -48.38 11.15 85.64
N SER H 7 -49.12 12.20 85.98
CA SER H 7 -50.30 12.09 86.84
C SER H 7 -51.55 11.69 86.07
N VAL H 8 -51.42 10.76 85.12
CA VAL H 8 -52.55 10.22 84.37
C VAL H 8 -53.00 8.94 85.05
N PRO H 9 -54.27 8.80 85.43
CA PRO H 9 -54.73 7.54 86.02
C PRO H 9 -54.54 6.38 85.06
N LYS H 10 -53.96 5.29 85.57
CA LYS H 10 -53.66 4.10 84.79
C LYS H 10 -54.41 2.93 85.41
N GLY H 11 -55.46 2.48 84.74
CA GLY H 11 -56.34 1.47 85.28
C GLY H 11 -57.55 2.00 86.02
N THR H 12 -57.55 3.29 86.37
CA THR H 12 -58.68 3.92 87.01
C THR H 12 -59.36 4.86 86.02
N PRO H 13 -60.68 4.79 85.85
CA PRO H 13 -61.35 5.61 84.83
C PRO H 13 -61.19 7.10 85.10
N CYS H 14 -60.94 7.85 84.04
CA CYS H 14 -60.77 9.30 84.14
C CYS H 14 -61.18 9.94 82.83
N PHE H 15 -60.98 11.26 82.72
CA PHE H 15 -61.31 12.01 81.52
C PHE H 15 -60.55 13.33 81.58
N LEU H 16 -59.38 13.36 80.93
CA LEU H 16 -58.51 14.53 80.93
C LEU H 16 -58.45 15.15 79.54
N ILE H 17 -58.17 16.45 79.52
CA ILE H 17 -58.05 17.21 78.27
C ILE H 17 -56.80 18.07 78.36
N TRP H 18 -55.94 17.97 77.35
CA TRP H 18 -54.73 18.78 77.25
C TRP H 18 -54.86 19.76 76.09
N ARG H 19 -54.06 20.82 76.15
CA ARG H 19 -54.07 21.88 75.14
C ARG H 19 -52.67 21.97 74.53
N ILE H 20 -52.56 21.70 73.24
CA ILE H 20 -51.29 21.76 72.55
C ILE H 20 -50.93 23.23 72.31
N GLU H 21 -49.87 23.71 72.95
CA GLU H 21 -49.39 25.06 72.75
C GLU H 21 -47.88 25.08 72.94
N ASN H 22 -47.17 25.65 71.96
CA ASN H 22 -45.72 25.71 71.96
C ASN H 22 -45.11 24.32 72.11
N PHE H 23 -45.63 23.37 71.32
CA PHE H 23 -45.14 22.00 71.24
C PHE H 23 -45.29 21.23 72.55
N GLN H 24 -46.15 21.71 73.47
CA GLN H 24 -46.31 21.06 74.76
C GLN H 24 -47.80 20.88 75.07
N PRO H 25 -48.22 19.71 75.53
CA PRO H 25 -49.62 19.54 75.99
C PRO H 25 -49.79 20.17 77.37
N VAL H 26 -50.69 21.15 77.45
CA VAL H 26 -50.98 21.88 78.69
C VAL H 26 -52.35 21.46 79.17
N PRO H 27 -52.52 21.11 80.45
CA PRO H 27 -53.84 20.68 80.93
C PRO H 27 -54.89 21.77 80.79
N VAL H 28 -56.06 21.38 80.30
CA VAL H 28 -57.20 22.29 80.13
C VAL H 28 -57.93 22.39 81.47
N PRO H 29 -58.35 23.58 81.88
CA PRO H 29 -59.09 23.71 83.14
C PRO H 29 -60.35 22.84 83.15
N LYS H 30 -60.54 22.14 84.27
CA LYS H 30 -61.70 21.27 84.42
C LYS H 30 -63.02 22.02 84.32
N ASP H 31 -63.02 23.31 84.64
CA ASP H 31 -64.24 24.10 84.58
C ASP H 31 -64.62 24.45 83.15
N GLN H 32 -63.64 24.61 82.26
CA GLN H 32 -63.90 24.95 80.86
C GLN H 32 -63.80 23.74 79.94
N TYR H 33 -64.17 22.56 80.42
CA TYR H 33 -64.22 21.39 79.56
C TYR H 33 -65.35 21.54 78.54
N GLY H 34 -65.03 21.22 77.28
CA GLY H 34 -65.98 21.38 76.21
C GLY H 34 -65.86 22.67 75.44
N ASN H 35 -65.09 23.64 75.95
CA ASN H 35 -64.86 24.91 75.27
C ASN H 35 -63.49 24.85 74.63
N PHE H 36 -63.46 24.70 73.30
CA PHE H 36 -62.22 24.55 72.55
C PHE H 36 -62.06 25.72 71.60
N PHE H 37 -60.85 26.28 71.55
CA PHE H 37 -60.54 27.29 70.55
C PHE H 37 -60.37 26.65 69.17
N GLU H 38 -60.54 27.46 68.13
CA GLU H 38 -60.41 26.95 66.77
C GLU H 38 -58.98 26.93 66.26
N GLY H 39 -58.15 27.88 66.70
CA GLY H 39 -56.77 27.90 66.25
C GLY H 39 -55.82 27.01 67.01
N ASP H 40 -56.33 26.11 67.84
CA ASP H 40 -55.50 25.26 68.68
C ASP H 40 -55.90 23.79 68.48
N ALA H 41 -55.08 22.91 69.05
CA ALA H 41 -55.31 21.47 69.00
C ALA H 41 -55.33 20.92 70.43
N TYR H 42 -56.22 19.97 70.68
CA TYR H 42 -56.42 19.42 72.02
C TYR H 42 -56.31 17.89 71.98
N ILE H 43 -56.08 17.32 73.16
CA ILE H 43 -56.01 15.87 73.34
C ILE H 43 -56.99 15.49 74.44
N ILE H 44 -57.82 14.49 74.17
CA ILE H 44 -58.86 14.04 75.09
C ILE H 44 -58.64 12.56 75.37
N LEU H 45 -58.54 12.20 76.65
CA LEU H 45 -58.36 10.82 77.09
C LEU H 45 -59.64 10.35 77.77
N SER H 46 -60.11 9.17 77.39
CA SER H 46 -61.37 8.61 77.88
C SER H 46 -61.12 7.21 78.44
N GLN H 47 -60.95 7.12 79.76
CA GLN H 47 -60.86 5.85 80.46
C GLN H 47 -62.19 5.58 81.15
N LYS H 48 -62.79 4.42 80.87
CA LYS H 48 -64.13 4.14 81.36
C LYS H 48 -64.39 2.64 81.28
N ASP H 49 -64.70 2.02 82.42
CA ASP H 49 -65.02 0.60 82.47
C ASP H 49 -66.46 0.36 82.04
N ASN H 50 -66.68 -0.76 81.35
CA ASN H 50 -68.02 -1.21 80.97
C ASN H 50 -68.07 -2.71 81.14
N LYS H 51 -68.92 -3.18 82.06
CA LYS H 51 -68.93 -4.58 82.50
C LYS H 51 -67.55 -5.03 82.98
N GLY H 52 -66.81 -4.12 83.60
CA GLY H 52 -65.46 -4.41 84.06
C GLY H 52 -64.37 -4.25 83.02
N ILE H 53 -64.71 -4.33 81.73
CA ILE H 53 -63.73 -4.20 80.66
C ILE H 53 -63.47 -2.71 80.45
N LEU H 54 -62.24 -2.28 80.72
CA LEU H 54 -61.88 -0.87 80.62
C LEU H 54 -61.80 -0.45 79.15
N GLU H 55 -62.65 0.51 78.76
CA GLU H 55 -62.73 0.98 77.39
C GLU H 55 -61.94 2.28 77.29
N GLN H 56 -60.64 2.15 76.99
CA GLN H 56 -59.79 3.31 76.82
C GLN H 56 -59.90 3.86 75.40
N ASN H 57 -60.10 5.16 75.29
CA ASN H 57 -60.30 5.82 74.00
C ASN H 57 -59.43 7.07 73.95
N LEU H 58 -58.55 7.13 72.95
CA LEU H 58 -57.67 8.27 72.75
C LEU H 58 -58.25 9.17 71.66
N HIS H 59 -58.26 10.47 71.90
CA HIS H 59 -58.82 11.44 70.97
C HIS H 59 -57.91 12.65 70.91
N PHE H 60 -57.53 13.05 69.69
CA PHE H 60 -56.85 14.31 69.44
C PHE H 60 -57.72 15.15 68.52
N TRP H 61 -58.01 16.38 68.95
CA TRP H 61 -58.95 17.25 68.27
C TRP H 61 -58.18 18.37 67.56
N LEU H 62 -58.64 18.72 66.37
CA LEU H 62 -57.99 19.74 65.55
C LEU H 62 -59.04 20.75 65.10
N GLY H 63 -58.80 22.03 65.38
CA GLY H 63 -59.66 23.08 64.92
C GLY H 63 -59.45 23.40 63.45
N LYS H 64 -60.28 24.33 62.94
CA LYS H 64 -60.18 24.70 61.54
C LYS H 64 -59.03 25.68 61.30
N ASN H 65 -58.80 26.61 62.23
CA ASN H 65 -57.71 27.56 62.14
C ASN H 65 -56.46 27.08 62.87
N SER H 66 -56.39 25.79 63.20
CA SER H 66 -55.24 25.24 63.90
C SER H 66 -54.08 25.02 62.93
N SER H 67 -52.92 25.58 63.24
CA SER H 67 -51.77 25.44 62.38
C SER H 67 -51.25 24.00 62.40
N GLN H 68 -50.32 23.72 61.48
CA GLN H 68 -49.79 22.36 61.38
C GLN H 68 -48.83 22.02 62.51
N ASP H 69 -48.26 23.03 63.17
CA ASP H 69 -47.36 22.74 64.28
C ASP H 69 -48.10 22.10 65.44
N GLU H 70 -49.38 22.43 65.62
CA GLU H 70 -50.18 21.84 66.67
C GLU H 70 -50.85 20.54 66.25
N GLN H 71 -51.21 20.42 64.98
CA GLN H 71 -51.74 19.15 64.48
C GLN H 71 -50.68 18.06 64.54
N GLY H 72 -49.43 18.40 64.20
CA GLY H 72 -48.36 17.42 64.28
C GLY H 72 -47.98 17.10 65.71
N THR H 73 -47.85 18.14 66.55
CA THR H 73 -47.53 17.91 67.96
C THR H 73 -48.60 17.09 68.64
N ALA H 74 -49.87 17.30 68.27
CA ALA H 74 -50.94 16.48 68.84
C ALA H 74 -50.84 15.04 68.38
N ALA H 75 -50.50 14.81 67.10
CA ALA H 75 -50.45 13.45 66.59
C ALA H 75 -49.33 12.64 67.25
N LEU H 76 -48.19 13.29 67.52
CA LEU H 76 -47.06 12.60 68.14
C LEU H 76 -47.29 12.35 69.63
N LYS H 77 -47.84 13.33 70.34
CA LYS H 77 -48.03 13.18 71.78
C LYS H 77 -49.06 12.10 72.09
N THR H 78 -50.09 11.95 71.26
CA THR H 78 -51.09 10.91 71.50
C THR H 78 -50.47 9.52 71.39
N VAL H 79 -49.58 9.32 70.42
CA VAL H 79 -48.90 8.04 70.30
C VAL H 79 -48.02 7.79 71.52
N GLU H 80 -47.46 8.85 72.11
CA GLU H 80 -46.63 8.69 73.30
C GLU H 80 -47.41 8.10 74.45
N LEU H 81 -48.71 8.40 74.54
CA LEU H 81 -49.53 7.93 75.66
C LEU H 81 -50.24 6.62 75.36
N ASP H 82 -50.42 6.27 74.08
CA ASP H 82 -50.92 4.93 73.76
C ASP H 82 -49.93 3.87 74.19
N ASP H 83 -48.65 4.07 73.87
CA ASP H 83 -47.62 3.16 74.33
C ASP H 83 -47.38 3.29 75.83
N TYR H 84 -47.58 4.49 76.37
CA TYR H 84 -47.50 4.68 77.81
C TYR H 84 -48.60 3.94 78.55
N LEU H 85 -49.67 3.56 77.85
CA LEU H 85 -50.76 2.77 78.42
C LEU H 85 -50.72 1.33 77.93
N GLY H 86 -49.64 0.91 77.28
CA GLY H 86 -49.48 -0.46 76.84
C GLY H 86 -49.93 -0.75 75.42
N GLY H 87 -50.30 0.27 74.65
CA GLY H 87 -50.76 0.07 73.29
C GLY H 87 -52.17 -0.45 73.16
N THR H 88 -52.77 -0.95 74.24
CA THR H 88 -54.16 -1.42 74.17
C THR H 88 -55.17 -0.32 73.86
N PRO H 89 -55.04 0.92 74.35
CA PRO H 89 -56.00 1.96 73.97
C PRO H 89 -56.02 2.20 72.46
N VAL H 90 -57.17 2.70 71.99
CA VAL H 90 -57.39 2.98 70.58
C VAL H 90 -57.42 4.49 70.39
N GLN H 91 -56.64 4.97 69.42
CA GLN H 91 -56.63 6.39 69.08
C GLN H 91 -57.70 6.68 68.04
N HIS H 92 -58.31 7.86 68.14
CA HIS H 92 -59.38 8.26 67.25
C HIS H 92 -59.02 9.57 66.57
N ARG H 93 -59.26 9.62 65.26
CA ARG H 93 -59.00 10.81 64.46
C ARG H 93 -60.26 11.67 64.45
N GLU H 94 -60.18 12.85 65.08
CA GLU H 94 -61.33 13.74 65.19
C GLU H 94 -60.90 15.17 64.93
N CYS H 95 -61.63 15.85 64.06
CA CYS H 95 -61.45 17.28 63.82
C CYS H 95 -62.81 17.97 63.92
N GLN H 96 -62.81 19.28 63.76
CA GLN H 96 -64.01 20.07 63.99
C GLN H 96 -65.07 19.80 62.93
N ASN H 97 -66.34 19.83 63.37
CA ASN H 97 -67.53 19.77 62.52
C ASN H 97 -67.75 18.41 61.87
N ASN H 98 -66.99 17.39 62.22
CA ASN H 98 -67.19 16.05 61.67
C ASN H 98 -66.62 14.98 62.58
N GLU H 99 -67.04 14.98 63.85
CA GLU H 99 -66.55 14.01 64.82
C GLU H 99 -67.33 12.71 64.70
N SER H 100 -66.81 11.66 65.36
CA SER H 100 -67.44 10.35 65.35
C SER H 100 -68.38 10.21 66.54
N LYS H 101 -69.00 9.04 66.66
CA LYS H 101 -70.08 8.84 67.62
C LYS H 101 -69.59 8.92 69.06
N LEU H 102 -68.37 8.44 69.32
CA LEU H 102 -67.84 8.48 70.69
C LEU H 102 -67.67 9.91 71.16
N PHE H 103 -67.07 10.76 70.33
CA PHE H 103 -66.90 12.17 70.70
C PHE H 103 -68.24 12.86 70.89
N LEU H 104 -69.28 12.40 70.18
CA LEU H 104 -70.63 12.93 70.39
C LEU H 104 -71.26 12.44 71.68
N SER H 105 -70.67 11.44 72.34
CA SER H 105 -71.22 10.86 73.55
C SER H 105 -70.52 11.37 74.82
N TYR H 106 -69.90 12.54 74.75
CA TYR H 106 -69.27 13.15 75.92
C TYR H 106 -69.88 14.49 76.29
N PHE H 107 -70.88 14.96 75.55
CA PHE H 107 -71.43 16.31 75.71
C PHE H 107 -72.94 16.26 75.83
N LYS H 108 -73.45 15.34 76.66
CA LYS H 108 -74.87 15.32 76.96
C LYS H 108 -75.32 16.55 77.72
N ASN H 109 -74.39 17.23 78.40
CA ASN H 109 -74.65 18.51 79.05
C ASN H 109 -74.79 19.67 78.07
N LYS H 110 -74.61 19.41 76.77
CA LYS H 110 -74.72 20.43 75.72
C LYS H 110 -73.70 21.56 75.92
N SER H 111 -72.54 21.23 76.48
CA SER H 111 -71.51 22.21 76.77
C SER H 111 -70.54 22.41 75.62
N LEU H 112 -70.71 21.68 74.51
CA LEU H 112 -69.84 21.84 73.36
C LEU H 112 -70.03 23.22 72.75
N LYS H 113 -68.95 23.99 72.68
CA LYS H 113 -69.01 25.36 72.15
C LYS H 113 -67.67 25.66 71.48
N TYR H 114 -67.65 25.60 70.15
CA TYR H 114 -66.47 25.97 69.39
C TYR H 114 -66.17 27.46 69.56
N LEU H 115 -65.07 27.79 70.24
CA LEU H 115 -64.69 29.18 70.43
C LEU H 115 -64.04 29.72 69.17
N GLN H 116 -63.59 30.97 69.23
CA GLN H 116 -62.93 31.63 68.11
C GLN H 116 -61.58 32.18 68.57
N GLY H 117 -60.57 31.98 67.73
CA GLY H 117 -59.22 32.38 68.05
C GLY H 117 -58.36 31.21 68.49
N GLY H 118 -57.32 31.53 69.25
CA GLY H 118 -56.43 30.53 69.76
C GLY H 118 -55.09 31.13 70.17
N VAL H 119 -54.16 30.24 70.52
CA VAL H 119 -52.82 30.63 70.94
C VAL H 119 -51.92 30.69 69.71
N ALA H 120 -50.73 31.24 69.86
CA ALA H 120 -49.81 31.40 68.75
C ALA H 120 -49.05 30.11 68.48
N SER H 121 -48.76 29.88 67.20
CA SER H 121 -47.96 28.73 66.80
C SER H 121 -46.51 28.91 67.22
N GLY H 122 -45.86 27.80 67.59
CA GLY H 122 -44.44 27.86 67.90
C GLY H 122 -43.54 27.92 66.69
N PHE H 123 -44.11 27.79 65.49
CA PHE H 123 -43.31 27.82 64.28
C PHE H 123 -42.80 29.24 64.00
N ASN H 124 -41.49 29.35 63.75
CA ASN H 124 -40.94 30.57 63.19
C ASN H 124 -41.20 30.57 61.69
N HIS H 125 -41.66 31.70 61.17
CA HIS H 125 -42.04 31.81 59.77
C HIS H 125 -40.82 32.20 58.94
N VAL H 126 -40.36 31.28 58.10
CA VAL H 126 -39.30 31.56 57.15
C VAL H 126 -39.93 32.12 55.88
N GLU H 127 -39.44 33.27 55.42
CA GLU H 127 -40.03 33.96 54.29
C GLU H 127 -39.04 34.19 53.16
N HIS H 128 -37.81 33.68 53.28
CA HIS H 128 -36.77 33.85 52.26
C HIS H 128 -36.53 35.34 52.00
N ILE H 129 -36.10 36.03 53.05
CA ILE H 129 -35.98 37.49 53.02
C ILE H 129 -34.86 37.90 52.07
N VAL H 130 -35.16 38.88 51.22
CA VAL H 130 -34.18 39.47 50.30
C VAL H 130 -33.87 40.88 50.78
N ARG H 131 -32.59 41.23 50.77
CA ARG H 131 -32.11 42.51 51.29
C ARG H 131 -31.70 43.39 50.12
N ARG H 132 -32.66 44.17 49.61
CA ARG H 132 -32.38 45.10 48.53
C ARG H 132 -31.42 46.18 49.03
N ARG H 133 -30.19 46.17 48.52
CA ARG H 133 -29.16 47.08 48.99
C ARG H 133 -28.47 47.74 47.81
N LEU H 134 -27.80 48.85 48.10
CA LEU H 134 -27.00 49.59 47.12
C LEU H 134 -25.57 49.68 47.63
N LEU H 135 -24.63 49.15 46.86
CA LEU H 135 -23.23 49.12 47.24
C LEU H 135 -22.42 50.02 46.31
N SER H 136 -21.27 50.47 46.81
CA SER H 136 -20.37 51.32 46.05
C SER H 136 -18.96 50.75 46.10
N VAL H 137 -18.29 50.75 44.94
CA VAL H 137 -16.91 50.29 44.83
C VAL H 137 -16.05 51.49 44.46
N LYS H 138 -15.00 51.72 45.25
CA LYS H 138 -14.20 52.93 45.14
C LYS H 138 -12.77 52.65 45.56
N GLY H 139 -11.82 53.19 44.82
CA GLY H 139 -10.41 52.98 45.13
C GLY H 139 -9.57 53.11 43.87
N LYS H 140 -8.25 53.12 44.08
CA LYS H 140 -7.32 53.24 42.97
C LYS H 140 -6.43 52.02 42.80
N HIS H 141 -6.03 51.37 43.90
CA HIS H 141 -5.18 50.19 43.81
C HIS H 141 -6.02 48.92 44.01
N THR H 142 -6.58 48.74 45.19
CA THR H 142 -7.54 47.67 45.45
C THR H 142 -8.83 48.31 45.96
N PRO H 143 -9.83 48.50 45.10
CA PRO H 143 -11.03 49.24 45.51
C PRO H 143 -11.79 48.50 46.62
N ARG H 144 -12.42 49.29 47.48
CA ARG H 144 -13.18 48.79 48.62
C ARG H 144 -14.67 48.99 48.38
N MET H 145 -15.47 48.40 49.28
CA MET H 145 -16.92 48.40 49.14
C MET H 145 -17.58 48.97 50.39
N GLU H 146 -18.63 49.76 50.19
CA GLU H 146 -19.39 50.36 51.28
C GLU H 146 -20.86 50.36 50.90
N GLU H 147 -21.71 49.93 51.84
CA GLU H 147 -23.15 49.92 51.61
C GLU H 147 -23.72 51.32 51.81
N LYS H 148 -24.67 51.69 50.92
CA LYS H 148 -25.24 53.03 50.98
C LYS H 148 -26.55 53.02 51.78
N PRO H 149 -26.90 54.16 52.38
CA PRO H 149 -28.09 54.21 53.25
C PRO H 149 -29.38 53.76 52.58
N GLU H 150 -29.76 54.38 51.46
CA GLU H 150 -31.03 54.08 50.82
C GLU H 150 -30.82 53.83 49.33
N ILE H 151 -31.83 53.21 48.72
CA ILE H 151 -31.83 52.94 47.29
C ILE H 151 -32.31 54.17 46.55
N SER H 152 -31.40 55.11 46.27
CA SER H 152 -31.74 56.34 45.60
C SER H 152 -30.50 56.88 44.89
N TRP H 153 -30.73 57.64 43.82
CA TRP H 153 -29.64 58.27 43.09
C TRP H 153 -28.86 59.25 43.95
N SER H 154 -29.37 59.61 45.14
CA SER H 154 -28.70 60.56 46.01
C SER H 154 -27.35 60.04 46.48
N GLN H 155 -27.19 58.72 46.55
CA GLN H 155 -25.93 58.13 46.99
C GLN H 155 -24.94 57.93 45.86
N MET H 156 -25.43 57.76 44.63
CA MET H 156 -24.57 57.46 43.50
C MET H 156 -23.84 58.70 43.02
N ASN H 157 -22.54 58.58 42.78
CA ASN H 157 -21.75 59.56 42.06
C ASN H 157 -21.40 59.01 40.69
N LYS H 158 -20.66 59.79 39.91
CA LYS H 158 -20.31 59.39 38.55
C LYS H 158 -18.83 59.12 38.36
N GLY H 159 -18.07 59.02 39.44
CA GLY H 159 -16.66 58.72 39.37
C GLY H 159 -16.27 57.32 39.76
N ASP H 160 -17.22 56.49 40.18
CA ASP H 160 -16.92 55.15 40.68
C ASP H 160 -18.00 54.21 40.19
N VAL H 161 -17.95 52.96 40.68
CA VAL H 161 -18.90 51.92 40.29
C VAL H 161 -19.83 51.64 41.47
N PHE H 162 -21.08 51.28 41.14
CA PHE H 162 -22.09 50.97 42.13
C PHE H 162 -22.76 49.64 41.80
N ILE H 163 -23.26 48.97 42.84
CA ILE H 163 -23.90 47.67 42.71
C ILE H 163 -25.29 47.75 43.32
N LEU H 164 -26.29 47.33 42.55
CA LEU H 164 -27.68 47.28 43.01
C LEU H 164 -28.04 45.81 43.21
N ASP H 165 -27.93 45.34 44.45
CA ASP H 165 -28.21 43.94 44.78
C ASP H 165 -29.70 43.79 45.08
N LEU H 166 -30.38 42.98 44.26
CA LEU H 166 -31.80 42.70 44.44
C LEU H 166 -32.07 41.22 44.67
N GLY H 167 -31.06 40.47 45.10
CA GLY H 167 -31.21 39.05 45.30
C GLY H 167 -30.76 38.23 44.11
N GLU H 168 -31.71 37.81 43.29
CA GLU H 168 -31.42 37.03 42.09
C GLU H 168 -31.21 37.92 40.86
N ILE H 169 -31.25 39.24 41.03
CA ILE H 169 -30.92 40.19 39.97
C ILE H 169 -29.95 41.21 40.56
N ILE H 170 -28.80 41.37 39.92
CA ILE H 170 -27.75 42.28 40.41
C ILE H 170 -27.34 43.19 39.26
N TYR H 171 -27.40 44.50 39.49
CA TYR H 171 -27.01 45.49 38.51
C TYR H 171 -25.65 46.07 38.87
N VAL H 172 -24.77 46.17 37.87
CA VAL H 172 -23.46 46.79 38.03
C VAL H 172 -23.48 48.07 37.22
N TRP H 173 -23.72 49.20 37.90
CA TRP H 173 -23.84 50.49 37.26
C TRP H 173 -22.45 51.12 37.18
N ASN H 174 -21.94 51.29 35.97
CA ASN H 174 -20.62 51.86 35.73
C ASN H 174 -20.78 53.34 35.39
N GLY H 175 -20.22 54.21 36.23
CA GLY H 175 -20.26 55.64 35.97
C GLY H 175 -19.46 56.02 34.75
N GLU H 176 -19.69 57.25 34.28
CA GLU H 176 -19.01 57.71 33.07
C GLU H 176 -17.51 57.88 33.30
N LEU H 177 -17.10 58.17 34.54
CA LEU H 177 -15.69 58.33 34.84
C LEU H 177 -15.21 57.20 35.77
N CYS H 178 -15.53 55.96 35.41
CA CYS H 178 -15.09 54.82 36.20
C CYS H 178 -13.59 54.61 36.06
N SER H 179 -12.95 54.26 37.17
CA SER H 179 -11.59 53.76 37.12
C SER H 179 -11.60 52.32 36.63
N ARG H 180 -10.65 51.99 35.75
CA ARG H 180 -10.60 50.63 35.21
C ARG H 180 -10.35 49.61 36.30
N THR H 181 -9.57 49.97 37.32
CA THR H 181 -9.38 49.08 38.46
C THR H 181 -10.67 48.88 39.23
N GLU H 182 -11.55 49.89 39.24
CA GLU H 182 -12.83 49.75 39.92
C GLU H 182 -13.81 48.91 39.11
N ARG H 183 -13.76 49.02 37.78
CA ARG H 183 -14.67 48.24 36.94
C ARG H 183 -14.41 46.74 37.08
N ILE H 184 -13.15 46.35 37.26
CA ILE H 184 -12.81 44.94 37.35
C ILE H 184 -13.16 44.38 38.73
N LYS H 185 -12.82 45.11 39.79
CA LYS H 185 -13.14 44.64 41.14
C LYS H 185 -14.64 44.60 41.38
N ALA H 186 -15.39 45.49 40.75
CA ALA H 186 -16.85 45.51 40.95
C ALA H 186 -17.49 44.23 40.44
N MET H 187 -17.14 43.81 39.23
CA MET H 187 -17.66 42.56 38.69
C MET H 187 -17.14 41.36 39.48
N GLU H 188 -15.92 41.45 40.01
CA GLU H 188 -15.40 40.38 40.85
C GLU H 188 -16.18 40.30 42.16
N ILE H 189 -16.54 41.44 42.74
CA ILE H 189 -17.37 41.45 43.94
C ILE H 189 -18.78 40.98 43.63
N ALA H 190 -19.33 41.42 42.49
CA ALA H 190 -20.67 40.99 42.10
C ALA H 190 -20.70 39.50 41.80
N ARG H 191 -19.65 38.97 41.16
CA ARG H 191 -19.59 37.55 40.88
C ARG H 191 -19.49 36.74 42.17
N GLY H 192 -18.80 37.26 43.18
CA GLY H 192 -18.74 36.57 44.46
C GLY H 192 -20.09 36.49 45.15
N MET H 193 -20.87 37.58 45.09
CA MET H 193 -22.19 37.57 45.69
C MET H 193 -23.10 36.55 45.00
N ARG H 194 -23.08 36.52 43.67
CA ARG H 194 -23.90 35.57 42.93
C ARG H 194 -23.50 34.14 43.25
N ASP H 195 -22.19 33.88 43.36
CA ASP H 195 -21.73 32.52 43.61
C ASP H 195 -21.94 32.10 45.06
N ASP H 196 -21.97 33.06 45.99
CA ASP H 196 -22.29 32.72 47.38
C ASP H 196 -23.71 32.19 47.51
N ARG H 197 -24.63 32.70 46.70
CA ARG H 197 -26.04 32.35 46.80
C ARG H 197 -26.43 31.19 45.90
N GLY H 198 -25.71 30.99 44.79
CA GLY H 198 -25.96 29.91 43.88
C GLY H 198 -26.81 30.29 42.67
N THR H 199 -27.64 31.33 42.80
CA THR H 199 -28.51 31.76 41.72
C THR H 199 -28.45 33.28 41.62
N GLY H 200 -28.19 33.78 40.42
CA GLY H 200 -28.13 35.21 40.19
C GLY H 200 -27.81 35.57 38.76
N ASN H 201 -28.31 36.73 38.33
CA ASN H 201 -28.07 37.25 36.98
CA ASN H 201 -28.07 37.25 36.98
C ASN H 201 -27.50 38.66 37.10
N ILE H 202 -26.26 38.83 36.69
CA ILE H 202 -25.61 40.13 36.72
C ILE H 202 -25.90 40.86 35.42
N ILE H 203 -26.40 42.09 35.54
CA ILE H 203 -26.77 42.91 34.39
C ILE H 203 -25.93 44.17 34.44
N VAL H 204 -24.95 44.28 33.56
CA VAL H 204 -24.03 45.42 33.55
C VAL H 204 -24.71 46.59 32.84
N VAL H 205 -24.67 47.76 33.47
CA VAL H 205 -25.27 48.97 32.92
C VAL H 205 -24.21 50.07 32.93
N GLU H 206 -23.88 50.58 31.75
CA GLU H 206 -22.99 51.73 31.66
C GLU H 206 -23.76 53.01 31.95
N ASP H 207 -23.02 54.07 32.24
CA ASP H 207 -23.65 55.36 32.52
C ASP H 207 -24.24 55.95 31.25
N GLY H 208 -25.53 56.32 31.32
CA GLY H 208 -26.23 56.91 30.21
C GLY H 208 -27.08 55.95 29.41
N GLU H 209 -26.86 54.65 29.57
CA GLU H 209 -27.59 53.63 28.82
C GLU H 209 -28.67 52.95 29.66
N GLU H 210 -29.35 53.71 30.51
CA GLU H 210 -30.41 53.17 31.36
C GLU H 210 -31.76 53.19 30.64
N THR H 211 -31.76 52.76 29.34
CA THR H 211 -32.91 52.81 28.45
C THR H 211 -33.55 51.43 28.32
N PRO H 212 -34.86 51.36 28.02
CA PRO H 212 -35.52 50.05 27.91
C PRO H 212 -34.98 49.19 26.79
N ASP H 213 -34.33 49.76 25.78
CA ASP H 213 -33.76 48.96 24.69
C ASP H 213 -32.28 48.68 24.88
N ASP H 214 -31.55 49.55 25.59
CA ASP H 214 -30.14 49.31 25.84
C ASP H 214 -29.89 48.30 26.96
N MET H 215 -30.93 47.93 27.72
CA MET H 215 -30.79 46.95 28.79
C MET H 215 -31.88 45.88 28.80
N GLY H 216 -32.97 46.09 28.09
CA GLY H 216 -34.03 45.10 28.03
C GLY H 216 -35.28 45.58 28.74
N GLU H 217 -36.44 45.16 28.22
CA GLU H 217 -37.72 45.64 28.75
C GLU H 217 -37.92 45.22 30.19
N GLU H 218 -37.99 43.90 30.44
CA GLU H 218 -38.17 43.42 31.80
C GLU H 218 -36.94 43.64 32.67
N GLU H 219 -35.81 44.03 32.08
CA GLU H 219 -34.67 44.48 32.86
C GLU H 219 -34.72 45.97 33.16
N PHE H 220 -35.52 46.73 32.42
CA PHE H 220 -35.71 48.16 32.70
C PHE H 220 -36.82 48.40 33.69
N GLU H 221 -37.87 47.58 33.66
CA GLU H 221 -38.98 47.75 34.58
C GLU H 221 -38.55 47.56 36.03
N VAL H 222 -37.58 46.68 36.27
CA VAL H 222 -37.09 46.47 37.63
C VAL H 222 -36.12 47.57 38.02
N PHE H 223 -35.19 47.91 37.14
CA PHE H 223 -34.24 48.99 37.43
C PHE H 223 -34.97 50.33 37.64
N ASN H 224 -36.10 50.53 36.96
CA ASN H 224 -36.84 51.78 37.10
C ASN H 224 -37.67 51.82 38.38
N GLU H 225 -38.15 50.66 38.84
CA GLU H 225 -38.95 50.63 40.05
C GLU H 225 -38.14 51.06 41.27
N TYR H 226 -36.92 50.55 41.39
CA TYR H 226 -36.05 50.90 42.51
C TYR H 226 -35.19 52.11 42.23
N LEU H 227 -34.99 52.47 40.96
CA LEU H 227 -34.21 53.65 40.58
C LEU H 227 -34.85 54.26 39.34
N PRO H 228 -35.84 55.13 39.53
CA PRO H 228 -36.50 55.75 38.37
C PRO H 228 -35.54 56.56 37.53
N VAL H 229 -35.49 56.26 36.23
CA VAL H 229 -34.61 57.00 35.34
C VAL H 229 -35.04 58.46 35.23
N ALA H 230 -36.34 58.74 35.45
CA ALA H 230 -36.78 60.12 35.47
C ALA H 230 -36.23 60.88 36.67
N ASP H 231 -36.19 60.22 37.84
CA ASP H 231 -35.65 60.85 39.04
C ASP H 231 -34.14 61.03 38.98
N LYS H 232 -33.47 60.47 37.97
CA LYS H 232 -32.02 60.66 37.83
C LYS H 232 -31.67 62.10 37.50
N GLU H 233 -32.62 62.90 37.01
CA GLU H 233 -32.34 64.29 36.66
C GLU H 233 -31.75 65.05 37.85
N ALA H 234 -32.31 64.86 39.04
CA ALA H 234 -31.79 65.45 40.25
C ALA H 234 -31.20 64.37 41.16
N SER H 235 -30.55 64.82 42.22
CA SER H 235 -29.98 63.96 43.27
C SER H 235 -28.81 63.11 42.77
N ILE H 236 -28.54 63.11 41.46
CA ILE H 236 -27.35 62.43 40.96
C ILE H 236 -26.14 63.32 41.22
N LYS H 237 -25.05 62.70 41.65
CA LYS H 237 -23.85 63.43 42.01
C LYS H 237 -22.81 63.35 40.89
N SER H 238 -21.69 64.05 41.08
CA SER H 238 -20.62 64.10 40.09
C SER H 238 -19.40 63.36 40.62
N ALA H 239 -18.32 63.40 39.83
CA ALA H 239 -17.10 62.69 40.19
C ALA H 239 -16.41 63.36 41.39
N GLU H 240 -16.25 64.68 41.34
CA GLU H 240 -15.62 65.37 42.46
C GLU H 240 -16.49 65.36 43.71
N GLU H 241 -17.81 65.43 43.53
CA GLU H 241 -18.72 65.41 44.68
C GLU H 241 -18.79 64.05 45.36
N GLY H 242 -18.21 63.01 44.77
CA GLY H 242 -18.19 61.70 45.37
C GLY H 242 -17.03 61.50 46.33
N GLY H 243 -15.84 61.94 45.92
CA GLY H 243 -14.67 61.84 46.76
C GLY H 243 -13.39 61.48 46.02
N ALA H 244 -12.26 61.52 46.72
CA ALA H 244 -10.98 61.16 46.13
C ALA H 244 -10.71 59.67 46.31
N ASP H 245 -10.16 59.04 45.28
CA ASP H 245 -9.94 57.60 45.31
C ASP H 245 -8.74 57.21 46.17
N GLU H 246 -7.73 58.09 46.27
CA GLU H 246 -6.49 57.71 46.94
C GLU H 246 -6.72 57.46 48.42
N ASN H 247 -7.43 58.36 49.10
CA ASN H 247 -7.60 58.27 50.54
C ASN H 247 -8.88 57.55 50.97
N PHE H 248 -9.83 57.33 50.05
CA PHE H 248 -11.00 56.53 50.40
C PHE H 248 -10.60 55.11 50.79
N GLU H 249 -9.68 54.51 50.04
CA GLU H 249 -9.16 53.20 50.40
C GLU H 249 -8.27 53.29 51.64
N LYS H 250 -7.43 54.33 51.71
CA LYS H 250 -6.53 54.49 52.85
C LYS H 250 -7.32 54.60 54.16
N LYS H 251 -8.49 55.25 54.12
CA LYS H 251 -9.35 55.30 55.29
C LYS H 251 -9.87 53.91 55.64
N LYS H 252 -10.35 53.18 54.64
CA LYS H 252 -10.84 51.82 54.87
C LYS H 252 -9.71 50.85 55.20
N VAL H 253 -8.48 51.16 54.79
CA VAL H 253 -7.34 50.28 55.08
C VAL H 253 -7.03 50.29 56.57
N ALA H 254 -6.97 51.48 57.18
CA ALA H 254 -6.64 51.59 58.59
C ALA H 254 -7.81 51.27 59.50
N GLN H 255 -9.05 51.40 59.01
CA GLN H 255 -10.20 51.10 59.84
C GLN H 255 -10.36 49.60 60.10
N LEU H 256 -9.55 48.77 59.49
CA LEU H 256 -9.65 47.32 59.61
C LEU H 256 -8.71 46.83 60.69
N LYS H 257 -9.26 46.13 61.69
CA LYS H 257 -8.49 45.56 62.78
C LYS H 257 -9.00 44.16 63.06
N LEU H 258 -8.11 43.32 63.60
CA LEU H 258 -8.43 41.94 63.95
C LEU H 258 -8.23 41.73 65.44
N TRP H 259 -9.23 41.14 66.09
CA TRP H 259 -9.20 40.84 67.52
C TRP H 259 -9.21 39.33 67.72
N LYS H 260 -8.71 38.89 68.87
CA LYS H 260 -8.66 37.49 69.24
C LYS H 260 -9.40 37.27 70.55
N VAL H 261 -10.37 36.36 70.54
CA VAL H 261 -11.10 35.96 71.73
C VAL H 261 -10.68 34.53 72.07
N ALA H 262 -9.90 34.37 73.13
CA ALA H 262 -9.39 33.08 73.53
C ALA H 262 -9.51 32.92 75.04
N GLU H 263 -9.78 31.69 75.47
CA GLU H 263 -9.86 31.34 76.88
C GLU H 263 -8.52 30.75 77.31
N GLU H 264 -7.80 31.49 78.16
CA GLU H 264 -6.50 31.04 78.66
C GLU H 264 -6.71 30.50 80.07
N ASP H 265 -7.20 29.26 80.14
CA ASP H 265 -7.52 28.59 81.39
C ASP H 265 -8.56 29.38 82.19
N GLY H 266 -9.74 29.51 81.61
CA GLY H 266 -10.84 30.22 82.23
C GLY H 266 -10.74 31.73 82.17
N ASN H 267 -9.68 32.28 81.59
CA ASN H 267 -9.48 33.72 81.49
C ASN H 267 -9.61 34.12 80.01
N LEU H 268 -10.80 34.62 79.64
CA LEU H 268 -11.03 35.09 78.29
C LEU H 268 -10.52 36.52 78.16
N LYS H 269 -9.66 36.75 77.18
CA LYS H 269 -9.02 38.06 76.98
C LYS H 269 -9.13 38.43 75.50
N ILE H 270 -9.78 39.55 75.23
CA ILE H 270 -9.78 40.10 73.87
C ILE H 270 -8.49 40.88 73.67
N THR H 271 -7.93 40.80 72.47
CA THR H 271 -6.64 41.39 72.19
C THR H 271 -6.56 41.79 70.72
N GLU H 272 -6.11 43.02 70.46
CA GLU H 272 -5.86 43.47 69.09
C GLU H 272 -4.72 42.65 68.52
N GLU H 273 -5.01 41.80 67.54
CA GLU H 273 -4.04 40.81 67.06
C GLU H 273 -3.29 41.26 65.83
N ALA H 274 -3.92 42.00 64.91
CA ALA H 274 -3.24 42.37 63.68
C ALA H 274 -3.92 43.58 63.07
N THR H 275 -3.15 44.28 62.23
CA THR H 275 -3.62 45.38 61.39
C THR H 275 -3.47 44.97 59.93
N ALA H 276 -3.85 45.88 59.04
CA ALA H 276 -3.68 45.62 57.62
C ALA H 276 -2.20 45.59 57.28
N PRO H 277 -1.77 44.69 56.38
CA PRO H 277 -2.58 43.68 55.68
C PRO H 277 -2.92 42.48 56.55
N LEU H 278 -4.05 41.85 56.27
CA LEU H 278 -4.52 40.69 57.02
C LEU H 278 -4.26 39.41 56.23
N ASP H 279 -3.65 38.44 56.88
CA ASP H 279 -3.40 37.13 56.28
C ASP H 279 -4.38 36.12 56.85
N LYS H 280 -4.67 35.09 56.04
CA LYS H 280 -5.63 34.08 56.47
C LYS H 280 -5.03 33.15 57.53
N LYS H 281 -3.72 32.98 57.53
CA LYS H 281 -3.05 32.16 58.54
C LYS H 281 -3.21 32.70 59.95
N MET H 282 -3.64 33.95 60.10
CA MET H 282 -3.82 34.53 61.43
C MET H 282 -4.93 33.82 62.21
N LEU H 283 -5.93 33.30 61.51
CA LEU H 283 -7.07 32.67 62.16
C LEU H 283 -6.67 31.31 62.72
N ASP H 284 -7.05 31.07 63.97
CA ASP H 284 -6.77 29.81 64.67
C ASP H 284 -8.06 29.04 64.86
N SER H 285 -8.07 27.77 64.42
CA SER H 285 -9.26 26.94 64.52
C SER H 285 -9.68 26.68 65.97
N ASN H 286 -8.77 26.88 66.92
CA ASN H 286 -9.08 26.67 68.34
C ASN H 286 -9.43 27.96 69.06
N ASP H 287 -9.66 29.05 68.33
CA ASP H 287 -10.02 30.33 68.93
C ASP H 287 -11.13 30.98 68.10
N CYS H 288 -11.60 32.13 68.57
CA CYS H 288 -12.58 32.93 67.86
C CYS H 288 -12.00 34.32 67.63
N PHE H 289 -11.84 34.69 66.37
CA PHE H 289 -11.30 36.00 66.02
C PHE H 289 -12.42 36.90 65.51
N ILE H 290 -12.29 38.19 65.79
CA ILE H 290 -13.26 39.20 65.39
C ILE H 290 -12.61 40.14 64.40
N VAL H 291 -13.26 40.32 63.25
CA VAL H 291 -12.77 41.19 62.19
C VAL H 291 -13.52 42.52 62.31
N ASP H 292 -12.81 43.57 62.71
CA ASP H 292 -13.41 44.88 62.93
C ASP H 292 -13.23 45.73 61.69
N ASN H 293 -14.31 45.96 60.95
CA ASN H 293 -14.29 46.80 59.76
C ASN H 293 -15.10 48.08 59.95
N GLY H 294 -15.08 48.64 61.16
CA GLY H 294 -15.83 49.85 61.45
C GLY H 294 -17.32 49.70 61.25
N GLU H 295 -17.96 50.77 60.78
CA GLU H 295 -19.40 50.76 60.53
C GLU H 295 -19.78 49.97 59.28
N ASP H 296 -18.80 49.45 58.53
CA ASP H 296 -19.10 48.64 57.36
C ASP H 296 -19.46 47.21 57.72
N GLY H 297 -19.13 46.75 58.91
CA GLY H 297 -19.47 45.40 59.33
C GLY H 297 -18.58 44.82 60.39
N ILE H 298 -19.14 43.94 61.22
CA ILE H 298 -18.41 43.24 62.27
C ILE H 298 -18.56 41.75 62.02
N TRP H 299 -17.44 41.05 61.89
CA TRP H 299 -17.43 39.64 61.52
C TRP H 299 -16.76 38.82 62.62
N VAL H 300 -17.43 37.75 63.05
CA VAL H 300 -16.95 36.89 64.12
C VAL H 300 -16.59 35.54 63.52
N TRP H 301 -15.30 35.26 63.40
CA TRP H 301 -14.81 34.01 62.82
C TRP H 301 -14.64 32.99 63.94
N THR H 302 -15.51 31.99 63.97
CA THR H 302 -15.49 30.95 65.00
C THR H 302 -14.80 29.71 64.42
N GLY H 303 -13.66 29.35 65.00
CA GLY H 303 -12.95 28.17 64.56
C GLY H 303 -13.71 26.89 64.87
N LYS H 304 -13.30 25.81 64.20
CA LYS H 304 -13.97 24.53 64.36
C LYS H 304 -13.81 24.00 65.78
N LYS H 305 -12.62 24.16 66.37
CA LYS H 305 -12.30 23.61 67.68
C LYS H 305 -12.17 24.71 68.73
N ALA H 306 -12.96 25.77 68.61
CA ALA H 306 -13.00 26.79 69.66
C ALA H 306 -13.83 26.30 70.84
N SER H 307 -13.54 26.86 72.01
CA SER H 307 -14.28 26.47 73.20
C SER H 307 -15.70 27.03 73.15
N PRO H 308 -16.65 26.36 73.82
CA PRO H 308 -18.02 26.89 73.83
C PRO H 308 -18.12 28.30 74.41
N LYS H 309 -17.19 28.67 75.29
CA LYS H 309 -17.19 30.01 75.86
C LYS H 309 -16.50 31.01 74.96
N GLU H 310 -15.47 30.59 74.22
CA GLU H 310 -14.84 31.47 73.24
C GLU H 310 -15.82 31.86 72.15
N ARG H 311 -16.81 31.00 71.87
CA ARG H 311 -17.83 31.32 70.88
C ARG H 311 -18.85 32.30 71.41
N LYS H 312 -19.27 32.14 72.66
CA LYS H 312 -20.33 32.98 73.20
C LYS H 312 -19.82 34.39 73.49
N GLU H 313 -18.67 34.50 74.15
CA GLU H 313 -18.15 35.82 74.50
C GLU H 313 -17.72 36.60 73.27
N SER H 314 -17.39 35.91 72.18
CA SER H 314 -17.03 36.63 70.95
C SER H 314 -18.24 37.32 70.35
N MET H 315 -19.43 36.70 70.44
CA MET H 315 -20.63 37.33 69.91
C MET H 315 -21.08 38.49 70.78
N ASN H 316 -21.00 38.33 72.11
CA ASN H 316 -21.45 39.39 73.00
C ASN H 316 -20.49 40.57 73.03
N ASN H 317 -19.18 40.29 72.97
CA ASN H 317 -18.20 41.37 72.96
C ASN H 317 -18.07 42.02 71.60
N ALA H 318 -18.64 41.43 70.54
CA ALA H 318 -18.65 42.07 69.24
C ALA H 318 -19.97 42.80 68.99
N MET H 319 -21.09 42.24 69.45
CA MET H 319 -22.34 42.99 69.44
C MET H 319 -22.27 44.20 70.38
N ALA H 320 -21.37 44.17 71.36
CA ALA H 320 -21.11 45.34 72.18
C ALA H 320 -20.27 46.39 71.45
N PHE H 321 -19.48 45.97 70.45
CA PHE H 321 -18.74 46.94 69.64
C PHE H 321 -19.67 47.92 68.95
N LEU H 322 -20.93 47.55 68.73
CA LEU H 322 -21.87 48.45 68.08
C LEU H 322 -22.25 49.61 69.00
N LYS H 323 -22.52 49.33 70.27
CA LYS H 323 -23.05 50.35 71.16
C LYS H 323 -21.95 51.25 71.72
N GLN H 324 -20.78 50.69 72.01
CA GLN H 324 -19.68 51.51 72.53
C GLN H 324 -19.19 52.52 71.49
N ARG H 325 -19.35 52.20 70.20
CA ARG H 325 -19.11 53.17 69.13
C ARG H 325 -20.38 53.87 68.66
N ASN H 326 -21.55 53.34 69.02
CA ASN H 326 -22.84 53.88 68.58
C ASN H 326 -22.96 53.90 67.06
N TYR H 327 -22.78 52.72 66.47
CA TYR H 327 -23.01 52.57 65.05
C TYR H 327 -24.51 52.56 64.76
N SER H 328 -24.86 52.95 63.53
CA SER H 328 -26.26 52.99 63.13
C SER H 328 -26.82 51.58 63.02
N SER H 329 -28.11 51.50 62.69
CA SER H 329 -28.75 50.19 62.49
C SER H 329 -28.28 49.50 61.23
N GLN H 330 -27.56 50.19 60.34
CA GLN H 330 -27.04 49.56 59.14
C GLN H 330 -25.92 48.56 59.48
N THR H 331 -25.01 48.95 60.37
CA THR H 331 -23.89 48.10 60.73
C THR H 331 -24.35 46.82 61.41
N ARG H 332 -24.27 45.70 60.70
CA ARG H 332 -24.73 44.42 61.22
C ARG H 332 -23.54 43.56 61.65
N VAL H 333 -23.86 42.47 62.34
CA VAL H 333 -22.87 41.50 62.79
C VAL H 333 -23.20 40.15 62.15
N THR H 334 -22.17 39.42 61.73
CA THR H 334 -22.34 38.14 61.07
C THR H 334 -21.42 37.11 61.70
N LYS H 335 -21.98 35.96 62.07
CA LYS H 335 -21.19 34.85 62.58
C LYS H 335 -20.65 34.04 61.41
N VAL H 336 -19.34 33.94 61.31
CA VAL H 336 -18.69 33.25 60.21
C VAL H 336 -18.03 31.97 60.73
N PRO H 337 -18.68 30.81 60.61
CA PRO H 337 -18.03 29.57 61.00
C PRO H 337 -16.91 29.21 60.04
N GLU H 338 -15.90 28.51 60.56
CA GLU H 338 -14.76 28.13 59.74
C GLU H 338 -15.19 27.18 58.62
N GLY H 339 -14.83 27.53 57.39
CA GLY H 339 -15.27 26.79 56.22
C GLY H 339 -16.48 27.37 55.53
N GLY H 340 -17.17 28.32 56.17
CA GLY H 340 -18.33 28.94 55.57
C GLY H 340 -18.13 30.42 55.31
N GLU H 341 -16.89 30.80 55.07
CA GLU H 341 -16.58 32.20 54.75
C GLU H 341 -17.10 32.55 53.36
N SER H 342 -17.72 33.72 53.24
CA SER H 342 -18.20 34.21 51.96
C SER H 342 -17.15 35.08 51.30
N SER H 343 -17.42 35.44 50.04
CA SER H 343 -16.48 36.30 49.31
C SER H 343 -16.36 37.67 49.96
N GLU H 344 -17.46 38.19 50.51
CA GLU H 344 -17.41 39.47 51.20
C GLU H 344 -16.52 39.40 52.43
N PHE H 345 -16.49 38.25 53.12
CA PHE H 345 -15.61 38.11 54.27
C PHE H 345 -14.15 37.98 53.83
N LYS H 346 -13.89 37.21 52.77
CA LYS H 346 -12.54 37.05 52.27
C LYS H 346 -11.96 38.35 51.71
N SER H 347 -12.81 39.26 51.25
CA SER H 347 -12.33 40.55 50.74
C SER H 347 -11.66 41.38 51.82
N LEU H 348 -11.90 41.06 53.09
CA LEU H 348 -11.25 41.76 54.20
C LEU H 348 -9.80 41.34 54.40
N PHE H 349 -9.33 40.33 53.66
CA PHE H 349 -7.98 39.82 53.80
C PHE H 349 -7.21 40.06 52.49
N LYS H 350 -6.01 40.62 52.61
CA LYS H 350 -5.16 40.78 51.44
C LYS H 350 -4.72 39.44 50.88
N THR H 351 -4.54 38.44 51.74
CA THR H 351 -4.03 37.13 51.34
C THR H 351 -4.91 36.05 51.94
N TRP H 352 -5.72 35.41 51.10
CA TRP H 352 -6.43 34.19 51.50
C TRP H 352 -5.57 33.00 51.09
N GLU H 353 -6.18 32.00 50.45
CA GLU H 353 -5.39 30.94 49.84
C GLU H 353 -4.93 31.37 48.46
N LYS H 354 -3.68 31.05 48.13
CA LYS H 354 -3.07 31.54 46.91
C LYS H 354 -3.74 30.97 45.66
N THR H 355 -3.54 31.64 44.53
CA THR H 355 -4.16 31.24 43.29
C THR H 355 -3.56 29.93 42.78
N LYS H 356 -4.39 29.13 42.10
CA LYS H 356 -4.01 27.78 41.69
C LYS H 356 -3.62 27.77 40.22
N LEU H 357 -2.44 27.22 39.92
CA LEU H 357 -1.96 27.08 38.57
C LEU H 357 -2.67 25.90 37.88
N PRO H 358 -2.59 25.80 36.55
CA PRO H 358 -3.17 24.63 35.89
C PRO H 358 -2.58 23.31 36.36
N GLY H 359 -1.30 23.27 36.70
CA GLY H 359 -0.67 22.08 37.23
C GLY H 359 -0.67 20.91 36.28
N VAL H 366 -14.86 11.60 34.99
CA VAL H 366 -15.58 10.84 33.97
C VAL H 366 -14.59 10.10 33.09
N ASN H 367 -15.08 9.08 32.37
CA ASN H 367 -14.26 8.24 31.49
C ASN H 367 -13.09 7.62 32.26
N LYS H 368 -13.43 6.80 33.23
CA LYS H 368 -12.42 6.15 34.05
C LYS H 368 -11.85 4.94 33.33
N ILE H 369 -10.53 4.76 33.45
CA ILE H 369 -9.80 3.73 32.73
C ILE H 369 -9.13 2.80 33.74
N ALA H 370 -9.06 1.52 33.40
CA ALA H 370 -8.52 0.52 34.31
C ALA H 370 -7.00 0.67 34.43
N GLN H 371 -6.51 0.61 35.68
CA GLN H 371 -5.08 0.59 35.99
C GLN H 371 -4.80 -0.65 36.84
N THR H 372 -3.67 -1.30 36.58
CA THR H 372 -3.40 -2.60 37.20
C THR H 372 -2.07 -2.68 37.94
N VAL H 373 -1.14 -1.76 37.70
CA VAL H 373 0.12 -1.64 38.45
C VAL H 373 1.06 -2.81 38.14
N GLN H 374 0.55 -3.84 37.46
CA GLN H 374 1.38 -4.92 36.93
C GLN H 374 2.12 -5.68 38.02
N THR H 375 1.44 -6.61 38.69
CA THR H 375 2.06 -7.44 39.71
C THR H 375 2.70 -8.67 39.07
N LYS H 376 3.77 -9.16 39.69
CA LYS H 376 4.45 -10.35 39.20
C LYS H 376 3.59 -11.59 39.42
N PHE H 377 3.89 -12.63 38.66
CA PHE H 377 3.20 -13.91 38.75
C PHE H 377 4.13 -14.92 39.40
N ASP H 378 3.66 -15.56 40.47
CA ASP H 378 4.45 -16.54 41.19
C ASP H 378 4.18 -17.93 40.58
N ALA H 379 5.23 -18.57 40.10
CA ALA H 379 5.07 -19.84 39.40
C ALA H 379 4.71 -20.99 40.33
N MET H 380 4.94 -20.84 41.64
CA MET H 380 4.61 -21.91 42.58
C MET H 380 3.12 -22.22 42.62
N THR H 381 2.28 -21.24 42.25
CA THR H 381 0.84 -21.46 42.28
C THR H 381 0.39 -22.49 41.25
N LEU H 382 1.21 -22.76 40.23
CA LEU H 382 0.84 -23.74 39.21
C LEU H 382 1.06 -25.17 39.67
N HIS H 383 2.04 -25.40 40.55
CA HIS H 383 2.34 -26.76 41.00
C HIS H 383 1.18 -27.37 41.78
N ASN H 384 0.38 -26.53 42.44
CA ASN H 384 -0.78 -27.04 43.16
C ASN H 384 -1.77 -27.68 42.19
N ASN H 385 -2.27 -28.85 42.56
CA ASN H 385 -3.11 -29.62 41.65
C ASN H 385 -4.48 -28.96 41.49
N PRO H 386 -4.90 -28.65 40.28
CA PRO H 386 -6.28 -28.19 40.07
C PRO H 386 -7.25 -29.35 40.12
N GLU H 387 -8.47 -29.05 40.55
CA GLU H 387 -9.51 -30.06 40.70
C GLU H 387 -10.84 -29.51 40.21
N VAL H 388 -11.77 -30.44 39.97
CA VAL H 388 -13.15 -30.11 39.68
C VAL H 388 -14.02 -30.80 40.72
N ALA H 389 -15.21 -30.24 40.94
CA ALA H 389 -16.16 -30.80 41.89
C ALA H 389 -16.94 -31.97 41.32
N LYS H 390 -16.51 -32.51 40.17
CA LYS H 390 -17.21 -33.59 39.47
C LYS H 390 -18.65 -33.22 39.16
N GLU H 391 -18.91 -31.92 38.98
CA GLU H 391 -20.24 -31.44 38.60
C GLU H 391 -20.47 -31.68 37.10
N THR H 392 -20.48 -32.95 36.74
CA THR H 392 -20.85 -33.32 35.37
C THR H 392 -22.24 -32.82 35.03
N GLY H 393 -23.17 -32.98 35.98
CA GLY H 393 -24.49 -32.37 35.92
C GLY H 393 -25.27 -32.69 34.67
N MET H 394 -24.87 -33.76 33.98
CA MET H 394 -25.56 -34.19 32.78
C MET H 394 -27.01 -34.48 33.14
N VAL H 395 -27.94 -33.69 32.60
CA VAL H 395 -29.35 -33.78 32.97
C VAL H 395 -29.87 -35.20 32.85
N ASP H 396 -29.28 -36.00 31.97
CA ASP H 396 -29.60 -37.42 31.87
C ASP H 396 -28.33 -38.15 31.47
N ASP H 397 -28.47 -39.41 31.05
CA ASP H 397 -27.35 -40.21 30.59
C ASP H 397 -27.26 -40.30 29.08
N GLY H 398 -27.86 -39.35 28.36
CA GLY H 398 -27.83 -39.39 26.91
C GLY H 398 -28.74 -40.43 26.28
N SER H 399 -29.64 -41.03 27.05
CA SER H 399 -30.50 -42.10 26.56
C SER H 399 -31.78 -41.59 25.91
N GLY H 400 -31.99 -40.27 25.86
CA GLY H 400 -33.20 -39.72 25.28
C GLY H 400 -33.18 -39.75 23.76
N LYS H 401 -34.27 -39.25 23.19
CA LYS H 401 -34.39 -39.15 21.74
C LYS H 401 -33.57 -37.99 21.21
N LYS H 402 -32.86 -38.23 20.11
CA LYS H 402 -32.08 -37.20 19.43
C LYS H 402 -32.37 -37.25 17.95
N LYS H 403 -32.48 -36.07 17.33
CA LYS H 403 -32.64 -35.94 15.89
C LYS H 403 -31.50 -35.06 15.38
N ILE H 404 -30.69 -35.60 14.48
CA ILE H 404 -29.49 -34.93 14.00
C ILE H 404 -29.75 -34.38 12.61
N TYR H 405 -29.61 -33.06 12.47
CA TYR H 405 -29.71 -32.40 11.18
C TYR H 405 -28.33 -31.94 10.72
N ARG H 406 -28.14 -31.91 9.41
CA ARG H 406 -26.89 -31.49 8.80
C ARG H 406 -27.14 -30.28 7.90
N ILE H 407 -26.24 -29.31 7.97
CA ILE H 407 -26.37 -28.09 7.18
C ILE H 407 -25.91 -28.39 5.76
N GLU H 408 -26.84 -28.34 4.80
CA GLU H 408 -26.54 -28.57 3.40
C GLU H 408 -27.34 -27.59 2.55
N ASN H 409 -26.66 -26.85 1.69
CA ASN H 409 -27.29 -25.90 0.77
C ASN H 409 -28.18 -24.90 1.51
N MET H 410 -27.62 -24.31 2.57
CA MET H 410 -28.30 -23.30 3.39
C MET H 410 -29.59 -23.84 4.00
N ASP H 411 -29.66 -25.14 4.27
CA ASP H 411 -30.87 -25.72 4.84
C ASP H 411 -30.52 -26.93 5.68
N LEU H 412 -31.47 -27.35 6.51
CA LEU H 412 -31.29 -28.52 7.36
C LEU H 412 -31.65 -29.78 6.59
N VAL H 413 -30.73 -30.76 6.60
CA VAL H 413 -30.98 -32.07 6.01
C VAL H 413 -30.88 -33.11 7.12
N GLU H 414 -31.95 -33.88 7.31
CA GLU H 414 -32.00 -34.85 8.38
C GLU H 414 -31.04 -36.00 8.10
N LEU H 415 -30.21 -36.32 9.10
CA LEU H 415 -29.26 -37.42 8.97
C LEU H 415 -29.96 -38.76 9.17
N GLU H 416 -29.59 -39.74 8.35
CA GLU H 416 -30.08 -41.09 8.56
C GLU H 416 -29.52 -41.66 9.85
N LYS H 417 -30.34 -42.43 10.56
CA LYS H 417 -29.89 -43.07 11.79
C LYS H 417 -28.76 -44.06 11.55
N ARG H 418 -28.54 -44.45 10.29
CA ARG H 418 -27.37 -45.26 9.95
C ARG H 418 -26.08 -44.53 10.29
N TYR H 419 -26.05 -43.21 10.11
CA TYR H 419 -24.84 -42.42 10.29
C TYR H 419 -24.80 -41.65 11.60
N TYR H 420 -25.74 -41.90 12.51
CA TYR H 420 -25.70 -41.25 13.82
C TYR H 420 -24.42 -41.64 14.56
N GLY H 421 -23.68 -40.63 15.01
CA GLY H 421 -22.37 -40.83 15.59
C GLY H 421 -21.23 -40.39 14.71
N GLU H 422 -21.48 -40.17 13.42
CA GLU H 422 -20.47 -39.70 12.48
C GLU H 422 -20.72 -38.24 12.16
N LEU H 423 -19.70 -37.41 12.37
CA LEU H 423 -19.75 -35.99 12.04
C LEU H 423 -18.58 -35.64 11.13
N TYR H 424 -18.82 -34.73 10.19
CA TYR H 424 -17.79 -34.25 9.29
C TYR H 424 -17.23 -32.93 9.81
N GLY H 425 -15.90 -32.85 9.91
CA GLY H 425 -15.22 -31.69 10.45
C GLY H 425 -15.34 -30.42 9.64
N GLY H 426 -15.81 -30.52 8.38
CA GLY H 426 -16.06 -29.35 7.57
C GLY H 426 -17.50 -28.92 7.46
N ASP H 427 -18.41 -29.53 8.22
CA ASP H 427 -19.83 -29.17 8.17
C ASP H 427 -20.32 -28.81 9.56
N SER H 428 -21.53 -28.26 9.62
CA SER H 428 -22.19 -27.93 10.86
C SER H 428 -23.45 -28.78 11.01
N TYR H 429 -23.78 -29.11 12.26
CA TYR H 429 -24.92 -29.95 12.57
C TYR H 429 -25.77 -29.29 13.64
N VAL H 430 -27.03 -29.68 13.69
CA VAL H 430 -27.97 -29.26 14.74
C VAL H 430 -28.60 -30.51 15.32
N ILE H 431 -28.33 -30.77 16.60
CA ILE H 431 -28.84 -31.96 17.28
C ILE H 431 -29.93 -31.52 18.24
N HIS H 432 -31.17 -31.89 17.93
CA HIS H 432 -32.31 -31.63 18.80
C HIS H 432 -32.48 -32.81 19.74
N TYR H 433 -32.19 -32.58 21.03
CA TYR H 433 -32.23 -33.64 22.04
C TYR H 433 -33.46 -33.46 22.93
N THR H 434 -34.16 -34.55 23.19
CA THR H 434 -35.35 -34.54 24.03
C THR H 434 -35.21 -35.62 25.10
N TYR H 435 -35.35 -35.22 26.36
CA TYR H 435 -35.31 -36.15 27.47
C TYR H 435 -36.45 -35.80 28.43
N ALA H 436 -36.79 -36.76 29.28
CA ALA H 436 -37.88 -36.60 30.24
C ALA H 436 -37.41 -37.00 31.63
N VAL H 437 -37.85 -36.24 32.63
CA VAL H 437 -37.60 -36.55 34.03
C VAL H 437 -38.94 -36.50 34.76
N ASN H 438 -39.37 -37.65 35.29
CA ASN H 438 -40.67 -37.76 35.96
C ASN H 438 -41.81 -37.33 35.04
N GLY H 439 -41.71 -37.71 33.76
CA GLY H 439 -42.73 -37.38 32.78
C GLY H 439 -42.63 -35.99 32.18
N LYS H 440 -41.93 -35.06 32.82
CA LYS H 440 -41.75 -33.71 32.29
C LYS H 440 -40.69 -33.74 31.20
N GLU H 441 -41.09 -33.39 29.97
CA GLU H 441 -40.16 -33.40 28.86
C GLU H 441 -39.38 -32.09 28.79
N GLU H 442 -38.08 -32.21 28.54
CA GLU H 442 -37.19 -31.06 28.37
C GLU H 442 -36.49 -31.16 27.02
N HIS H 443 -35.94 -30.04 26.56
CA HIS H 443 -35.30 -29.97 25.26
C HIS H 443 -33.96 -29.25 25.35
N ILE H 444 -32.96 -29.80 24.67
CA ILE H 444 -31.66 -29.16 24.50
C ILE H 444 -31.31 -29.21 23.01
N ILE H 445 -30.94 -28.07 22.46
CA ILE H 445 -30.63 -27.96 21.03
C ILE H 445 -29.15 -27.65 20.90
N TYR H 446 -28.36 -28.68 20.60
CA TYR H 446 -26.95 -28.49 20.31
C TYR H 446 -26.78 -28.13 18.83
N TYR H 447 -25.88 -27.18 18.56
CA TYR H 447 -25.40 -26.96 17.20
C TYR H 447 -23.88 -27.09 17.22
N TRP H 448 -23.39 -28.08 16.45
CA TRP H 448 -21.99 -28.48 16.46
C TRP H 448 -21.31 -27.89 15.22
N LEU H 449 -20.24 -27.12 15.43
CA LEU H 449 -19.57 -26.39 14.36
C LEU H 449 -18.21 -27.02 14.11
N GLY H 450 -18.08 -27.69 12.97
CA GLY H 450 -16.80 -28.27 12.60
C GLY H 450 -15.73 -27.21 12.41
N ARG H 451 -14.49 -27.61 12.66
CA ARG H 451 -13.38 -26.66 12.63
C ARG H 451 -13.25 -25.98 11.27
N HIS H 452 -13.55 -26.70 10.19
CA HIS H 452 -13.41 -26.15 8.85
C HIS H 452 -14.76 -25.85 8.20
N SER H 453 -15.81 -25.74 9.00
CA SER H 453 -17.10 -25.30 8.48
C SER H 453 -17.06 -23.81 8.16
N THR H 454 -17.76 -23.42 7.10
CA THR H 454 -17.72 -22.03 6.64
C THR H 454 -18.81 -21.20 7.31
N SER H 455 -18.75 -19.89 7.07
CA SER H 455 -19.61 -18.94 7.77
C SER H 455 -21.08 -19.21 7.50
N ASP H 456 -21.42 -19.54 6.25
CA ASP H 456 -22.81 -19.81 5.91
C ASP H 456 -23.35 -20.99 6.71
N GLU H 457 -22.56 -22.06 6.84
CA GLU H 457 -23.01 -23.23 7.56
C GLU H 457 -23.12 -22.95 9.06
N ARG H 458 -22.12 -22.29 9.63
CA ARG H 458 -22.20 -21.89 11.03
C ARG H 458 -23.38 -20.95 11.26
N GLY H 459 -23.66 -20.06 10.30
CA GLY H 459 -24.77 -19.14 10.47
C GLY H 459 -26.12 -19.84 10.40
N VAL H 460 -26.31 -20.68 9.38
CA VAL H 460 -27.57 -21.40 9.25
C VAL H 460 -27.79 -22.30 10.46
N ALA H 461 -26.73 -22.91 10.98
CA ALA H 461 -26.85 -23.74 12.18
C ALA H 461 -27.42 -22.93 13.33
N ALA H 462 -26.83 -21.78 13.62
CA ALA H 462 -27.32 -20.94 14.71
C ALA H 462 -28.74 -20.45 14.44
N ALA H 463 -29.03 -20.09 13.19
CA ALA H 463 -30.36 -19.57 12.86
C ALA H 463 -31.42 -20.65 12.96
N LYS H 464 -31.06 -21.91 12.72
CA LYS H 464 -32.05 -22.98 12.74
C LYS H 464 -32.32 -23.48 14.16
N THR H 465 -31.34 -23.39 15.06
CA THR H 465 -31.62 -23.72 16.46
C THR H 465 -32.62 -22.75 17.05
N ILE H 466 -32.52 -21.47 16.67
CA ILE H 466 -33.52 -20.49 17.07
C ILE H 466 -34.89 -20.89 16.53
N GLU H 467 -34.94 -21.25 15.25
CA GLU H 467 -36.20 -21.64 14.62
C GLU H 467 -36.80 -22.87 15.29
N ILE H 468 -35.95 -23.80 15.72
CA ILE H 468 -36.46 -24.99 16.41
C ILE H 468 -36.88 -24.64 17.84
N ASP H 469 -36.08 -23.81 18.52
CA ASP H 469 -36.44 -23.39 19.87
C ASP H 469 -37.75 -22.63 19.88
N ASP H 470 -37.97 -21.78 18.87
CA ASP H 470 -39.22 -21.02 18.82
C ASP H 470 -40.42 -21.92 18.59
N SER H 471 -40.25 -23.00 17.82
CA SER H 471 -41.34 -23.96 17.62
C SER H 471 -41.67 -24.70 18.90
N LEU H 472 -40.73 -24.79 19.84
CA LEU H 472 -40.96 -25.40 21.13
C LEU H 472 -41.36 -24.39 22.20
N GLY H 473 -41.89 -23.23 21.81
CA GLY H 473 -42.27 -22.23 22.77
C GLY H 473 -41.10 -21.55 23.47
N GLY H 474 -39.89 -21.68 22.92
CA GLY H 474 -38.71 -21.13 23.56
C GLY H 474 -38.27 -21.84 24.81
N THR H 475 -38.75 -23.07 25.04
CA THR H 475 -38.46 -23.80 26.27
C THR H 475 -37.24 -24.70 26.14
N ALA H 476 -36.42 -24.53 25.11
CA ALA H 476 -35.27 -25.37 24.85
C ALA H 476 -33.98 -24.62 25.16
N LYS H 477 -33.01 -25.31 25.73
CA LYS H 477 -31.70 -24.73 25.99
C LYS H 477 -30.84 -24.84 24.74
N GLN H 478 -30.24 -23.73 24.34
CA GLN H 478 -29.38 -23.67 23.17
C GLN H 478 -27.93 -23.72 23.62
N VAL H 479 -27.18 -24.71 23.14
CA VAL H 479 -25.80 -24.93 23.55
C VAL H 479 -24.93 -24.97 22.29
N ARG H 480 -23.96 -24.06 22.21
CA ARG H 480 -23.02 -24.02 21.10
C ARG H 480 -21.86 -24.95 21.39
N VAL H 481 -21.51 -25.77 20.40
CA VAL H 481 -20.45 -26.77 20.54
C VAL H 481 -19.46 -26.59 19.39
N VAL H 482 -18.18 -26.48 19.72
CA VAL H 482 -17.10 -26.36 18.73
C VAL H 482 -16.36 -27.68 18.69
N GLN H 483 -15.93 -28.08 17.48
CA GLN H 483 -15.25 -29.35 17.30
C GLN H 483 -14.06 -29.48 18.24
N SER H 484 -13.89 -30.68 18.79
CA SER H 484 -12.85 -31.08 19.74
C SER H 484 -13.07 -30.50 21.14
N LYS H 485 -14.16 -29.78 21.37
CA LYS H 485 -14.47 -29.24 22.69
C LYS H 485 -15.91 -29.56 23.06
N GLU H 486 -16.30 -30.81 22.85
CA GLU H 486 -17.68 -31.23 23.09
C GLU H 486 -17.91 -31.40 24.59
N PRO H 487 -19.01 -30.90 25.14
CA PRO H 487 -19.28 -31.10 26.56
C PRO H 487 -19.62 -32.54 26.87
N ASN H 488 -19.56 -32.88 28.17
CA ASN H 488 -19.71 -34.26 28.60
C ASN H 488 -21.08 -34.82 28.23
N HIS H 489 -22.13 -34.02 28.34
CA HIS H 489 -23.46 -34.53 28.01
C HIS H 489 -23.60 -34.76 26.51
N PHE H 490 -22.98 -33.90 25.69
CA PHE H 490 -23.00 -34.10 24.25
C PHE H 490 -22.40 -35.46 23.89
N MET H 491 -21.26 -35.80 24.50
CA MET H 491 -20.65 -37.10 24.27
C MET H 491 -21.55 -38.23 24.77
N ALA H 492 -22.35 -37.98 25.81
CA ALA H 492 -23.20 -39.03 26.37
C ALA H 492 -24.32 -39.42 25.42
N MET H 493 -24.75 -38.50 24.54
CA MET H 493 -25.78 -38.83 23.58
C MET H 493 -25.33 -39.90 22.60
N PHE H 494 -24.03 -39.98 22.32
CA PHE H 494 -23.47 -40.93 21.37
C PHE H 494 -22.80 -42.11 22.05
N ASP H 495 -23.22 -42.44 23.28
CA ASP H 495 -22.67 -43.56 24.04
C ASP H 495 -21.16 -43.44 24.22
N GLY H 496 -20.67 -42.21 24.35
CA GLY H 496 -19.25 -41.97 24.54
C GLY H 496 -18.38 -42.29 23.35
N LYS H 497 -18.97 -42.64 22.21
CA LYS H 497 -18.23 -42.95 21.00
C LYS H 497 -18.63 -41.96 19.91
N LEU H 498 -17.63 -41.36 19.27
CA LEU H 498 -17.88 -40.36 18.23
C LEU H 498 -16.83 -40.52 17.14
N ILE H 499 -17.27 -40.50 15.89
CA ILE H 499 -16.37 -40.63 14.74
C ILE H 499 -16.43 -39.34 13.95
N ILE H 500 -15.30 -38.64 13.87
CA ILE H 500 -15.21 -37.34 13.21
C ILE H 500 -14.37 -37.52 11.95
N PHE H 501 -15.02 -37.48 10.79
CA PHE H 501 -14.34 -37.60 9.51
C PHE H 501 -13.89 -36.22 9.04
N GLN H 502 -12.68 -36.16 8.48
CA GLN H 502 -12.21 -34.92 7.90
C GLN H 502 -12.84 -34.71 6.52
N GLY H 503 -13.07 -33.46 6.20
CA GLY H 503 -13.75 -33.08 4.98
C GLY H 503 -15.13 -32.52 5.28
N GLY H 504 -15.89 -32.31 4.22
CA GLY H 504 -17.23 -31.79 4.38
C GLY H 504 -17.99 -31.66 3.08
N LYS H 505 -18.81 -30.61 2.98
CA LYS H 505 -19.74 -30.45 1.88
C LYS H 505 -19.91 -28.98 1.54
N ALA H 506 -19.62 -28.66 0.28
CA ALA H 506 -20.01 -27.41 -0.37
C ALA H 506 -19.52 -26.24 0.47
N GLY H 507 -20.36 -25.25 0.76
CA GLY H 507 -19.82 -24.06 1.39
C GLY H 507 -19.80 -22.79 0.55
N TRP H 508 -20.73 -21.86 0.82
CA TRP H 508 -20.90 -20.65 0.01
C TRP H 508 -20.94 -21.00 -1.49
N GLY H 509 -22.01 -21.68 -1.86
CA GLY H 509 -22.08 -22.32 -3.16
C GLY H 509 -21.77 -23.79 -3.03
N GLY H 510 -20.96 -24.35 -3.93
CA GLY H 510 -20.59 -25.74 -3.81
C GLY H 510 -19.71 -26.29 -4.91
N HIS H 511 -20.00 -27.52 -5.35
CA HIS H 511 -19.34 -28.31 -6.38
C HIS H 511 -18.08 -29.01 -5.88
N ASN H 512 -17.60 -28.72 -4.66
CA ASN H 512 -16.38 -29.30 -4.14
C ASN H 512 -16.64 -30.26 -2.98
N SER H 513 -17.82 -30.89 -2.98
CA SER H 513 -18.18 -31.79 -1.89
C SER H 513 -17.31 -33.04 -1.91
N THR H 514 -16.80 -33.43 -0.74
CA THR H 514 -15.92 -34.59 -0.66
C THR H 514 -16.70 -35.88 -0.90
N ASP H 515 -17.74 -36.12 -0.10
CA ASP H 515 -18.64 -37.25 -0.28
C ASP H 515 -17.88 -38.58 -0.25
N GLY H 516 -16.99 -38.71 0.72
CA GLY H 516 -16.27 -39.95 0.90
C GLY H 516 -15.02 -39.81 1.76
N PRO H 517 -14.85 -40.74 2.70
CA PRO H 517 -13.59 -40.80 3.44
C PRO H 517 -12.46 -41.36 2.60
N GLY H 518 -12.76 -42.29 1.70
CA GLY H 518 -11.76 -42.90 0.85
C GLY H 518 -11.61 -44.39 1.11
N ASP H 519 -11.07 -45.12 0.13
CA ASP H 519 -10.77 -46.53 0.37
C ASP H 519 -9.61 -46.69 1.34
N THR H 520 -8.73 -45.71 1.42
CA THR H 520 -7.58 -45.72 2.31
C THR H 520 -7.63 -44.48 3.19
N TYR H 521 -7.86 -44.68 4.49
CA TYR H 521 -7.86 -43.58 5.45
C TYR H 521 -7.44 -44.12 6.81
N LEU H 522 -7.10 -43.18 7.69
CA LEU H 522 -6.57 -43.50 9.01
C LEU H 522 -7.40 -42.80 10.08
N LEU H 523 -7.71 -43.52 11.15
CA LEU H 523 -8.49 -43.00 12.27
C LEU H 523 -7.63 -42.90 13.51
N HIS H 524 -7.74 -41.77 14.21
CA HIS H 524 -7.01 -41.51 15.45
C HIS H 524 -8.00 -41.65 16.61
N VAL H 525 -7.87 -42.72 17.37
CA VAL H 525 -8.76 -43.01 18.49
C VAL H 525 -8.07 -42.58 19.77
N ARG H 526 -8.63 -41.58 20.44
CA ARG H 526 -8.06 -41.03 21.67
C ARG H 526 -9.18 -40.77 22.66
N GLY H 527 -8.85 -40.85 23.95
CA GLY H 527 -9.78 -40.50 24.99
C GLY H 527 -9.12 -40.01 26.25
N THR H 528 -9.72 -39.00 26.88
CA THR H 528 -9.33 -38.57 28.22
C THR H 528 -10.30 -39.09 29.27
N SER H 529 -11.24 -39.95 28.88
CA SER H 529 -12.18 -40.64 29.75
C SER H 529 -12.91 -41.65 28.87
N GLN H 530 -13.66 -42.55 29.51
CA GLN H 530 -14.40 -43.55 28.74
C GLN H 530 -15.57 -42.94 27.99
N TYR H 531 -16.05 -41.77 28.40
CA TYR H 531 -17.19 -41.13 27.75
C TYR H 531 -16.77 -40.11 26.71
N ASN H 532 -15.50 -39.73 26.66
N ASN H 532 -15.48 -39.74 26.66
CA ASN H 532 -15.03 -38.84 25.61
CA ASN H 532 -14.98 -38.84 25.64
C ASN H 532 -13.94 -39.52 24.77
C ASN H 532 -13.92 -39.54 24.81
N THR H 533 -14.21 -40.75 24.35
CA THR H 533 -13.34 -41.49 23.44
C THR H 533 -13.89 -41.29 22.03
N LYS H 534 -13.12 -40.60 21.20
CA LYS H 534 -13.55 -40.30 19.84
C LYS H 534 -12.50 -40.77 18.84
N ALA H 535 -12.97 -41.07 17.62
CA ALA H 535 -12.11 -41.49 16.52
C ALA H 535 -12.17 -40.43 15.44
N GLU H 536 -11.07 -39.71 15.23
CA GLU H 536 -11.00 -38.65 14.24
C GLU H 536 -10.11 -39.07 13.08
N GLN H 537 -10.55 -38.75 11.86
CA GLN H 537 -9.75 -39.07 10.68
C GLN H 537 -8.53 -38.17 10.61
N VAL H 538 -7.38 -38.76 10.33
CA VAL H 538 -6.11 -38.03 10.26
C VAL H 538 -5.46 -38.33 8.92
N PRO H 539 -4.49 -37.52 8.51
CA PRO H 539 -3.75 -37.83 7.28
C PRO H 539 -3.12 -39.21 7.34
N CYS H 540 -3.24 -39.96 6.25
CA CYS H 540 -2.79 -41.35 6.19
C CYS H 540 -1.28 -41.38 5.92
N ARG H 541 -0.53 -40.96 6.93
CA ARG H 541 0.92 -40.98 6.90
C ARG H 541 1.43 -41.47 8.26
N ALA H 542 2.67 -41.95 8.27
CA ALA H 542 3.21 -42.53 9.50
C ALA H 542 3.38 -41.48 10.60
N GLU H 543 3.56 -40.21 10.24
CA GLU H 543 3.72 -39.16 11.24
C GLU H 543 2.45 -38.96 12.07
N SER H 544 1.30 -39.42 11.57
CA SER H 544 0.04 -39.31 12.30
C SER H 544 -0.01 -40.21 13.52
N LEU H 545 0.88 -41.19 13.63
CA LEU H 545 0.83 -42.14 14.73
C LEU H 545 1.24 -41.48 16.05
N ASN H 546 0.64 -41.96 17.13
CA ASN H 546 0.92 -41.49 18.49
C ASN H 546 0.99 -42.70 19.40
N SER H 547 2.09 -42.82 20.14
CA SER H 547 2.28 -43.99 21.00
C SER H 547 1.25 -44.09 22.10
N ASN H 548 0.55 -43.01 22.42
CA ASN H 548 -0.42 -43.00 23.52
C ASN H 548 -1.81 -43.47 23.11
N ASP H 549 -2.08 -43.59 21.81
CA ASP H 549 -3.42 -43.89 21.33
C ASP H 549 -3.37 -45.10 20.40
N VAL H 550 -4.54 -45.53 19.95
CA VAL H 550 -4.66 -46.58 18.95
C VAL H 550 -5.11 -45.95 17.63
N PHE H 551 -4.88 -46.68 16.54
CA PHE H 551 -5.24 -46.21 15.21
C PHE H 551 -5.87 -47.36 14.44
N VAL H 552 -6.70 -47.01 13.46
CA VAL H 552 -7.36 -47.96 12.59
C VAL H 552 -7.08 -47.55 11.15
N LEU H 553 -6.35 -48.39 10.42
CA LEU H 553 -5.99 -48.12 9.03
C LEU H 553 -6.90 -48.95 8.14
N PHE H 554 -7.71 -48.28 7.33
CA PHE H 554 -8.56 -48.94 6.34
C PHE H 554 -7.89 -48.88 4.97
N SER H 555 -8.00 -49.99 4.23
CA SER H 555 -7.48 -50.06 2.87
C SER H 555 -8.24 -51.15 2.14
N LYS H 556 -8.03 -51.21 0.82
CA LYS H 556 -8.71 -52.24 0.02
C LYS H 556 -8.17 -53.63 0.30
N GLY H 557 -6.88 -53.74 0.64
CA GLY H 557 -6.32 -55.05 0.95
C GLY H 557 -6.83 -55.58 2.28
N GLY H 558 -6.85 -54.73 3.30
CA GLY H 558 -7.33 -55.16 4.60
C GLY H 558 -7.33 -53.99 5.57
N THR H 559 -7.81 -54.26 6.77
CA THR H 559 -7.89 -53.27 7.84
C THR H 559 -6.88 -53.61 8.93
N TYR H 560 -6.25 -52.59 9.49
CA TYR H 560 -5.19 -52.76 10.47
C TYR H 560 -5.48 -51.91 11.70
N VAL H 561 -5.31 -52.51 12.88
CA VAL H 561 -5.45 -51.81 14.15
C VAL H 561 -4.07 -51.72 14.78
N TRP H 562 -3.63 -50.49 15.05
CA TRP H 562 -2.31 -50.23 15.60
C TRP H 562 -2.48 -49.68 17.01
N ALA H 563 -2.04 -50.44 18.01
CA ALA H 563 -2.21 -50.09 19.41
C ALA H 563 -0.87 -49.64 19.97
N GLY H 564 -0.78 -48.37 20.35
CA GLY H 564 0.42 -47.85 20.97
C GLY H 564 0.59 -48.37 22.40
N LYS H 565 1.79 -48.14 22.93
CA LYS H 565 2.10 -48.64 24.27
C LYS H 565 1.27 -47.95 25.35
N GLY H 566 0.97 -46.66 25.16
CA GLY H 566 0.22 -45.89 26.12
C GLY H 566 -1.28 -45.94 25.95
N CYS H 567 -1.79 -46.80 25.08
CA CYS H 567 -3.23 -46.83 24.81
C CYS H 567 -3.99 -47.45 25.97
N THR H 568 -5.25 -47.06 26.09
CA THR H 568 -6.12 -47.50 27.18
C THR H 568 -7.02 -48.63 26.70
N GLY H 569 -7.84 -49.13 27.63
CA GLY H 569 -8.76 -50.22 27.33
C GLY H 569 -9.83 -49.86 26.31
N ASP H 570 -10.61 -48.81 26.60
CA ASP H 570 -11.69 -48.45 25.70
C ASP H 570 -11.19 -47.84 24.39
N GLU H 571 -9.97 -47.32 24.37
CA GLU H 571 -9.38 -46.91 23.10
C GLU H 571 -9.21 -48.11 22.17
N ARG H 572 -8.77 -49.24 22.73
CA ARG H 572 -8.63 -50.45 21.92
C ARG H 572 -9.99 -51.01 21.52
N GLU H 573 -10.98 -50.93 22.42
CA GLU H 573 -12.27 -51.56 22.16
C GLU H 573 -13.01 -50.84 21.03
N MET H 574 -13.00 -49.51 21.02
CA MET H 574 -13.68 -48.79 19.95
C MET H 574 -12.99 -49.00 18.61
N ALA H 575 -11.65 -49.08 18.61
CA ALA H 575 -10.92 -49.39 17.39
C ALA H 575 -11.35 -50.74 16.83
N LYS H 576 -11.33 -51.78 17.67
CA LYS H 576 -11.78 -53.10 17.25
C LYS H 576 -13.25 -53.06 16.83
N LYS H 577 -14.05 -52.22 17.48
CA LYS H 577 -15.46 -52.11 17.09
C LYS H 577 -15.59 -51.43 15.73
N ILE H 578 -14.79 -50.40 15.47
CA ILE H 578 -14.78 -49.77 14.16
C ILE H 578 -14.20 -50.71 13.11
N ALA H 579 -13.16 -51.46 13.49
CA ALA H 579 -12.50 -52.35 12.52
C ALA H 579 -13.37 -53.55 12.17
N SER H 580 -14.26 -53.97 13.08
CA SER H 580 -15.11 -55.13 12.80
C SER H 580 -16.09 -54.87 11.66
N LYS H 581 -16.28 -53.61 11.28
CA LYS H 581 -17.11 -53.29 10.12
C LYS H 581 -16.52 -53.86 8.84
N SER H 582 -15.20 -54.00 8.78
CA SER H 582 -14.54 -54.45 7.57
C SER H 582 -14.99 -55.87 7.22
N PRO H 583 -15.44 -56.11 5.98
CA PRO H 583 -15.88 -57.47 5.63
C PRO H 583 -14.77 -58.50 5.67
N LYS H 584 -13.59 -58.15 5.15
CA LYS H 584 -12.47 -59.09 5.08
C LYS H 584 -11.66 -59.14 6.37
N GLY H 585 -12.20 -58.63 7.48
CA GLY H 585 -11.55 -58.72 8.77
C GLY H 585 -10.56 -57.61 9.02
N TYR H 586 -9.94 -57.67 10.20
CA TYR H 586 -8.91 -56.71 10.59
C TYR H 586 -7.77 -57.47 11.25
N ILE H 587 -6.61 -56.80 11.33
CA ILE H 587 -5.39 -57.39 11.85
C ILE H 587 -4.85 -56.46 12.93
N MET H 588 -4.87 -56.93 14.18
CA MET H 588 -4.36 -56.15 15.30
C MET H 588 -2.83 -56.16 15.29
N ILE H 589 -2.24 -54.98 15.49
CA ILE H 589 -0.80 -54.80 15.48
C ILE H 589 -0.39 -54.09 16.76
N VAL H 590 0.75 -54.47 17.31
CA VAL H 590 1.33 -53.82 18.48
C VAL H 590 2.48 -52.95 18.04
N GLU H 591 2.66 -51.80 18.69
CA GLU H 591 3.74 -50.90 18.34
C GLU H 591 5.09 -51.58 18.54
N GLY H 592 5.99 -51.37 17.57
CA GLY H 592 7.27 -52.03 17.56
C GLY H 592 7.29 -53.38 16.89
N GLN H 593 6.13 -54.02 16.73
CA GLN H 593 5.99 -55.28 16.02
C GLN H 593 5.38 -55.11 14.63
N GLU H 594 5.52 -53.93 14.04
CA GLU H 594 4.91 -53.67 12.74
C GLU H 594 5.77 -54.26 11.63
N LYS H 595 5.10 -54.87 10.66
CA LYS H 595 5.79 -55.38 9.48
C LYS H 595 5.76 -54.34 8.36
N GLU H 596 6.58 -54.58 7.33
CA GLU H 596 6.75 -53.58 6.28
C GLU H 596 5.48 -53.36 5.46
N GLU H 597 4.57 -54.33 5.43
CA GLU H 597 3.31 -54.12 4.73
C GLU H 597 2.53 -52.96 5.35
N PHE H 598 2.63 -52.80 6.67
CA PHE H 598 1.94 -51.71 7.35
C PHE H 598 2.55 -50.36 6.96
N TRP H 599 3.87 -50.24 7.03
CA TRP H 599 4.53 -48.96 6.76
C TRP H 599 4.39 -48.56 5.29
N ASP H 600 4.40 -49.51 4.37
CA ASP H 600 4.24 -49.16 2.96
C ASP H 600 2.86 -48.59 2.68
N LEU H 601 1.87 -48.93 3.49
CA LEU H 601 0.54 -48.33 3.38
C LEU H 601 0.48 -46.93 3.99
N LEU H 602 1.53 -46.48 4.67
CA LEU H 602 1.58 -45.14 5.23
C LEU H 602 2.71 -44.31 4.61
N GLY H 603 3.19 -44.72 3.43
CA GLY H 603 4.25 -43.99 2.77
C GLY H 603 5.62 -44.19 3.36
N GLY H 604 5.85 -45.28 4.09
CA GLY H 604 7.12 -45.52 4.73
C GLY H 604 7.12 -45.13 6.19
N LYS H 605 8.09 -45.67 6.92
CA LYS H 605 8.22 -45.37 8.34
C LYS H 605 8.98 -44.06 8.53
N THR H 606 8.42 -43.18 9.36
CA THR H 606 9.03 -41.89 9.66
C THR H 606 8.87 -41.62 11.15
N GLU H 607 9.44 -40.51 11.61
CA GLU H 607 9.29 -40.10 12.99
C GLU H 607 7.84 -39.73 13.28
N TYR H 608 7.32 -40.22 14.40
CA TYR H 608 5.96 -39.87 14.80
C TYR H 608 5.93 -39.50 16.28
N ALA H 609 4.73 -39.26 16.81
CA ALA H 609 4.58 -38.87 18.22
C ALA H 609 4.95 -40.03 19.13
N SER H 610 6.23 -40.11 19.52
CA SER H 610 6.74 -41.24 20.31
C SER H 610 7.68 -40.69 21.38
N ASP H 611 7.09 -40.09 22.41
CA ASP H 611 7.83 -39.57 23.55
C ASP H 611 7.79 -40.58 24.69
N PHE H 612 8.73 -40.43 25.62
CA PHE H 612 8.73 -41.26 26.82
C PHE H 612 7.41 -41.14 27.57
N SER H 613 6.88 -39.92 27.68
CA SER H 613 5.61 -39.71 28.36
C SER H 613 4.45 -40.32 27.59
N LEU H 614 4.55 -40.38 26.26
CA LEU H 614 3.46 -40.91 25.46
C LEU H 614 3.42 -42.43 25.50
N LYS H 615 4.58 -43.08 25.53
CA LYS H 615 4.62 -44.54 25.52
C LYS H 615 4.07 -45.11 26.82
N GLN H 616 4.46 -44.54 27.95
CA GLN H 616 4.06 -45.04 29.25
CA GLN H 616 4.05 -45.05 29.25
C GLN H 616 2.59 -44.70 29.52
N ALA H 617 2.00 -45.44 30.47
CA ALA H 617 0.70 -45.12 31.02
C ALA H 617 0.88 -44.10 32.15
N GLU H 618 -0.22 -43.42 32.48
CA GLU H 618 -0.14 -42.38 33.51
C GLU H 618 0.30 -42.94 34.85
N ASN H 619 0.27 -44.27 35.03
CA ASN H 619 0.78 -44.90 36.23
C ASN H 619 2.29 -44.79 36.36
N GLU H 620 2.99 -44.31 35.33
CA GLU H 620 4.44 -44.25 35.33
C GLU H 620 5.01 -42.86 35.08
N HIS H 621 4.18 -41.87 34.77
CA HIS H 621 4.66 -40.53 34.47
C HIS H 621 3.70 -39.50 35.02
N ARG H 622 4.22 -38.31 35.29
CA ARG H 622 3.36 -37.18 35.62
C ARG H 622 2.62 -36.74 34.36
N PRO H 623 1.30 -36.54 34.43
CA PRO H 623 0.55 -36.19 33.23
C PRO H 623 0.94 -34.82 32.72
N SER H 624 0.89 -34.67 31.39
CA SER H 624 1.26 -33.41 30.77
C SER H 624 0.25 -32.32 31.09
N ARG H 625 0.73 -31.11 31.36
CA ARG H 625 -0.11 -29.98 31.70
C ARG H 625 0.23 -28.80 30.79
N LEU H 626 -0.79 -28.00 30.48
CA LEU H 626 -0.67 -26.85 29.62
C LEU H 626 -1.10 -25.59 30.37
N PHE H 627 -0.37 -24.50 30.18
CA PHE H 627 -0.64 -23.24 30.85
C PHE H 627 -0.70 -22.11 29.83
N GLN H 628 -1.79 -21.35 29.85
CA GLN H 628 -1.97 -20.22 28.95
C GLN H 628 -1.45 -18.96 29.63
N CYS H 629 -0.49 -18.30 29.00
CA CYS H 629 0.14 -17.10 29.54
C CYS H 629 -0.34 -15.90 28.73
N SER H 630 -0.97 -14.95 29.41
CA SER H 630 -1.53 -13.78 28.74
C SER H 630 -1.47 -12.58 29.67
N ASN H 631 -1.37 -11.39 29.07
CA ASN H 631 -1.47 -10.14 29.80
C ASN H 631 -2.71 -9.35 29.37
N ALA H 632 -3.67 -10.01 28.70
CA ALA H 632 -4.85 -9.33 28.19
C ALA H 632 -5.77 -8.85 29.30
N SER H 633 -5.69 -9.45 30.49
CA SER H 633 -6.49 -9.00 31.62
C SER H 633 -5.92 -7.75 32.28
N GLY H 634 -4.85 -7.17 31.72
CA GLY H 634 -4.18 -6.05 32.34
C GLY H 634 -3.00 -6.43 33.21
N VAL H 635 -2.84 -7.72 33.52
CA VAL H 635 -1.71 -8.22 34.29
C VAL H 635 -1.32 -9.58 33.73
N PHE H 636 -0.03 -9.85 33.67
CA PHE H 636 0.46 -11.11 33.14
C PHE H 636 0.07 -12.25 34.09
N LYS H 637 -0.78 -13.16 33.60
CA LYS H 637 -1.19 -14.32 34.36
C LYS H 637 -0.90 -15.58 33.56
N ALA H 638 -0.91 -16.72 34.26
CA ALA H 638 -0.75 -18.03 33.64
C ALA H 638 -1.79 -18.95 34.24
N GLU H 639 -2.74 -19.40 33.42
CA GLU H 639 -3.82 -20.28 33.85
C GLU H 639 -3.68 -21.64 33.18
N GLU H 640 -4.08 -22.68 33.90
CA GLU H 640 -3.95 -24.04 33.41
C GLU H 640 -5.17 -24.43 32.58
N ILE H 641 -4.93 -25.27 31.57
CA ILE H 641 -5.99 -25.87 30.76
C ILE H 641 -5.95 -27.37 30.99
N VAL H 642 -7.09 -27.95 31.36
CA VAL H 642 -7.21 -29.38 31.60
C VAL H 642 -7.95 -30.01 30.43
N ASP H 643 -7.56 -31.23 30.07
CA ASP H 643 -8.05 -31.90 28.86
C ASP H 643 -7.87 -31.00 27.65
N PHE H 644 -6.64 -30.53 27.46
CA PHE H 644 -6.34 -29.53 26.44
C PHE H 644 -6.22 -30.18 25.06
N VAL H 645 -6.70 -29.45 24.06
CA VAL H 645 -6.62 -29.89 22.66
C VAL H 645 -6.03 -28.76 21.84
N GLN H 646 -5.99 -28.92 20.51
CA GLN H 646 -5.41 -27.89 19.66
C GLN H 646 -6.26 -26.63 19.66
N GLU H 647 -7.59 -26.78 19.75
CA GLU H 647 -8.48 -25.62 19.75
C GLU H 647 -8.22 -24.70 20.94
N ASP H 648 -7.67 -25.21 22.03
CA ASP H 648 -7.38 -24.40 23.21
C ASP H 648 -6.18 -23.48 23.01
N LEU H 649 -5.38 -23.70 21.97
CA LEU H 649 -4.29 -22.79 21.66
C LEU H 649 -4.81 -21.59 20.89
N VAL H 650 -4.41 -20.39 21.31
CA VAL H 650 -4.79 -19.15 20.65
C VAL H 650 -3.51 -18.46 20.19
N PRO H 651 -3.45 -17.98 18.95
CA PRO H 651 -2.21 -17.34 18.47
C PRO H 651 -1.88 -16.04 19.17
N GLU H 652 -2.86 -15.37 19.78
CA GLU H 652 -2.63 -14.09 20.42
C GLU H 652 -1.92 -14.20 21.76
N ASP H 653 -1.76 -15.41 22.29
CA ASP H 653 -1.11 -15.63 23.57
C ASP H 653 -0.02 -16.68 23.42
N VAL H 654 0.74 -16.87 24.51
CA VAL H 654 1.82 -17.84 24.56
C VAL H 654 1.45 -18.93 25.55
N PHE H 655 1.91 -20.15 25.29
CA PHE H 655 1.54 -21.31 26.08
C PHE H 655 2.78 -22.05 26.55
N ILE H 656 2.66 -22.72 27.69
CA ILE H 656 3.74 -23.52 28.27
C ILE H 656 3.23 -24.93 28.46
N LEU H 657 3.99 -25.91 27.97
CA LEU H 657 3.62 -27.31 28.04
C LEU H 657 4.63 -28.06 28.90
N ASP H 658 4.12 -28.80 29.88
CA ASP H 658 4.95 -29.65 30.75
C ASP H 658 4.88 -31.07 30.23
N ALA H 659 6.03 -31.61 29.83
CA ALA H 659 6.11 -32.97 29.30
C ALA H 659 7.15 -33.77 30.07
N ASP H 660 7.21 -33.58 31.39
CA ASP H 660 8.13 -34.28 32.27
C ASP H 660 9.58 -34.03 31.90
N HIS H 661 10.00 -34.54 30.73
CA HIS H 661 11.38 -34.43 30.29
C HIS H 661 11.64 -33.21 29.40
N THR H 662 10.60 -32.45 29.06
CA THR H 662 10.78 -31.26 28.24
C THR H 662 9.67 -30.27 28.57
N ILE H 663 10.03 -28.99 28.64
CA ILE H 663 9.06 -27.92 28.84
C ILE H 663 9.01 -27.11 27.55
N TYR H 664 7.89 -27.19 26.84
CA TYR H 664 7.73 -26.46 25.59
C TYR H 664 7.06 -25.12 25.85
N VAL H 665 7.62 -24.07 25.25
CA VAL H 665 7.03 -22.73 25.30
C VAL H 665 6.53 -22.43 23.89
N TRP H 666 5.22 -22.54 23.69
CA TRP H 666 4.60 -22.35 22.39
C TRP H 666 4.41 -20.85 22.13
N LEU H 667 5.13 -20.32 21.16
CA LEU H 667 5.09 -18.90 20.85
C LEU H 667 4.03 -18.65 19.78
N GLY H 668 2.96 -17.94 20.16
CA GLY H 668 1.95 -17.55 19.18
C GLY H 668 2.46 -16.41 18.31
N ASN H 669 2.05 -16.44 17.04
CA ASN H 669 2.56 -15.46 16.09
C ASN H 669 2.00 -14.07 16.32
N GLU H 670 0.82 -13.97 16.95
CA GLU H 670 0.20 -12.67 17.22
C GLU H 670 0.28 -12.29 18.70
N ALA H 671 1.15 -12.95 19.46
CA ALA H 671 1.34 -12.62 20.85
C ALA H 671 2.25 -11.39 20.99
N ARG H 672 2.10 -10.70 22.11
CA ARG H 672 2.91 -9.53 22.37
C ARG H 672 4.31 -9.94 22.81
N ASN H 673 5.29 -9.10 22.50
CA ASN H 673 6.68 -9.39 22.87
C ASN H 673 6.83 -9.48 24.38
N ASP H 674 6.14 -8.61 25.12
CA ASP H 674 6.17 -8.69 26.57
C ASP H 674 5.60 -10.00 27.08
N GLU H 675 4.60 -10.56 26.38
CA GLU H 675 4.05 -11.84 26.79
C GLU H 675 5.05 -12.97 26.60
N LYS H 676 5.82 -12.92 25.50
CA LYS H 676 6.82 -13.96 25.25
C LYS H 676 7.91 -13.94 26.30
N GLN H 677 8.47 -12.75 26.59
CA GLN H 677 9.58 -12.65 27.53
C GLN H 677 9.15 -13.06 28.94
N MET H 678 7.98 -12.60 29.37
CA MET H 678 7.51 -12.95 30.71
C MET H 678 7.10 -14.41 30.84
N ALA H 679 6.72 -15.06 29.73
CA ALA H 679 6.36 -16.47 29.79
C ALA H 679 7.60 -17.35 29.86
N MET H 680 8.67 -16.97 29.15
CA MET H 680 9.92 -17.71 29.24
C MET H 680 10.50 -17.63 30.66
N ASP H 681 10.40 -16.47 31.29
CA ASP H 681 10.78 -16.34 32.69
C ASP H 681 9.87 -17.18 33.57
N THR H 682 8.58 -17.25 33.24
CA THR H 682 7.64 -18.05 34.01
C THR H 682 7.96 -19.54 33.88
N ALA H 683 8.48 -19.97 32.73
CA ALA H 683 8.82 -21.38 32.55
C ALA H 683 10.03 -21.77 33.39
N ILE H 684 11.05 -20.91 33.45
CA ILE H 684 12.24 -21.21 34.24
C ILE H 684 11.87 -21.32 35.72
N GLU H 685 11.10 -20.35 36.22
CA GLU H 685 10.67 -20.39 37.61
C GLU H 685 9.75 -21.57 37.88
N TYR H 686 8.97 -22.00 36.88
CA TYR H 686 8.13 -23.18 37.04
C TYR H 686 8.98 -24.42 37.28
N LEU H 687 10.11 -24.52 36.58
CA LEU H 687 11.02 -25.64 36.79
C LEU H 687 11.81 -25.49 38.09
N GLU H 688 12.26 -24.27 38.41
CA GLU H 688 13.05 -24.05 39.61
C GLU H 688 12.26 -24.21 40.90
N SER H 689 10.94 -24.33 40.82
CA SER H 689 10.10 -24.44 42.01
C SER H 689 9.46 -25.82 42.14
N ASP H 690 9.85 -26.77 41.31
CA ASP H 690 9.22 -28.09 41.31
C ASP H 690 9.50 -28.81 42.63
N PRO H 691 8.48 -29.12 43.43
CA PRO H 691 8.74 -29.85 44.68
C PRO H 691 9.05 -31.32 44.47
N SER H 692 8.75 -31.86 43.29
CA SER H 692 9.06 -33.27 43.00
C SER H 692 10.55 -33.53 42.84
N GLY H 693 11.37 -32.49 42.79
CA GLY H 693 12.80 -32.68 42.66
C GLY H 693 13.23 -33.25 41.33
N ARG H 694 12.53 -32.90 40.25
CA ARG H 694 12.92 -33.34 38.92
C ARG H 694 14.27 -32.72 38.54
N ASP H 695 14.81 -33.20 37.41
CA ASP H 695 16.11 -32.74 36.93
C ASP H 695 16.08 -31.23 36.69
N PRO H 696 16.89 -30.45 37.43
CA PRO H 696 16.98 -29.01 37.14
C PRO H 696 17.56 -28.69 35.77
N ASP H 697 18.10 -29.69 35.07
CA ASP H 697 18.60 -29.54 33.72
C ASP H 697 17.55 -29.85 32.66
N THR H 698 16.28 -29.96 33.05
CA THR H 698 15.22 -30.26 32.12
C THR H 698 15.15 -29.19 31.04
N PRO H 699 15.25 -29.56 29.76
CA PRO H 699 15.32 -28.53 28.70
C PRO H 699 13.98 -27.84 28.51
N ILE H 700 14.04 -26.52 28.33
CA ILE H 700 12.89 -25.72 27.95
C ILE H 700 13.19 -25.13 26.58
N MET H 701 12.23 -25.28 25.65
CA MET H 701 12.46 -24.90 24.26
C MET H 701 11.32 -24.05 23.75
N THR H 702 11.67 -23.03 22.96
CA THR H 702 10.69 -22.22 22.27
C THR H 702 10.29 -22.91 20.98
N VAL H 703 9.01 -23.27 20.87
CA VAL H 703 8.44 -23.83 19.65
C VAL H 703 7.48 -22.80 19.08
N LYS H 704 7.71 -22.40 17.83
CA LYS H 704 6.91 -21.36 17.21
C LYS H 704 5.68 -21.97 16.54
N GLN H 705 4.60 -21.18 16.51
CA GLN H 705 3.37 -21.59 15.87
C GLN H 705 3.60 -21.91 14.39
N GLY H 706 3.22 -23.12 13.99
CA GLY H 706 3.38 -23.57 12.63
C GLY H 706 4.57 -24.50 12.41
N TYR H 707 5.53 -24.51 13.32
CA TYR H 707 6.72 -25.35 13.23
C TYR H 707 6.78 -26.35 14.38
N GLU H 708 5.62 -26.88 14.77
CA GLU H 708 5.56 -27.73 15.96
C GLU H 708 6.10 -29.12 15.65
N PRO H 709 6.99 -29.66 16.47
CA PRO H 709 7.53 -31.00 16.22
C PRO H 709 6.50 -32.07 16.53
N PRO H 710 6.70 -33.29 16.04
CA PRO H 710 5.70 -34.35 16.30
C PRO H 710 5.55 -34.69 17.77
N ASP H 711 6.60 -34.54 18.58
CA ASP H 711 6.50 -34.86 19.99
C ASP H 711 5.83 -33.76 20.80
N PHE H 712 5.73 -32.55 20.25
CA PHE H 712 4.94 -31.50 20.89
C PHE H 712 3.46 -31.71 20.64
N VAL H 713 3.08 -31.91 19.38
CA VAL H 713 1.68 -32.08 19.03
C VAL H 713 1.09 -33.35 19.61
N GLY H 714 1.95 -34.32 19.97
CA GLY H 714 1.44 -35.58 20.47
C GLY H 714 0.67 -35.44 21.76
N HIS H 715 1.13 -34.55 22.65
CA HIS H 715 0.43 -34.32 23.91
C HIS H 715 -0.95 -33.70 23.73
N PHE H 716 -1.26 -33.19 22.54
CA PHE H 716 -2.56 -32.62 22.25
C PHE H 716 -3.52 -33.61 21.60
N GLY H 717 -3.01 -34.71 21.07
CA GLY H 717 -3.83 -35.69 20.39
C GLY H 717 -3.91 -35.41 18.89
N VAL H 718 -5.13 -35.16 18.40
CA VAL H 718 -5.33 -34.90 16.99
C VAL H 718 -4.84 -33.49 16.68
N TRP H 719 -3.89 -33.38 15.75
CA TRP H 719 -3.33 -32.10 15.34
C TRP H 719 -3.67 -31.86 13.88
N ASP H 720 -4.19 -30.67 13.59
CA ASP H 720 -4.58 -30.28 12.24
C ASP H 720 -3.55 -29.30 11.71
N ARG H 721 -2.79 -29.72 10.69
CA ARG H 721 -1.75 -28.88 10.14
C ARG H 721 -2.24 -27.94 9.04
N GLN H 722 -3.51 -28.02 8.68
CA GLN H 722 -4.09 -27.02 7.78
C GLN H 722 -4.23 -25.66 8.44
N LEU H 723 -4.22 -25.62 9.77
CA LEU H 723 -4.45 -24.38 10.50
C LEU H 723 -3.25 -23.44 10.39
N TRP H 724 -2.07 -23.93 10.79
CA TRP H 724 -0.90 -23.08 10.87
C TRP H 724 0.32 -23.59 10.10
N SER H 725 0.31 -24.82 9.60
CA SER H 725 1.46 -25.40 8.92
C SER H 725 1.23 -25.57 7.42
N HIS H 726 0.22 -24.90 6.87
CA HIS H 726 -0.10 -24.96 5.44
C HIS H 726 -0.35 -26.40 4.96
N GLY H 727 -0.85 -27.26 5.85
CA GLY H 727 -1.16 -28.62 5.52
C GLY H 727 0.02 -29.56 5.46
N MET H 728 1.25 -29.04 5.61
CA MET H 728 2.44 -29.86 5.51
C MET H 728 2.78 -30.48 6.86
N SER H 729 3.26 -31.73 6.83
CA SER H 729 3.72 -32.38 8.04
C SER H 729 5.05 -31.77 8.49
N TYR H 730 5.49 -32.16 9.69
CA TYR H 730 6.74 -31.64 10.21
C TYR H 730 7.92 -32.04 9.32
N ALA H 731 7.85 -33.24 8.74
CA ALA H 731 8.90 -33.69 7.83
C ALA H 731 8.86 -32.89 6.53
N GLU H 732 7.67 -32.71 5.96
CA GLU H 732 7.54 -31.92 4.74
C GLU H 732 7.95 -30.47 4.97
N LEU H 733 7.66 -29.94 6.16
CA LEU H 733 8.10 -28.58 6.49
C LEU H 733 9.61 -28.49 6.55
N LYS H 734 10.26 -29.49 7.15
CA LYS H 734 11.72 -29.50 7.22
C LYS H 734 12.35 -29.49 5.84
N LYS H 735 11.75 -30.20 4.88
CA LYS H 735 12.30 -30.27 3.54
C LYS H 735 12.18 -28.93 2.81
N GLU H 736 11.08 -28.21 3.03
CA GLU H 736 10.84 -26.96 2.32
C GLU H 736 11.61 -25.81 2.96
N LEU H 737 11.37 -25.56 4.24
CA LEU H 737 11.97 -24.40 4.90
C LEU H 737 13.41 -24.65 5.30
N GLY H 738 13.74 -25.85 5.75
CA GLY H 738 15.07 -26.14 6.24
C GLY H 738 15.06 -26.48 7.71
N GLU H 739 15.81 -27.52 8.08
CA GLU H 739 15.77 -28.03 9.45
C GLU H 739 16.25 -26.99 10.46
N LYS H 740 17.36 -26.32 10.15
CA LYS H 740 17.92 -25.35 11.08
C LYS H 740 17.10 -24.07 11.14
N ASN H 741 16.21 -23.83 10.17
CA ASN H 741 15.41 -22.62 10.18
C ASN H 741 14.17 -22.75 11.06
N MET H 742 13.65 -23.97 11.20
CA MET H 742 12.47 -24.22 12.03
C MET H 742 12.81 -24.98 13.30
N SER H 743 14.09 -25.06 13.65
CA SER H 743 14.50 -25.77 14.85
C SER H 743 14.02 -25.04 16.10
N MET H 744 13.71 -25.82 17.13
CA MET H 744 13.42 -25.24 18.43
C MET H 744 14.68 -24.63 19.02
N GLU H 745 14.50 -23.62 19.86
CA GLU H 745 15.60 -22.89 20.46
C GLU H 745 15.43 -22.88 21.97
N GLN H 746 16.45 -23.36 22.68
CA GLN H 746 16.38 -23.40 24.14
C GLN H 746 16.46 -21.99 24.71
N VAL H 747 15.65 -21.73 25.74
CA VAL H 747 15.54 -20.39 26.29
C VAL H 747 16.82 -20.01 27.03
N ARG H 748 17.51 -20.98 27.60
CA ARG H 748 18.75 -20.77 28.39
C ARG H 748 18.36 -19.90 29.59
N GLN H 749 19.19 -18.92 29.98
CA GLN H 749 18.95 -18.10 31.14
C GLN H 749 18.91 -16.62 30.75
N ARG H 750 18.35 -15.81 31.65
CA ARG H 750 18.29 -14.36 31.44
C ARG H 750 19.24 -13.63 32.37
N ASN H 754 19.57 -6.69 28.06
CA ASN H 754 20.40 -5.55 28.47
C ASN H 754 19.70 -4.69 29.51
N GLY H 755 20.25 -4.66 30.72
CA GLY H 755 19.69 -3.85 31.78
C GLY H 755 20.43 -2.56 31.99
N GLU H 756 20.84 -2.29 33.22
CA GLU H 756 21.60 -1.08 33.56
C GLU H 756 23.07 -1.48 33.76
N MET H 757 23.90 -1.19 32.77
CA MET H 757 25.32 -1.48 32.83
C MET H 757 26.10 -0.17 32.89
N SER H 758 27.41 -0.30 33.06
CA SER H 758 28.27 0.89 33.03
C SER H 758 28.45 1.36 31.60
N PHE H 759 28.66 2.67 31.45
CA PHE H 759 28.91 3.24 30.14
C PHE H 759 30.16 2.68 29.50
N SER H 760 31.06 2.08 30.30
CA SER H 760 32.29 1.52 29.75
C SER H 760 32.08 0.12 29.17
N ASP H 761 31.24 -0.69 29.82
CA ASP H 761 31.05 -2.08 29.42
C ASP H 761 29.85 -2.29 28.51
N VAL H 762 29.00 -1.28 28.32
CA VAL H 762 27.88 -1.41 27.41
C VAL H 762 28.40 -1.57 25.98
N SER H 763 27.64 -2.31 25.17
CA SER H 763 28.04 -2.55 23.78
C SER H 763 28.23 -1.24 23.04
N LYS H 764 29.20 -1.22 22.13
CA LYS H 764 29.60 -0.02 21.42
C LYS H 764 29.44 -0.20 19.92
N TYR H 765 28.95 0.85 19.26
CA TYR H 765 28.79 0.89 17.81
C TYR H 765 29.05 2.30 17.33
N PRO H 766 29.45 2.48 16.07
CA PRO H 766 29.76 3.83 15.57
C PRO H 766 28.52 4.73 15.55
N TYR H 767 28.78 6.02 15.38
CA TYR H 767 27.70 7.01 15.37
C TYR H 767 26.89 6.95 14.07
N SER H 768 27.55 6.63 12.95
CA SER H 768 26.84 6.55 11.68
C SER H 768 25.84 5.40 11.66
N VAL H 769 26.04 4.38 12.48
CA VAL H 769 25.10 3.26 12.52
C VAL H 769 23.94 3.57 13.44
N LEU H 770 24.22 4.18 14.59
CA LEU H 770 23.18 4.42 15.58
C LEU H 770 22.18 5.47 15.12
N VAL H 771 22.61 6.41 14.28
CA VAL H 771 21.71 7.47 13.82
C VAL H 771 20.65 6.93 12.88
N GLN H 772 20.85 5.75 12.31
CA GLN H 772 19.86 5.14 11.45
C GLN H 772 18.67 4.63 12.27
N LYS H 773 17.60 4.25 11.57
CA LYS H 773 16.41 3.72 12.21
C LYS H 773 16.13 2.26 11.86
N GLU H 774 16.75 1.73 10.81
CA GLU H 774 16.55 0.36 10.40
C GLU H 774 17.89 -0.27 10.08
N GLY H 775 17.92 -1.61 10.13
CA GLY H 775 19.17 -2.32 9.95
C GLY H 775 20.12 -2.20 11.11
N LEU H 776 19.62 -1.81 12.28
CA LEU H 776 20.47 -1.65 13.45
C LEU H 776 20.92 -3.01 13.97
N PRO H 777 22.15 -3.08 14.49
CA PRO H 777 22.59 -4.30 15.16
C PRO H 777 21.66 -4.68 16.29
N ASP H 778 21.41 -5.98 16.42
CA ASP H 778 20.49 -6.48 17.43
C ASP H 778 21.01 -6.19 18.83
N GLY H 779 20.08 -5.89 19.74
CA GLY H 779 20.43 -5.62 21.11
C GLY H 779 20.69 -4.18 21.45
N ILE H 780 20.52 -3.26 20.50
CA ILE H 780 20.74 -1.84 20.76
C ILE H 780 19.50 -1.27 21.44
N ASP H 781 19.70 -0.66 22.60
CA ASP H 781 18.61 -0.07 23.37
C ASP H 781 18.14 1.21 22.67
N LEU H 782 16.96 1.14 22.04
CA LEU H 782 16.45 2.31 21.31
C LEU H 782 16.20 3.48 22.23
N GLN H 783 15.94 3.24 23.51
CA GLN H 783 15.69 4.31 24.46
C GLN H 783 16.97 5.01 24.89
N ASN H 784 18.14 4.39 24.69
CA ASN H 784 19.40 4.97 25.10
C ASN H 784 20.47 4.66 24.04
N LYS H 785 20.26 5.16 22.83
CA LYS H 785 21.24 4.96 21.76
C LYS H 785 22.57 5.66 22.08
N GLU H 786 22.51 6.77 22.83
CA GLU H 786 23.72 7.53 23.12
C GLU H 786 24.70 6.75 24.00
N LYS H 787 24.21 5.78 24.78
CA LYS H 787 25.09 5.03 25.65
C LYS H 787 26.01 4.10 24.87
N HIS H 788 25.65 3.75 23.64
CA HIS H 788 26.45 2.87 22.81
C HIS H 788 27.61 3.59 22.12
N LEU H 789 27.72 4.90 22.26
CA LEU H 789 28.83 5.63 21.66
C LEU H 789 30.09 5.49 22.50
N THR H 790 31.24 5.52 21.84
CA THR H 790 32.50 5.54 22.55
C THR H 790 32.66 6.86 23.30
N GLU H 791 33.53 6.84 24.31
CA GLU H 791 33.72 8.04 25.13
C GLU H 791 34.27 9.20 24.31
N GLU H 792 35.10 8.91 23.31
CA GLU H 792 35.67 9.97 22.48
C GLU H 792 34.67 10.48 21.45
N GLU H 793 33.95 9.57 20.79
CA GLU H 793 32.97 9.99 19.80
C GLU H 793 31.78 10.68 20.46
N PHE H 794 31.40 10.23 21.66
CA PHE H 794 30.32 10.90 22.39
C PHE H 794 30.70 12.33 22.72
N GLU H 795 31.94 12.55 23.18
CA GLU H 795 32.39 13.90 23.49
C GLU H 795 32.46 14.77 22.25
N LYS H 796 32.70 14.16 21.09
CA LYS H 796 32.75 14.93 19.85
C LYS H 796 31.35 15.36 19.41
N ILE H 797 30.36 14.50 19.62
CA ILE H 797 29.01 14.77 19.12
C ILE H 797 28.26 15.70 20.07
N PHE H 798 28.14 15.31 21.33
CA PHE H 798 27.37 16.07 22.30
C PHE H 798 28.16 17.19 22.97
N GLY H 799 29.48 17.23 22.80
CA GLY H 799 30.26 18.29 23.40
C GLY H 799 30.48 18.17 24.89
N MET H 800 30.07 17.06 25.51
CA MET H 800 30.30 16.81 26.92
C MET H 800 30.70 15.35 27.11
N THR H 801 31.22 15.05 28.29
CA THR H 801 31.41 13.66 28.67
C THR H 801 30.06 13.04 29.05
N TYR H 802 30.01 11.71 29.00
CA TYR H 802 28.78 11.03 29.40
C TYR H 802 28.48 11.23 30.88
N ALA H 803 29.49 11.56 31.68
CA ALA H 803 29.26 11.84 33.10
C ALA H 803 28.41 13.11 33.26
N THR H 804 28.80 14.19 32.59
CA THR H 804 28.03 15.43 32.67
C THR H 804 26.74 15.38 31.86
N PHE H 805 26.57 14.38 31.01
CA PHE H 805 25.32 14.27 30.23
C PHE H 805 24.18 13.79 31.12
N ILE H 806 24.45 12.82 32.01
CA ILE H 806 23.38 12.29 32.84
C ILE H 806 23.00 13.26 33.96
N THR H 807 23.86 14.22 34.29
CA THR H 807 23.52 15.19 35.33
C THR H 807 22.49 16.20 34.83
N LYS H 808 22.51 16.52 33.54
CA LYS H 808 21.56 17.46 32.99
C LYS H 808 20.14 16.90 33.09
N PRO H 809 19.13 17.76 33.16
CA PRO H 809 17.75 17.28 33.31
C PRO H 809 17.31 16.42 32.14
N ALA H 810 16.26 15.63 32.40
CA ALA H 810 15.77 14.71 31.38
C ALA H 810 15.27 15.44 30.13
N TRP H 811 14.71 16.63 30.29
CA TRP H 811 14.24 17.38 29.14
C TRP H 811 15.40 17.85 28.26
N LYS H 812 16.56 18.13 28.88
CA LYS H 812 17.73 18.51 28.11
C LYS H 812 18.39 17.31 27.44
N GLN H 813 18.32 16.15 28.09
CA GLN H 813 18.89 14.93 27.50
C GLN H 813 18.12 14.51 26.27
N THR H 814 16.79 14.47 26.36
CA THR H 814 15.98 14.05 25.21
C THR H 814 16.05 15.06 24.09
N GLN H 815 16.21 16.35 24.41
CA GLN H 815 16.30 17.36 23.36
C GLN H 815 17.63 17.26 22.62
N LEU H 816 18.73 17.11 23.35
CA LEU H 816 20.03 16.98 22.71
C LEU H 816 20.13 15.70 21.90
N LYS H 817 19.45 14.63 22.35
CA LYS H 817 19.44 13.40 21.58
C LYS H 817 18.67 13.56 20.28
N LYS H 818 17.59 14.35 20.30
CA LYS H 818 16.86 14.64 19.07
C LYS H 818 17.67 15.51 18.13
N ASP H 819 18.45 16.44 18.67
CA ASP H 819 19.26 17.30 17.83
C ASP H 819 20.43 16.56 17.17
N LYS H 820 20.81 15.40 17.71
CA LYS H 820 21.88 14.60 17.14
C LYS H 820 21.38 13.37 16.42
N GLY H 821 20.06 13.17 16.36
CA GLY H 821 19.48 12.03 15.67
C GLY H 821 19.51 10.73 16.42
N LEU H 822 19.75 10.74 17.73
CA LEU H 822 19.82 9.52 18.52
C LEU H 822 18.57 9.29 19.35
N PHE H 823 17.44 9.84 18.93
CA PHE H 823 16.19 9.64 19.65
C PHE H 823 15.36 8.55 18.99
#